data_8ZK2
#
_entry.id   8ZK2
#
_cell.length_a   1.00
_cell.length_b   1.00
_cell.length_c   1.00
_cell.angle_alpha   90.00
_cell.angle_beta   90.00
_cell.angle_gamma   90.00
#
_symmetry.space_group_name_H-M   'P 1'
#
loop_
_entity.id
_entity.type
_entity.pdbx_description
1 polymer 'Photosynthetic reaction center cytochrome c subunit'
2 polymer 'Reaction center protein L chain'
3 polymer 'Reaction center protein M chain'
4 polymer 'Photosynthetic reaction center H subunit'
5 polymer 'Beta subunit of light-harvesting 1 complex'
6 polymer 'Alpha subunit of light-harvesting 1 complex'
7 non-polymer 'HEME C'
8 non-polymer 'MAGNESIUM ION'
9 non-polymer '(1R)-2-{[{[(2S)-2,3-DIHYDROXYPROPYL]OXY}(HYDROXY)PHOSPHORYL]OXY}-1-[(PALMITOYLOXY)METHYL]ETHYL (11E)-OCTADEC-11-ENOATE'
10 non-polymer Octadecane
11 non-polymer 'BACTERIOCHLOROPHYLL A'
12 non-polymer 'BACTERIOPHEOPHYTIN A'
13 non-polymer DODECYL-BETA-D-MALTOSIDE
14 non-polymer 'FE (III) ION'
15 non-polymer 'MENAQUINONE 8'
16 non-polymer SPIRILLOXANTHIN
#
loop_
_entity_poly.entity_id
_entity_poly.type
_entity_poly.pdbx_seq_one_letter_code
_entity_poly.pdbx_strand_id
1 'polypeptide(L)'
;MSNDFNSRFVSLMARKGRTSPRAPVWVGGWFVVGLITIGLLTVMMGPAGTYTQSGYRGLMMGEVDMADELADDMAAPKNQ
VPAASERFPDEGPLAGEVYVNVPVLAHLSADNFNRLMVAITEWVSPEEGCNYCHDPDDLTAERPYTKIVSRRMLEMVMYL
NSQWGDHVAPSGVTCWTCHRGNPVPENIWFKNDDADGGSGALGNTFGQNAASWDAGLSALPNDVMEAYLLDDQNLRITPT
NDLPMNGVTQIGTKQAEWTYGMMFHISKGLGVNCTYCHNSQSFRVWEMSPPARVTAWHGIQMTRAINVDFLDPLQPEYPA
NRLGPEGDAPKANCATCHQGAFKPMYGENVIDDYPSLAAPGE
;
C
2 'polypeptide(L)'
;MAMLSFERKYRVRGGSLIGGDLFDFWVGPFYVGFFGVTTLFFTFVGVALIAYGWVMDPSDPTVWQLSIAPPDLSYGLGFA
PLMEGGLWQIITICAVGAFVSWALREVEICRKLGIGFHVPFAFSFAIAAYVALTVVRPMLLGAWGHGFPYGIMSHLDWVS
NVGYQFLHFHYNPGHMLGITFFFTTALALAMHGGLILSAANPGKGEKVKGPEHENTFFRDTVGYSIGTLGIHRLGLILAL
SAVFWSIVCMLISGPVWTKGWPEWWNWWYELPIWA
;
L
3 'polypeptide(L)'
;MSEYQNIFTSVQVRSAPHESVALPRGAWPRSKASTLSYWLGKIGDAQIGPIYLGATGIASLIFGFVAIEIIGLNMLASVD
WNPVEFLRQFPWLALEPPGPEHGLRAMPPLNEGGWWVMAGFFLTASILLWWVRTWQRAKDLGMGTHIAWAFASAIFFYLV
LGFIRPVMLGSWSEAPPFGIFPHLDWTAAFSIRYGNLYYNPFHMLSIAFLYGSALIFAMHGATILSVSRLGGDREVEQIT
DRGTAAERAALFWRWTMGFNATMESIHRWGWWCAVFVTLTAGLGILLSGTVVDNWYLWAVKHGVAPTYPDVFPGVTDPAA
IGG
;
M
4 'polypeptide(L)'
;MIGDFSSYMDVAQIVLYAFWIFLFGVIFYLRREDRREGYPLERDTDGKIMSIGPWNLPAPKIFYKPQGGTYSAPNAARDT
RAIKATRVGNFPGAPLDPTGDPLVDGVGPAAYAERADTPDKTLEGRTRIVPLRTDADLWLAPEDPDPRGMAVVAGCRTTV
GAVSDVWVDRAENIIRYLEVSLGGAEGGAKAGKTVLVPMPMAVFNDLTRTVTVKSMDAKSFANVPTPKSAEQITLREEDR
IQAYYAGGTLYANK
;
H
5 'polypeptide(L)' MATTENVTSSTGLTEAEAKEFHAVYSQSAAGFLAVCAVAHVLAWMWRPFWPGAEGWVMDTAQNLTFLA B,D,F,I,K,O,Q,S,U,W,Y,a,c,e,g,i
6 'polypeptide(L)' MTFSTHKVWLMFDPRSTLVALAAFLVVLALLIHFLCLGHDRFNWLEGNPAATKAAAAAVTMPVNPVA A,E,G,J,N,P,R,T,V,X,Z,b,d,f,h,j
#
loop_
_chem_comp.id
_chem_comp.type
_chem_comp.name
_chem_comp.formula
8K6 non-polymer Octadecane 'C18 H38'
BCL non-polymer 'BACTERIOCHLOROPHYLL A' 'C55 H74 Mg N4 O6'
BPH non-polymer 'BACTERIOPHEOPHYTIN A' 'C55 H76 N4 O6'
CRT non-polymer SPIRILLOXANTHIN 'C42 H60 O2'
FE non-polymer 'FE (III) ION' 'Fe 3'
HEC non-polymer 'HEME C' 'C34 H34 Fe N4 O4'
LMT D-saccharide DODECYL-BETA-D-MALTOSIDE 'C24 H46 O11'
MG non-polymer 'MAGNESIUM ION' 'Mg 2'
MQ8 non-polymer 'MENAQUINONE 8' 'C51 H72 O2'
PGV non-polymer '(1R)-2-{[{[(2S)-2,3-DIHYDROXYPROPYL]OXY}(HYDROXY)PHOSPHORYL]OXY}-1-[(PALMITOYLOXY)METHYL]ETHYL (11E)-OCTADEC-11-ENOATE' 'C40 H77 O10 P'
#
# COMPACT_ATOMS: atom_id res chain seq x y z
N SER A 20 -30.48 12.14 24.93
CA SER A 20 -30.00 13.48 24.66
C SER A 20 -29.82 13.70 23.16
N PRO A 21 -30.16 14.89 22.68
CA PRO A 21 -30.03 15.18 21.24
C PRO A 21 -28.58 15.08 20.78
N ARG A 22 -28.40 14.61 19.54
CA ARG A 22 -27.07 14.51 18.96
C ARG A 22 -26.67 15.85 18.36
N ALA A 23 -25.52 16.37 18.78
CA ALA A 23 -25.04 17.64 18.27
C ALA A 23 -24.29 17.45 16.97
N PRO A 24 -24.66 18.13 15.89
CA PRO A 24 -23.87 18.04 14.66
C PRO A 24 -22.43 18.49 14.88
N VAL A 25 -21.51 17.83 14.18
CA VAL A 25 -20.08 18.09 14.38
C VAL A 25 -19.73 19.44 13.77
N TRP A 26 -19.08 20.29 14.57
CA TRP A 26 -18.59 21.58 14.11
C TRP A 26 -17.38 21.40 13.21
N VAL A 27 -17.60 21.37 11.90
CA VAL A 27 -16.50 21.07 10.97
C VAL A 27 -15.41 22.13 11.05
N GLY A 28 -15.81 23.41 11.05
CA GLY A 28 -14.83 24.49 11.09
C GLY A 28 -14.07 24.59 12.40
N GLY A 29 -14.75 24.41 13.53
CA GLY A 29 -14.08 24.43 14.82
C GLY A 29 -13.07 23.32 14.95
N TRP A 30 -13.46 22.12 14.51
CA TRP A 30 -12.52 21.00 14.51
C TRP A 30 -11.42 21.17 13.47
N PHE A 31 -11.66 21.96 12.41
CA PHE A 31 -10.58 22.29 11.47
C PHE A 31 -9.56 23.20 12.13
N VAL A 32 -10.03 24.18 12.91
CA VAL A 32 -9.11 25.03 13.67
C VAL A 32 -8.34 24.18 14.70
N VAL A 33 -9.04 23.25 15.35
CA VAL A 33 -8.37 22.34 16.28
C VAL A 33 -7.34 21.49 15.55
N GLY A 34 -7.64 21.06 14.33
CA GLY A 34 -6.65 20.33 13.54
C GLY A 34 -5.44 21.16 13.20
N LEU A 35 -5.63 22.44 12.87
CA LEU A 35 -4.51 23.33 12.62
C LEU A 35 -3.64 23.50 13.86
N ILE A 36 -4.27 23.69 15.02
CA ILE A 36 -3.48 23.82 16.24
C ILE A 36 -2.81 22.52 16.61
N THR A 37 -3.40 21.36 16.26
CA THR A 37 -2.70 20.09 16.46
C THR A 37 -1.52 19.93 15.51
N ILE A 38 -1.62 20.46 14.28
CA ILE A 38 -0.46 20.48 13.40
C ILE A 38 0.65 21.31 14.01
N GLY A 39 0.30 22.47 14.58
CA GLY A 39 1.29 23.25 15.32
C GLY A 39 1.89 22.47 16.49
N LEU A 40 1.04 21.74 17.21
CA LEU A 40 1.51 20.88 18.29
C LEU A 40 2.51 19.85 17.79
N LEU A 41 2.21 19.22 16.66
CA LEU A 41 3.14 18.26 16.08
C LEU A 41 4.44 18.92 15.67
N THR A 42 4.40 20.09 15.06
CA THR A 42 5.63 20.77 14.65
C THR A 42 6.52 21.13 15.83
N VAL A 43 5.93 21.65 16.92
CA VAL A 43 6.76 21.95 18.09
C VAL A 43 7.21 20.66 18.77
N MET A 44 6.38 19.62 18.68
CA MET A 44 6.66 18.38 19.40
C MET A 44 7.76 17.57 18.76
N MET A 45 7.77 17.45 17.43
CA MET A 45 8.56 16.42 16.76
C MET A 45 9.40 17.00 15.62
N GLY A 46 10.06 18.13 15.85
CA GLY A 46 11.18 18.46 15.01
C GLY A 46 11.43 19.90 14.64
N PRO A 47 12.69 20.32 14.75
CA PRO A 47 13.18 21.46 13.96
C PRO A 47 13.79 21.00 12.64
N ALA A 48 13.55 19.73 12.29
CA ALA A 48 13.97 19.10 11.03
C ALA A 48 15.47 18.83 10.99
N GLY A 49 15.84 17.66 10.46
CA GLY A 49 17.24 17.28 10.42
C GLY A 49 17.99 17.99 9.31
N THR A 50 19.30 18.06 9.47
CA THR A 50 20.18 18.72 8.51
C THR A 50 20.75 17.68 7.55
N TYR A 51 20.71 18.01 6.26
CA TYR A 51 21.13 17.10 5.21
C TYR A 51 22.45 17.55 4.59
N THR A 52 23.28 16.58 4.23
CA THR A 52 24.44 16.78 3.39
C THR A 52 24.34 15.80 2.24
N GLN A 53 24.72 16.25 1.04
CA GLN A 53 24.65 15.42 -0.15
C GLN A 53 26.05 14.91 -0.50
N SER A 54 26.18 13.59 -0.62
CA SER A 54 27.46 12.99 -0.94
C SER A 54 27.55 12.48 -2.37
N GLY A 55 26.44 12.06 -2.95
CA GLY A 55 26.48 11.49 -4.29
C GLY A 55 25.92 12.39 -5.37
N TYR A 56 25.08 11.83 -6.23
CA TYR A 56 24.49 12.55 -7.34
C TYR A 56 23.10 13.06 -6.97
N ARG A 57 22.66 14.09 -7.68
CA ARG A 57 21.35 14.67 -7.44
C ARG A 57 20.26 13.64 -7.71
N GLY A 58 19.17 13.72 -6.96
CA GLY A 58 18.06 12.82 -7.12
C GLY A 58 18.27 11.44 -6.55
N LEU A 59 19.52 11.06 -6.28
CA LEU A 59 19.77 9.76 -5.64
C LEU A 59 19.46 9.80 -4.15
N MET A 60 19.69 10.93 -3.48
CA MET A 60 19.56 11.05 -2.03
C MET A 60 20.56 10.14 -1.31
N MET A 61 21.82 10.31 -1.69
CA MET A 61 22.96 9.71 -0.99
C MET A 61 23.59 10.79 -0.11
N GLY A 62 23.52 10.61 1.19
CA GLY A 62 24.04 11.60 2.11
C GLY A 62 23.66 11.27 3.54
N GLU A 63 23.91 12.24 4.41
CA GLU A 63 23.74 12.08 5.84
C GLU A 63 22.56 12.90 6.33
N VAL A 64 21.75 12.29 7.21
CA VAL A 64 20.62 12.95 7.84
C VAL A 64 20.96 13.09 9.31
N ASP A 65 21.20 14.32 9.76
CA ASP A 65 21.67 14.54 11.13
C ASP A 65 20.88 15.66 11.78
N MET A 66 20.54 15.48 13.04
CA MET A 66 20.04 16.58 13.85
C MET A 66 21.21 17.49 14.20
N ALA A 67 21.08 18.79 13.88
CA ALA A 67 22.19 19.70 14.08
C ALA A 67 22.58 19.81 15.54
N ASP A 68 21.58 19.91 16.43
CA ASP A 68 21.87 20.04 17.86
C ASP A 68 22.54 18.78 18.42
N GLU A 69 22.03 17.59 18.04
CA GLU A 69 22.64 16.36 18.50
C GLU A 69 24.04 16.14 17.95
N LEU A 70 24.26 16.47 16.67
CA LEU A 70 25.60 16.37 16.10
C LEU A 70 26.57 17.33 16.78
N ALA A 71 26.13 18.55 17.08
CA ALA A 71 26.97 19.48 17.81
C ALA A 71 27.26 18.99 19.23
N ASP A 72 26.26 18.42 19.89
CA ASP A 72 26.45 17.87 21.23
C ASP A 72 27.44 16.70 21.23
N ASP A 73 27.37 15.83 20.23
CA ASP A 73 28.32 14.72 20.14
C ASP A 73 29.73 15.19 19.85
N MET A 74 29.89 16.26 19.07
CA MET A 74 31.22 16.84 18.86
C MET A 74 31.74 17.52 20.12
N ALA A 75 30.84 18.12 20.91
CA ALA A 75 31.21 18.79 22.15
C ALA A 75 31.15 17.85 23.35
N ALA A 76 31.02 16.55 23.11
CA ALA A 76 31.02 15.58 24.19
C ALA A 76 32.43 15.45 24.78
N PRO A 77 32.54 15.14 26.07
CA PRO A 77 33.87 15.00 26.68
C PRO A 77 34.73 13.94 26.03
N LYS A 78 34.14 12.86 25.52
CA LYS A 78 34.94 11.79 24.93
C LYS A 78 35.56 12.21 23.61
N ASN A 79 34.98 13.21 22.94
CA ASN A 79 35.48 13.66 21.65
C ASN A 79 36.51 14.77 21.76
N GLN A 80 36.84 15.19 22.98
CA GLN A 80 37.85 16.21 23.21
C GLN A 80 39.15 15.51 23.58
N VAL A 81 40.08 15.45 22.62
CA VAL A 81 41.39 14.85 22.84
C VAL A 81 42.14 15.69 23.87
N PRO A 82 42.66 15.10 24.94
CA PRO A 82 43.34 15.88 25.97
C PRO A 82 44.56 16.60 25.42
N ALA A 83 44.84 17.78 25.99
CA ALA A 83 45.98 18.56 25.54
C ALA A 83 47.28 17.84 25.84
N ALA A 84 48.21 17.89 24.89
CA ALA A 84 49.49 17.23 25.02
C ALA A 84 50.59 18.25 25.30
N SER A 85 51.50 17.88 26.19
CA SER A 85 52.62 18.73 26.54
C SER A 85 53.63 18.73 25.38
N GLU A 86 54.48 19.76 25.37
CA GLU A 86 55.48 19.87 24.32
C GLU A 86 56.46 18.71 24.39
N ARG A 87 56.79 18.16 23.22
CA ARG A 87 57.58 16.94 23.15
C ARG A 87 59.06 17.26 23.37
N PHE A 88 59.69 16.49 24.26
CA PHE A 88 61.10 16.68 24.51
C PHE A 88 61.91 16.24 23.29
N PRO A 89 63.02 16.92 22.99
CA PRO A 89 63.87 16.48 21.87
C PRO A 89 64.37 15.07 22.08
N ASP A 90 64.26 14.23 21.06
CA ASP A 90 64.61 12.81 21.18
C ASP A 90 66.11 12.60 21.13
N GLU A 91 66.85 13.29 21.99
CA GLU A 91 68.30 13.15 22.06
C GLU A 91 68.75 13.18 23.51
N GLY A 92 68.87 12.00 24.12
CA GLY A 92 69.26 11.89 25.50
C GLY A 92 69.37 10.45 25.94
N PRO A 93 69.32 10.21 27.25
CA PRO A 93 69.39 8.84 27.76
C PRO A 93 68.09 8.09 27.44
N LEU A 94 68.24 6.93 26.79
CA LEU A 94 67.08 6.13 26.41
C LEU A 94 66.43 5.53 27.65
N ALA A 95 65.17 5.12 27.48
CA ALA A 95 64.43 4.52 28.58
C ALA A 95 64.85 3.08 28.86
N GLY A 96 65.49 2.41 27.89
CA GLY A 96 65.90 1.04 28.08
C GLY A 96 67.07 0.86 29.02
N GLU A 97 67.85 1.91 29.25
CA GLU A 97 68.99 1.86 30.15
C GLU A 97 68.64 2.43 31.53
N VAL A 98 67.82 3.48 31.57
CA VAL A 98 67.38 4.05 32.84
C VAL A 98 66.44 3.10 33.56
N TYR A 99 65.52 2.47 32.83
CA TYR A 99 64.51 1.60 33.40
C TYR A 99 64.83 0.14 33.11
N VAL A 100 64.17 -0.76 33.84
CA VAL A 100 64.50 -2.17 33.80
C VAL A 100 63.57 -2.93 32.85
N ASN A 101 62.27 -2.93 33.15
CA ASN A 101 61.31 -3.75 32.41
C ASN A 101 60.55 -2.85 31.43
N VAL A 102 61.23 -2.51 30.33
CA VAL A 102 60.63 -1.70 29.27
C VAL A 102 60.92 -2.34 27.92
N PRO A 103 60.42 -3.55 27.65
CA PRO A 103 60.74 -4.21 26.38
C PRO A 103 60.21 -3.49 25.16
N VAL A 104 59.05 -2.83 25.25
CA VAL A 104 58.46 -2.21 24.07
C VAL A 104 58.74 -0.72 23.99
N LEU A 105 59.21 -0.11 25.07
CA LEU A 105 59.54 1.31 25.05
C LEU A 105 60.98 1.54 25.50
N ALA A 106 61.91 0.73 25.00
CA ALA A 106 63.32 0.86 25.32
C ALA A 106 64.04 1.79 24.34
N HIS A 107 63.36 2.31 23.34
CA HIS A 107 63.94 3.22 22.37
C HIS A 107 63.59 4.68 22.62
N LEU A 108 62.77 4.96 23.62
CA LEU A 108 62.34 6.32 23.93
C LEU A 108 63.34 6.96 24.89
N SER A 109 63.57 8.25 24.74
CA SER A 109 64.29 9.00 25.75
C SER A 109 63.49 8.97 27.05
N ALA A 110 64.17 8.95 28.20
CA ALA A 110 63.47 8.83 29.47
C ALA A 110 62.45 9.95 29.68
N ASP A 111 62.77 11.17 29.25
CA ASP A 111 61.81 12.27 29.34
C ASP A 111 60.56 11.99 28.51
N ASN A 112 60.75 11.51 27.28
CA ASN A 112 59.63 11.11 26.45
C ASN A 112 58.90 9.89 27.01
N PHE A 113 59.62 8.98 27.68
CA PHE A 113 58.96 7.86 28.33
C PHE A 113 58.03 8.35 29.45
N ASN A 114 58.49 9.28 30.27
CA ASN A 114 57.64 9.86 31.30
C ASN A 114 56.47 10.62 30.73
N ARG A 115 56.70 11.37 29.64
CA ARG A 115 55.60 12.05 28.96
C ARG A 115 54.56 11.06 28.47
N LEU A 116 55.01 9.93 27.91
CA LEU A 116 54.08 8.91 27.44
C LEU A 116 53.32 8.27 28.58
N MET A 117 53.99 8.01 29.72
CA MET A 117 53.27 7.51 30.88
C MET A 117 52.20 8.48 31.36
N VAL A 118 52.51 9.77 31.40
CA VAL A 118 51.52 10.76 31.83
C VAL A 118 50.35 10.80 30.85
N ALA A 119 50.65 10.78 29.54
CA ALA A 119 49.60 10.80 28.54
C ALA A 119 48.72 9.55 28.63
N ILE A 120 49.34 8.39 28.83
CA ILE A 120 48.61 7.14 28.96
C ILE A 120 47.72 7.15 30.19
N THR A 121 48.22 7.69 31.31
CA THR A 121 47.38 7.83 32.49
C THR A 121 46.19 8.74 32.20
N GLU A 122 46.42 9.84 31.48
CA GLU A 122 45.32 10.72 31.11
C GLU A 122 44.34 10.04 30.15
N TRP A 123 44.79 9.06 29.39
CA TRP A 123 43.98 8.43 28.35
C TRP A 123 43.22 7.21 28.83
N VAL A 124 43.76 6.43 29.76
CA VAL A 124 43.22 5.13 30.14
C VAL A 124 42.60 5.17 31.53
N SER A 125 43.38 5.59 32.54
CA SER A 125 42.91 5.60 33.92
C SER A 125 43.25 6.93 34.60
N PRO A 126 42.61 8.02 34.16
CA PRO A 126 42.87 9.31 34.83
C PRO A 126 42.44 9.33 36.29
N GLU A 127 41.34 8.65 36.63
CA GLU A 127 40.86 8.66 38.00
C GLU A 127 41.76 7.81 38.91
N GLU A 128 42.11 6.62 38.46
CA GLU A 128 42.92 5.71 39.27
C GLU A 128 44.40 6.10 39.28
N GLY A 129 44.84 6.93 38.33
CA GLY A 129 46.20 7.41 38.36
C GLY A 129 47.23 6.39 37.94
N CYS A 130 48.47 6.66 38.34
CA CYS A 130 49.59 5.81 37.97
C CYS A 130 49.49 4.41 38.58
N ASN A 131 48.74 4.24 39.66
CA ASN A 131 48.67 2.98 40.37
C ASN A 131 47.73 1.98 39.72
N TYR A 132 46.98 2.38 38.70
CA TYR A 132 46.08 1.44 38.03
C TYR A 132 46.87 0.32 37.34
N CYS A 133 47.96 0.67 36.68
CA CYS A 133 48.76 -0.31 35.94
C CYS A 133 50.09 -0.62 36.60
N HIS A 134 50.38 -0.03 37.77
CA HIS A 134 51.67 -0.21 38.41
C HIS A 134 51.46 -0.59 39.87
N ASP A 135 52.41 -1.35 40.40
CA ASP A 135 52.43 -1.64 41.83
C ASP A 135 52.69 -0.32 42.57
N PRO A 136 51.93 0.00 43.61
CA PRO A 136 52.05 1.33 44.24
C PRO A 136 53.44 1.62 44.78
N ASP A 137 54.15 0.57 45.22
CA ASP A 137 55.48 0.74 45.81
C ASP A 137 56.59 0.12 44.97
N ASP A 138 56.29 -0.28 43.73
CA ASP A 138 57.32 -0.78 42.83
C ASP A 138 56.90 -0.63 41.37
N LEU A 139 57.40 0.40 40.69
CA LEU A 139 57.08 0.60 39.29
C LEU A 139 57.70 -0.45 38.38
N THR A 140 58.70 -1.18 38.86
CA THR A 140 59.39 -2.20 38.08
C THR A 140 58.69 -3.54 38.10
N ALA A 141 57.77 -3.76 39.03
CA ALA A 141 57.12 -5.06 39.20
C ALA A 141 55.94 -5.16 38.24
N GLU A 142 55.86 -6.28 37.52
CA GLU A 142 54.76 -6.54 36.59
C GLU A 142 53.68 -7.34 37.31
N ARG A 143 53.26 -6.82 38.46
CA ARG A 143 52.30 -7.53 39.30
C ARG A 143 50.88 -7.44 38.75
N PRO A 144 50.33 -6.23 38.50
CA PRO A 144 48.95 -6.17 38.03
C PRO A 144 48.83 -6.71 36.61
N TYR A 145 47.69 -7.34 36.34
CA TYR A 145 47.39 -7.75 34.97
C TYR A 145 47.26 -6.54 34.05
N THR A 146 46.94 -5.38 34.60
CA THR A 146 46.76 -4.18 33.79
C THR A 146 48.06 -3.75 33.12
N LYS A 147 49.20 -3.93 33.78
CA LYS A 147 50.47 -3.61 33.14
C LYS A 147 50.74 -4.54 31.95
N ILE A 148 50.47 -5.83 32.12
CA ILE A 148 50.67 -6.79 31.03
C ILE A 148 49.74 -6.48 29.87
N VAL A 149 48.49 -6.13 30.17
CA VAL A 149 47.54 -5.78 29.12
C VAL A 149 47.96 -4.48 28.45
N SER A 150 48.50 -3.53 29.21
CA SER A 150 48.91 -2.24 28.66
C SER A 150 50.12 -2.38 27.76
N ARG A 151 51.02 -3.31 28.05
CA ARG A 151 52.14 -3.54 27.14
C ARG A 151 51.66 -4.03 25.77
N ARG A 152 50.71 -4.95 25.76
CA ARG A 152 50.11 -5.41 24.51
C ARG A 152 49.28 -4.32 23.84
N MET A 153 48.66 -3.45 24.63
CA MET A 153 48.01 -2.23 24.14
C MET A 153 48.97 -1.32 23.41
N LEU A 154 50.15 -1.09 23.99
CA LEU A 154 51.17 -0.28 23.35
C LEU A 154 51.63 -0.92 22.05
N GLU A 155 51.87 -2.23 22.08
CA GLU A 155 52.27 -2.95 20.89
C GLU A 155 51.21 -2.86 19.81
N MET A 156 49.93 -3.01 20.19
CA MET A 156 48.83 -2.93 19.25
C MET A 156 48.71 -1.54 18.64
N VAL A 157 48.87 -0.50 19.45
CA VAL A 157 48.79 0.86 18.92
C VAL A 157 49.92 1.12 17.93
N MET A 158 51.13 0.68 18.27
CA MET A 158 52.25 0.81 17.34
C MET A 158 52.00 0.05 16.05
N TYR A 159 51.49 -1.18 16.15
CA TYR A 159 51.18 -1.98 14.98
C TYR A 159 50.11 -1.33 14.12
N LEU A 160 49.07 -0.77 14.73
CA LEU A 160 48.01 -0.10 13.99
C LEU A 160 48.52 1.13 13.26
N ASN A 161 49.37 1.92 13.92
CA ASN A 161 49.87 3.13 13.28
C ASN A 161 50.85 2.79 12.16
N SER A 162 51.75 1.83 12.38
CA SER A 162 52.76 1.53 11.38
C SER A 162 52.19 0.75 10.21
N GLN A 163 51.32 -0.22 10.46
CA GLN A 163 50.91 -1.18 9.46
C GLN A 163 49.52 -0.93 8.88
N TRP A 164 48.72 -0.07 9.49
CA TRP A 164 47.35 0.14 9.03
C TRP A 164 47.09 1.60 8.70
N GLY A 165 48.04 2.25 8.02
CA GLY A 165 47.84 3.61 7.58
C GLY A 165 46.79 3.75 6.49
N ASP A 166 46.44 2.66 5.81
CA ASP A 166 45.37 2.71 4.84
C ASP A 166 44.03 3.05 5.48
N HIS A 167 43.91 2.90 6.80
CA HIS A 167 42.67 3.20 7.50
C HIS A 167 42.81 4.33 8.51
N VAL A 168 43.80 4.26 9.40
CA VAL A 168 43.87 5.21 10.50
C VAL A 168 44.67 6.47 10.19
N ALA A 169 45.31 6.53 9.02
CA ALA A 169 46.05 7.75 8.74
C ALA A 169 45.14 8.81 8.13
N PRO A 170 45.42 10.11 8.31
CA PRO A 170 46.55 10.67 9.05
C PRO A 170 46.28 10.88 10.54
N SER A 171 45.04 10.63 10.97
CA SER A 171 44.68 10.89 12.36
C SER A 171 45.46 10.01 13.32
N GLY A 172 45.61 8.73 12.97
CA GLY A 172 46.30 7.80 13.85
C GLY A 172 45.42 7.37 15.01
N VAL A 173 45.96 6.46 15.81
CA VAL A 173 45.27 5.93 16.99
C VAL A 173 46.20 6.01 18.19
N THR A 174 45.65 6.45 19.32
CA THR A 174 46.36 6.36 20.59
C THR A 174 45.50 5.62 21.60
N CYS A 175 45.89 5.62 22.85
CA CYS A 175 45.08 5.01 23.90
C CYS A 175 43.73 5.71 24.07
N TRP A 176 43.64 6.98 23.69
CA TRP A 176 42.38 7.72 23.82
C TRP A 176 41.37 7.31 22.75
N THR A 177 41.83 6.77 21.62
CA THR A 177 40.92 6.45 20.52
C THR A 177 39.87 5.43 20.93
N CYS A 178 40.25 4.43 21.71
CA CYS A 178 39.32 3.42 22.22
C CYS A 178 38.90 3.68 23.65
N HIS A 179 39.87 3.89 24.54
CA HIS A 179 39.57 3.93 25.97
C HIS A 179 38.86 5.22 26.36
N ARG A 180 39.23 6.36 25.76
CA ARG A 180 38.54 7.64 25.99
C ARG A 180 38.44 7.99 27.47
N GLY A 181 39.52 7.79 28.21
CA GLY A 181 39.55 8.23 29.60
C GLY A 181 38.96 7.27 30.61
N ASN A 182 38.63 6.05 30.21
CA ASN A 182 38.23 5.05 31.20
C ASN A 182 38.82 3.70 30.84
N PRO A 183 39.16 2.87 31.84
CA PRO A 183 39.91 1.64 31.54
C PRO A 183 39.19 0.67 30.62
N VAL A 184 37.87 0.64 30.64
CA VAL A 184 37.08 -0.25 29.80
C VAL A 184 36.49 0.58 28.67
N PRO A 185 36.85 0.33 27.42
CA PRO A 185 36.24 1.07 26.30
C PRO A 185 34.73 0.85 26.24
N GLU A 186 34.03 1.86 25.73
CA GLU A 186 32.57 1.88 25.79
C GLU A 186 31.93 0.77 24.97
N ASN A 187 32.44 0.49 23.77
CA ASN A 187 31.82 -0.47 22.87
C ASN A 187 32.75 -1.67 22.68
N ILE A 188 32.61 -2.66 23.56
CA ILE A 188 33.33 -3.91 23.44
C ILE A 188 32.30 -5.03 23.32
N TRP A 189 32.74 -6.18 22.81
CA TRP A 189 31.83 -7.27 22.52
C TRP A 189 32.47 -8.60 22.85
N PHE A 190 31.62 -9.61 23.06
CA PHE A 190 32.02 -10.98 23.32
C PHE A 190 31.28 -11.89 22.35
N LYS A 191 31.58 -13.19 22.40
CA LYS A 191 31.03 -14.15 21.45
C LYS A 191 29.51 -14.26 21.52
N ASN A 192 28.97 -14.74 22.64
CA ASN A 192 27.52 -14.80 22.79
C ASN A 192 27.05 -13.60 23.61
N ASP A 193 27.29 -12.42 23.05
CA ASP A 193 27.00 -11.18 23.75
C ASP A 193 25.51 -10.97 23.98
N ASP A 194 24.66 -11.51 23.11
CA ASP A 194 23.22 -11.46 23.28
C ASP A 194 22.75 -12.85 23.70
N ALA A 195 22.12 -12.92 24.88
CA ALA A 195 21.72 -14.21 25.44
C ALA A 195 20.72 -14.90 24.51
N ASP A 196 20.97 -16.18 24.24
CA ASP A 196 20.07 -16.95 23.39
C ASP A 196 18.79 -17.28 24.14
N GLY A 197 17.68 -17.23 23.39
CA GLY A 197 16.39 -17.59 23.92
C GLY A 197 16.04 -19.04 23.60
N GLY A 198 15.00 -19.52 24.26
CA GLY A 198 14.52 -20.86 23.99
C GLY A 198 14.74 -21.83 25.12
N SER A 199 13.68 -22.50 25.55
CA SER A 199 13.75 -23.49 26.60
C SER A 199 13.44 -24.87 26.00
N GLY A 200 14.32 -25.83 26.26
CA GLY A 200 14.15 -27.17 25.75
C GLY A 200 14.12 -27.23 24.23
N ALA A 201 13.07 -27.84 23.68
CA ALA A 201 12.94 -27.98 22.23
C ALA A 201 12.22 -26.82 21.57
N LEU A 202 11.86 -25.78 22.32
CA LEU A 202 11.11 -24.66 21.79
C LEU A 202 11.89 -23.36 21.98
N GLY A 203 11.67 -22.41 21.07
CA GLY A 203 12.08 -21.04 21.28
C GLY A 203 13.42 -20.64 20.70
N ASN A 204 13.99 -21.41 19.79
CA ASN A 204 15.26 -21.05 19.18
C ASN A 204 15.19 -19.69 18.51
N THR A 205 15.97 -18.73 19.02
CA THR A 205 16.04 -17.40 18.45
C THR A 205 17.01 -17.29 17.28
N PHE A 206 17.88 -18.30 17.09
CA PHE A 206 18.83 -18.34 15.99
C PHE A 206 19.77 -17.14 15.95
N GLY A 207 20.12 -16.60 17.12
CA GLY A 207 20.99 -15.45 17.17
C GLY A 207 20.36 -14.17 16.69
N GLN A 208 19.04 -14.08 16.74
CA GLN A 208 18.29 -12.94 16.22
C GLN A 208 16.91 -12.94 16.89
N ASN A 209 15.97 -12.21 16.31
CA ASN A 209 14.60 -12.13 16.82
C ASN A 209 14.56 -11.61 18.25
N ALA A 210 15.27 -10.51 18.48
CA ALA A 210 15.28 -9.86 19.78
C ALA A 210 15.49 -8.38 19.58
N ALA A 211 15.08 -7.59 20.57
CA ALA A 211 15.31 -6.14 20.56
C ALA A 211 16.72 -5.89 21.07
N SER A 212 17.68 -6.08 20.17
CA SER A 212 19.09 -5.95 20.50
C SER A 212 19.68 -4.69 19.87
N TRP A 213 20.44 -3.94 20.66
CA TRP A 213 21.06 -2.72 20.17
C TRP A 213 22.23 -2.98 19.23
N ASP A 214 22.76 -4.20 19.18
CA ASP A 214 23.75 -4.54 18.19
C ASP A 214 23.20 -4.51 16.78
N ALA A 215 21.91 -4.79 16.61
CA ALA A 215 21.24 -4.76 15.31
C ALA A 215 20.39 -3.51 15.14
N GLY A 216 20.70 -2.45 15.86
CA GLY A 216 19.91 -1.24 15.80
C GLY A 216 18.52 -1.35 16.39
N LEU A 217 18.33 -2.26 17.35
CA LEU A 217 17.03 -2.57 17.94
C LEU A 217 16.10 -3.17 16.88
N SER A 218 16.66 -3.94 15.97
CA SER A 218 15.89 -4.71 15.00
C SER A 218 16.00 -6.20 15.33
N ALA A 219 15.17 -6.99 14.66
CA ALA A 219 15.13 -8.44 14.90
C ALA A 219 16.10 -9.20 14.01
N LEU A 220 17.18 -8.55 13.63
CA LEU A 220 18.26 -9.04 12.79
C LEU A 220 19.30 -9.76 13.61
N PRO A 221 20.17 -10.56 12.96
CA PRO A 221 21.26 -11.21 13.71
C PRO A 221 22.09 -10.23 14.52
N ASN A 222 22.07 -10.40 15.83
CA ASN A 222 22.72 -9.50 16.76
C ASN A 222 24.07 -10.00 17.24
N ASP A 223 24.54 -11.11 16.70
CA ASP A 223 25.82 -11.71 17.08
C ASP A 223 26.64 -11.97 15.82
N VAL A 224 26.75 -10.95 14.98
CA VAL A 224 27.45 -11.05 13.72
C VAL A 224 28.93 -10.70 13.83
N MET A 225 29.34 -10.01 14.89
CA MET A 225 30.72 -9.54 15.00
C MET A 225 31.72 -10.69 15.04
N GLU A 226 31.28 -11.88 15.44
CA GLU A 226 32.15 -13.04 15.54
C GLU A 226 32.47 -13.62 14.17
N ALA A 227 31.53 -13.53 13.23
CA ALA A 227 31.73 -14.06 11.88
C ALA A 227 32.59 -13.16 11.01
N TYR A 228 32.71 -11.88 11.35
CA TYR A 228 33.35 -10.92 10.46
C TYR A 228 34.52 -10.19 11.09
N LEU A 229 34.45 -9.87 12.38
CA LEU A 229 35.53 -9.18 13.07
C LEU A 229 36.44 -10.15 13.84
N LEU A 230 36.11 -11.44 13.83
CA LEU A 230 36.99 -12.46 14.38
C LEU A 230 37.22 -13.55 13.35
N ASP A 231 36.18 -13.87 12.60
CA ASP A 231 36.26 -14.81 11.49
C ASP A 231 36.25 -14.03 10.17
N ASP A 232 36.65 -14.72 9.11
CA ASP A 232 36.75 -14.11 7.78
C ASP A 232 35.59 -14.54 6.89
N GLN A 233 34.39 -14.64 7.47
CA GLN A 233 33.23 -15.06 6.70
C GLN A 233 32.87 -14.01 5.66
N ASN A 234 32.21 -14.48 4.59
CA ASN A 234 31.91 -13.62 3.46
C ASN A 234 30.75 -12.67 3.78
N LEU A 235 30.98 -11.38 3.62
CA LEU A 235 29.92 -10.39 3.65
C LEU A 235 29.30 -10.12 2.29
N ARG A 236 29.88 -10.67 1.23
CA ARG A 236 29.42 -10.41 -0.13
C ARG A 236 28.38 -11.46 -0.51
N ILE A 237 27.11 -11.09 -0.35
CA ILE A 237 25.99 -11.96 -0.69
C ILE A 237 25.50 -11.74 -2.12
N THR A 238 25.55 -10.51 -2.62
CA THR A 238 24.99 -10.19 -3.93
C THR A 238 25.85 -10.82 -5.03
N PRO A 239 25.26 -11.58 -5.94
CA PRO A 239 26.04 -12.18 -7.02
C PRO A 239 26.60 -11.14 -7.96
N THR A 240 27.72 -11.49 -8.59
CA THR A 240 28.35 -10.64 -9.60
C THR A 240 27.81 -10.90 -11.00
N ASN A 241 26.81 -11.76 -11.14
CA ASN A 241 26.17 -12.01 -12.42
C ASN A 241 24.66 -11.93 -12.25
N ASP A 242 23.98 -11.58 -13.35
CA ASP A 242 22.53 -11.46 -13.30
C ASP A 242 21.83 -12.81 -13.26
N LEU A 243 22.45 -13.85 -13.81
CA LEU A 243 21.83 -15.15 -13.82
C LEU A 243 22.58 -16.11 -12.92
N PRO A 244 21.90 -17.09 -12.33
CA PRO A 244 22.60 -18.05 -11.46
C PRO A 244 23.61 -18.87 -12.24
N MET A 245 24.70 -19.23 -11.56
CA MET A 245 25.70 -20.14 -12.09
C MET A 245 25.42 -21.57 -11.63
N ASN A 246 26.18 -22.51 -12.19
CA ASN A 246 25.96 -23.91 -11.86
C ASN A 246 26.52 -24.27 -10.50
N GLY A 247 27.66 -23.68 -10.12
CA GLY A 247 28.28 -24.00 -8.85
C GLY A 247 28.09 -22.93 -7.79
N VAL A 248 27.53 -21.79 -8.18
CA VAL A 248 27.31 -20.68 -7.29
C VAL A 248 25.94 -20.85 -6.63
N THR A 249 25.87 -20.52 -5.34
CA THR A 249 24.64 -20.73 -4.57
C THR A 249 23.52 -19.84 -5.10
N GLN A 250 22.30 -20.37 -5.04
CA GLN A 250 21.11 -19.65 -5.47
C GLN A 250 20.25 -19.20 -4.30
N ILE A 251 20.77 -19.29 -3.07
CA ILE A 251 20.05 -18.93 -1.87
C ILE A 251 20.90 -17.94 -1.09
N GLY A 252 20.43 -17.58 0.11
CA GLY A 252 21.18 -16.66 0.92
C GLY A 252 20.39 -15.54 1.56
N THR A 253 19.07 -15.64 1.57
CA THR A 253 18.26 -14.63 2.21
C THR A 253 18.56 -14.54 3.70
N LYS A 254 18.70 -15.69 4.37
CA LYS A 254 19.10 -15.68 5.77
C LYS A 254 20.56 -15.23 5.92
N GLN A 255 21.42 -15.61 4.99
CA GLN A 255 22.78 -15.10 4.98
C GLN A 255 22.83 -13.60 4.70
N ALA A 256 21.83 -13.08 3.98
CA ALA A 256 21.74 -11.64 3.77
C ALA A 256 21.41 -10.92 5.07
N GLU A 257 20.64 -11.54 5.96
CA GLU A 257 20.33 -10.93 7.24
C GLU A 257 21.58 -10.76 8.09
N TRP A 258 22.54 -11.68 8.00
CA TRP A 258 23.78 -11.55 8.75
C TRP A 258 24.61 -10.38 8.24
N THR A 259 24.76 -10.26 6.91
CA THR A 259 25.43 -9.10 6.35
C THR A 259 24.73 -7.81 6.75
N TYR A 260 23.41 -7.77 6.67
CA TYR A 260 22.60 -6.60 7.04
C TYR A 260 22.79 -6.21 8.48
N GLY A 261 22.77 -7.19 9.37
CA GLY A 261 23.04 -6.87 10.77
C GLY A 261 24.44 -6.34 10.98
N MET A 262 25.42 -6.90 10.27
CA MET A 262 26.78 -6.37 10.35
C MET A 262 26.82 -4.92 9.85
N MET A 263 26.03 -4.61 8.84
CA MET A 263 25.96 -3.26 8.31
C MET A 263 25.19 -2.32 9.24
N PHE A 264 24.18 -2.81 9.96
CA PHE A 264 23.67 -2.05 11.10
C PHE A 264 24.75 -1.74 12.12
N HIS A 265 25.57 -2.71 12.49
CA HIS A 265 26.64 -2.44 13.43
C HIS A 265 27.59 -1.38 12.90
N ILE A 266 27.97 -1.50 11.62
CA ILE A 266 28.87 -0.54 11.01
C ILE A 266 28.26 0.85 10.97
N SER A 267 26.98 0.94 10.64
CA SER A 267 26.30 2.23 10.55
C SER A 267 26.14 2.88 11.92
N LYS A 268 25.86 2.10 12.96
CA LYS A 268 25.75 2.64 14.31
C LYS A 268 27.10 3.02 14.90
N GLY A 269 28.16 2.27 14.58
CA GLY A 269 29.48 2.58 15.07
C GLY A 269 30.05 3.87 14.50
N LEU A 270 29.65 4.23 13.28
CA LEU A 270 30.08 5.47 12.67
C LEU A 270 29.02 6.55 12.67
N GLY A 271 27.82 6.26 13.16
CA GLY A 271 26.75 7.25 13.17
C GLY A 271 26.35 7.71 11.78
N VAL A 272 26.32 6.79 10.82
CA VAL A 272 26.03 7.12 9.43
C VAL A 272 24.92 6.19 8.94
N ASN A 273 24.45 6.45 7.74
CA ASN A 273 23.43 5.62 7.12
C ASN A 273 24.06 4.77 6.01
N CYS A 274 23.23 3.91 5.41
CA CYS A 274 23.73 2.99 4.39
C CYS A 274 24.31 3.73 3.19
N THR A 275 23.76 4.91 2.87
CA THR A 275 24.22 5.70 1.73
C THR A 275 25.58 6.34 1.96
N TYR A 276 26.13 6.27 3.18
CA TYR A 276 27.47 6.77 3.42
C TYR A 276 28.51 6.01 2.63
N CYS A 277 28.30 4.71 2.43
CA CYS A 277 29.24 3.88 1.68
C CYS A 277 28.61 3.16 0.51
N HIS A 278 27.30 3.25 0.32
CA HIS A 278 26.64 2.45 -0.70
C HIS A 278 25.69 3.32 -1.52
N ASN A 279 25.45 2.88 -2.75
CA ASN A 279 24.28 3.29 -3.51
C ASN A 279 23.28 2.15 -3.45
N SER A 280 22.11 2.42 -2.88
CA SER A 280 21.12 1.38 -2.66
C SER A 280 20.65 0.74 -3.97
N GLN A 281 20.87 1.41 -5.10
CA GLN A 281 20.56 0.81 -6.40
C GLN A 281 21.25 -0.53 -6.54
N SER A 282 22.49 -0.63 -6.05
CA SER A 282 23.19 -1.91 -5.97
C SER A 282 24.24 -1.79 -4.87
N PHE A 283 24.01 -2.51 -3.78
CA PHE A 283 24.95 -2.55 -2.65
C PHE A 283 26.26 -3.20 -3.00
N ARG A 284 26.29 -3.86 -4.15
CA ARG A 284 27.43 -4.64 -4.61
C ARG A 284 28.44 -3.83 -5.41
N VAL A 285 27.99 -2.82 -6.14
CA VAL A 285 28.85 -2.14 -7.11
C VAL A 285 29.74 -1.15 -6.38
N TRP A 286 31.07 -1.37 -6.46
CA TRP A 286 32.02 -0.45 -5.85
C TRP A 286 32.15 0.83 -6.65
N GLU A 287 31.96 0.77 -7.96
CA GLU A 287 32.08 1.96 -8.81
C GLU A 287 31.00 3.00 -8.52
N MET A 288 29.88 2.59 -7.91
CA MET A 288 28.84 3.52 -7.50
C MET A 288 28.93 3.88 -6.03
N SER A 289 29.98 3.45 -5.35
CA SER A 289 30.11 3.64 -3.91
C SER A 289 31.04 4.81 -3.61
N PRO A 290 30.77 5.52 -2.52
CA PRO A 290 31.68 6.58 -2.07
C PRO A 290 33.03 6.00 -1.68
N PRO A 291 34.09 6.81 -1.73
CA PRO A 291 35.44 6.29 -1.39
C PRO A 291 35.57 5.89 0.06
N ALA A 292 34.57 6.21 0.88
CA ALA A 292 34.54 5.79 2.27
C ALA A 292 34.32 4.29 2.43
N ARG A 293 33.67 3.64 1.45
CA ARG A 293 33.53 2.19 1.48
C ARG A 293 34.86 1.48 1.38
N VAL A 294 35.83 2.07 0.68
CA VAL A 294 37.17 1.48 0.61
C VAL A 294 37.87 1.58 1.96
N THR A 295 37.74 2.71 2.65
CA THR A 295 38.30 2.85 3.98
C THR A 295 37.63 1.89 4.95
N ALA A 296 36.32 1.67 4.80
CA ALA A 296 35.61 0.75 5.67
C ALA A 296 36.05 -0.69 5.44
N TRP A 297 36.43 -1.05 4.21
CA TRP A 297 36.94 -2.38 3.95
C TRP A 297 38.25 -2.61 4.70
N HIS A 298 39.18 -1.65 4.60
CA HIS A 298 40.40 -1.70 5.37
C HIS A 298 40.13 -1.70 6.86
N GLY A 299 39.07 -1.03 7.31
CA GLY A 299 38.68 -1.05 8.70
C GLY A 299 38.21 -2.42 9.14
N ILE A 300 37.46 -3.10 8.29
CA ILE A 300 37.03 -4.47 8.61
C ILE A 300 38.25 -5.37 8.75
N GLN A 301 39.18 -5.28 7.79
CA GLN A 301 40.40 -6.09 7.88
C GLN A 301 41.22 -5.75 9.12
N MET A 302 41.35 -4.47 9.45
CA MET A 302 42.10 -4.04 10.62
C MET A 302 41.45 -4.49 11.92
N THR A 303 40.13 -4.40 12.02
CA THR A 303 39.43 -4.87 13.22
C THR A 303 39.59 -6.37 13.39
N ARG A 304 39.45 -7.12 12.30
CA ARG A 304 39.68 -8.56 12.38
C ARG A 304 41.11 -8.88 12.80
N ALA A 305 42.10 -8.18 12.25
CA ALA A 305 43.48 -8.34 12.67
C ALA A 305 43.70 -7.99 14.14
N ILE A 306 43.11 -6.90 14.61
CA ILE A 306 43.21 -6.52 16.01
C ILE A 306 42.69 -7.63 16.90
N ASN A 307 41.48 -8.11 16.62
CA ASN A 307 40.87 -9.13 17.47
C ASN A 307 41.65 -10.44 17.41
N VAL A 308 42.10 -10.84 16.23
CA VAL A 308 42.80 -12.12 16.11
C VAL A 308 44.17 -12.07 16.77
N ASP A 309 44.90 -10.95 16.62
CA ASP A 309 46.29 -10.91 17.02
C ASP A 309 46.53 -10.38 18.42
N PHE A 310 45.74 -9.43 18.90
CA PHE A 310 46.07 -8.77 20.16
C PHE A 310 45.02 -9.01 21.24
N LEU A 311 43.76 -8.72 20.93
CA LEU A 311 42.74 -8.63 21.97
C LEU A 311 42.28 -10.01 22.45
N ASP A 312 42.20 -10.97 21.54
CA ASP A 312 41.76 -12.32 21.91
C ASP A 312 42.85 -13.11 22.62
N PRO A 313 44.12 -13.08 22.16
CA PRO A 313 45.17 -13.81 22.88
C PRO A 313 45.45 -13.27 24.28
N LEU A 314 44.76 -12.20 24.68
CA LEU A 314 44.90 -11.64 26.01
C LEU A 314 43.94 -12.26 27.02
N GLN A 315 43.15 -13.25 26.62
CA GLN A 315 42.19 -13.87 27.53
C GLN A 315 42.81 -14.45 28.79
N PRO A 316 43.94 -15.16 28.75
CA PRO A 316 44.53 -15.66 30.00
C PRO A 316 44.97 -14.56 30.95
N GLU A 317 45.20 -13.34 30.47
CA GLU A 317 45.64 -12.24 31.32
C GLU A 317 44.49 -11.50 31.99
N TYR A 318 43.25 -11.83 31.64
CA TYR A 318 42.13 -11.10 32.21
C TYR A 318 41.57 -11.85 33.42
N PRO A 319 41.06 -11.13 34.41
CA PRO A 319 40.29 -11.78 35.48
C PRO A 319 38.91 -12.16 34.99
N ALA A 320 38.23 -12.99 35.78
CA ALA A 320 36.89 -13.43 35.41
C ALA A 320 35.91 -12.27 35.34
N ASN A 321 36.16 -11.18 36.06
CA ASN A 321 35.31 -10.00 36.01
C ASN A 321 35.32 -9.33 34.64
N ARG A 322 36.39 -9.50 33.88
CA ARG A 322 36.55 -8.83 32.60
C ARG A 322 36.13 -9.68 31.41
N LEU A 323 35.95 -10.99 31.59
CA LEU A 323 35.64 -11.87 30.49
C LEU A 323 34.16 -11.78 30.13
N GLY A 324 33.75 -12.56 29.13
CA GLY A 324 32.39 -12.54 28.66
C GLY A 324 31.61 -13.76 29.11
N PRO A 325 30.34 -13.83 28.68
CA PRO A 325 29.50 -14.98 29.06
C PRO A 325 30.06 -16.31 28.59
N GLU A 326 30.83 -16.29 27.51
CA GLU A 326 31.46 -17.49 26.98
C GLU A 326 32.88 -17.68 27.49
N GLY A 327 33.34 -16.82 28.40
CA GLY A 327 34.70 -16.91 28.89
C GLY A 327 35.75 -16.44 27.91
N ASP A 328 35.37 -15.56 26.98
CA ASP A 328 36.30 -15.06 25.98
C ASP A 328 36.73 -13.63 26.31
N ALA A 329 37.87 -13.24 25.75
CA ALA A 329 38.42 -11.93 26.02
C ALA A 329 37.57 -10.83 25.39
N PRO A 330 37.57 -9.63 25.95
CA PRO A 330 36.89 -8.51 25.30
C PRO A 330 37.53 -8.17 23.98
N LYS A 331 36.72 -7.74 23.02
CA LYS A 331 37.16 -7.48 21.67
C LYS A 331 36.64 -6.14 21.19
N ALA A 332 37.31 -5.59 20.19
CA ALA A 332 36.98 -4.28 19.63
C ALA A 332 36.20 -4.45 18.34
N ASN A 333 35.42 -3.41 18.01
CA ASN A 333 34.66 -3.37 16.77
C ASN A 333 34.77 -1.99 16.15
N CYS A 334 33.92 -1.70 15.16
CA CYS A 334 33.93 -0.37 14.54
C CYS A 334 33.60 0.71 15.57
N ALA A 335 32.70 0.41 16.50
CA ALA A 335 32.24 1.41 17.47
C ALA A 335 33.23 1.63 18.61
N THR A 336 34.20 0.73 18.79
CA THR A 336 35.17 0.91 19.86
C THR A 336 36.03 2.15 19.65
N CYS A 337 36.45 2.39 18.41
CA CYS A 337 37.24 3.57 18.05
C CYS A 337 36.38 4.76 17.69
N HIS A 338 35.42 4.58 16.78
CA HIS A 338 34.66 5.71 16.26
C HIS A 338 33.75 6.31 17.32
N GLN A 339 33.14 5.45 18.15
CA GLN A 339 32.26 5.87 19.23
C GLN A 339 31.07 6.68 18.70
N GLY A 340 30.59 6.32 17.53
CA GLY A 340 29.42 6.95 16.95
C GLY A 340 29.69 8.07 15.97
N ALA A 341 30.94 8.25 15.53
CA ALA A 341 31.30 9.29 14.57
C ALA A 341 31.94 8.65 13.35
N PHE A 342 31.85 9.35 12.21
CA PHE A 342 32.39 8.82 10.96
C PHE A 342 33.90 8.59 11.09
N LYS A 343 34.58 9.45 11.85
CA LYS A 343 35.95 9.26 12.24
C LYS A 343 36.07 9.34 13.75
N PRO A 344 36.99 8.61 14.37
CA PRO A 344 37.18 8.74 15.82
C PRO A 344 37.51 10.17 16.22
N MET A 345 36.75 10.71 17.17
CA MET A 345 36.89 12.10 17.63
C MET A 345 36.68 13.09 16.50
N TYR A 346 35.96 12.69 15.46
CA TYR A 346 35.62 13.49 14.29
C TYR A 346 36.84 13.96 13.51
N GLY A 347 37.94 13.22 13.55
CA GLY A 347 39.09 13.50 12.73
C GLY A 347 40.25 14.19 13.41
N GLU A 348 40.20 14.37 14.73
CA GLU A 348 41.30 15.03 15.43
C GLU A 348 42.57 14.19 15.38
N ASN A 349 43.66 14.81 14.98
CA ASN A 349 44.95 14.13 14.96
C ASN A 349 45.42 13.84 16.38
N VAL A 350 45.87 12.61 16.61
CA VAL A 350 46.31 12.18 17.93
C VAL A 350 47.70 11.56 17.91
N ILE A 351 48.24 11.25 16.73
CA ILE A 351 49.52 10.55 16.64
C ILE A 351 50.68 11.50 16.37
N ASP A 352 50.43 12.72 15.91
CA ASP A 352 51.53 13.64 15.62
C ASP A 352 52.26 14.08 16.87
N ASP A 353 51.56 14.18 17.99
CA ASP A 353 52.20 14.58 19.25
C ASP A 353 52.98 13.44 19.90
N TYR A 354 52.75 12.20 19.46
CA TYR A 354 53.38 11.02 20.06
C TYR A 354 53.95 10.15 18.94
N PRO A 355 55.13 10.51 18.41
CA PRO A 355 55.77 9.64 17.41
C PRO A 355 56.15 8.28 17.94
N SER A 356 56.26 8.12 19.26
CA SER A 356 56.64 6.84 19.84
C SER A 356 55.57 5.78 19.61
N LEU A 357 54.29 6.19 19.58
CA LEU A 357 53.18 5.28 19.36
C LEU A 357 52.94 5.02 17.88
N ALA A 358 53.73 5.65 17.00
CA ALA A 358 53.52 5.54 15.56
C ALA A 358 54.21 4.35 14.92
N ALA A 359 55.19 3.73 15.60
CA ALA A 359 55.90 2.61 15.02
C ALA A 359 56.60 1.82 16.11
N PRO A 360 56.72 0.50 15.98
CA PRO A 360 57.51 -0.25 16.97
C PRO A 360 58.98 0.11 16.91
N GLY A 361 59.65 -0.03 18.05
CA GLY A 361 61.06 0.30 18.14
C GLY A 361 61.96 -0.72 17.46
N ALA B 2 -23.28 13.22 -26.81
CA ALA B 2 -24.27 12.19 -27.08
C ALA B 2 -23.63 11.01 -27.80
N MET B 3 -22.67 10.36 -27.14
CA MET B 3 -21.97 9.22 -27.70
C MET B 3 -22.58 7.89 -27.24
N LEU B 4 -22.70 7.69 -25.93
CA LEU B 4 -23.39 6.51 -25.43
C LEU B 4 -24.87 6.57 -25.80
N SER B 5 -25.53 5.42 -25.71
CA SER B 5 -26.93 5.34 -26.09
C SER B 5 -27.85 6.08 -25.11
N PHE B 6 -27.34 6.52 -23.97
CA PHE B 6 -28.14 7.24 -22.98
C PHE B 6 -27.50 8.57 -22.57
N GLU B 7 -26.52 9.05 -23.33
CA GLU B 7 -25.74 10.21 -22.92
C GLU B 7 -26.35 11.54 -23.35
N ARG B 8 -27.19 11.53 -24.40
CA ARG B 8 -27.66 12.78 -24.98
C ARG B 8 -28.44 13.63 -23.97
N LYS B 9 -29.28 12.98 -23.16
CA LYS B 9 -30.12 13.73 -22.22
C LYS B 9 -29.32 14.34 -21.08
N TYR B 10 -28.07 13.95 -20.89
CA TYR B 10 -27.25 14.45 -19.80
C TYR B 10 -26.32 15.58 -20.21
N ARG B 11 -26.16 15.84 -21.50
CA ARG B 11 -25.20 16.82 -22.00
C ARG B 11 -25.87 18.20 -22.05
N VAL B 12 -25.82 18.89 -20.92
CA VAL B 12 -26.45 20.20 -20.76
C VAL B 12 -25.39 21.20 -20.30
N ARG B 13 -25.80 22.46 -20.21
CA ARG B 13 -24.91 23.50 -19.73
C ARG B 13 -25.00 23.62 -18.21
N GLY B 14 -23.87 23.91 -17.59
CA GLY B 14 -23.79 24.08 -16.14
C GLY B 14 -22.61 23.30 -15.59
N GLY B 15 -22.22 23.66 -14.37
CA GLY B 15 -21.14 23.00 -13.65
C GLY B 15 -19.85 23.79 -13.62
N SER B 16 -19.77 24.87 -14.41
CA SER B 16 -18.54 25.65 -14.47
C SER B 16 -18.22 26.27 -13.12
N LEU B 17 -16.93 26.27 -12.78
CA LEU B 17 -16.44 26.87 -11.54
C LEU B 17 -16.00 28.32 -11.73
N ILE B 18 -16.08 28.84 -12.96
CA ILE B 18 -15.65 30.20 -13.22
C ILE B 18 -16.84 31.03 -13.67
N GLY B 19 -17.99 30.38 -13.82
CA GLY B 19 -19.21 31.07 -14.20
C GLY B 19 -19.18 31.58 -15.62
N GLY B 20 -19.17 30.66 -16.59
CA GLY B 20 -19.17 31.06 -17.99
C GLY B 20 -19.34 29.90 -18.95
N ASP B 21 -19.92 30.20 -20.12
CA ASP B 21 -20.27 29.18 -21.09
C ASP B 21 -19.22 29.02 -22.19
N LEU B 22 -18.11 29.76 -22.14
CA LEU B 22 -17.14 29.73 -23.22
C LEU B 22 -16.51 28.36 -23.39
N PHE B 23 -16.09 27.74 -22.29
CA PHE B 23 -15.42 26.45 -22.35
C PHE B 23 -16.37 25.26 -22.20
N ASP B 24 -17.65 25.49 -22.00
CA ASP B 24 -18.62 24.42 -21.79
C ASP B 24 -18.88 23.72 -23.11
N PHE B 25 -18.13 22.65 -23.38
CA PHE B 25 -18.33 21.82 -24.57
C PHE B 25 -17.52 20.55 -24.42
N TRP B 26 -17.79 19.59 -25.30
CA TRP B 26 -17.09 18.31 -25.33
C TRP B 26 -16.26 18.19 -26.59
N VAL B 27 -15.13 17.50 -26.48
CA VAL B 27 -14.33 17.10 -27.63
C VAL B 27 -14.24 15.58 -27.57
N GLY B 28 -15.00 14.91 -28.42
CA GLY B 28 -15.15 13.48 -28.34
C GLY B 28 -15.91 13.09 -27.09
N PRO B 29 -15.44 12.05 -26.40
CA PRO B 29 -16.06 11.70 -25.11
C PRO B 29 -15.68 12.64 -23.98
N PHE B 30 -14.54 13.32 -24.07
CA PHE B 30 -14.01 14.15 -22.99
C PHE B 30 -14.80 15.45 -22.87
N TYR B 31 -15.07 15.85 -21.63
CA TYR B 31 -15.63 17.17 -21.38
C TYR B 31 -14.49 18.18 -21.25
N VAL B 32 -14.64 19.32 -21.91
CA VAL B 32 -13.66 20.40 -21.86
C VAL B 32 -14.22 21.49 -20.96
N GLY B 33 -13.42 21.93 -19.98
CA GLY B 33 -13.72 23.11 -19.22
C GLY B 33 -12.60 24.12 -19.32
N PHE B 34 -12.70 25.17 -18.50
CA PHE B 34 -11.53 26.01 -18.30
C PHE B 34 -10.39 25.20 -17.71
N PHE B 35 -10.69 24.34 -16.75
CA PHE B 35 -9.70 23.50 -16.12
C PHE B 35 -9.26 22.35 -17.03
N GLY B 36 -10.08 21.94 -17.99
CA GLY B 36 -9.61 21.03 -19.01
C GLY B 36 -8.56 21.65 -19.89
N VAL B 37 -8.79 22.92 -20.26
CA VAL B 37 -7.81 23.66 -21.06
C VAL B 37 -6.53 23.84 -20.28
N THR B 38 -6.63 24.22 -19.01
CA THR B 38 -5.43 24.36 -18.18
C THR B 38 -4.73 23.03 -17.98
N THR B 39 -5.49 21.93 -17.84
CA THR B 39 -4.89 20.61 -17.71
C THR B 39 -4.08 20.27 -18.95
N LEU B 40 -4.64 20.50 -20.13
CA LEU B 40 -3.89 20.24 -21.36
C LEU B 40 -2.70 21.17 -21.50
N PHE B 41 -2.83 22.44 -21.11
CA PHE B 41 -1.72 23.38 -21.14
C PHE B 41 -0.55 22.86 -20.32
N PHE B 42 -0.80 22.57 -19.03
CA PHE B 42 0.25 22.09 -18.15
C PHE B 42 0.78 20.73 -18.58
N THR B 43 -0.11 19.83 -19.04
CA THR B 43 0.31 18.51 -19.47
C THR B 43 1.21 18.56 -20.69
N PHE B 44 0.88 19.37 -21.70
CA PHE B 44 1.71 19.40 -22.89
C PHE B 44 3.04 20.07 -22.57
N VAL B 45 3.03 21.12 -21.74
CA VAL B 45 4.29 21.73 -21.31
C VAL B 45 5.17 20.70 -20.61
N GLY B 46 4.61 19.96 -19.67
CA GLY B 46 5.40 19.01 -18.91
C GLY B 46 5.91 17.86 -19.76
N VAL B 47 5.06 17.33 -20.65
CA VAL B 47 5.48 16.23 -21.50
C VAL B 47 6.55 16.67 -22.48
N ALA B 48 6.40 17.86 -23.07
CA ALA B 48 7.42 18.39 -23.97
C ALA B 48 8.73 18.66 -23.25
N LEU B 49 8.69 19.16 -22.01
CA LEU B 49 9.91 19.32 -21.23
C LEU B 49 10.55 17.99 -20.85
N ILE B 50 9.76 16.96 -20.56
CA ILE B 50 10.31 15.64 -20.31
C ILE B 50 10.99 15.10 -21.57
N ALA B 51 10.37 15.29 -22.74
CA ALA B 51 11.01 14.91 -24.00
C ALA B 51 12.29 15.69 -24.26
N TYR B 52 12.30 16.98 -23.93
CA TYR B 52 13.51 17.78 -24.06
C TYR B 52 14.62 17.24 -23.19
N GLY B 53 14.32 16.97 -21.92
CA GLY B 53 15.30 16.37 -21.03
C GLY B 53 15.75 14.98 -21.42
N TRP B 54 14.89 14.24 -22.11
CA TRP B 54 15.25 12.95 -22.69
C TRP B 54 16.22 13.08 -23.85
N VAL B 55 15.96 13.98 -24.79
CA VAL B 55 16.83 14.12 -25.94
C VAL B 55 18.13 14.84 -25.61
N MET B 56 18.15 15.65 -24.54
CA MET B 56 19.39 16.32 -24.14
C MET B 56 20.27 15.48 -23.22
N ASP B 57 19.81 14.30 -22.83
CA ASP B 57 20.61 13.44 -21.96
C ASP B 57 21.79 12.89 -22.75
N PRO B 58 23.03 13.04 -22.25
CA PRO B 58 24.20 12.60 -23.01
C PRO B 58 24.39 11.10 -23.04
N SER B 59 23.75 10.35 -22.15
CA SER B 59 23.97 8.92 -22.02
C SER B 59 23.06 8.09 -22.92
N ASP B 60 22.21 8.74 -23.72
CA ASP B 60 21.26 8.09 -24.62
C ASP B 60 20.42 7.07 -23.87
N PRO B 61 19.62 7.48 -22.90
CA PRO B 61 18.84 6.51 -22.13
C PRO B 61 17.65 5.99 -22.89
N THR B 62 17.19 4.81 -22.48
CA THR B 62 15.95 4.25 -23.00
C THR B 62 14.78 4.92 -22.27
N VAL B 63 13.56 4.43 -22.52
CA VAL B 63 12.40 5.00 -21.83
C VAL B 63 12.48 4.69 -20.34
N TRP B 64 12.99 3.51 -19.97
CA TRP B 64 13.16 3.16 -18.57
C TRP B 64 14.26 3.98 -17.90
N GLN B 65 15.35 4.25 -18.61
CA GLN B 65 16.51 4.92 -18.06
C GLN B 65 16.39 6.44 -18.09
N LEU B 66 15.34 6.98 -18.72
CA LEU B 66 15.11 8.42 -18.70
C LEU B 66 14.94 8.92 -17.27
N SER B 67 15.59 10.04 -16.96
CA SER B 67 15.52 10.61 -15.62
C SER B 67 15.75 12.12 -15.70
N ILE B 68 14.80 12.88 -15.19
CA ILE B 68 14.96 14.31 -14.97
C ILE B 68 15.08 14.49 -13.45
N ALA B 69 16.29 14.73 -12.99
CA ALA B 69 16.60 14.77 -11.57
C ALA B 69 16.37 16.15 -10.98
N PRO B 70 16.05 16.23 -9.70
CA PRO B 70 15.89 17.54 -9.05
C PRO B 70 17.24 18.21 -8.87
N PRO B 71 17.27 19.49 -8.50
CA PRO B 71 18.55 20.18 -8.30
C PRO B 71 19.36 19.59 -7.16
N ASP B 72 20.59 20.08 -6.99
CA ASP B 72 21.41 19.67 -5.86
C ASP B 72 20.85 20.27 -4.58
N LEU B 73 21.18 19.61 -3.45
CA LEU B 73 20.75 20.13 -2.16
C LEU B 73 21.41 21.46 -1.81
N SER B 74 22.52 21.81 -2.47
CA SER B 74 23.18 23.08 -2.24
C SER B 74 22.42 24.26 -2.81
N TYR B 75 21.56 24.04 -3.81
CA TYR B 75 20.73 25.12 -4.34
C TYR B 75 19.61 25.51 -3.39
N GLY B 76 19.35 24.72 -2.36
CA GLY B 76 18.32 25.03 -1.39
C GLY B 76 16.95 25.11 -2.03
N LEU B 77 16.13 26.01 -1.50
CA LEU B 77 14.79 26.27 -2.04
C LEU B 77 14.81 27.30 -3.15
N GLY B 78 15.98 27.48 -3.78
CA GLY B 78 16.17 28.47 -4.82
C GLY B 78 15.94 27.91 -6.21
N PHE B 79 16.57 28.56 -7.17
CA PHE B 79 16.35 28.24 -8.58
C PHE B 79 17.64 27.69 -9.19
N ALA B 80 17.53 26.56 -9.86
CA ALA B 80 18.64 25.87 -10.46
C ALA B 80 18.71 26.14 -11.95
N PRO B 81 19.87 25.91 -12.58
CA PRO B 81 19.93 25.97 -14.04
C PRO B 81 18.99 24.95 -14.66
N LEU B 82 18.47 25.30 -15.84
CA LEU B 82 17.46 24.46 -16.47
C LEU B 82 17.96 23.05 -16.70
N MET B 83 19.25 22.88 -16.96
CA MET B 83 19.85 21.57 -17.13
C MET B 83 20.45 21.04 -15.83
N GLU B 84 20.29 21.77 -14.72
CA GLU B 84 20.81 21.34 -13.42
C GLU B 84 19.73 21.31 -12.36
N GLY B 85 18.49 21.01 -12.74
CA GLY B 85 17.40 20.90 -11.79
C GLY B 85 16.25 21.83 -12.07
N GLY B 86 16.50 22.89 -12.85
CA GLY B 86 15.42 23.79 -13.21
C GLY B 86 14.34 23.12 -14.03
N LEU B 87 14.73 22.17 -14.89
CA LEU B 87 13.75 21.43 -15.65
C LEU B 87 12.85 20.61 -14.74
N TRP B 88 13.44 19.97 -13.73
CA TRP B 88 12.64 19.23 -12.75
C TRP B 88 11.70 20.17 -12.00
N GLN B 89 12.20 21.35 -11.65
CA GLN B 89 11.36 22.32 -10.93
C GLN B 89 10.16 22.76 -11.77
N ILE B 90 10.40 23.06 -13.05
CA ILE B 90 9.31 23.50 -13.91
C ILE B 90 8.33 22.37 -14.18
N ILE B 91 8.84 21.14 -14.36
CA ILE B 91 7.94 20.01 -14.54
C ILE B 91 7.13 19.76 -13.27
N THR B 92 7.73 19.98 -12.10
CA THR B 92 6.98 19.84 -10.85
C THR B 92 5.84 20.86 -10.76
N ILE B 93 6.14 22.12 -11.11
CA ILE B 93 5.10 23.15 -11.09
C ILE B 93 3.98 22.79 -12.06
N CYS B 94 4.35 22.37 -13.28
CA CYS B 94 3.34 22.00 -14.27
C CYS B 94 2.54 20.78 -13.84
N ALA B 95 3.18 19.81 -13.18
CA ALA B 95 2.46 18.62 -12.72
C ALA B 95 1.47 18.97 -11.63
N VAL B 96 1.88 19.82 -10.68
CA VAL B 96 0.96 20.26 -9.63
C VAL B 96 -0.22 21.00 -10.25
N GLY B 97 0.05 21.91 -11.19
CA GLY B 97 -1.02 22.61 -11.86
C GLY B 97 -1.97 21.69 -12.61
N ALA B 98 -1.42 20.72 -13.34
CA ALA B 98 -2.24 19.77 -14.09
C ALA B 98 -3.08 18.89 -13.18
N PHE B 99 -2.52 18.43 -12.05
CA PHE B 99 -3.30 17.59 -11.14
C PHE B 99 -4.41 18.38 -10.46
N VAL B 100 -4.13 19.61 -10.02
CA VAL B 100 -5.17 20.44 -9.44
C VAL B 100 -6.24 20.75 -10.48
N SER B 101 -5.83 21.00 -11.73
CA SER B 101 -6.79 21.27 -12.79
C SER B 101 -7.64 20.04 -13.11
N TRP B 102 -7.05 18.84 -13.06
CA TRP B 102 -7.81 17.62 -13.22
C TRP B 102 -8.85 17.46 -12.13
N ALA B 103 -8.47 17.72 -10.87
CA ALA B 103 -9.43 17.66 -9.78
C ALA B 103 -10.56 18.66 -9.94
N LEU B 104 -10.23 19.89 -10.35
CA LEU B 104 -11.25 20.91 -10.55
C LEU B 104 -12.16 20.62 -11.75
N ARG B 105 -11.61 20.03 -12.81
CA ARG B 105 -12.43 19.56 -13.92
C ARG B 105 -13.37 18.45 -13.48
N GLU B 106 -12.90 17.56 -12.59
CA GLU B 106 -13.79 16.55 -12.04
C GLU B 106 -14.89 17.18 -11.20
N VAL B 107 -14.57 18.23 -10.45
CA VAL B 107 -15.60 18.98 -9.73
C VAL B 107 -16.63 19.55 -10.69
N GLU B 108 -16.17 20.11 -11.81
CA GLU B 108 -17.07 20.63 -12.83
C GLU B 108 -17.97 19.55 -13.41
N ILE B 109 -17.40 18.38 -13.72
CA ILE B 109 -18.19 17.27 -14.26
C ILE B 109 -19.21 16.78 -13.25
N CYS B 110 -18.82 16.68 -11.97
CA CYS B 110 -19.76 16.30 -10.92
C CYS B 110 -20.90 17.30 -10.80
N ARG B 111 -20.59 18.60 -10.86
CA ARG B 111 -21.64 19.61 -10.80
C ARG B 111 -22.57 19.51 -12.00
N LYS B 112 -22.03 19.24 -13.19
CA LYS B 112 -22.90 19.06 -14.35
C LYS B 112 -23.79 17.83 -14.21
N LEU B 113 -23.28 16.73 -13.66
CA LEU B 113 -24.05 15.51 -13.53
C LEU B 113 -24.92 15.48 -12.29
N GLY B 114 -24.81 16.46 -11.40
CA GLY B 114 -25.63 16.49 -10.20
C GLY B 114 -25.28 15.44 -9.17
N ILE B 115 -24.03 15.01 -9.12
CA ILE B 115 -23.60 13.96 -8.20
C ILE B 115 -22.64 14.56 -7.17
N GLY B 116 -22.25 13.74 -6.19
CA GLY B 116 -21.35 14.21 -5.16
C GLY B 116 -19.93 14.39 -5.65
N PHE B 117 -19.15 15.11 -4.86
CA PHE B 117 -17.76 15.42 -5.19
C PHE B 117 -16.78 14.49 -4.48
N HIS B 118 -17.19 13.23 -4.29
CA HIS B 118 -16.35 12.27 -3.60
C HIS B 118 -15.10 11.93 -4.42
N VAL B 119 -15.22 11.88 -5.74
CA VAL B 119 -14.09 11.53 -6.60
C VAL B 119 -13.03 12.63 -6.62
N PRO B 120 -13.38 13.91 -6.85
CA PRO B 120 -12.34 14.95 -6.76
C PRO B 120 -11.70 15.01 -5.37
N PHE B 121 -12.51 14.79 -4.34
CA PHE B 121 -12.00 14.79 -2.97
C PHE B 121 -11.00 13.65 -2.75
N ALA B 122 -11.30 12.46 -3.28
CA ALA B 122 -10.38 11.33 -3.14
C ALA B 122 -9.12 11.53 -3.97
N PHE B 123 -9.25 12.12 -5.16
CA PHE B 123 -8.08 12.41 -5.97
C PHE B 123 -7.21 13.48 -5.31
N SER B 124 -7.82 14.36 -4.52
CA SER B 124 -7.06 15.34 -3.77
C SER B 124 -6.09 14.69 -2.80
N PHE B 125 -6.39 13.47 -2.32
CA PHE B 125 -5.44 12.76 -1.48
C PHE B 125 -4.19 12.32 -2.24
N ALA B 126 -4.36 11.82 -3.47
CA ALA B 126 -3.20 11.51 -4.30
C ALA B 126 -2.42 12.77 -4.64
N ILE B 127 -3.13 13.86 -4.94
CA ILE B 127 -2.46 15.13 -5.19
C ILE B 127 -1.69 15.59 -3.97
N ALA B 128 -2.26 15.41 -2.78
CA ALA B 128 -1.57 15.76 -1.54
C ALA B 128 -0.36 14.88 -1.30
N ALA B 129 -0.43 13.60 -1.66
CA ALA B 129 0.76 12.75 -1.55
C ALA B 129 1.87 13.22 -2.47
N TYR B 130 1.53 13.55 -3.72
CA TYR B 130 2.53 14.07 -4.64
C TYR B 130 3.11 15.39 -4.15
N VAL B 131 2.25 16.27 -3.65
CA VAL B 131 2.71 17.56 -3.13
C VAL B 131 3.60 17.35 -1.90
N ALA B 132 3.19 16.50 -0.97
CA ALA B 132 4.02 16.22 0.20
C ALA B 132 5.35 15.61 -0.19
N LEU B 133 5.42 14.88 -1.30
CA LEU B 133 6.68 14.32 -1.76
C LEU B 133 7.58 15.32 -2.47
N THR B 134 7.02 16.26 -3.24
CA THR B 134 7.83 17.11 -4.10
C THR B 134 7.90 18.58 -3.70
N VAL B 135 7.04 19.06 -2.80
CA VAL B 135 6.96 20.48 -2.49
C VAL B 135 7.08 20.67 -0.98
N VAL B 136 6.23 20.01 -0.22
CA VAL B 136 6.14 20.23 1.22
C VAL B 136 7.35 19.66 1.95
N ARG B 137 7.63 18.37 1.77
CA ARG B 137 8.81 17.77 2.37
C ARG B 137 10.10 18.44 1.93
N PRO B 138 10.31 18.76 0.64
CA PRO B 138 11.48 19.57 0.28
C PRO B 138 11.59 20.89 1.00
N MET B 139 10.49 21.62 1.21
CA MET B 139 10.58 22.88 1.94
C MET B 139 10.85 22.63 3.42
N LEU B 140 10.25 21.59 3.99
CA LEU B 140 10.55 21.24 5.37
C LEU B 140 12.02 20.90 5.56
N LEU B 141 12.66 20.34 4.53
CA LEU B 141 14.08 20.01 4.57
C LEU B 141 14.95 21.07 3.92
N GLY B 142 14.35 22.11 3.35
CA GLY B 142 15.10 23.27 2.90
C GLY B 142 15.73 23.16 1.53
N ALA B 143 15.32 22.20 0.69
CA ALA B 143 15.91 22.07 -0.63
C ALA B 143 14.96 21.30 -1.53
N TRP B 144 14.80 21.79 -2.77
CA TRP B 144 14.02 21.07 -3.76
C TRP B 144 14.69 19.77 -4.20
N GLY B 145 15.96 19.57 -3.87
CA GLY B 145 16.68 18.38 -4.26
C GLY B 145 16.22 17.15 -3.51
N HIS B 146 15.31 17.34 -2.56
CA HIS B 146 14.72 16.26 -1.80
C HIS B 146 13.58 15.56 -2.52
N GLY B 147 13.07 16.14 -3.60
CA GLY B 147 12.05 15.48 -4.38
C GLY B 147 12.61 14.35 -5.22
N PHE B 148 11.70 13.51 -5.71
CA PHE B 148 12.20 12.36 -6.46
C PHE B 148 12.41 12.73 -7.93
N PRO B 149 13.40 12.13 -8.58
CA PRO B 149 13.60 12.39 -10.02
C PRO B 149 12.42 11.88 -10.83
N TYR B 150 12.14 12.57 -11.93
CA TYR B 150 11.03 12.21 -12.81
C TYR B 150 11.55 11.21 -13.83
N GLY B 151 11.64 9.97 -13.41
CA GLY B 151 12.02 8.88 -14.30
C GLY B 151 11.36 7.59 -13.88
N ILE B 152 11.06 6.73 -14.86
CA ILE B 152 10.34 5.49 -14.57
C ILE B 152 11.13 4.63 -13.59
N MET B 153 12.45 4.55 -13.79
CA MET B 153 13.28 3.69 -12.98
C MET B 153 14.13 4.42 -11.96
N SER B 154 14.43 5.70 -12.19
CA SER B 154 15.27 6.45 -11.26
C SER B 154 14.52 6.85 -9.99
N HIS B 155 13.21 7.07 -10.08
CA HIS B 155 12.46 7.37 -8.87
C HIS B 155 12.40 6.15 -7.95
N LEU B 156 12.53 4.95 -8.49
CA LEU B 156 12.75 3.77 -7.66
C LEU B 156 14.07 3.83 -6.90
N ASP B 157 15.15 4.28 -7.54
CA ASP B 157 16.42 4.49 -6.86
C ASP B 157 16.32 5.55 -5.79
N TRP B 158 15.59 6.64 -6.04
CA TRP B 158 15.34 7.64 -5.01
C TRP B 158 14.63 7.03 -3.82
N VAL B 159 13.60 6.23 -4.07
CA VAL B 159 12.87 5.57 -2.99
C VAL B 159 13.80 4.67 -2.20
N SER B 160 14.62 3.89 -2.90
CA SER B 160 15.53 2.96 -2.24
C SER B 160 16.52 3.69 -1.34
N ASN B 161 17.15 4.75 -1.86
CA ASN B 161 18.17 5.44 -1.08
C ASN B 161 17.55 6.23 0.07
N VAL B 162 16.38 6.83 -0.12
CA VAL B 162 15.71 7.48 1.00
C VAL B 162 15.31 6.47 2.07
N GLY B 163 14.90 5.26 1.69
CA GLY B 163 14.58 4.24 2.67
C GLY B 163 15.80 3.74 3.42
N TYR B 164 16.93 3.62 2.73
CA TYR B 164 18.16 3.15 3.37
C TYR B 164 18.91 4.26 4.09
N GLN B 165 18.47 5.51 3.94
CA GLN B 165 18.96 6.59 4.80
C GLN B 165 18.55 6.42 6.25
N PHE B 166 17.61 5.53 6.55
CA PHE B 166 17.16 5.24 7.90
C PHE B 166 17.43 3.79 8.28
N LEU B 167 18.24 3.11 7.47
CA LEU B 167 18.86 1.81 7.71
C LEU B 167 17.89 0.65 7.65
N HIS B 168 16.59 0.90 7.86
CA HIS B 168 15.53 -0.13 7.74
C HIS B 168 14.18 0.59 7.64
N PHE B 169 13.70 0.89 6.42
CA PHE B 169 12.47 1.67 6.35
C PHE B 169 11.25 0.86 6.76
N HIS B 170 11.36 -0.46 6.83
CA HIS B 170 10.22 -1.28 7.20
C HIS B 170 9.74 -1.00 8.62
N TYR B 171 10.60 -0.45 9.47
CA TYR B 171 10.30 -0.25 10.87
C TYR B 171 9.64 1.10 11.14
N ASN B 172 9.40 1.89 10.11
CA ASN B 172 8.65 3.13 10.23
C ASN B 172 7.20 2.80 10.62
N PRO B 173 6.68 3.34 11.73
CA PRO B 173 5.29 3.02 12.10
C PRO B 173 4.26 3.49 11.10
N GLY B 174 4.42 4.70 10.56
CA GLY B 174 3.53 5.16 9.51
C GLY B 174 3.64 4.34 8.25
N HIS B 175 4.84 3.87 7.93
CA HIS B 175 5.02 2.96 6.81
C HIS B 175 4.28 1.66 7.06
N MET B 176 4.36 1.13 8.27
CA MET B 176 3.62 -0.09 8.62
C MET B 176 2.13 0.11 8.45
N LEU B 177 1.61 1.24 8.94
CA LEU B 177 0.18 1.52 8.83
C LEU B 177 -0.23 1.67 7.36
N GLY B 178 0.57 2.37 6.57
CA GLY B 178 0.25 2.52 5.16
C GLY B 178 0.27 1.21 4.40
N ILE B 179 1.26 0.36 4.70
CA ILE B 179 1.32 -0.95 4.04
C ILE B 179 0.13 -1.81 4.46
N THR B 180 -0.22 -1.77 5.75
CA THR B 180 -1.38 -2.51 6.21
C THR B 180 -2.64 -2.06 5.48
N PHE B 181 -2.82 -0.74 5.33
CA PHE B 181 -4.00 -0.23 4.64
C PHE B 181 -3.99 -0.50 3.14
N PHE B 182 -2.83 -0.45 2.49
CA PHE B 182 -2.75 -0.82 1.08
C PHE B 182 -3.05 -2.29 0.85
N PHE B 183 -2.53 -3.18 1.68
CA PHE B 183 -2.83 -4.60 1.52
C PHE B 183 -4.29 -4.91 1.86
N THR B 184 -4.83 -4.24 2.88
CA THR B 184 -6.25 -4.38 3.20
C THR B 184 -7.15 -3.84 2.11
N THR B 185 -6.73 -2.77 1.42
CA THR B 185 -7.48 -2.26 0.29
C THR B 185 -7.57 -3.28 -0.84
N ALA B 186 -6.47 -3.95 -1.18
CA ALA B 186 -6.51 -5.03 -2.17
C ALA B 186 -7.35 -6.21 -1.71
N LEU B 187 -7.24 -6.59 -0.44
CA LEU B 187 -8.09 -7.65 0.10
C LEU B 187 -9.57 -7.29 -0.02
N ALA B 188 -9.94 -6.09 0.40
CA ALA B 188 -11.33 -5.65 0.35
C ALA B 188 -11.83 -5.49 -1.09
N LEU B 189 -10.99 -4.98 -1.99
CA LEU B 189 -11.37 -4.87 -3.39
C LEU B 189 -11.59 -6.25 -4.01
N ALA B 190 -10.72 -7.21 -3.72
CA ALA B 190 -10.94 -8.57 -4.20
C ALA B 190 -12.24 -9.15 -3.65
N MET B 191 -12.48 -9.02 -2.34
CA MET B 191 -13.71 -9.52 -1.76
C MET B 191 -14.95 -8.88 -2.37
N HIS B 192 -14.93 -7.56 -2.55
CA HIS B 192 -16.08 -6.84 -3.06
C HIS B 192 -16.34 -7.16 -4.53
N GLY B 193 -15.28 -7.15 -5.36
CA GLY B 193 -15.44 -7.50 -6.75
C GLY B 193 -15.93 -8.92 -6.93
N GLY B 194 -15.36 -9.86 -6.17
CA GLY B 194 -15.83 -11.22 -6.21
C GLY B 194 -17.26 -11.40 -5.76
N LEU B 195 -17.68 -10.73 -4.69
CA LEU B 195 -19.06 -10.80 -4.24
C LEU B 195 -20.05 -10.23 -5.24
N ILE B 196 -19.76 -9.06 -5.82
CA ILE B 196 -20.64 -8.50 -6.82
C ILE B 196 -20.69 -9.35 -8.08
N LEU B 197 -19.55 -9.89 -8.53
CA LEU B 197 -19.52 -10.78 -9.68
C LEU B 197 -20.25 -12.09 -9.41
N SER B 198 -20.20 -12.60 -8.19
CA SER B 198 -20.90 -13.83 -7.84
C SER B 198 -22.41 -13.61 -7.75
N ALA B 199 -22.83 -12.45 -7.23
CA ALA B 199 -24.25 -12.10 -7.21
C ALA B 199 -24.80 -11.84 -8.60
N ALA B 200 -24.02 -11.19 -9.46
CA ALA B 200 -24.46 -10.88 -10.83
C ALA B 200 -24.30 -12.06 -11.78
N ASN B 201 -23.40 -13.00 -11.47
CA ASN B 201 -23.17 -14.18 -12.31
C ASN B 201 -23.28 -15.42 -11.43
N PRO B 202 -24.49 -15.76 -10.97
CA PRO B 202 -24.65 -16.90 -10.07
C PRO B 202 -24.35 -18.24 -10.70
N GLY B 203 -24.32 -18.34 -12.02
CA GLY B 203 -24.03 -19.60 -12.68
C GLY B 203 -25.17 -20.07 -13.56
N LYS B 204 -25.26 -21.38 -13.77
CA LYS B 204 -26.29 -21.97 -14.62
C LYS B 204 -27.42 -22.51 -13.75
N GLY B 205 -28.64 -22.12 -14.09
CA GLY B 205 -29.81 -22.54 -13.33
C GLY B 205 -30.10 -21.71 -12.10
N GLU B 206 -29.32 -20.67 -11.83
CA GLU B 206 -29.50 -19.82 -10.67
C GLU B 206 -29.91 -18.41 -11.11
N LYS B 207 -30.78 -17.79 -10.32
CA LYS B 207 -31.18 -16.41 -10.57
C LYS B 207 -30.16 -15.45 -9.96
N VAL B 208 -30.22 -14.20 -10.41
CA VAL B 208 -29.30 -13.18 -9.94
C VAL B 208 -29.61 -12.89 -8.48
N LYS B 209 -28.60 -13.07 -7.62
CA LYS B 209 -28.79 -12.92 -6.18
C LYS B 209 -28.87 -11.46 -5.78
N GLY B 210 -29.56 -11.19 -4.68
CA GLY B 210 -29.79 -9.85 -4.20
C GLY B 210 -28.99 -9.52 -2.95
N PRO B 211 -29.42 -8.46 -2.26
CA PRO B 211 -28.67 -8.03 -1.06
C PRO B 211 -28.68 -9.06 0.07
N GLU B 212 -29.73 -9.86 0.19
CA GLU B 212 -29.77 -10.86 1.24
C GLU B 212 -28.63 -11.86 1.09
N HIS B 213 -28.43 -12.37 -0.13
CA HIS B 213 -27.35 -13.32 -0.38
C HIS B 213 -25.99 -12.67 -0.17
N GLU B 214 -25.84 -11.42 -0.59
CA GLU B 214 -24.57 -10.72 -0.44
C GLU B 214 -24.20 -10.57 1.03
N ASN B 215 -25.17 -10.16 1.87
CA ASN B 215 -24.91 -10.03 3.29
C ASN B 215 -24.69 -11.39 3.94
N THR B 216 -25.44 -12.41 3.50
CA THR B 216 -25.31 -13.74 4.05
C THR B 216 -23.94 -14.34 3.77
N PHE B 217 -23.36 -14.04 2.61
CA PHE B 217 -22.06 -14.63 2.30
C PHE B 217 -20.99 -14.14 3.25
N PHE B 218 -21.01 -12.91 3.62
CA PHE B 218 -19.98 -12.48 4.52
C PHE B 218 -20.32 -12.78 5.96
N ARG B 219 -21.58 -12.74 6.33
CA ARG B 219 -21.90 -13.15 7.70
C ARG B 219 -21.62 -14.63 7.91
N ASP B 220 -21.68 -15.43 6.83
CA ASP B 220 -21.41 -16.85 6.90
C ASP B 220 -19.93 -17.18 6.77
N THR B 221 -19.10 -16.21 6.39
CA THR B 221 -17.69 -16.47 6.14
C THR B 221 -16.82 -15.83 7.22
N VAL B 222 -16.97 -14.53 7.43
CA VAL B 222 -16.18 -13.84 8.44
C VAL B 222 -16.99 -13.64 9.71
N GLY B 223 -18.31 -13.50 9.56
CA GLY B 223 -19.17 -13.29 10.71
C GLY B 223 -19.77 -11.90 10.76
N TYR B 224 -19.45 -11.07 9.78
CA TYR B 224 -19.97 -9.72 9.73
C TYR B 224 -20.18 -9.31 8.28
N SER B 225 -21.25 -8.55 8.04
CA SER B 225 -21.56 -8.03 6.72
C SER B 225 -21.51 -6.51 6.78
N ILE B 226 -20.69 -5.92 5.90
CA ILE B 226 -20.54 -4.46 5.85
C ILE B 226 -21.66 -3.79 5.08
N GLY B 227 -22.42 -4.53 4.29
CA GLY B 227 -23.49 -3.96 3.48
C GLY B 227 -23.01 -3.56 2.11
N THR B 228 -23.95 -3.01 1.33
CA THR B 228 -23.65 -2.52 0.00
C THR B 228 -23.26 -1.05 -0.05
N LEU B 229 -23.74 -0.24 0.88
CA LEU B 229 -23.24 1.12 1.01
C LEU B 229 -22.01 1.19 1.89
N GLY B 230 -21.94 0.33 2.91
CA GLY B 230 -20.79 0.33 3.80
C GLY B 230 -19.53 -0.18 3.16
N ILE B 231 -19.63 -1.04 2.14
CA ILE B 231 -18.43 -1.55 1.49
C ILE B 231 -17.71 -0.46 0.71
N HIS B 232 -18.46 0.42 0.04
CA HIS B 232 -17.83 1.48 -0.73
C HIS B 232 -17.24 2.57 0.16
N ARG B 233 -17.94 2.92 1.25
CA ARG B 233 -17.36 3.80 2.25
C ARG B 233 -16.10 3.19 2.83
N LEU B 234 -16.15 1.88 3.14
CA LEU B 234 -14.98 1.21 3.70
C LEU B 234 -13.81 1.24 2.72
N GLY B 235 -14.08 1.01 1.44
CA GLY B 235 -13.01 1.01 0.46
C GLY B 235 -12.39 2.38 0.26
N LEU B 236 -13.24 3.40 0.16
CA LEU B 236 -12.71 4.77 0.06
C LEU B 236 -11.90 5.12 1.30
N ILE B 237 -12.40 4.76 2.49
CA ILE B 237 -11.69 5.05 3.72
C ILE B 237 -10.37 4.31 3.78
N LEU B 238 -10.33 3.05 3.34
CA LEU B 238 -9.10 2.27 3.34
C LEU B 238 -8.05 2.87 2.42
N ALA B 239 -8.44 3.21 1.18
CA ALA B 239 -7.48 3.83 0.27
C ALA B 239 -6.99 5.18 0.77
N LEU B 240 -7.90 6.02 1.26
CA LEU B 240 -7.51 7.32 1.79
C LEU B 240 -6.63 7.22 3.02
N SER B 241 -6.92 6.26 3.91
CA SER B 241 -6.06 6.02 5.06
C SER B 241 -4.68 5.54 4.64
N ALA B 242 -4.61 4.68 3.63
CA ALA B 242 -3.33 4.23 3.13
C ALA B 242 -2.50 5.40 2.63
N VAL B 243 -3.10 6.28 1.82
CA VAL B 243 -2.35 7.42 1.31
C VAL B 243 -2.00 8.42 2.42
N PHE B 244 -2.92 8.63 3.37
CA PHE B 244 -2.64 9.53 4.48
C PHE B 244 -1.49 9.04 5.33
N TRP B 245 -1.44 7.74 5.62
CA TRP B 245 -0.35 7.19 6.40
C TRP B 245 0.95 7.14 5.62
N SER B 246 0.90 6.99 4.30
CA SER B 246 2.10 7.18 3.48
C SER B 246 2.63 8.61 3.61
N ILE B 247 1.73 9.59 3.56
CA ILE B 247 2.15 10.99 3.72
C ILE B 247 2.77 11.20 5.09
N VAL B 248 2.15 10.64 6.12
CA VAL B 248 2.67 10.79 7.49
C VAL B 248 4.05 10.16 7.60
N CYS B 249 4.21 8.94 7.07
CA CYS B 249 5.48 8.24 7.19
C CYS B 249 6.60 8.96 6.46
N MET B 250 6.30 9.58 5.31
CA MET B 250 7.30 10.36 4.62
C MET B 250 7.55 11.73 5.23
N LEU B 251 6.57 12.31 5.93
CA LEU B 251 6.77 13.58 6.60
C LEU B 251 7.46 13.43 7.94
N ILE B 252 7.51 12.22 8.51
CA ILE B 252 8.26 11.98 9.73
C ILE B 252 9.64 11.41 9.45
N SER B 253 10.00 11.21 8.19
CA SER B 253 11.30 10.66 7.81
C SER B 253 12.15 11.81 7.26
N GLY B 254 13.12 12.25 8.05
CA GLY B 254 13.89 13.44 7.77
C GLY B 254 13.43 14.67 8.53
N PRO B 255 12.21 15.17 8.28
CA PRO B 255 11.70 16.28 9.10
C PRO B 255 11.57 15.93 10.57
N VAL B 256 11.32 14.66 10.92
CA VAL B 256 11.12 14.29 12.31
C VAL B 256 12.19 13.29 12.72
N TRP B 257 12.21 12.13 12.09
CA TRP B 257 13.19 11.11 12.44
C TRP B 257 14.41 11.24 11.55
N THR B 258 15.58 11.35 12.17
CA THR B 258 16.84 11.47 11.45
C THR B 258 17.78 10.29 11.71
N LYS B 259 17.33 9.31 12.47
CA LYS B 259 18.13 8.15 12.82
C LYS B 259 17.49 6.89 12.27
N GLY B 260 18.05 5.75 12.61
CA GLY B 260 17.50 4.49 12.17
C GLY B 260 16.08 4.31 12.66
N TRP B 261 15.24 3.71 11.81
CA TRP B 261 13.84 3.49 12.17
C TRP B 261 13.64 2.36 13.17
N PRO B 262 14.43 1.28 13.15
CA PRO B 262 14.24 0.24 14.17
C PRO B 262 14.39 0.73 15.60
N GLU B 263 15.26 1.70 15.87
CA GLU B 263 15.46 2.15 17.24
C GLU B 263 14.36 3.09 17.72
N TRP B 264 13.44 3.49 16.85
CA TRP B 264 12.30 4.27 17.30
C TRP B 264 11.41 3.46 18.24
N TRP B 265 11.42 2.14 18.11
CA TRP B 265 10.59 1.25 18.91
C TRP B 265 11.13 1.05 20.31
N ASN B 266 12.21 1.77 20.68
CA ASN B 266 12.66 1.81 22.05
C ASN B 266 11.64 2.44 22.98
N TRP B 267 10.69 3.21 22.43
CA TRP B 267 9.58 3.70 23.24
C TRP B 267 8.75 2.56 23.78
N TRP B 268 8.64 1.46 23.04
CA TRP B 268 7.91 0.29 23.50
C TRP B 268 8.81 -0.71 24.22
N TYR B 269 10.03 -0.92 23.69
CA TYR B 269 10.95 -1.84 24.36
C TYR B 269 11.35 -1.34 25.74
N GLU B 270 11.59 -0.04 25.87
CA GLU B 270 11.91 0.57 27.15
C GLU B 270 10.81 1.51 27.62
N LEU B 271 9.56 1.11 27.45
CA LEU B 271 8.43 1.84 28.00
C LEU B 271 8.59 1.91 29.53
N PRO B 272 8.27 3.05 30.16
CA PRO B 272 8.51 3.20 31.60
C PRO B 272 7.95 2.09 32.48
N ILE B 273 7.05 1.27 31.94
CA ILE B 273 6.54 0.13 32.71
C ILE B 273 7.66 -0.86 32.99
N TRP B 274 8.48 -1.15 32.00
CA TRP B 274 9.57 -2.11 32.15
C TRP B 274 10.92 -1.48 31.83
N SER C 34 -26.13 -13.78 17.18
CA SER C 34 -26.46 -12.71 16.25
C SER C 34 -26.67 -11.39 16.99
N THR C 35 -25.59 -10.87 17.57
CA THR C 35 -25.66 -9.61 18.29
C THR C 35 -25.59 -8.44 17.31
N LEU C 36 -25.85 -7.24 17.83
CA LEU C 36 -25.80 -6.02 17.05
C LEU C 36 -24.61 -5.16 17.47
N SER C 37 -24.24 -4.23 16.61
CA SER C 37 -23.11 -3.34 16.87
C SER C 37 -23.39 -1.94 16.36
N TYR C 38 -23.62 -1.00 17.28
CA TYR C 38 -23.94 0.37 16.90
C TYR C 38 -22.81 1.03 16.11
N TRP C 39 -21.58 0.86 16.57
CA TRP C 39 -20.45 1.51 15.90
C TRP C 39 -20.25 0.96 14.49
N LEU C 40 -20.36 -0.36 14.33
CA LEU C 40 -20.26 -0.94 13.00
C LEU C 40 -21.51 -0.67 12.17
N GLY C 41 -22.64 -0.39 12.81
CA GLY C 41 -23.84 -0.01 12.10
C GLY C 41 -23.85 1.38 11.54
N LYS C 42 -22.84 2.20 11.88
CA LYS C 42 -22.68 3.53 11.32
C LYS C 42 -21.91 3.51 10.00
N ILE C 43 -20.78 2.79 9.96
CA ILE C 43 -20.07 2.62 8.69
C ILE C 43 -20.84 1.69 7.77
N GLY C 44 -21.42 0.63 8.31
CA GLY C 44 -22.16 -0.33 7.50
C GLY C 44 -23.34 -0.94 8.24
N ASP C 45 -23.49 -2.26 8.14
CA ASP C 45 -24.53 -2.95 8.88
C ASP C 45 -24.10 -3.17 10.32
N ALA C 46 -25.08 -3.46 11.17
CA ALA C 46 -24.86 -3.59 12.61
C ALA C 46 -24.86 -5.03 13.08
N GLN C 47 -25.28 -5.98 12.23
CA GLN C 47 -25.46 -7.37 12.65
C GLN C 47 -24.15 -8.13 12.49
N ILE C 48 -23.70 -8.78 13.56
CA ILE C 48 -22.52 -9.62 13.55
C ILE C 48 -22.92 -11.06 13.79
N GLY C 49 -23.10 -11.82 12.71
CA GLY C 49 -23.45 -13.22 12.82
C GLY C 49 -24.81 -13.53 12.25
N PRO C 50 -25.17 -14.82 12.21
CA PRO C 50 -24.32 -15.93 12.66
C PRO C 50 -23.34 -16.39 11.56
N ILE C 51 -22.27 -17.07 11.96
CA ILE C 51 -21.25 -17.54 11.03
C ILE C 51 -21.40 -19.04 10.83
N TYR C 52 -21.35 -19.46 9.57
CA TYR C 52 -21.44 -20.87 9.20
C TYR C 52 -20.03 -21.41 9.00
N LEU C 53 -19.65 -22.40 9.80
CA LEU C 53 -18.32 -23.00 9.68
C LEU C 53 -18.35 -24.25 8.80
N GLY C 54 -19.20 -25.22 9.15
CA GLY C 54 -19.25 -26.44 8.38
C GLY C 54 -18.07 -27.35 8.66
N ALA C 55 -18.04 -28.47 7.93
CA ALA C 55 -16.98 -29.45 8.10
C ALA C 55 -15.60 -28.89 7.76
N THR C 56 -15.45 -28.29 6.59
CA THR C 56 -14.18 -27.70 6.21
C THR C 56 -13.80 -26.53 7.12
N GLY C 57 -14.79 -25.79 7.62
CA GLY C 57 -14.50 -24.75 8.58
C GLY C 57 -13.94 -25.27 9.89
N ILE C 58 -14.54 -26.33 10.44
CA ILE C 58 -14.01 -26.92 11.67
C ILE C 58 -12.61 -27.48 11.43
N ALA C 59 -12.41 -28.17 10.30
CA ALA C 59 -11.09 -28.71 10.01
C ALA C 59 -10.05 -27.61 9.88
N SER C 60 -10.40 -26.52 9.19
CA SER C 60 -9.48 -25.40 9.05
C SER C 60 -9.17 -24.78 10.41
N LEU C 61 -10.17 -24.64 11.27
CA LEU C 61 -9.90 -24.09 12.59
C LEU C 61 -8.98 -25.00 13.40
N ILE C 62 -9.16 -26.31 13.33
CA ILE C 62 -8.28 -27.22 14.06
C ILE C 62 -6.84 -27.09 13.57
N PHE C 63 -6.66 -27.17 12.25
CA PHE C 63 -5.31 -27.06 11.67
C PHE C 63 -4.67 -25.73 12.03
N GLY C 64 -5.39 -24.63 11.83
CA GLY C 64 -4.90 -23.32 12.13
C GLY C 64 -4.62 -23.06 13.58
N PHE C 65 -5.42 -23.61 14.48
CA PHE C 65 -5.13 -23.47 15.90
C PHE C 65 -3.86 -24.21 16.27
N VAL C 66 -3.64 -25.39 15.67
CA VAL C 66 -2.38 -26.10 15.94
C VAL C 66 -1.20 -25.25 15.47
N ALA C 67 -1.32 -24.66 14.28
CA ALA C 67 -0.25 -23.81 13.77
C ALA C 67 -0.01 -22.61 14.68
N ILE C 68 -1.08 -21.93 15.10
CA ILE C 68 -0.95 -20.74 15.94
C ILE C 68 -0.38 -21.10 17.30
N GLU C 69 -0.79 -22.24 17.85
CA GLU C 69 -0.22 -22.69 19.12
C GLU C 69 1.27 -22.94 19.00
N ILE C 70 1.69 -23.60 17.91
CA ILE C 70 3.12 -23.84 17.70
C ILE C 70 3.87 -22.52 17.65
N ILE C 71 3.38 -21.58 16.83
CA ILE C 71 4.09 -20.31 16.62
C ILE C 71 4.16 -19.53 17.93
N GLY C 72 3.02 -19.38 18.60
CA GLY C 72 2.98 -18.59 19.82
C GLY C 72 3.76 -19.20 20.97
N LEU C 73 3.75 -20.52 21.10
CA LEU C 73 4.52 -21.17 22.15
C LEU C 73 6.01 -21.11 21.88
N ASN C 74 6.42 -21.17 20.62
CA ASN C 74 7.82 -20.92 20.30
C ASN C 74 8.22 -19.48 20.58
N MET C 75 7.34 -18.52 20.31
CA MET C 75 7.61 -17.13 20.68
C MET C 75 7.74 -16.94 22.18
N LEU C 76 6.83 -17.55 22.95
CA LEU C 76 6.87 -17.41 24.40
C LEU C 76 8.07 -18.12 25.01
N ALA C 77 8.47 -19.26 24.45
CA ALA C 77 9.68 -19.95 24.91
C ALA C 77 10.94 -19.18 24.54
N SER C 78 10.90 -18.35 23.51
CA SER C 78 12.08 -17.60 23.10
C SER C 78 12.41 -16.46 24.05
N VAL C 79 11.48 -16.09 24.93
CA VAL C 79 11.75 -15.10 25.97
C VAL C 79 11.75 -15.80 27.31
N ASP C 80 12.03 -17.11 27.30
CA ASP C 80 12.12 -17.92 28.51
C ASP C 80 10.83 -17.86 29.33
N TRP C 81 9.70 -17.92 28.62
CA TRP C 81 8.34 -18.01 29.15
C TRP C 81 7.88 -16.77 29.90
N ASN C 82 8.68 -15.73 29.97
CA ASN C 82 8.28 -14.54 30.72
C ASN C 82 7.26 -13.74 29.94
N PRO C 83 6.04 -13.54 30.46
CA PRO C 83 5.07 -12.71 29.72
C PRO C 83 5.38 -11.24 29.75
N VAL C 84 6.15 -10.75 30.73
CA VAL C 84 6.61 -9.36 30.70
C VAL C 84 7.54 -9.15 29.50
N GLU C 85 8.53 -10.02 29.36
CA GLU C 85 9.41 -9.97 28.19
C GLU C 85 8.67 -10.27 26.90
N PHE C 86 7.64 -11.13 26.95
CA PHE C 86 6.83 -11.37 25.77
C PHE C 86 6.12 -10.10 25.34
N LEU C 87 5.52 -9.37 26.28
CA LEU C 87 4.90 -8.10 25.94
C LEU C 87 5.91 -7.09 25.42
N ARG C 88 7.11 -7.07 26.03
CA ARG C 88 8.15 -6.15 25.58
C ARG C 88 8.56 -6.44 24.15
N GLN C 89 8.75 -7.71 23.80
CA GLN C 89 9.46 -8.08 22.59
C GLN C 89 8.60 -8.76 21.54
N PHE C 90 7.27 -8.78 21.70
CA PHE C 90 6.41 -9.50 20.75
C PHE C 90 6.64 -9.15 19.29
N PRO C 91 6.81 -7.88 18.88
CA PRO C 91 7.12 -7.62 17.47
C PRO C 91 8.42 -8.25 17.01
N TRP C 92 9.42 -8.38 17.88
CA TRP C 92 10.72 -8.93 17.52
C TRP C 92 10.74 -10.45 17.55
N LEU C 93 9.75 -11.10 18.15
CA LEU C 93 9.74 -12.54 18.31
C LEU C 93 9.24 -13.22 17.05
N ALA C 94 9.69 -14.46 16.82
CA ALA C 94 9.25 -15.22 15.66
C ALA C 94 9.48 -16.71 15.88
N LEU C 95 8.87 -17.50 15.01
CA LEU C 95 9.22 -18.90 14.80
C LEU C 95 10.11 -18.96 13.55
N GLU C 96 11.30 -19.50 13.70
CA GLU C 96 12.26 -19.25 12.63
C GLU C 96 12.44 -20.48 11.75
N PRO C 97 12.58 -20.28 10.44
CA PRO C 97 12.75 -21.40 9.52
C PRO C 97 14.06 -22.14 9.77
N PRO C 98 14.21 -23.34 9.21
CA PRO C 98 15.49 -24.04 9.34
C PRO C 98 16.61 -23.24 8.69
N GLY C 99 17.83 -23.45 9.19
CA GLY C 99 18.99 -22.85 8.59
C GLY C 99 19.34 -23.51 7.28
N PRO C 100 20.23 -22.86 6.52
CA PRO C 100 20.64 -23.42 5.23
C PRO C 100 21.36 -24.75 5.35
N GLU C 101 21.90 -25.08 6.52
CA GLU C 101 22.59 -26.34 6.72
C GLU C 101 21.65 -27.55 6.67
N HIS C 102 20.34 -27.33 6.74
CA HIS C 102 19.37 -28.42 6.69
C HIS C 102 18.82 -28.66 5.29
N GLY C 103 18.95 -27.71 4.38
CA GLY C 103 18.42 -27.89 3.05
C GLY C 103 16.91 -28.05 3.06
N LEU C 104 16.41 -28.93 2.21
CA LEU C 104 15.00 -29.27 2.16
C LEU C 104 14.70 -30.57 2.88
N ARG C 105 15.39 -30.81 3.99
CA ARG C 105 15.06 -31.92 4.87
C ARG C 105 13.58 -31.86 5.22
N ALA C 106 12.88 -32.98 5.03
CA ALA C 106 11.43 -32.98 5.12
C ALA C 106 10.98 -32.51 6.50
N MET C 107 11.64 -33.02 7.54
CA MET C 107 11.33 -32.63 8.91
C MET C 107 12.65 -32.44 9.66
N PRO C 108 13.15 -31.21 9.74
CA PRO C 108 14.39 -30.96 10.49
C PRO C 108 14.17 -31.17 11.97
N PRO C 109 15.24 -31.15 12.78
CA PRO C 109 15.05 -31.17 14.23
C PRO C 109 14.14 -30.05 14.69
N LEU C 110 13.38 -30.28 15.76
CA LEU C 110 12.32 -29.34 16.13
C LEU C 110 12.87 -27.94 16.35
N ASN C 111 13.78 -27.77 17.31
CA ASN C 111 14.33 -26.47 17.66
C ASN C 111 15.35 -25.97 16.65
N GLU C 112 15.42 -26.57 15.47
CA GLU C 112 16.28 -26.09 14.40
C GLU C 112 15.50 -25.82 13.12
N GLY C 113 14.20 -25.56 13.23
CA GLY C 113 13.34 -25.34 12.08
C GLY C 113 12.21 -26.33 11.94
N GLY C 114 12.19 -27.41 12.73
CA GLY C 114 11.09 -28.35 12.63
C GLY C 114 9.77 -27.76 13.09
N TRP C 115 9.82 -26.93 14.14
CA TRP C 115 8.62 -26.21 14.56
C TRP C 115 8.11 -25.31 13.45
N TRP C 116 9.01 -24.63 12.73
CA TRP C 116 8.58 -23.80 11.61
C TRP C 116 7.95 -24.64 10.52
N VAL C 117 8.54 -25.79 10.19
CA VAL C 117 7.99 -26.63 9.15
C VAL C 117 6.60 -27.14 9.54
N MET C 118 6.42 -27.56 10.80
CA MET C 118 5.11 -27.98 11.26
C MET C 118 4.10 -26.85 11.21
N ALA C 119 4.48 -25.66 11.68
CA ALA C 119 3.57 -24.53 11.65
C ALA C 119 3.19 -24.16 10.23
N GLY C 120 4.14 -24.19 9.30
CA GLY C 120 3.83 -23.96 7.91
C GLY C 120 2.91 -24.99 7.32
N PHE C 121 3.12 -26.28 7.62
CA PHE C 121 2.24 -27.32 7.13
C PHE C 121 0.81 -27.13 7.64
N PHE C 122 0.67 -26.89 8.95
CA PHE C 122 -0.66 -26.76 9.53
C PHE C 122 -1.35 -25.49 9.05
N LEU C 123 -0.61 -24.38 8.91
CA LEU C 123 -1.18 -23.17 8.36
C LEU C 123 -1.61 -23.35 6.91
N THR C 124 -0.79 -24.04 6.11
CA THR C 124 -1.16 -24.29 4.72
C THR C 124 -2.41 -25.15 4.63
N ALA C 125 -2.49 -26.19 5.47
CA ALA C 125 -3.67 -27.04 5.47
C ALA C 125 -4.91 -26.25 5.88
N SER C 126 -4.79 -25.41 6.91
CA SER C 126 -5.92 -24.59 7.33
C SER C 126 -6.34 -23.59 6.27
N ILE C 127 -5.37 -22.95 5.60
CA ILE C 127 -5.67 -22.01 4.53
C ILE C 127 -6.34 -22.69 3.33
N LEU C 128 -5.85 -23.86 2.92
CA LEU C 128 -6.48 -24.62 1.85
C LEU C 128 -7.88 -25.09 2.20
N LEU C 129 -8.09 -25.58 3.43
CA LEU C 129 -9.42 -25.93 3.89
C LEU C 129 -10.35 -24.73 3.97
N TRP C 130 -9.83 -23.55 4.33
CA TRP C 130 -10.60 -22.32 4.29
C TRP C 130 -10.96 -21.90 2.87
N TRP C 131 -10.06 -22.12 1.91
CA TRP C 131 -10.40 -21.87 0.51
C TRP C 131 -11.52 -22.79 0.05
N VAL C 132 -11.43 -24.07 0.41
CA VAL C 132 -12.52 -25.00 0.08
C VAL C 132 -13.81 -24.55 0.75
N ARG C 133 -13.71 -24.05 1.98
CA ARG C 133 -14.87 -23.53 2.69
C ARG C 133 -15.51 -22.36 1.95
N THR C 134 -14.70 -21.42 1.47
CA THR C 134 -15.25 -20.28 0.73
C THR C 134 -15.88 -20.72 -0.58
N TRP C 135 -15.23 -21.64 -1.29
CA TRP C 135 -15.82 -22.19 -2.52
C TRP C 135 -17.16 -22.84 -2.24
N GLN C 136 -17.24 -23.65 -1.18
CA GLN C 136 -18.49 -24.30 -0.81
C GLN C 136 -19.55 -23.31 -0.37
N ARG C 137 -19.18 -22.26 0.36
CA ARG C 137 -20.16 -21.26 0.77
C ARG C 137 -20.72 -20.54 -0.45
N ALA C 138 -19.88 -20.24 -1.43
CA ALA C 138 -20.38 -19.67 -2.68
C ALA C 138 -21.33 -20.64 -3.38
N LYS C 139 -20.98 -21.92 -3.42
CA LYS C 139 -21.82 -22.89 -4.12
C LYS C 139 -23.19 -23.08 -3.43
N ASP C 140 -23.21 -23.20 -2.11
CA ASP C 140 -24.45 -23.46 -1.39
C ASP C 140 -25.42 -22.28 -1.41
N LEU C 141 -24.92 -21.07 -1.65
CA LEU C 141 -25.76 -19.89 -1.74
C LEU C 141 -26.21 -19.62 -3.18
N GLY C 142 -25.84 -20.49 -4.12
CA GLY C 142 -26.18 -20.27 -5.50
C GLY C 142 -25.36 -19.19 -6.16
N MET C 143 -24.32 -18.70 -5.49
CA MET C 143 -23.51 -17.60 -5.98
C MET C 143 -22.32 -18.13 -6.76
N GLY C 144 -21.71 -17.25 -7.54
CA GLY C 144 -20.51 -17.62 -8.26
C GLY C 144 -19.32 -17.75 -7.33
N THR C 145 -18.32 -18.50 -7.80
CA THR C 145 -17.10 -18.71 -7.03
C THR C 145 -16.00 -17.75 -7.47
N HIS C 146 -16.26 -16.46 -7.31
CA HIS C 146 -15.28 -15.43 -7.65
C HIS C 146 -14.39 -15.05 -6.48
N ILE C 147 -14.95 -14.98 -5.28
CA ILE C 147 -14.13 -14.73 -4.09
C ILE C 147 -13.18 -15.88 -3.84
N ALA C 148 -13.61 -17.12 -4.09
CA ALA C 148 -12.73 -18.27 -3.92
C ALA C 148 -11.54 -18.19 -4.88
N TRP C 149 -11.79 -17.82 -6.14
CA TRP C 149 -10.69 -17.76 -7.09
C TRP C 149 -9.86 -16.49 -6.96
N ALA C 150 -10.36 -15.46 -6.28
CA ALA C 150 -9.51 -14.36 -5.85
C ALA C 150 -8.64 -14.72 -4.66
N PHE C 151 -9.16 -15.52 -3.73
CA PHE C 151 -8.38 -16.09 -2.65
C PHE C 151 -7.33 -17.07 -3.15
N ALA C 152 -7.61 -17.75 -4.26
CA ALA C 152 -6.63 -18.67 -4.84
C ALA C 152 -5.36 -17.95 -5.27
N SER C 153 -5.47 -16.71 -5.74
CA SER C 153 -4.28 -15.95 -6.11
C SER C 153 -3.42 -15.64 -4.90
N ALA C 154 -4.04 -15.20 -3.80
CA ALA C 154 -3.30 -14.95 -2.57
C ALA C 154 -2.69 -16.23 -2.02
N ILE C 155 -3.42 -17.34 -2.12
CA ILE C 155 -2.88 -18.63 -1.69
C ILE C 155 -1.69 -19.03 -2.55
N PHE C 156 -1.76 -18.75 -3.85
CA PHE C 156 -0.64 -19.03 -4.74
C PHE C 156 0.59 -18.24 -4.32
N PHE C 157 0.41 -16.95 -4.02
CA PHE C 157 1.54 -16.15 -3.56
C PHE C 157 2.10 -16.68 -2.24
N TYR C 158 1.21 -17.01 -1.31
CA TYR C 158 1.64 -17.53 -0.01
C TYR C 158 2.40 -18.84 -0.16
N LEU C 159 1.91 -19.72 -1.01
CA LEU C 159 2.58 -20.98 -1.30
C LEU C 159 3.93 -20.79 -1.98
N VAL C 160 4.03 -19.87 -2.94
CA VAL C 160 5.33 -19.57 -3.52
C VAL C 160 6.28 -19.06 -2.46
N LEU C 161 5.80 -18.20 -1.56
CA LEU C 161 6.65 -17.63 -0.52
C LEU C 161 7.18 -18.71 0.41
N GLY C 162 6.33 -19.66 0.80
CA GLY C 162 6.72 -20.58 1.84
C GLY C 162 7.15 -21.98 1.43
N PHE C 163 6.49 -22.56 0.43
CA PHE C 163 6.71 -23.96 0.07
C PHE C 163 7.32 -24.12 -1.31
N ILE C 164 6.70 -23.57 -2.36
CA ILE C 164 7.09 -23.93 -3.72
C ILE C 164 8.51 -23.45 -4.04
N ARG C 165 8.81 -22.19 -3.75
CA ARG C 165 10.15 -21.69 -4.03
C ARG C 165 11.22 -22.37 -3.19
N PRO C 166 11.05 -22.59 -1.88
CA PRO C 166 12.04 -23.39 -1.14
C PRO C 166 12.25 -24.79 -1.70
N VAL C 167 11.21 -25.42 -2.25
CA VAL C 167 11.38 -26.74 -2.84
C VAL C 167 12.28 -26.67 -4.07
N MET C 168 12.03 -25.71 -4.96
CA MET C 168 12.86 -25.58 -6.16
C MET C 168 14.29 -25.21 -5.80
N LEU C 169 14.47 -24.30 -4.85
CA LEU C 169 15.79 -23.93 -4.38
C LEU C 169 16.37 -24.91 -3.38
N GLY C 170 15.59 -25.89 -2.94
CA GLY C 170 16.08 -26.93 -2.06
C GLY C 170 16.54 -26.45 -0.71
N SER C 171 15.84 -25.49 -0.11
CA SER C 171 16.26 -24.93 1.17
C SER C 171 15.06 -24.31 1.85
N TRP C 172 14.70 -24.83 3.03
CA TRP C 172 13.67 -24.22 3.85
C TRP C 172 14.03 -22.82 4.31
N SER C 173 15.33 -22.50 4.35
CA SER C 173 15.83 -21.23 4.86
C SER C 173 15.38 -20.03 4.04
N GLU C 174 14.92 -20.23 2.81
CA GLU C 174 14.49 -19.15 1.95
C GLU C 174 13.04 -18.73 2.19
N ALA C 175 12.45 -19.19 3.25
CA ALA C 175 11.06 -18.94 3.56
C ALA C 175 10.92 -17.93 4.71
N PRO C 176 9.84 -17.16 4.72
CA PRO C 176 9.69 -16.09 5.73
C PRO C 176 9.51 -16.66 7.12
N PRO C 177 10.01 -15.98 8.14
CA PRO C 177 9.72 -16.39 9.52
C PRO C 177 8.31 -16.00 9.91
N PHE C 178 7.82 -16.64 10.99
CA PHE C 178 6.51 -16.32 11.54
C PHE C 178 6.70 -15.27 12.63
N GLY C 179 6.85 -14.02 12.22
CA GLY C 179 7.08 -12.94 13.17
C GLY C 179 6.80 -11.60 12.53
N ILE C 180 6.62 -10.60 13.39
CA ILE C 180 6.19 -9.28 12.95
C ILE C 180 7.37 -8.53 12.34
N PHE C 181 8.38 -8.22 13.15
CA PHE C 181 9.58 -7.59 12.60
C PHE C 181 10.42 -8.59 11.81
N PRO C 182 10.53 -9.86 12.19
CA PRO C 182 11.29 -10.81 11.37
C PRO C 182 10.83 -10.95 9.92
N HIS C 183 9.54 -10.88 9.60
CA HIS C 183 9.25 -11.08 8.17
C HIS C 183 9.53 -9.81 7.38
N LEU C 184 9.53 -8.64 8.03
CA LEU C 184 10.10 -7.43 7.45
C LEU C 184 11.61 -7.54 7.23
N ASP C 185 12.34 -8.11 8.19
CA ASP C 185 13.76 -8.37 7.97
C ASP C 185 13.96 -9.32 6.80
N TRP C 186 13.14 -10.36 6.71
CA TRP C 186 13.21 -11.29 5.58
C TRP C 186 12.92 -10.57 4.27
N THR C 187 11.93 -9.68 4.26
CA THR C 187 11.60 -8.89 3.08
C THR C 187 12.81 -8.08 2.62
N ALA C 188 13.41 -7.32 3.54
CA ALA C 188 14.55 -6.48 3.21
C ALA C 188 15.74 -7.32 2.75
N ALA C 189 16.02 -8.42 3.44
CA ALA C 189 17.15 -9.28 3.09
C ALA C 189 16.93 -10.04 1.79
N PHE C 190 15.68 -10.35 1.45
CA PHE C 190 15.37 -10.94 0.17
C PHE C 190 15.61 -9.93 -0.95
N SER C 191 15.21 -8.68 -0.75
CA SER C 191 15.50 -7.66 -1.75
C SER C 191 16.99 -7.45 -1.90
N ILE C 192 17.73 -7.46 -0.80
CA ILE C 192 19.17 -7.21 -0.84
C ILE C 192 19.91 -8.38 -1.47
N ARG C 193 19.50 -9.61 -1.14
CA ARG C 193 20.20 -10.81 -1.61
C ARG C 193 20.17 -10.93 -3.12
N TYR C 194 19.04 -10.58 -3.74
CA TYR C 194 18.87 -10.74 -5.18
C TYR C 194 19.00 -9.41 -5.93
N GLY C 195 19.74 -8.47 -5.36
CA GLY C 195 20.11 -7.27 -6.08
C GLY C 195 18.97 -6.31 -6.36
N ASN C 196 18.44 -5.67 -5.32
CA ASN C 196 17.46 -4.60 -5.50
C ASN C 196 16.20 -5.06 -6.23
N LEU C 197 15.33 -5.78 -5.53
CA LEU C 197 14.08 -6.26 -6.08
C LEU C 197 13.23 -5.18 -6.75
N TYR C 198 13.60 -3.91 -6.60
CA TYR C 198 13.01 -2.86 -7.42
C TYR C 198 13.21 -3.11 -8.90
N TYR C 199 14.25 -3.84 -9.27
CA TYR C 199 14.60 -4.13 -10.64
C TYR C 199 13.99 -5.44 -11.13
N ASN C 200 13.18 -6.09 -10.31
CA ASN C 200 12.41 -7.25 -10.73
C ASN C 200 11.19 -6.77 -11.51
N PRO C 201 11.07 -7.08 -12.80
CA PRO C 201 9.92 -6.57 -13.57
C PRO C 201 8.58 -7.02 -13.04
N PHE C 202 8.49 -8.22 -12.48
CA PHE C 202 7.26 -8.67 -11.85
C PHE C 202 7.01 -8.01 -10.51
N HIS C 203 8.06 -7.61 -9.79
CA HIS C 203 7.85 -6.75 -8.64
C HIS C 203 7.30 -5.39 -9.07
N MET C 204 7.81 -4.85 -10.17
CA MET C 204 7.27 -3.60 -10.69
C MET C 204 5.80 -3.75 -11.06
N LEU C 205 5.46 -4.86 -11.72
CA LEU C 205 4.08 -5.12 -12.10
C LEU C 205 3.20 -5.31 -10.87
N SER C 206 3.67 -6.02 -9.86
CA SER C 206 2.88 -6.22 -8.66
C SER C 206 2.65 -4.91 -7.92
N ILE C 207 3.67 -4.04 -7.88
CA ILE C 207 3.50 -2.72 -7.29
C ILE C 207 2.51 -1.89 -8.10
N ALA C 208 2.59 -1.97 -9.43
CA ALA C 208 1.64 -1.28 -10.28
C ALA C 208 0.22 -1.76 -10.00
N PHE C 209 0.05 -3.07 -9.80
CA PHE C 209 -1.26 -3.63 -9.53
C PHE C 209 -1.77 -3.34 -8.12
N LEU C 210 -0.89 -3.23 -7.12
CA LEU C 210 -1.32 -2.80 -5.80
C LEU C 210 -1.72 -1.33 -5.79
N TYR C 211 -0.91 -0.47 -6.40
CA TYR C 211 -1.29 0.92 -6.58
C TYR C 211 -2.59 1.05 -7.37
N GLY C 212 -2.77 0.21 -8.39
CA GLY C 212 -4.01 0.22 -9.14
C GLY C 212 -5.19 -0.32 -8.37
N SER C 213 -4.96 -1.28 -7.47
CA SER C 213 -6.03 -1.73 -6.59
C SER C 213 -6.50 -0.60 -5.70
N ALA C 214 -5.58 0.10 -5.06
CA ALA C 214 -5.95 1.27 -4.28
C ALA C 214 -6.61 2.36 -5.12
N LEU C 215 -6.05 2.64 -6.30
CA LEU C 215 -6.64 3.63 -7.21
C LEU C 215 -8.06 3.25 -7.61
N ILE C 216 -8.25 2.03 -8.11
CA ILE C 216 -9.54 1.59 -8.59
C ILE C 216 -10.56 1.55 -7.46
N PHE C 217 -10.12 1.14 -6.26
CA PHE C 217 -11.08 0.99 -5.18
C PHE C 217 -11.47 2.34 -4.60
N ALA C 218 -10.53 3.31 -4.57
CA ALA C 218 -10.90 4.68 -4.23
C ALA C 218 -11.84 5.27 -5.30
N MET C 219 -11.51 5.08 -6.57
CA MET C 219 -12.38 5.51 -7.65
C MET C 219 -13.79 4.96 -7.50
N HIS C 220 -13.90 3.65 -7.27
CA HIS C 220 -15.20 3.00 -7.23
C HIS C 220 -15.98 3.40 -5.98
N GLY C 221 -15.31 3.46 -4.82
CA GLY C 221 -15.98 3.89 -3.62
C GLY C 221 -16.49 5.32 -3.74
N ALA C 222 -15.67 6.22 -4.26
CA ALA C 222 -16.09 7.60 -4.44
C ALA C 222 -17.20 7.73 -5.48
N THR C 223 -17.13 6.95 -6.56
CA THR C 223 -18.17 7.00 -7.58
C THR C 223 -19.50 6.50 -7.04
N ILE C 224 -19.50 5.37 -6.35
CA ILE C 224 -20.74 4.82 -5.81
C ILE C 224 -21.29 5.71 -4.70
N LEU C 225 -20.43 6.30 -3.87
CA LEU C 225 -20.90 7.25 -2.88
C LEU C 225 -21.47 8.52 -3.50
N SER C 226 -20.91 8.94 -4.64
CA SER C 226 -21.41 10.13 -5.31
C SER C 226 -22.76 9.91 -5.98
N VAL C 227 -23.04 8.69 -6.43
CA VAL C 227 -24.33 8.34 -7.01
C VAL C 227 -25.19 7.60 -6.01
N SER C 228 -24.83 7.63 -4.72
CA SER C 228 -25.67 7.03 -3.69
C SER C 228 -26.97 7.80 -3.51
N ARG C 229 -26.97 9.10 -3.86
CA ARG C 229 -28.21 9.86 -3.92
C ARG C 229 -29.15 9.38 -5.01
N LEU C 230 -28.66 8.57 -5.95
CA LEU C 230 -29.46 8.05 -7.03
C LEU C 230 -29.68 6.55 -6.95
N GLY C 231 -29.35 5.93 -5.82
CA GLY C 231 -29.49 4.50 -5.67
C GLY C 231 -28.34 3.68 -6.20
N GLY C 232 -27.14 4.27 -6.29
CA GLY C 232 -26.01 3.58 -6.87
C GLY C 232 -25.38 2.51 -6.01
N ASP C 233 -25.64 2.50 -4.71
CA ASP C 233 -25.06 1.46 -3.85
C ASP C 233 -25.71 0.11 -4.12
N ARG C 234 -26.92 0.09 -4.65
CA ARG C 234 -27.60 -1.15 -5.02
C ARG C 234 -27.15 -1.57 -6.42
N GLU C 235 -25.90 -2.03 -6.48
CA GLU C 235 -25.23 -2.23 -7.77
C GLU C 235 -25.80 -3.40 -8.56
N VAL C 236 -26.09 -4.52 -7.90
CA VAL C 236 -26.62 -5.67 -8.62
C VAL C 236 -28.00 -5.38 -9.21
N GLU C 237 -28.81 -4.57 -8.53
CA GLU C 237 -30.06 -4.11 -9.12
C GLU C 237 -29.81 -3.17 -10.30
N GLN C 238 -28.73 -2.39 -10.25
CA GLN C 238 -28.31 -1.56 -11.37
C GLN C 238 -27.73 -2.37 -12.52
N ILE C 239 -27.22 -3.58 -12.25
CA ILE C 239 -26.66 -4.41 -13.30
C ILE C 239 -27.76 -4.99 -14.19
N THR C 240 -28.81 -5.54 -13.59
CA THR C 240 -29.92 -6.13 -14.34
C THR C 240 -30.96 -5.10 -14.74
N ASP C 241 -30.92 -3.89 -14.18
CA ASP C 241 -31.83 -2.83 -14.56
C ASP C 241 -31.13 -1.49 -14.42
N ARG C 242 -30.55 -1.00 -15.51
CA ARG C 242 -29.73 0.20 -15.46
C ARG C 242 -30.57 1.41 -15.09
N GLY C 243 -30.12 2.14 -14.07
CA GLY C 243 -30.78 3.35 -13.63
C GLY C 243 -29.97 4.58 -13.94
N THR C 244 -30.44 5.75 -13.53
CA THR C 244 -29.69 6.97 -13.80
C THR C 244 -28.40 7.02 -13.00
N ALA C 245 -28.32 6.27 -11.89
CA ALA C 245 -27.08 6.21 -11.12
C ALA C 245 -25.97 5.56 -11.93
N ALA C 246 -26.24 4.41 -12.55
CA ALA C 246 -25.24 3.75 -13.37
C ALA C 246 -24.87 4.58 -14.59
N GLU C 247 -25.86 5.22 -15.23
CA GLU C 247 -25.60 6.06 -16.38
C GLU C 247 -24.71 7.25 -16.02
N ARG C 248 -25.00 7.93 -14.91
CA ARG C 248 -24.20 9.08 -14.51
C ARG C 248 -22.82 8.64 -14.03
N ALA C 249 -22.72 7.49 -13.36
CA ALA C 249 -21.41 6.97 -12.98
C ALA C 249 -20.56 6.67 -14.21
N ALA C 250 -21.16 6.07 -15.24
CA ALA C 250 -20.43 5.82 -16.48
C ALA C 250 -20.04 7.12 -17.17
N LEU C 251 -20.96 8.09 -17.23
CA LEU C 251 -20.68 9.33 -17.94
C LEU C 251 -19.67 10.22 -17.23
N PHE C 252 -19.61 10.18 -15.90
CA PHE C 252 -18.57 10.93 -15.20
C PHE C 252 -17.18 10.50 -15.68
N TRP C 253 -16.94 9.19 -15.70
CA TRP C 253 -15.63 8.69 -16.11
C TRP C 253 -15.41 8.80 -17.61
N ARG C 254 -16.48 8.71 -18.41
CA ARG C 254 -16.33 8.93 -19.85
C ARG C 254 -15.91 10.37 -20.13
N TRP C 255 -16.53 11.33 -19.45
CA TRP C 255 -16.18 12.73 -19.65
C TRP C 255 -14.85 13.10 -19.00
N THR C 256 -14.43 12.35 -17.98
CA THR C 256 -13.15 12.60 -17.33
C THR C 256 -11.97 12.04 -18.12
N MET C 257 -12.00 10.75 -18.44
CA MET C 257 -10.87 10.10 -19.06
C MET C 257 -11.16 9.44 -20.41
N GLY C 258 -12.32 9.71 -21.01
CA GLY C 258 -12.60 9.26 -22.35
C GLY C 258 -13.20 7.88 -22.47
N PHE C 259 -13.18 7.09 -21.40
CA PHE C 259 -13.75 5.75 -21.43
C PHE C 259 -14.30 5.42 -20.05
N ASN C 260 -15.14 4.39 -20.01
CA ASN C 260 -15.85 4.03 -18.79
C ASN C 260 -16.10 2.54 -18.78
N ALA C 261 -16.63 2.05 -17.67
CA ALA C 261 -17.06 0.67 -17.51
C ALA C 261 -18.57 0.65 -17.28
N THR C 262 -19.09 -0.53 -16.97
CA THR C 262 -20.47 -0.68 -16.56
C THR C 262 -20.53 -0.95 -15.06
N MET C 263 -21.75 -1.06 -14.54
CA MET C 263 -21.90 -1.30 -13.11
C MET C 263 -21.33 -2.64 -12.69
N GLU C 264 -21.31 -3.61 -13.60
CA GLU C 264 -20.71 -4.91 -13.32
C GLU C 264 -19.25 -5.00 -13.77
N SER C 265 -18.86 -4.35 -14.80
CA SER C 265 -17.51 -4.46 -15.32
C SER C 265 -16.49 -3.82 -14.47
N ILE C 266 -16.80 -2.76 -13.78
CA ILE C 266 -15.85 -2.19 -12.84
C ILE C 266 -15.45 -3.18 -11.75
N HIS C 267 -16.36 -4.06 -11.36
CA HIS C 267 -16.04 -5.11 -10.40
C HIS C 267 -15.13 -6.17 -10.98
N ARG C 268 -15.28 -6.51 -12.26
CA ARG C 268 -14.28 -7.34 -12.91
C ARG C 268 -12.93 -6.65 -13.00
N TRP C 269 -12.93 -5.34 -13.28
CA TRP C 269 -11.68 -4.58 -13.28
C TRP C 269 -10.98 -4.69 -11.93
N GLY C 270 -11.70 -4.42 -10.85
CA GLY C 270 -11.15 -4.51 -9.51
C GLY C 270 -10.72 -5.90 -9.12
N TRP C 271 -11.53 -6.90 -9.46
CA TRP C 271 -11.20 -8.29 -9.17
C TRP C 271 -9.90 -8.69 -9.85
N TRP C 272 -9.76 -8.38 -11.15
CA TRP C 272 -8.55 -8.74 -11.87
C TRP C 272 -7.35 -7.96 -11.36
N CYS C 273 -7.54 -6.68 -11.02
CA CYS C 273 -6.44 -5.88 -10.50
C CYS C 273 -5.94 -6.44 -9.17
N ALA C 274 -6.85 -6.89 -8.31
CA ALA C 274 -6.45 -7.47 -7.04
C ALA C 274 -5.80 -8.84 -7.23
N VAL C 275 -6.32 -9.64 -8.17
CA VAL C 275 -5.73 -10.96 -8.43
C VAL C 275 -4.31 -10.82 -8.98
N PHE C 276 -4.09 -9.92 -9.93
CA PHE C 276 -2.78 -9.69 -10.51
C PHE C 276 -1.73 -9.27 -9.50
N VAL C 277 -2.11 -8.60 -8.41
CA VAL C 277 -1.13 -8.26 -7.37
C VAL C 277 -0.39 -9.51 -6.92
N THR C 278 -1.11 -10.46 -6.34
CA THR C 278 -0.53 -11.70 -5.85
C THR C 278 -0.06 -12.62 -6.96
N LEU C 279 -0.68 -12.60 -8.13
CA LEU C 279 -0.18 -13.42 -9.24
C LEU C 279 1.21 -12.98 -9.68
N THR C 280 1.41 -11.68 -9.92
CA THR C 280 2.73 -11.17 -10.25
C THR C 280 3.70 -11.29 -9.08
N ALA C 281 3.20 -11.19 -7.85
CA ALA C 281 4.07 -11.39 -6.70
C ALA C 281 4.63 -12.81 -6.67
N GLY C 282 3.76 -13.81 -6.84
CA GLY C 282 4.23 -15.17 -6.93
C GLY C 282 5.16 -15.40 -8.11
N LEU C 283 4.83 -14.82 -9.26
CA LEU C 283 5.68 -14.96 -10.43
C LEU C 283 7.06 -14.35 -10.24
N GLY C 284 7.15 -13.21 -9.57
CA GLY C 284 8.42 -12.56 -9.35
C GLY C 284 9.22 -13.17 -8.23
N ILE C 285 8.55 -13.88 -7.32
CA ILE C 285 9.28 -14.62 -6.30
C ILE C 285 9.75 -15.98 -6.82
N LEU C 286 8.98 -16.58 -7.74
CA LEU C 286 9.44 -17.82 -8.37
C LEU C 286 10.74 -17.61 -9.12
N LEU C 287 10.86 -16.47 -9.81
CA LEU C 287 11.99 -16.20 -10.69
C LEU C 287 13.23 -15.74 -9.94
N SER C 288 13.14 -15.44 -8.66
CA SER C 288 14.26 -14.92 -7.88
C SER C 288 15.08 -16.08 -7.35
N GLY C 289 16.31 -16.20 -7.82
CA GLY C 289 17.22 -17.27 -7.43
C GLY C 289 17.13 -18.50 -8.29
N THR C 290 15.99 -18.69 -8.96
CA THR C 290 15.82 -19.86 -9.81
C THR C 290 16.29 -19.59 -11.23
N VAL C 291 15.94 -18.45 -11.80
CA VAL C 291 16.35 -18.11 -13.16
C VAL C 291 17.11 -16.78 -13.17
N VAL C 292 16.87 -15.94 -12.17
CA VAL C 292 17.57 -14.68 -12.03
C VAL C 292 18.13 -14.59 -10.62
N ASP C 293 19.42 -14.28 -10.51
CA ASP C 293 20.09 -14.23 -9.22
C ASP C 293 20.45 -12.81 -8.81
N ASN C 294 20.61 -11.90 -9.77
CA ASN C 294 20.81 -10.48 -9.53
C ASN C 294 19.85 -9.71 -10.42
N TRP C 295 18.90 -9.00 -9.80
CA TRP C 295 17.89 -8.28 -10.56
C TRP C 295 18.40 -6.97 -11.12
N TYR C 296 19.26 -6.26 -10.38
CA TYR C 296 19.84 -5.03 -10.91
C TYR C 296 20.70 -5.31 -12.14
N LEU C 297 21.50 -6.36 -12.09
CA LEU C 297 22.30 -6.74 -13.25
C LEU C 297 21.43 -7.26 -14.39
N TRP C 298 20.31 -7.90 -14.07
CA TRP C 298 19.34 -8.27 -15.10
C TRP C 298 18.81 -7.04 -15.82
N ALA C 299 18.46 -5.99 -15.07
CA ALA C 299 18.02 -4.73 -15.65
C ALA C 299 19.13 -4.03 -16.43
N VAL C 300 20.38 -4.15 -15.96
CA VAL C 300 21.51 -3.59 -16.70
C VAL C 300 21.66 -4.29 -18.05
N LYS C 301 21.52 -5.61 -18.08
CA LYS C 301 21.61 -6.35 -19.33
C LYS C 301 20.51 -5.93 -20.31
N HIS C 302 19.31 -5.68 -19.79
CA HIS C 302 18.14 -5.38 -20.61
C HIS C 302 17.89 -3.89 -20.77
N GLY C 303 18.85 -3.04 -20.39
CA GLY C 303 18.71 -1.61 -20.56
C GLY C 303 17.60 -0.99 -19.74
N VAL C 304 17.44 -1.43 -18.50
CA VAL C 304 16.40 -0.90 -17.63
C VAL C 304 16.98 -0.06 -16.48
N ALA C 305 18.13 -0.44 -15.94
CA ALA C 305 18.70 0.27 -14.81
C ALA C 305 19.26 1.62 -15.26
N PRO C 306 18.88 2.73 -14.62
CA PRO C 306 19.47 4.02 -14.97
C PRO C 306 20.96 4.05 -14.67
N THR C 307 21.70 4.78 -15.50
CA THR C 307 23.12 5.01 -15.29
C THR C 307 23.31 6.44 -14.80
N TYR C 308 24.05 6.58 -13.70
CA TYR C 308 24.24 7.91 -13.15
C TYR C 308 25.67 8.40 -13.39
N PRO C 309 25.87 9.71 -13.51
CA PRO C 309 27.23 10.22 -13.68
C PRO C 309 28.15 9.81 -12.54
N ASP C 310 29.38 9.44 -12.86
CA ASP C 310 30.30 8.93 -11.84
C ASP C 310 30.79 10.07 -10.96
N VAL C 311 30.19 10.22 -9.78
CA VAL C 311 30.59 11.25 -8.85
C VAL C 311 31.85 10.85 -8.08
N PHE C 312 32.10 9.55 -7.94
CA PHE C 312 33.23 9.02 -7.19
C PHE C 312 34.20 8.40 -8.18
N PRO C 313 35.12 9.17 -8.77
CA PRO C 313 35.81 8.70 -9.98
C PRO C 313 36.77 7.54 -9.75
N GLY C 314 37.41 7.45 -8.59
CA GLY C 314 38.47 6.46 -8.45
C GLY C 314 38.23 5.37 -7.43
N VAL C 315 36.98 4.95 -7.28
CA VAL C 315 36.63 3.93 -6.30
C VAL C 315 36.54 2.58 -7.01
N THR C 316 37.33 1.61 -6.55
CA THR C 316 37.35 0.27 -7.09
C THR C 316 37.24 -0.73 -5.95
N ASP C 317 37.11 -2.00 -6.31
CA ASP C 317 37.03 -3.06 -5.31
C ASP C 317 38.40 -3.29 -4.70
N PRO C 318 38.56 -3.15 -3.38
CA PRO C 318 39.87 -3.39 -2.75
C PRO C 318 40.23 -4.86 -2.67
N ALA C 319 39.29 -5.78 -2.90
CA ALA C 319 39.55 -7.20 -2.86
C ALA C 319 39.84 -7.78 -4.23
N ALA C 320 39.89 -6.95 -5.26
CA ALA C 320 40.13 -7.41 -6.62
C ALA C 320 41.60 -7.33 -6.98
N MET D 1 25.66 -20.81 -16.74
CA MET D 1 24.39 -20.09 -16.63
C MET D 1 23.27 -21.08 -16.33
N ILE D 2 22.15 -20.58 -15.83
CA ILE D 2 21.00 -21.41 -15.51
C ILE D 2 19.77 -21.00 -16.30
N GLY D 3 19.32 -19.75 -16.14
CA GLY D 3 18.06 -19.34 -16.74
C GLY D 3 18.19 -18.58 -18.03
N ASP D 4 19.10 -19.00 -18.91
CA ASP D 4 19.41 -18.28 -20.13
C ASP D 4 18.98 -19.06 -21.36
N PHE D 5 18.46 -18.33 -22.36
CA PHE D 5 18.25 -18.88 -23.69
C PHE D 5 19.33 -18.45 -24.67
N SER D 6 19.99 -17.33 -24.41
CA SER D 6 21.04 -16.80 -25.26
C SER D 6 21.92 -15.89 -24.40
N SER D 7 22.79 -15.13 -25.04
CA SER D 7 23.60 -14.15 -24.33
C SER D 7 22.79 -12.92 -23.91
N TYR D 8 21.60 -12.73 -24.48
CA TYR D 8 20.71 -11.63 -24.11
C TYR D 8 19.40 -12.12 -23.52
N MET D 9 18.73 -13.04 -24.20
CA MET D 9 17.44 -13.53 -23.74
C MET D 9 17.60 -14.47 -22.55
N ASP D 10 16.55 -14.55 -21.72
CA ASP D 10 16.56 -15.40 -20.55
C ASP D 10 15.12 -15.72 -20.16
N VAL D 11 14.98 -16.57 -19.15
CA VAL D 11 13.67 -17.10 -18.78
C VAL D 11 12.77 -16.00 -18.20
N ALA D 12 13.31 -15.12 -17.37
CA ALA D 12 12.50 -14.07 -16.76
C ALA D 12 11.92 -13.13 -17.80
N GLN D 13 12.70 -12.77 -18.82
CA GLN D 13 12.21 -11.91 -19.89
C GLN D 13 11.05 -12.56 -20.64
N ILE D 14 11.18 -13.86 -20.93
CA ILE D 14 10.12 -14.57 -21.64
C ILE D 14 8.86 -14.71 -20.78
N VAL D 15 9.01 -15.00 -19.49
CA VAL D 15 7.85 -15.04 -18.61
C VAL D 15 7.21 -13.66 -18.51
N LEU D 16 8.00 -12.60 -18.49
CA LEU D 16 7.47 -11.24 -18.48
C LEU D 16 6.67 -10.94 -19.75
N TYR D 17 7.19 -11.35 -20.91
CA TYR D 17 6.45 -11.11 -22.15
C TYR D 17 5.19 -11.96 -22.24
N ALA D 18 5.24 -13.19 -21.71
CA ALA D 18 4.03 -13.99 -21.62
C ALA D 18 2.99 -13.33 -20.73
N PHE D 19 3.41 -12.77 -19.60
CA PHE D 19 2.47 -12.03 -18.78
C PHE D 19 1.98 -10.77 -19.48
N TRP D 20 2.81 -10.15 -20.31
CA TRP D 20 2.35 -9.01 -21.09
C TRP D 20 1.22 -9.42 -22.03
N ILE D 21 1.39 -10.56 -22.72
CA ILE D 21 0.33 -11.06 -23.58
C ILE D 21 -0.93 -11.35 -22.78
N PHE D 22 -0.78 -12.02 -21.64
CA PHE D 22 -1.94 -12.35 -20.81
C PHE D 22 -2.65 -11.10 -20.29
N LEU D 23 -1.88 -10.11 -19.85
CA LEU D 23 -2.44 -8.87 -19.33
C LEU D 23 -3.17 -8.10 -20.42
N PHE D 24 -2.58 -8.04 -21.62
CA PHE D 24 -3.25 -7.36 -22.72
C PHE D 24 -4.54 -8.07 -23.13
N GLY D 25 -4.53 -9.41 -23.11
CA GLY D 25 -5.76 -10.13 -23.33
C GLY D 25 -6.81 -9.88 -22.27
N VAL D 26 -6.40 -9.80 -21.00
CA VAL D 26 -7.33 -9.49 -19.92
C VAL D 26 -7.89 -8.09 -20.06
N ILE D 27 -7.06 -7.12 -20.45
CA ILE D 27 -7.54 -5.76 -20.66
C ILE D 27 -8.51 -5.71 -21.82
N PHE D 28 -8.23 -6.47 -22.89
CA PHE D 28 -9.17 -6.54 -24.01
C PHE D 28 -10.51 -7.12 -23.57
N TYR D 29 -10.47 -8.20 -22.79
CA TYR D 29 -11.69 -8.80 -22.27
C TYR D 29 -12.46 -7.82 -21.39
N LEU D 30 -11.73 -7.08 -20.55
CA LEU D 30 -12.36 -6.12 -19.65
C LEU D 30 -13.01 -4.98 -20.43
N ARG D 31 -12.33 -4.49 -21.46
CA ARG D 31 -12.90 -3.45 -22.31
C ARG D 31 -14.10 -3.94 -23.10
N ARG D 32 -14.13 -5.23 -23.45
CA ARG D 32 -15.32 -5.82 -24.04
C ARG D 32 -16.49 -5.80 -23.08
N GLU D 33 -16.24 -6.12 -21.81
CA GLU D 33 -17.29 -6.07 -20.79
C GLU D 33 -17.73 -4.64 -20.47
N ASP D 34 -16.85 -3.66 -20.65
CA ASP D 34 -17.21 -2.26 -20.48
C ASP D 34 -18.24 -1.78 -21.49
N ARG D 35 -18.40 -2.50 -22.60
CA ARG D 35 -19.26 -2.08 -23.70
C ARG D 35 -20.59 -2.81 -23.71
N ARG D 36 -20.99 -3.37 -22.57
CA ARG D 36 -22.29 -4.03 -22.46
C ARG D 36 -23.43 -3.06 -22.21
N GLU D 37 -23.13 -1.80 -21.91
CA GLU D 37 -24.13 -0.76 -21.76
C GLU D 37 -23.67 0.47 -22.54
N GLY D 38 -24.57 1.06 -23.32
CA GLY D 38 -24.29 2.27 -24.05
C GLY D 38 -23.70 2.07 -25.43
N TYR D 39 -23.37 0.84 -25.81
CA TYR D 39 -22.84 0.58 -27.13
C TYR D 39 -23.85 -0.21 -27.95
N PRO D 40 -23.88 -0.03 -29.28
CA PRO D 40 -23.01 0.82 -30.11
C PRO D 40 -23.20 2.31 -29.85
N LEU D 41 -22.17 3.10 -30.14
CA LEU D 41 -22.22 4.53 -29.93
C LEU D 41 -23.07 5.20 -31.01
N GLU D 42 -23.40 6.46 -30.77
CA GLU D 42 -24.18 7.25 -31.70
C GLU D 42 -23.52 8.62 -31.88
N ARG D 43 -23.79 9.24 -33.02
CA ARG D 43 -23.23 10.55 -33.31
C ARG D 43 -23.97 11.64 -32.54
N ASP D 44 -23.24 12.71 -32.23
CA ASP D 44 -23.76 13.84 -31.48
C ASP D 44 -24.56 14.80 -32.34
N THR D 45 -24.59 14.58 -33.66
CA THR D 45 -25.23 15.51 -34.58
C THR D 45 -26.52 14.98 -35.20
N ASP D 46 -26.63 13.69 -35.49
CA ASP D 46 -27.86 13.13 -36.03
C ASP D 46 -28.31 11.85 -35.36
N GLY D 47 -27.61 11.34 -34.36
CA GLY D 47 -28.02 10.12 -33.70
C GLY D 47 -27.78 8.86 -34.50
N LYS D 48 -26.91 8.92 -35.51
CA LYS D 48 -26.60 7.75 -36.32
C LYS D 48 -25.74 6.78 -35.52
N ILE D 49 -26.13 5.51 -35.51
CA ILE D 49 -25.42 4.50 -34.76
C ILE D 49 -24.09 4.21 -35.43
N MET D 50 -23.00 4.31 -34.68
CA MET D 50 -21.67 4.01 -35.20
C MET D 50 -21.43 2.50 -35.20
N SER D 51 -20.74 2.04 -36.25
CA SER D 51 -20.47 0.62 -36.41
C SER D 51 -19.31 0.22 -35.52
N ILE D 52 -19.55 -0.77 -34.66
CA ILE D 52 -18.53 -1.34 -33.79
C ILE D 52 -18.32 -2.79 -34.19
N GLY D 53 -17.06 -3.22 -34.22
CA GLY D 53 -16.73 -4.57 -34.61
C GLY D 53 -17.25 -5.60 -33.63
N PRO D 54 -17.59 -6.78 -34.12
CA PRO D 54 -18.08 -7.85 -33.24
C PRO D 54 -17.03 -8.34 -32.26
N TRP D 55 -15.76 -8.01 -32.50
CA TRP D 55 -14.69 -8.32 -31.56
C TRP D 55 -14.59 -7.32 -30.42
N ASN D 56 -15.24 -6.16 -30.52
CA ASN D 56 -15.29 -5.18 -29.44
C ASN D 56 -16.60 -5.22 -28.67
N LEU D 57 -17.69 -5.64 -29.30
CA LEU D 57 -18.97 -5.79 -28.64
C LEU D 57 -19.20 -7.25 -28.32
N PRO D 58 -19.27 -7.64 -27.05
CA PRO D 58 -19.48 -9.05 -26.73
C PRO D 58 -20.89 -9.50 -27.07
N ALA D 59 -21.05 -10.82 -27.19
CA ALA D 59 -22.36 -11.39 -27.40
C ALA D 59 -23.22 -11.17 -26.16
N PRO D 60 -24.52 -10.95 -26.33
CA PRO D 60 -25.38 -10.65 -25.18
C PRO D 60 -25.38 -11.77 -24.15
N LYS D 61 -25.21 -11.40 -22.89
CA LYS D 61 -25.36 -12.32 -21.77
C LYS D 61 -26.71 -12.09 -21.12
N ILE D 62 -27.32 -13.17 -20.64
CA ILE D 62 -28.68 -13.11 -20.10
C ILE D 62 -28.61 -13.16 -18.58
N PHE D 63 -29.25 -12.17 -17.95
CA PHE D 63 -29.38 -12.12 -16.50
C PHE D 63 -30.77 -12.64 -16.13
N TYR D 64 -30.83 -13.71 -15.37
CA TYR D 64 -32.11 -14.23 -14.87
C TYR D 64 -32.43 -13.51 -13.57
N LYS D 65 -33.36 -12.56 -13.65
CA LYS D 65 -33.63 -11.68 -12.52
C LYS D 65 -34.25 -12.48 -11.37
N PRO D 66 -33.99 -12.07 -10.13
CA PRO D 66 -34.46 -12.87 -8.97
C PRO D 66 -35.97 -13.05 -8.91
N GLN D 67 -36.74 -12.07 -9.36
CA GLN D 67 -38.19 -12.14 -9.28
C GLN D 67 -38.83 -12.54 -10.61
N GLY D 68 -38.03 -13.02 -11.55
CA GLY D 68 -38.54 -13.40 -12.84
C GLY D 68 -38.15 -12.38 -13.90
N GLY D 69 -37.99 -12.86 -15.13
CA GLY D 69 -37.57 -12.04 -16.24
C GLY D 69 -36.12 -12.31 -16.61
N THR D 70 -35.77 -11.86 -17.81
CA THR D 70 -34.42 -12.08 -18.34
C THR D 70 -33.93 -10.77 -18.93
N TYR D 71 -32.85 -10.23 -18.39
CA TYR D 71 -32.20 -9.06 -18.96
C TYR D 71 -30.96 -9.47 -19.74
N SER D 72 -30.81 -8.93 -20.93
CA SER D 72 -29.67 -9.20 -21.79
C SER D 72 -28.81 -7.95 -21.93
N ALA D 73 -27.49 -8.15 -22.01
CA ALA D 73 -26.55 -7.05 -22.17
C ALA D 73 -25.45 -7.47 -23.12
N PRO D 74 -25.30 -6.80 -24.29
CA PRO D 74 -26.13 -5.71 -24.81
C PRO D 74 -27.55 -6.14 -25.17
N ASN D 75 -28.47 -5.17 -25.24
CA ASN D 75 -29.88 -5.48 -25.41
C ASN D 75 -30.53 -4.79 -26.61
N ALA D 76 -29.80 -4.04 -27.41
CA ALA D 76 -30.32 -3.38 -28.60
C ALA D 76 -31.37 -2.33 -28.27
N ALA D 77 -31.58 -2.07 -26.98
CA ALA D 77 -32.47 -1.00 -26.57
C ALA D 77 -31.69 0.30 -26.43
N ARG D 78 -32.24 1.37 -26.99
CA ARG D 78 -31.58 2.67 -26.97
C ARG D 78 -32.54 3.71 -26.40
N ASP D 79 -32.02 4.56 -25.52
CA ASP D 79 -32.82 5.63 -24.95
C ASP D 79 -33.13 6.69 -26.00
N THR D 80 -34.35 6.69 -26.52
CA THR D 80 -34.74 7.63 -27.57
C THR D 80 -35.86 8.56 -27.14
N ARG D 81 -36.08 8.74 -25.84
CA ARG D 81 -37.07 9.70 -25.37
C ARG D 81 -36.67 11.12 -25.79
N ALA D 82 -37.68 11.92 -26.11
CA ALA D 82 -37.44 13.28 -26.57
C ALA D 82 -36.90 14.13 -25.43
N ILE D 83 -35.71 14.70 -25.64
CA ILE D 83 -35.07 15.57 -24.66
C ILE D 83 -35.59 16.99 -24.87
N LYS D 84 -36.15 17.58 -23.82
CA LYS D 84 -36.68 18.94 -23.91
C LYS D 84 -35.55 19.94 -23.67
N ALA D 85 -34.61 19.94 -24.61
CA ALA D 85 -33.50 20.88 -24.59
C ALA D 85 -33.04 21.08 -26.02
N THR D 86 -32.49 22.26 -26.27
CA THR D 86 -32.08 22.66 -27.62
C THR D 86 -30.70 23.28 -27.57
N ARG D 87 -30.08 23.36 -28.75
CA ARG D 87 -28.82 24.06 -28.94
C ARG D 87 -28.85 24.76 -30.30
N VAL D 88 -28.08 25.84 -30.41
CA VAL D 88 -28.01 26.60 -31.65
C VAL D 88 -26.94 25.95 -32.52
N GLY D 89 -27.37 25.25 -33.57
CA GLY D 89 -26.45 24.57 -34.45
C GLY D 89 -26.04 23.22 -33.91
N ASN D 90 -26.13 22.18 -34.74
CA ASN D 90 -25.78 20.82 -34.32
C ASN D 90 -24.27 20.59 -34.44
N PHE D 91 -23.55 21.33 -33.61
CA PHE D 91 -22.10 21.14 -33.56
C PHE D 91 -21.75 20.04 -32.58
N PRO D 92 -20.85 19.11 -32.94
CA PRO D 92 -20.46 18.04 -32.01
C PRO D 92 -19.89 18.59 -30.72
N GLY D 93 -20.47 18.19 -29.59
CA GLY D 93 -20.02 18.61 -28.28
C GLY D 93 -20.72 19.83 -27.73
N ALA D 94 -21.59 20.47 -28.52
CA ALA D 94 -22.29 21.64 -28.04
C ALA D 94 -23.34 21.24 -26.99
N PRO D 95 -23.29 21.80 -25.79
CA PRO D 95 -24.25 21.44 -24.75
C PRO D 95 -25.64 21.97 -25.05
N LEU D 96 -26.63 21.38 -24.40
CA LEU D 96 -28.03 21.68 -24.66
C LEU D 96 -28.60 22.65 -23.62
N ASP D 97 -29.62 23.39 -24.03
CA ASP D 97 -30.33 24.34 -23.16
C ASP D 97 -31.76 23.90 -22.94
N PRO D 98 -32.18 23.63 -21.70
CA PRO D 98 -33.57 23.24 -21.45
C PRO D 98 -34.58 24.26 -21.97
N THR D 99 -35.63 23.78 -22.63
CA THR D 99 -36.64 24.67 -23.17
C THR D 99 -37.54 25.24 -22.08
N GLY D 100 -37.95 24.39 -21.14
CA GLY D 100 -38.84 24.83 -20.08
C GLY D 100 -38.26 24.63 -18.70
N ASP D 101 -38.96 23.85 -17.86
CA ASP D 101 -38.46 23.53 -16.53
C ASP D 101 -37.62 22.27 -16.62
N PRO D 102 -36.31 22.34 -16.44
CA PRO D 102 -35.49 21.12 -16.57
C PRO D 102 -35.75 20.09 -15.49
N LEU D 103 -36.28 20.49 -14.34
CA LEU D 103 -36.54 19.55 -13.26
C LEU D 103 -37.76 18.68 -13.54
N VAL D 104 -38.85 19.28 -13.99
CA VAL D 104 -40.04 18.50 -14.33
C VAL D 104 -39.82 17.67 -15.59
N ASP D 105 -39.13 18.23 -16.59
CA ASP D 105 -38.91 17.52 -17.84
C ASP D 105 -37.89 16.39 -17.70
N GLY D 106 -36.95 16.53 -16.77
CA GLY D 106 -35.90 15.54 -16.63
C GLY D 106 -34.79 15.73 -17.63
N VAL D 107 -34.16 16.90 -17.60
CA VAL D 107 -33.10 17.27 -18.55
C VAL D 107 -31.82 17.45 -17.76
N GLY D 108 -30.77 16.75 -18.17
CA GLY D 108 -29.47 16.91 -17.56
C GLY D 108 -29.37 16.18 -16.24
N PRO D 109 -28.96 16.90 -15.19
CA PRO D 109 -28.90 16.27 -13.86
C PRO D 109 -30.25 15.84 -13.32
N ALA D 110 -31.35 16.28 -13.93
CA ALA D 110 -32.68 15.80 -13.58
C ALA D 110 -33.13 14.64 -14.46
N ALA D 111 -32.32 14.23 -15.43
CA ALA D 111 -32.69 13.12 -16.30
C ALA D 111 -32.67 11.81 -15.53
N TYR D 112 -33.59 10.92 -15.90
CA TYR D 112 -33.74 9.64 -15.22
C TYR D 112 -33.89 8.54 -16.26
N ALA D 113 -33.65 7.31 -15.82
CA ALA D 113 -33.71 6.14 -16.69
C ALA D 113 -35.06 5.45 -16.57
N GLU D 114 -35.54 4.91 -17.69
CA GLU D 114 -36.80 4.16 -17.72
C GLU D 114 -36.52 2.76 -17.19
N ARG D 115 -36.52 2.64 -15.86
CA ARG D 115 -36.31 1.35 -15.21
C ARG D 115 -37.60 0.55 -15.21
N ALA D 116 -37.62 -0.54 -14.45
CA ALA D 116 -38.84 -1.33 -14.33
C ALA D 116 -39.95 -0.51 -13.67
N ASP D 117 -41.17 -0.71 -14.15
CA ASP D 117 -42.34 -0.02 -13.59
C ASP D 117 -43.01 -0.86 -12.51
N THR D 118 -42.22 -1.69 -11.84
CA THR D 118 -42.66 -2.52 -10.73
C THR D 118 -41.79 -2.23 -9.52
N PRO D 119 -42.34 -2.31 -8.31
CA PRO D 119 -41.54 -2.03 -7.12
C PRO D 119 -40.48 -3.10 -6.91
N ASP D 120 -39.37 -2.67 -6.30
CA ASP D 120 -38.30 -3.61 -5.97
C ASP D 120 -38.76 -4.55 -4.86
N LYS D 121 -38.40 -5.82 -4.99
CA LYS D 121 -38.81 -6.87 -4.07
C LYS D 121 -37.62 -7.35 -3.25
N THR D 122 -37.91 -8.21 -2.28
CA THR D 122 -36.92 -8.89 -1.48
C THR D 122 -36.84 -10.35 -1.91
N LEU D 123 -36.06 -11.15 -1.17
CA LEU D 123 -35.94 -12.57 -1.48
C LEU D 123 -37.28 -13.28 -1.35
N GLU D 124 -38.04 -12.98 -0.29
CA GLU D 124 -39.33 -13.60 -0.06
C GLU D 124 -40.44 -12.97 -0.90
N GLY D 125 -40.16 -11.91 -1.65
CA GLY D 125 -41.12 -11.36 -2.58
C GLY D 125 -42.01 -10.27 -2.04
N ARG D 126 -41.56 -9.56 -1.00
CA ARG D 126 -42.32 -8.47 -0.41
C ARG D 126 -41.57 -7.17 -0.64
N THR D 127 -42.32 -6.05 -0.74
CA THR D 127 -41.74 -4.80 -1.23
C THR D 127 -40.54 -4.37 -0.39
N ARG D 128 -39.46 -4.02 -1.07
CA ARG D 128 -38.19 -3.75 -0.41
C ARG D 128 -38.22 -2.42 0.34
N ILE D 129 -38.68 -1.36 -0.31
CA ILE D 129 -38.74 -0.03 0.29
C ILE D 129 -40.19 0.27 0.63
N VAL D 130 -40.49 0.33 1.92
CA VAL D 130 -41.85 0.61 2.38
C VAL D 130 -41.79 1.65 3.49
N PRO D 131 -42.84 2.44 3.68
CA PRO D 131 -42.86 3.36 4.83
C PRO D 131 -42.88 2.60 6.14
N LEU D 132 -42.29 3.21 7.17
CA LEU D 132 -42.23 2.56 8.48
C LEU D 132 -43.60 2.41 9.13
N ARG D 133 -44.59 3.21 8.70
CA ARG D 133 -45.93 3.11 9.29
C ARG D 133 -46.65 1.82 8.92
N THR D 134 -46.15 1.08 7.94
CA THR D 134 -46.79 -0.16 7.50
C THR D 134 -46.19 -1.41 8.13
N ASP D 135 -44.91 -1.40 8.46
CA ASP D 135 -44.22 -2.57 8.98
C ASP D 135 -43.98 -2.40 10.48
N ALA D 136 -44.41 -3.39 11.26
CA ALA D 136 -44.22 -3.37 12.70
C ALA D 136 -42.94 -4.08 13.14
N ASP D 137 -42.36 -4.91 12.29
CA ASP D 137 -41.11 -5.60 12.61
C ASP D 137 -39.90 -4.70 12.47
N LEU D 138 -40.06 -3.49 11.94
CA LEU D 138 -38.97 -2.55 11.72
C LEU D 138 -39.20 -1.32 12.57
N TRP D 139 -38.18 -0.91 13.33
CA TRP D 139 -38.23 0.29 14.13
C TRP D 139 -36.94 1.07 13.90
N LEU D 140 -36.78 2.17 14.63
CA LEU D 140 -35.60 3.01 14.52
C LEU D 140 -34.75 2.82 15.76
N ALA D 141 -33.44 2.73 15.57
CA ALA D 141 -32.51 2.52 16.67
C ALA D 141 -32.61 3.68 17.66
N PRO D 142 -32.78 3.40 18.95
CA PRO D 142 -32.91 4.50 19.93
C PRO D 142 -31.66 5.35 20.05
N GLU D 143 -30.50 4.85 19.64
CA GLU D 143 -29.27 5.63 19.69
C GLU D 143 -29.25 6.76 18.67
N ASP D 144 -30.07 6.67 17.61
CA ASP D 144 -30.09 7.70 16.59
C ASP D 144 -31.35 8.55 16.71
N PRO D 145 -31.27 9.82 16.31
CA PRO D 145 -32.47 10.67 16.35
C PRO D 145 -33.54 10.16 15.40
N ASP D 146 -34.80 10.42 15.77
CA ASP D 146 -35.91 10.04 14.92
C ASP D 146 -36.23 11.16 13.95
N PRO D 147 -36.08 10.95 12.64
CA PRO D 147 -36.38 12.03 11.69
C PRO D 147 -37.82 12.50 11.71
N ARG D 148 -38.75 11.65 12.12
CA ARG D 148 -40.17 11.99 12.06
C ARG D 148 -40.49 13.16 12.98
N GLY D 149 -41.23 14.13 12.46
CA GLY D 149 -41.60 15.33 13.18
C GLY D 149 -40.67 16.50 12.96
N MET D 150 -39.48 16.24 12.41
CA MET D 150 -38.53 17.32 12.16
C MET D 150 -39.04 18.24 11.07
N ALA D 151 -38.74 19.53 11.21
CA ALA D 151 -39.06 20.50 10.18
C ALA D 151 -38.13 20.32 8.99
N VAL D 152 -38.64 20.62 7.80
CA VAL D 152 -37.90 20.46 6.56
C VAL D 152 -37.63 21.84 5.99
N VAL D 153 -36.36 22.17 5.84
CA VAL D 153 -35.92 23.46 5.32
C VAL D 153 -35.27 23.24 3.97
N ALA D 154 -35.66 24.05 2.99
CA ALA D 154 -35.12 23.96 1.65
C ALA D 154 -33.79 24.73 1.59
N GLY D 155 -33.23 24.90 0.41
CA GLY D 155 -32.00 25.63 0.23
C GLY D 155 -32.15 27.14 0.28
N CYS D 156 -33.38 27.63 0.36
CA CYS D 156 -33.65 29.06 0.51
C CYS D 156 -33.99 29.44 1.94
N ARG D 157 -33.63 28.60 2.91
CA ARG D 157 -33.87 28.86 4.33
C ARG D 157 -35.35 28.98 4.65
N THR D 158 -36.19 28.26 3.91
CA THR D 158 -37.63 28.28 4.09
C THR D 158 -38.11 26.93 4.59
N THR D 159 -38.91 26.94 5.66
CA THR D 159 -39.50 25.71 6.20
C THR D 159 -40.62 25.28 5.26
N VAL D 160 -40.37 24.24 4.47
CA VAL D 160 -41.34 23.80 3.48
C VAL D 160 -42.32 22.78 4.03
N GLY D 161 -42.05 22.19 5.19
CA GLY D 161 -42.92 21.19 5.75
C GLY D 161 -42.23 20.45 6.87
N ALA D 162 -42.81 19.29 7.22
CA ALA D 162 -42.30 18.47 8.30
C ALA D 162 -42.24 17.01 7.85
N VAL D 163 -41.33 16.26 8.46
CA VAL D 163 -41.18 14.84 8.15
C VAL D 163 -42.31 14.07 8.82
N SER D 164 -43.08 13.34 8.02
CA SER D 164 -44.22 12.58 8.52
C SER D 164 -43.91 11.10 8.71
N ASP D 165 -43.02 10.54 7.90
CA ASP D 165 -42.66 9.14 7.99
C ASP D 165 -41.29 8.93 7.36
N VAL D 166 -40.78 7.71 7.45
CA VAL D 166 -39.50 7.33 6.86
C VAL D 166 -39.71 6.04 6.08
N TRP D 167 -39.16 5.98 4.87
CA TRP D 167 -39.24 4.78 4.05
C TRP D 167 -37.95 3.99 4.22
N VAL D 168 -38.07 2.73 4.63
CA VAL D 168 -36.93 1.93 5.03
C VAL D 168 -36.73 0.79 4.04
N ASP D 169 -35.47 0.52 3.70
CA ASP D 169 -35.12 -0.63 2.91
C ASP D 169 -35.21 -1.89 3.77
N ARG D 170 -36.16 -2.77 3.45
CA ARG D 170 -36.36 -3.98 4.21
C ARG D 170 -35.30 -5.04 3.94
N ALA D 171 -34.50 -4.87 2.89
CA ALA D 171 -33.43 -5.80 2.60
C ALA D 171 -32.10 -5.41 3.22
N GLU D 172 -31.95 -4.15 3.64
CA GLU D 172 -30.71 -3.67 4.22
C GLU D 172 -30.89 -2.95 5.55
N ASN D 173 -32.13 -2.77 6.02
CA ASN D 173 -32.42 -2.02 7.24
C ASN D 173 -31.76 -0.65 7.18
N ILE D 174 -32.13 0.16 6.20
CA ILE D 174 -31.60 1.50 6.04
C ILE D 174 -32.70 2.42 5.55
N ILE D 175 -32.71 3.66 6.04
CA ILE D 175 -33.73 4.62 5.62
C ILE D 175 -33.35 5.13 4.24
N ARG D 176 -34.22 4.90 3.25
CA ARG D 176 -33.97 5.33 1.89
C ARG D 176 -34.56 6.69 1.56
N TYR D 177 -35.80 6.95 1.97
CA TYR D 177 -36.46 8.21 1.67
C TYR D 177 -37.15 8.73 2.92
N LEU D 178 -37.38 10.03 2.94
CA LEU D 178 -38.14 10.69 4.00
C LEU D 178 -39.44 11.19 3.42
N GLU D 179 -40.56 10.75 3.97
CA GLU D 179 -41.86 11.23 3.55
C GLU D 179 -42.15 12.58 4.22
N VAL D 180 -42.23 13.62 3.41
CA VAL D 180 -42.33 15.00 3.91
C VAL D 180 -43.68 15.56 3.48
N SER D 181 -44.48 15.96 4.47
CA SER D 181 -45.77 16.58 4.19
C SER D 181 -45.56 18.09 4.04
N LEU D 182 -45.74 18.60 2.83
CA LEU D 182 -45.49 20.00 2.53
C LEU D 182 -46.60 20.85 3.13
N GLY D 183 -46.23 21.88 3.88
CA GLY D 183 -47.19 22.77 4.49
C GLY D 183 -47.83 23.71 3.49
N LYS D 193 -49.12 17.00 -1.83
CA LYS D 193 -48.88 17.66 -0.55
C LYS D 193 -47.86 16.87 0.28
N THR D 194 -47.52 15.66 -0.20
CA THR D 194 -46.52 14.84 0.46
C THR D 194 -45.49 14.45 -0.58
N VAL D 195 -44.22 14.48 -0.18
CA VAL D 195 -43.10 14.22 -1.09
C VAL D 195 -42.13 13.27 -0.40
N LEU D 196 -41.29 12.64 -1.21
CA LEU D 196 -40.23 11.76 -0.74
C LEU D 196 -38.89 12.44 -0.97
N VAL D 197 -38.12 12.60 0.09
CA VAL D 197 -36.79 13.21 0.03
C VAL D 197 -35.76 12.08 0.19
N PRO D 198 -34.91 11.84 -0.79
CA PRO D 198 -33.83 10.86 -0.61
C PRO D 198 -32.95 11.23 0.57
N MET D 199 -32.70 10.25 1.44
CA MET D 199 -31.90 10.52 2.63
C MET D 199 -30.51 11.04 2.36
N PRO D 200 -29.75 10.56 1.33
CA PRO D 200 -28.44 11.14 1.07
C PRO D 200 -28.49 12.62 0.73
N MET D 201 -29.66 13.12 0.33
CA MET D 201 -29.84 14.52 -0.03
C MET D 201 -30.33 15.36 1.15
N ALA D 202 -30.43 14.77 2.34
CA ALA D 202 -30.94 15.46 3.52
C ALA D 202 -29.89 15.49 4.61
N VAL D 203 -29.79 16.64 5.29
CA VAL D 203 -28.88 16.83 6.41
C VAL D 203 -29.71 17.07 7.66
N PHE D 204 -29.42 16.31 8.72
CA PHE D 204 -30.20 16.34 9.95
C PHE D 204 -29.51 17.18 11.02
N ASN D 205 -30.30 17.94 11.76
CA ASN D 205 -29.83 18.71 12.91
C ASN D 205 -30.76 18.38 14.09
N ASP D 206 -30.27 17.55 15.01
CA ASP D 206 -31.11 17.08 16.10
C ASP D 206 -31.26 18.10 17.23
N LEU D 207 -30.37 19.09 17.31
CA LEU D 207 -30.52 20.14 18.31
C LEU D 207 -31.63 21.11 17.98
N THR D 208 -31.75 21.52 16.72
CA THR D 208 -32.82 22.39 16.28
C THR D 208 -33.99 21.65 15.65
N ARG D 209 -33.90 20.32 15.56
CA ARG D 209 -34.97 19.47 15.01
C ARG D 209 -35.40 19.94 13.62
N THR D 210 -34.42 19.96 12.71
CA THR D 210 -34.67 20.38 11.35
C THR D 210 -33.95 19.45 10.39
N VAL D 211 -34.47 19.37 9.16
CA VAL D 211 -33.85 18.62 8.07
C VAL D 211 -33.66 19.60 6.92
N THR D 212 -32.42 19.78 6.51
CA THR D 212 -32.09 20.73 5.45
C THR D 212 -31.88 19.99 4.14
N VAL D 213 -32.61 20.40 3.11
CA VAL D 213 -32.44 19.88 1.75
C VAL D 213 -32.02 21.06 0.90
N LYS D 214 -30.71 21.27 0.77
CA LYS D 214 -30.22 22.46 0.09
C LYS D 214 -30.37 22.38 -1.41
N SER D 215 -30.72 21.22 -1.94
CA SER D 215 -30.87 21.04 -3.37
C SER D 215 -32.24 21.47 -3.89
N MET D 216 -33.15 21.91 -3.03
CA MET D 216 -34.49 22.27 -3.44
C MET D 216 -34.83 23.67 -2.99
N ASP D 217 -35.76 24.30 -3.67
CA ASP D 217 -36.26 25.60 -3.31
C ASP D 217 -37.68 25.34 -2.89
N ALA D 218 -38.47 26.32 -2.48
CA ALA D 218 -39.89 26.13 -2.24
C ALA D 218 -40.65 25.85 -3.53
N LYS D 219 -40.21 26.43 -4.64
CA LYS D 219 -40.84 26.16 -5.93
C LYS D 219 -40.60 24.74 -6.40
N SER D 220 -39.40 24.21 -6.16
CA SER D 220 -39.06 22.87 -6.64
C SER D 220 -39.76 21.79 -5.83
N PHE D 221 -39.93 22.01 -4.52
CA PHE D 221 -40.65 21.05 -3.69
C PHE D 221 -42.10 20.87 -4.14
N ALA D 222 -42.73 21.92 -4.65
CA ALA D 222 -44.11 21.85 -5.11
C ALA D 222 -44.27 21.08 -6.42
N ASN D 223 -43.16 20.71 -7.07
CA ASN D 223 -43.21 19.99 -8.34
C ASN D 223 -42.50 18.64 -8.26
N VAL D 224 -42.19 18.17 -7.06
CA VAL D 224 -41.51 16.89 -6.92
C VAL D 224 -42.44 15.77 -7.39
N PRO D 225 -41.96 14.86 -8.24
CA PRO D 225 -42.82 13.74 -8.66
C PRO D 225 -43.24 12.89 -7.47
N THR D 226 -44.43 12.33 -7.56
CA THR D 226 -44.97 11.54 -6.47
C THR D 226 -45.28 10.12 -6.93
N PRO D 227 -45.09 9.13 -6.06
CA PRO D 227 -45.47 7.76 -6.42
C PRO D 227 -46.98 7.62 -6.58
N LYS D 228 -47.38 6.66 -7.42
CA LYS D 228 -48.80 6.37 -7.58
C LYS D 228 -49.41 5.92 -6.26
N SER D 229 -48.72 5.06 -5.53
CA SER D 229 -49.18 4.56 -4.24
C SER D 229 -48.44 5.24 -3.11
N ALA D 230 -49.11 5.38 -1.98
CA ALA D 230 -48.57 6.06 -0.80
C ALA D 230 -47.85 5.09 0.14
N GLU D 231 -47.75 3.82 -0.25
CA GLU D 231 -47.06 2.82 0.55
C GLU D 231 -46.21 1.94 -0.36
N GLN D 232 -46.14 2.31 -1.64
CA GLN D 232 -45.47 1.53 -2.66
C GLN D 232 -44.86 2.46 -3.69
N ILE D 233 -43.59 2.22 -4.01
CA ILE D 233 -42.86 3.01 -4.99
C ILE D 233 -42.17 2.06 -5.96
N THR D 234 -42.26 2.35 -7.25
CA THR D 234 -41.60 1.53 -8.25
C THR D 234 -40.16 1.99 -8.44
N LEU D 235 -39.37 1.16 -9.11
CA LEU D 235 -38.00 1.51 -9.43
C LEU D 235 -37.91 2.73 -10.33
N ARG D 236 -38.81 2.87 -11.29
CA ARG D 236 -38.87 4.06 -12.12
C ARG D 236 -39.26 5.31 -11.35
N GLU D 237 -40.23 5.22 -10.45
CA GLU D 237 -40.58 6.36 -9.61
C GLU D 237 -39.44 6.74 -8.69
N GLU D 238 -38.79 5.74 -8.08
CA GLU D 238 -37.59 5.99 -7.28
C GLU D 238 -36.54 6.74 -8.10
N ASP D 239 -36.29 6.25 -9.31
CA ASP D 239 -35.25 6.81 -10.16
C ASP D 239 -35.60 8.24 -10.55
N ARG D 240 -36.87 8.50 -10.87
CA ARG D 240 -37.30 9.84 -11.24
C ARG D 240 -37.19 10.81 -10.07
N ILE D 241 -37.61 10.40 -8.87
CA ILE D 241 -37.54 11.28 -7.71
C ILE D 241 -36.09 11.59 -7.36
N GLN D 242 -35.24 10.56 -7.35
CA GLN D 242 -33.84 10.77 -7.04
C GLN D 242 -33.17 11.67 -8.06
N ALA D 243 -33.50 11.48 -9.35
CA ALA D 243 -32.96 12.35 -10.39
C ALA D 243 -33.46 13.79 -10.23
N TYR D 244 -34.72 13.97 -9.83
CA TYR D 244 -35.25 15.31 -9.59
C TYR D 244 -34.44 16.02 -8.50
N TYR D 245 -34.23 15.34 -7.37
CA TYR D 245 -33.47 15.97 -6.29
C TYR D 245 -32.00 16.18 -6.67
N ALA D 246 -31.44 15.30 -7.50
CA ALA D 246 -30.07 15.50 -7.97
C ALA D 246 -29.95 16.66 -8.95
N GLY D 247 -30.96 16.87 -9.79
CA GLY D 247 -30.95 17.98 -10.72
C GLY D 247 -31.24 19.29 -10.04
N GLY D 248 -31.89 19.22 -8.89
CA GLY D 248 -32.06 20.42 -8.08
C GLY D 248 -30.76 21.04 -7.62
N THR D 249 -29.68 20.27 -7.56
CA THR D 249 -28.38 20.84 -7.21
C THR D 249 -27.86 21.81 -8.27
N LEU D 250 -28.35 21.70 -9.50
CA LEU D 250 -27.94 22.59 -10.58
C LEU D 250 -29.01 23.56 -11.02
N TYR D 251 -30.29 23.22 -10.84
CA TYR D 251 -31.36 24.01 -11.43
C TYR D 251 -32.27 24.70 -10.43
N ALA D 252 -32.09 24.50 -9.12
CA ALA D 252 -33.06 25.03 -8.18
C ALA D 252 -32.67 26.40 -7.65
N ASN D 253 -31.54 26.49 -6.95
CA ASN D 253 -31.16 27.75 -6.31
C ASN D 253 -30.38 28.64 -7.26
N LYS D 254 -30.97 28.91 -8.42
CA LYS D 254 -30.23 29.63 -9.47
C LYS D 254 -31.08 29.67 -10.72
N SER E 9 -34.65 7.05 37.43
CA SER E 9 -34.71 7.97 36.30
C SER E 9 -34.40 7.24 35.00
N SER E 10 -33.25 7.57 34.39
CA SER E 10 -32.84 6.92 33.15
C SER E 10 -32.68 5.43 33.34
N THR E 11 -32.04 5.03 34.43
CA THR E 11 -31.97 3.63 34.79
C THR E 11 -33.31 3.17 35.33
N GLY E 12 -33.65 1.91 35.09
CA GLY E 12 -34.95 1.38 35.46
C GLY E 12 -35.18 1.22 36.95
N LEU E 13 -34.15 1.47 37.76
CA LEU E 13 -34.29 1.28 39.20
C LEU E 13 -35.16 2.36 39.83
N THR E 14 -35.61 2.07 41.05
CA THR E 14 -36.32 3.01 41.89
C THR E 14 -35.33 3.55 42.93
N GLU E 15 -35.66 4.68 43.54
CA GLU E 15 -34.78 5.29 44.53
C GLU E 15 -34.58 4.35 45.72
N ALA E 16 -35.53 3.44 45.95
CA ALA E 16 -35.38 2.39 46.95
C ALA E 16 -34.42 1.29 46.51
N GLU E 17 -34.49 0.88 45.24
CA GLU E 17 -33.54 -0.10 44.71
C GLU E 17 -32.13 0.47 44.59
N ALA E 18 -32.00 1.74 44.21
CA ALA E 18 -30.71 2.40 44.13
C ALA E 18 -30.01 2.49 45.47
N LYS E 19 -30.74 2.81 46.54
CA LYS E 19 -30.16 2.81 47.87
C LYS E 19 -29.71 1.42 48.30
N GLU E 20 -30.51 0.40 48.00
CA GLU E 20 -30.16 -0.97 48.33
C GLU E 20 -28.89 -1.41 47.60
N PHE E 21 -28.78 -1.07 46.31
CA PHE E 21 -27.55 -1.38 45.58
C PHE E 21 -26.36 -0.58 46.07
N HIS E 22 -26.54 0.70 46.39
CA HIS E 22 -25.42 1.51 46.84
C HIS E 22 -24.92 1.06 48.20
N ALA E 23 -25.79 0.52 49.05
CA ALA E 23 -25.30 0.01 50.34
C ALA E 23 -24.24 -1.06 50.15
N VAL E 24 -24.55 -2.09 49.36
CA VAL E 24 -23.59 -3.17 49.13
C VAL E 24 -22.41 -2.66 48.31
N TYR E 25 -22.67 -1.77 47.34
CA TYR E 25 -21.58 -1.23 46.53
C TYR E 25 -20.57 -0.49 47.39
N SER E 26 -21.03 0.41 48.25
CA SER E 26 -20.15 1.15 49.15
C SER E 26 -19.46 0.26 50.17
N GLN E 27 -20.16 -0.73 50.73
CA GLN E 27 -19.50 -1.67 51.62
C GLN E 27 -18.39 -2.46 50.94
N SER E 28 -18.66 -2.98 49.73
CA SER E 28 -17.65 -3.72 48.98
C SER E 28 -16.49 -2.84 48.56
N ALA E 29 -16.75 -1.60 48.14
CA ALA E 29 -15.67 -0.68 47.79
C ALA E 29 -14.82 -0.34 49.00
N ALA E 30 -15.44 -0.11 50.16
CA ALA E 30 -14.69 0.14 51.38
C ALA E 30 -13.83 -1.06 51.75
N GLY E 31 -14.37 -2.27 51.63
CA GLY E 31 -13.57 -3.46 51.88
C GLY E 31 -12.41 -3.62 50.91
N PHE E 32 -12.65 -3.37 49.63
CA PHE E 32 -11.59 -3.44 48.63
C PHE E 32 -10.48 -2.44 48.92
N LEU E 33 -10.84 -1.20 49.25
CA LEU E 33 -9.83 -0.20 49.57
C LEU E 33 -9.12 -0.48 50.87
N ALA E 34 -9.79 -1.04 51.87
CA ALA E 34 -9.09 -1.44 53.09
C ALA E 34 -8.08 -2.54 52.82
N VAL E 35 -8.46 -3.54 52.01
CA VAL E 35 -7.52 -4.60 51.65
C VAL E 35 -6.35 -4.01 50.86
N CYS E 36 -6.63 -3.06 49.96
CA CYS E 36 -5.57 -2.42 49.19
C CYS E 36 -4.60 -1.65 50.09
N ALA E 37 -5.14 -0.92 51.07
CA ALA E 37 -4.28 -0.18 52.00
C ALA E 37 -3.42 -1.13 52.84
N VAL E 38 -4.01 -2.24 53.28
CA VAL E 38 -3.24 -3.22 54.04
C VAL E 38 -2.13 -3.81 53.18
N ALA E 39 -2.46 -4.14 51.93
CA ALA E 39 -1.45 -4.68 51.01
C ALA E 39 -0.33 -3.68 50.74
N HIS E 40 -0.68 -2.40 50.57
CA HIS E 40 0.34 -1.37 50.38
C HIS E 40 1.22 -1.18 51.59
N VAL E 41 0.66 -1.24 52.80
CA VAL E 41 1.47 -1.19 54.01
C VAL E 41 2.40 -2.40 54.11
N LEU E 42 1.90 -3.59 53.80
CA LEU E 42 2.74 -4.79 53.81
C LEU E 42 3.88 -4.67 52.80
N ALA E 43 3.57 -4.22 51.59
CA ALA E 43 4.59 -4.03 50.56
C ALA E 43 5.59 -2.95 50.92
N TRP E 44 5.17 -1.89 51.62
CA TRP E 44 6.10 -0.91 52.14
C TRP E 44 7.03 -1.50 53.20
N MET E 45 6.49 -2.32 54.10
CA MET E 45 7.33 -3.01 55.07
C MET E 45 8.25 -4.04 54.41
N TRP E 46 7.90 -4.51 53.21
CA TRP E 46 8.78 -5.36 52.43
C TRP E 46 9.95 -4.53 51.89
N ARG E 47 9.64 -3.50 51.12
CA ARG E 47 10.64 -2.61 50.54
C ARG E 47 10.06 -1.20 50.44
N PRO E 48 10.70 -0.18 51.02
CA PRO E 48 10.18 1.18 50.93
C PRO E 48 10.05 1.63 49.48
N PHE E 49 9.10 2.55 49.23
CA PHE E 49 8.66 2.88 47.89
C PHE E 49 9.32 4.13 47.35
N TRP E 50 9.56 5.14 48.19
CA TRP E 50 9.99 6.45 47.77
C TRP E 50 11.44 6.67 48.16
N PRO E 51 12.37 6.77 47.20
CA PRO E 51 13.78 6.88 47.57
C PRO E 51 14.13 8.24 48.13
N GLY E 52 15.23 8.28 48.88
CA GLY E 52 15.79 9.52 49.37
C GLY E 52 16.64 10.20 48.32
N ALA E 53 17.36 11.23 48.76
CA ALA E 53 18.25 11.94 47.85
C ALA E 53 19.34 11.02 47.30
N GLU E 54 19.72 10.00 48.07
CA GLU E 54 20.78 9.08 47.65
C GLU E 54 20.26 7.96 46.75
N GLY E 55 18.96 7.66 46.79
CA GLY E 55 18.40 6.63 45.94
C GLY E 55 18.24 5.29 46.61
N TRP E 56 18.24 4.21 45.82
CA TRP E 56 18.18 2.85 46.35
C TRP E 56 19.59 2.36 46.63
N VAL E 57 20.06 2.66 47.83
CA VAL E 57 21.39 2.24 48.24
C VAL E 57 21.32 1.47 49.56
N MET F 1 -18.79 10.41 44.08
CA MET F 1 -19.52 9.30 44.68
C MET F 1 -19.04 9.04 46.09
N THR F 2 -19.92 9.23 47.07
CA THR F 2 -19.60 8.92 48.45
C THR F 2 -20.65 7.98 49.03
N PHE F 3 -20.60 7.76 50.35
CA PHE F 3 -21.55 6.85 50.99
C PHE F 3 -22.98 7.33 50.91
N SER F 4 -23.22 8.64 50.88
CA SER F 4 -24.56 9.20 50.90
C SER F 4 -25.13 9.46 49.52
N THR F 5 -24.37 9.23 48.46
CA THR F 5 -24.87 9.43 47.10
C THR F 5 -25.41 8.13 46.50
N HIS F 6 -26.46 7.59 47.13
CA HIS F 6 -27.05 6.36 46.64
C HIS F 6 -27.78 6.53 45.32
N LYS F 7 -28.04 7.77 44.89
CA LYS F 7 -28.79 8.02 43.68
C LYS F 7 -27.92 8.11 42.43
N VAL F 8 -26.66 7.66 42.50
CA VAL F 8 -25.82 7.55 41.32
C VAL F 8 -26.47 6.58 40.34
N TRP F 9 -26.98 5.47 40.87
CA TRP F 9 -27.54 4.39 40.09
C TRP F 9 -28.87 4.74 39.46
N LEU F 10 -29.47 5.87 39.82
CA LEU F 10 -30.60 6.40 39.06
C LEU F 10 -30.17 7.05 37.76
N MET F 11 -28.87 7.29 37.59
CA MET F 11 -28.32 7.88 36.38
C MET F 11 -27.32 6.96 35.68
N PHE F 12 -26.58 6.17 36.44
CA PHE F 12 -25.64 5.19 35.89
C PHE F 12 -26.22 3.80 36.05
N ASP F 13 -26.21 3.02 34.97
CA ASP F 13 -26.69 1.66 35.05
C ASP F 13 -25.75 0.82 35.93
N PRO F 14 -26.25 0.20 36.99
CA PRO F 14 -25.35 -0.53 37.90
C PRO F 14 -24.61 -1.68 37.25
N ARG F 15 -25.24 -2.42 36.33
CA ARG F 15 -24.58 -3.57 35.73
C ARG F 15 -23.47 -3.16 34.78
N SER F 16 -23.75 -2.20 33.89
CA SER F 16 -22.72 -1.68 33.00
C SER F 16 -21.60 -1.00 33.77
N THR F 17 -21.95 -0.23 34.81
CA THR F 17 -20.94 0.41 35.63
C THR F 17 -20.06 -0.62 36.34
N LEU F 18 -20.68 -1.67 36.89
CA LEU F 18 -19.89 -2.72 37.54
C LEU F 18 -18.97 -3.43 36.57
N VAL F 19 -19.46 -3.77 35.37
CA VAL F 19 -18.61 -4.45 34.41
C VAL F 19 -17.46 -3.56 33.96
N ALA F 20 -17.73 -2.29 33.64
CA ALA F 20 -16.67 -1.38 33.24
C ALA F 20 -15.67 -1.16 34.36
N LEU F 21 -16.15 -1.01 35.60
CA LEU F 21 -15.25 -0.81 36.73
C LEU F 21 -14.39 -2.04 36.97
N ALA F 22 -14.97 -3.23 36.86
CA ALA F 22 -14.19 -4.45 37.03
C ALA F 22 -13.11 -4.56 35.96
N ALA F 23 -13.46 -4.27 34.71
CA ALA F 23 -12.46 -4.30 33.65
C ALA F 23 -11.35 -3.28 33.89
N PHE F 24 -11.73 -2.06 34.27
CA PHE F 24 -10.74 -1.02 34.52
C PHE F 24 -9.83 -1.39 35.68
N LEU F 25 -10.40 -1.92 36.77
CA LEU F 25 -9.61 -2.31 37.92
C LEU F 25 -8.67 -3.48 37.62
N VAL F 26 -9.13 -4.48 36.86
CA VAL F 26 -8.25 -5.58 36.48
C VAL F 26 -7.11 -5.07 35.60
N VAL F 27 -7.42 -4.21 34.62
CA VAL F 27 -6.38 -3.69 33.75
C VAL F 27 -5.39 -2.83 34.53
N LEU F 28 -5.88 -1.99 35.45
CA LEU F 28 -4.99 -1.16 36.26
C LEU F 28 -4.11 -2.01 37.17
N ALA F 29 -4.69 -3.03 37.80
CA ALA F 29 -3.91 -3.92 38.65
C ALA F 29 -2.84 -4.66 37.87
N LEU F 30 -3.19 -5.15 36.68
CA LEU F 30 -2.20 -5.78 35.82
C LEU F 30 -1.11 -4.80 35.40
N LEU F 31 -1.48 -3.57 35.08
CA LEU F 31 -0.49 -2.56 34.71
C LEU F 31 0.48 -2.28 35.84
N ILE F 32 -0.03 -2.13 37.07
CA ILE F 32 0.86 -1.82 38.19
C ILE F 32 1.70 -3.03 38.57
N HIS F 33 1.14 -4.24 38.51
CA HIS F 33 1.96 -5.43 38.75
C HIS F 33 3.06 -5.58 37.70
N PHE F 34 2.76 -5.32 36.43
CA PHE F 34 3.78 -5.33 35.40
C PHE F 34 4.82 -4.23 35.58
N LEU F 35 4.39 -3.06 36.06
CA LEU F 35 5.29 -1.98 36.44
C LEU F 35 6.24 -2.37 37.56
N CYS F 36 5.75 -3.08 38.57
CA CYS F 36 6.58 -3.65 39.62
C CYS F 36 7.52 -4.73 39.10
N LEU F 37 7.04 -5.59 38.20
CA LEU F 37 7.86 -6.64 37.65
C LEU F 37 8.94 -6.12 36.71
N GLY F 38 8.72 -4.96 36.09
CA GLY F 38 9.66 -4.37 35.18
C GLY F 38 10.76 -3.56 35.82
N HIS F 39 10.82 -3.50 37.14
CA HIS F 39 11.85 -2.77 37.85
C HIS F 39 12.59 -3.71 38.78
N ASP F 40 13.91 -3.53 38.88
CA ASP F 40 14.75 -4.49 39.58
C ASP F 40 14.38 -4.60 41.06
N ARG F 41 14.06 -3.48 41.71
CA ARG F 41 13.87 -3.47 43.15
C ARG F 41 12.54 -4.06 43.59
N PHE F 42 11.49 -3.88 42.81
CA PHE F 42 10.15 -4.35 43.17
C PHE F 42 9.72 -5.58 42.39
N ASN F 43 10.63 -6.21 41.67
CA ASN F 43 10.38 -7.52 41.08
C ASN F 43 10.61 -8.57 42.16
N TRP F 44 9.52 -9.05 42.76
CA TRP F 44 9.60 -10.05 43.82
C TRP F 44 9.93 -11.43 43.29
N LEU F 45 9.67 -11.70 42.01
CA LEU F 45 9.99 -13.00 41.42
C LEU F 45 11.44 -13.10 40.99
N GLU F 46 12.04 -12.01 40.52
CA GLU F 46 13.47 -12.00 40.20
C GLU F 46 14.33 -11.96 41.46
N GLY F 47 13.86 -11.27 42.50
CA GLY F 47 14.55 -11.28 43.77
C GLY F 47 15.90 -10.61 43.77
N ASN F 48 16.04 -9.46 43.13
CA ASN F 48 17.27 -8.71 43.20
C ASN F 48 17.43 -8.13 44.61
N PRO F 49 18.68 -7.87 45.09
CA PRO F 49 18.85 -7.15 46.34
C PRO F 49 18.09 -5.81 46.29
N ALA F 50 17.55 -5.37 47.41
CA ALA F 50 16.74 -4.14 47.45
C ALA F 50 17.62 -2.96 47.05
N ALA F 51 18.81 -2.88 47.61
CA ALA F 51 19.79 -1.84 47.22
C ALA F 51 20.25 -2.13 45.81
N THR F 52 19.64 -1.48 44.84
CA THR F 52 19.87 -1.72 43.40
C THR F 52 20.76 -0.61 42.84
N LYS F 53 20.85 0.53 43.53
CA LYS F 53 21.59 1.73 43.08
C LYS F 53 21.05 2.19 41.72
N SER G 9 -35.05 -10.68 37.95
CA SER G 9 -36.04 -9.83 37.31
C SER G 9 -35.63 -9.49 35.88
N SER G 10 -34.64 -8.61 35.75
CA SER G 10 -34.15 -8.24 34.42
C SER G 10 -33.56 -9.44 33.69
N THR G 11 -32.79 -10.27 34.41
CA THR G 11 -32.22 -11.46 33.80
C THR G 11 -33.28 -12.55 33.59
N GLY G 12 -34.36 -12.50 34.36
CA GLY G 12 -35.41 -13.47 34.26
C GLY G 12 -35.39 -14.57 35.31
N LEU G 13 -34.97 -14.27 36.54
CA LEU G 13 -34.89 -15.26 37.60
C LEU G 13 -35.75 -14.81 38.78
N THR G 14 -36.40 -15.76 39.43
CA THR G 14 -37.07 -15.48 40.68
C THR G 14 -36.05 -15.33 41.81
N GLU G 15 -36.42 -14.60 42.85
CA GLU G 15 -35.55 -14.43 44.01
C GLU G 15 -35.22 -15.75 44.69
N ALA G 16 -36.09 -16.76 44.58
CA ALA G 16 -35.79 -18.08 45.09
C ALA G 16 -34.78 -18.85 44.25
N GLU G 17 -34.89 -18.76 42.92
CA GLU G 17 -33.88 -19.36 42.05
C GLU G 17 -32.53 -18.68 42.23
N ALA G 18 -32.54 -17.35 42.35
CA ALA G 18 -31.31 -16.61 42.58
C ALA G 18 -30.65 -17.03 43.89
N LYS G 19 -31.46 -17.27 44.93
CA LYS G 19 -30.90 -17.68 46.21
C LYS G 19 -30.24 -19.06 46.12
N GLU G 20 -30.87 -20.00 45.43
CA GLU G 20 -30.28 -21.32 45.26
C GLU G 20 -28.99 -21.25 44.43
N PHE G 21 -29.01 -20.46 43.35
CA PHE G 21 -27.81 -20.31 42.56
C PHE G 21 -26.69 -19.67 43.36
N HIS G 22 -27.02 -18.69 44.20
CA HIS G 22 -26.00 -18.08 45.04
C HIS G 22 -25.49 -19.06 46.07
N ALA G 23 -26.34 -19.94 46.58
CA ALA G 23 -25.87 -20.95 47.53
C ALA G 23 -24.83 -21.85 46.88
N VAL G 24 -25.15 -22.39 45.69
CA VAL G 24 -24.18 -23.28 45.04
C VAL G 24 -22.95 -22.50 44.58
N TYR G 25 -23.13 -21.26 44.12
CA TYR G 25 -22.01 -20.43 43.71
C TYR G 25 -21.08 -20.14 44.88
N SER G 26 -21.64 -19.82 46.05
CA SER G 26 -20.84 -19.53 47.23
C SER G 26 -20.10 -20.77 47.70
N GLN G 27 -20.76 -21.93 47.68
CA GLN G 27 -20.06 -23.16 48.05
C GLN G 27 -18.89 -23.43 47.11
N SER G 28 -19.13 -23.30 45.79
CA SER G 28 -18.08 -23.56 44.82
C SER G 28 -16.93 -22.57 44.95
N ALA G 29 -17.25 -21.28 45.14
CA ALA G 29 -16.22 -20.26 45.26
C ALA G 29 -15.41 -20.43 46.54
N ALA G 30 -16.07 -20.79 47.64
CA ALA G 30 -15.36 -21.07 48.87
C ALA G 30 -14.43 -22.27 48.73
N GLY G 31 -14.90 -23.34 48.07
CA GLY G 31 -14.02 -24.48 47.84
C GLY G 31 -12.84 -24.11 46.96
N PHE G 32 -13.08 -23.33 45.91
CA PHE G 32 -12.00 -22.89 45.03
C PHE G 32 -10.98 -22.04 45.78
N LEU G 33 -11.45 -21.12 46.61
CA LEU G 33 -10.54 -20.26 47.36
C LEU G 33 -9.76 -21.05 48.40
N ALA G 34 -10.42 -22.03 49.05
CA ALA G 34 -9.70 -22.87 50.00
C ALA G 34 -8.61 -23.68 49.31
N VAL G 35 -8.91 -24.24 48.14
CA VAL G 35 -7.90 -24.99 47.41
C VAL G 35 -6.77 -24.08 46.97
N CYS G 36 -7.09 -22.86 46.55
CA CYS G 36 -6.05 -21.90 46.17
C CYS G 36 -5.17 -21.52 47.35
N ALA G 37 -5.77 -21.34 48.53
CA ALA G 37 -4.98 -21.03 49.72
C ALA G 37 -4.06 -22.19 50.09
N VAL G 38 -4.58 -23.42 50.01
CA VAL G 38 -3.74 -24.59 50.29
C VAL G 38 -2.60 -24.68 49.28
N ALA G 39 -2.90 -24.44 47.99
CA ALA G 39 -1.87 -24.46 46.96
C ALA G 39 -0.82 -23.38 47.18
N HIS G 40 -1.21 -22.18 47.58
CA HIS G 40 -0.26 -21.13 47.89
C HIS G 40 0.59 -21.45 49.12
N VAL G 41 0.01 -22.07 50.14
CA VAL G 41 0.81 -22.54 51.27
C VAL G 41 1.82 -23.59 50.82
N LEU G 42 1.40 -24.53 49.98
CA LEU G 42 2.31 -25.55 49.45
C LEU G 42 3.42 -24.95 48.62
N ALA G 43 3.11 -23.97 47.77
CA ALA G 43 4.11 -23.28 46.98
C ALA G 43 5.08 -22.47 47.84
N TRP G 44 4.59 -21.86 48.91
CA TRP G 44 5.48 -21.18 49.84
C TRP G 44 6.42 -22.15 50.54
N MET G 45 5.90 -23.31 50.95
CA MET G 45 6.77 -24.32 51.55
C MET G 45 7.78 -24.87 50.54
N TRP G 46 7.42 -24.87 49.26
CA TRP G 46 8.37 -25.25 48.22
C TRP G 46 9.46 -24.20 48.08
N ARG G 47 9.06 -22.95 47.78
CA ARG G 47 9.99 -21.85 47.63
C ARG G 47 9.31 -20.55 48.01
N PRO G 48 9.72 -19.90 49.11
CA PRO G 48 9.13 -18.62 49.47
C PRO G 48 9.32 -17.58 48.37
N PHE G 49 8.32 -16.74 48.16
CA PHE G 49 8.30 -15.85 47.01
C PHE G 49 8.33 -14.37 47.36
N TRP G 50 8.61 -13.99 48.60
CA TRP G 50 8.90 -12.60 48.93
C TRP G 50 10.36 -12.48 49.32
N PRO G 51 11.18 -11.77 48.54
CA PRO G 51 12.61 -11.70 48.84
C PRO G 51 12.89 -10.85 50.07
N GLY G 52 14.04 -11.13 50.68
CA GLY G 52 14.57 -10.30 51.74
C GLY G 52 15.33 -9.14 51.17
N ALA G 53 16.04 -8.43 52.05
CA ALA G 53 16.84 -7.29 51.62
C ALA G 53 18.00 -7.70 50.74
N GLU G 54 18.46 -8.94 50.82
CA GLU G 54 19.58 -9.41 50.04
C GLU G 54 19.17 -10.10 48.74
N GLY G 55 17.90 -10.47 48.60
CA GLY G 55 17.45 -11.15 47.41
C GLY G 55 17.32 -12.64 47.59
N TRP G 56 17.53 -13.39 46.50
CA TRP G 56 17.47 -14.86 46.56
C TRP G 56 18.87 -15.41 46.83
N VAL G 57 19.30 -15.25 48.07
CA VAL G 57 20.61 -15.73 48.50
C VAL G 57 20.47 -16.75 49.62
N MET H 1 -19.46 -8.93 45.96
CA MET H 1 -20.35 -10.04 46.30
C MET H 1 -20.00 -10.61 47.66
N THR H 2 -21.03 -11.09 48.37
CA THR H 2 -20.87 -11.62 49.72
C THR H 2 -21.79 -12.83 49.80
N PHE H 3 -21.67 -13.61 50.87
CA PHE H 3 -22.52 -14.78 51.08
C PHE H 3 -24.00 -14.44 51.18
N SER H 4 -24.34 -13.19 51.45
CA SER H 4 -25.73 -12.77 51.60
C SER H 4 -26.24 -11.95 50.42
N THR H 5 -25.42 -11.69 49.42
CA THR H 5 -25.84 -10.91 48.25
C THR H 5 -26.39 -11.82 47.16
N HIS H 6 -27.40 -12.64 47.51
CA HIS H 6 -27.93 -13.61 46.58
C HIS H 6 -28.71 -12.97 45.43
N LYS H 7 -29.03 -11.69 45.52
CA LYS H 7 -29.80 -11.02 44.48
C LYS H 7 -28.93 -10.39 43.41
N VAL H 8 -27.62 -10.61 43.45
CA VAL H 8 -26.74 -10.17 42.37
C VAL H 8 -27.10 -10.90 41.08
N TRP H 9 -27.66 -12.10 41.19
CA TRP H 9 -28.07 -12.89 40.04
C TRP H 9 -29.43 -12.46 39.49
N LEU H 10 -30.03 -11.41 40.05
CA LEU H 10 -31.14 -10.72 39.43
C LEU H 10 -30.67 -9.59 38.54
N MET H 11 -29.37 -9.31 38.52
CA MET H 11 -28.77 -8.31 37.65
C MET H 11 -27.87 -8.92 36.59
N PHE H 12 -27.06 -9.91 36.96
CA PHE H 12 -26.16 -10.58 36.04
C PHE H 12 -26.74 -11.94 35.66
N ASP H 13 -26.73 -12.24 34.37
CA ASP H 13 -27.19 -13.54 33.90
C ASP H 13 -26.23 -14.62 34.40
N PRO H 14 -26.69 -15.59 35.17
CA PRO H 14 -25.75 -16.57 35.75
C PRO H 14 -24.92 -17.34 34.73
N ARG H 15 -25.52 -17.77 33.63
CA ARG H 15 -24.80 -18.55 32.59
C ARG H 15 -23.68 -17.74 31.97
N SER H 16 -23.94 -16.51 31.50
CA SER H 16 -22.91 -15.67 30.89
C SER H 16 -21.90 -15.18 31.91
N THR H 17 -22.34 -14.86 33.12
CA THR H 17 -21.40 -14.48 34.17
C THR H 17 -20.46 -15.62 34.50
N LEU H 18 -20.90 -16.86 34.46
CA LEU H 18 -20.01 -17.97 34.85
C LEU H 18 -19.00 -18.21 33.75
N VAL H 19 -19.34 -17.95 32.49
CA VAL H 19 -18.44 -18.21 31.34
C VAL H 19 -17.38 -17.10 31.26
N ALA H 20 -17.72 -15.89 31.69
CA ALA H 20 -16.77 -14.76 31.68
C ALA H 20 -15.87 -14.85 32.90
N LEU H 21 -16.34 -15.45 33.98
CA LEU H 21 -15.48 -15.63 35.16
C LEU H 21 -14.61 -16.86 34.90
N ALA H 22 -15.14 -17.90 34.27
CA ALA H 22 -14.28 -19.04 33.98
C ALA H 22 -13.18 -18.66 32.99
N ALA H 23 -13.53 -17.90 31.95
CA ALA H 23 -12.52 -17.45 31.00
C ALA H 23 -11.48 -16.58 31.69
N PHE H 24 -11.92 -15.64 32.52
CA PHE H 24 -10.99 -14.76 33.20
C PHE H 24 -10.09 -15.54 34.16
N LEU H 25 -10.66 -16.49 34.89
CA LEU H 25 -9.86 -17.29 35.83
C LEU H 25 -8.84 -18.14 35.10
N VAL H 26 -9.22 -18.75 33.97
CA VAL H 26 -8.27 -19.55 33.21
C VAL H 26 -7.14 -18.67 32.66
N VAL H 27 -7.49 -17.50 32.12
CA VAL H 27 -6.46 -16.61 31.59
C VAL H 27 -5.52 -16.13 32.69
N LEU H 28 -6.09 -15.79 33.85
CA LEU H 28 -5.26 -15.35 34.98
C LEU H 28 -4.35 -16.46 35.46
N ALA H 29 -4.87 -17.68 35.55
CA ALA H 29 -4.05 -18.82 35.96
C ALA H 29 -2.91 -19.05 35.00
N LEU H 30 -3.20 -18.97 33.69
CA LEU H 30 -2.15 -19.13 32.69
C LEU H 30 -1.10 -18.03 32.82
N LEU H 31 -1.54 -16.79 33.02
CA LEU H 31 -0.60 -15.68 33.15
C LEU H 31 0.31 -15.84 34.35
N ILE H 32 -0.26 -16.24 35.50
CA ILE H 32 0.56 -16.39 36.70
C ILE H 32 1.50 -17.59 36.58
N HIS H 33 1.02 -18.69 36.00
CA HIS H 33 1.90 -19.83 35.79
C HIS H 33 3.06 -19.48 34.85
N PHE H 34 2.78 -18.72 33.79
CA PHE H 34 3.85 -18.30 32.89
C PHE H 34 4.77 -17.30 33.55
N LEU H 35 4.26 -16.47 34.46
CA LEU H 35 5.13 -15.58 35.24
C LEU H 35 6.06 -16.37 36.13
N CYS H 36 5.57 -17.45 36.73
CA CYS H 36 6.44 -18.34 37.49
C CYS H 36 7.48 -19.02 36.60
N LEU H 37 7.06 -19.47 35.41
CA LEU H 37 7.99 -20.10 34.48
C LEU H 37 9.01 -19.12 33.93
N GLY H 38 8.68 -17.82 33.90
CA GLY H 38 9.54 -16.82 33.32
C GLY H 38 10.66 -16.34 34.21
N HIS H 39 10.76 -16.86 35.42
CA HIS H 39 11.78 -16.45 36.37
C HIS H 39 12.54 -17.69 36.86
N ASP H 40 13.83 -17.51 37.10
CA ASP H 40 14.72 -18.64 37.33
C ASP H 40 14.35 -19.41 38.59
N ARG H 41 13.90 -18.72 39.64
CA ARG H 41 13.65 -19.38 40.91
C ARG H 41 12.34 -20.15 40.94
N PHE H 42 11.30 -19.67 40.28
CA PHE H 42 9.97 -20.26 40.37
C PHE H 42 9.62 -21.10 39.15
N ASN H 43 10.56 -21.33 38.25
CA ASN H 43 10.36 -22.27 37.16
C ASN H 43 10.58 -23.68 37.72
N TRP H 44 9.48 -24.37 38.02
CA TRP H 44 9.56 -25.70 38.59
C TRP H 44 9.98 -26.75 37.57
N LEU H 45 9.89 -26.44 36.28
CA LEU H 45 10.30 -27.35 35.22
C LEU H 45 11.75 -27.16 34.80
N GLU H 46 12.31 -25.97 34.97
CA GLU H 46 13.72 -25.73 34.71
C GLU H 46 14.59 -26.21 35.86
N GLY H 47 14.08 -26.13 37.09
CA GLY H 47 14.76 -26.67 38.25
C GLY H 47 16.09 -26.03 38.57
N ASN H 48 16.14 -24.72 38.52
CA ASN H 48 17.32 -24.01 39.00
C ASN H 48 17.37 -24.06 40.52
N PRO H 49 18.55 -23.89 41.12
CA PRO H 49 18.62 -23.74 42.57
C PRO H 49 17.82 -22.54 43.03
N ALA H 50 17.25 -22.66 44.23
CA ALA H 50 16.38 -21.62 44.76
C ALA H 50 17.12 -20.31 45.01
N ALA H 51 18.44 -20.36 45.16
CA ALA H 51 19.26 -19.16 45.38
C ALA H 51 19.78 -18.69 44.02
N THR H 52 18.92 -17.99 43.28
CA THR H 52 19.28 -17.48 41.97
C THR H 52 20.08 -16.18 42.06
N LYS H 53 19.94 -15.45 43.17
CA LYS H 53 20.69 -14.22 43.42
C LYS H 53 20.40 -13.15 42.39
N SER I 9 -35.50 -25.54 32.08
CA SER I 9 -35.77 -24.11 32.13
C SER I 9 -35.30 -23.44 30.84
N SER I 10 -34.20 -22.67 30.94
CA SER I 10 -33.65 -22.02 29.76
C SER I 10 -33.21 -23.05 28.72
N THR I 11 -32.55 -24.11 29.18
CA THR I 11 -32.23 -25.24 28.32
C THR I 11 -33.48 -26.09 28.13
N GLY I 12 -33.64 -26.66 26.94
CA GLY I 12 -34.82 -27.44 26.63
C GLY I 12 -34.96 -28.71 27.44
N LEU I 13 -33.90 -29.11 28.14
CA LEU I 13 -33.95 -30.32 28.95
C LEU I 13 -34.92 -30.15 30.11
N THR I 14 -35.49 -31.27 30.55
CA THR I 14 -36.33 -31.32 31.72
C THR I 14 -35.50 -31.70 32.94
N GLU I 15 -36.12 -31.57 34.13
CA GLU I 15 -35.40 -31.85 35.37
C GLU I 15 -35.01 -33.32 35.49
N ALA I 16 -35.71 -34.22 34.80
CA ALA I 16 -35.38 -35.64 34.84
C ALA I 16 -34.32 -36.02 33.82
N GLU I 17 -34.35 -35.43 32.62
CA GLU I 17 -33.28 -35.63 31.64
C GLU I 17 -31.95 -35.07 32.14
N ALA I 18 -32.00 -33.89 32.78
CA ALA I 18 -30.79 -33.29 33.31
C ALA I 18 -30.11 -34.16 34.34
N LYS I 19 -30.88 -34.87 35.18
CA LYS I 19 -30.28 -35.75 36.17
C LYS I 19 -29.56 -36.93 35.52
N GLU I 20 -30.14 -37.54 34.49
CA GLU I 20 -29.47 -38.63 33.80
C GLU I 20 -28.21 -38.14 33.08
N PHE I 21 -28.29 -36.96 32.45
CA PHE I 21 -27.12 -36.41 31.80
C PHE I 21 -26.03 -36.10 32.82
N HIS I 22 -26.41 -35.58 33.98
CA HIS I 22 -25.41 -35.31 35.00
C HIS I 22 -24.82 -36.60 35.55
N ALA I 23 -25.61 -37.67 35.61
CA ALA I 23 -25.07 -38.95 36.04
C ALA I 23 -23.98 -39.42 35.08
N VAL I 24 -24.28 -39.43 33.78
CA VAL I 24 -23.27 -39.91 32.83
C VAL I 24 -22.08 -38.95 32.76
N TYR I 25 -22.34 -37.64 32.87
CA TYR I 25 -21.28 -36.65 32.87
C TYR I 25 -20.37 -36.79 34.08
N SER I 26 -20.95 -37.03 35.27
CA SER I 26 -20.16 -37.21 36.47
C SER I 26 -19.33 -38.49 36.41
N GLN I 27 -19.92 -39.57 35.91
CA GLN I 27 -19.15 -40.79 35.74
C GLN I 27 -17.98 -40.58 34.78
N SER I 28 -18.23 -39.92 33.64
CA SER I 28 -17.16 -39.66 32.68
C SER I 28 -16.08 -38.75 33.24
N ALA I 29 -16.48 -37.70 33.96
CA ALA I 29 -15.51 -36.79 34.54
C ALA I 29 -14.67 -37.48 35.61
N ALA I 30 -15.30 -38.30 36.46
CA ALA I 30 -14.57 -39.05 37.46
C ALA I 30 -13.59 -40.03 36.83
N GLY I 31 -13.99 -40.74 35.77
CA GLY I 31 -13.05 -41.60 35.07
C GLY I 31 -11.89 -40.83 34.47
N PHE I 32 -12.19 -39.68 33.85
CA PHE I 32 -11.14 -38.84 33.28
C PHE I 32 -10.14 -38.40 34.35
N LEU I 33 -10.65 -37.94 35.50
CA LEU I 33 -9.77 -37.48 36.56
C LEU I 33 -9.00 -38.60 37.22
N ALA I 34 -9.59 -39.80 37.34
CA ALA I 34 -8.85 -40.95 37.85
C ALA I 34 -7.71 -41.33 36.91
N VAL I 35 -7.97 -41.35 35.60
CA VAL I 35 -6.91 -41.66 34.65
C VAL I 35 -5.84 -40.58 34.69
N CYS I 36 -6.24 -39.32 34.87
CA CYS I 36 -5.27 -38.23 34.97
C CYS I 36 -4.41 -38.37 36.23
N ALA I 37 -5.00 -38.76 37.35
CA ALA I 37 -4.23 -38.98 38.57
C ALA I 37 -3.25 -40.14 38.41
N VAL I 38 -3.70 -41.23 37.78
CA VAL I 38 -2.79 -42.34 37.53
C VAL I 38 -1.64 -41.92 36.62
N ALA I 39 -1.95 -41.15 35.57
CA ALA I 39 -0.92 -40.65 34.68
C ALA I 39 0.06 -39.73 35.39
N HIS I 40 -0.41 -38.89 36.30
CA HIS I 40 0.46 -38.04 37.09
C HIS I 40 1.34 -38.81 38.06
N VAL I 41 0.81 -39.86 38.68
CA VAL I 41 1.66 -40.75 39.48
C VAL I 41 2.73 -41.39 38.63
N LEU I 42 2.37 -41.89 37.45
CA LEU I 42 3.35 -42.50 36.56
C LEU I 42 4.41 -41.49 36.13
N ALA I 43 4.01 -40.26 35.81
CA ALA I 43 4.94 -39.21 35.44
C ALA I 43 5.86 -38.82 36.59
N TRP I 44 5.37 -38.79 37.82
CA TRP I 44 6.24 -38.55 38.96
C TRP I 44 7.22 -39.67 39.20
N MET I 45 6.79 -40.93 39.08
CA MET I 45 7.74 -42.03 39.18
C MET I 45 8.74 -42.01 38.04
N TRP I 46 8.36 -41.48 36.89
CA TRP I 46 9.30 -41.33 35.78
C TRP I 46 10.36 -40.28 36.12
N ARG I 47 9.92 -39.05 36.36
CA ARG I 47 10.80 -37.95 36.74
C ARG I 47 10.03 -37.01 37.64
N PRO I 48 10.40 -36.92 38.93
CA PRO I 48 9.72 -35.98 39.83
C PRO I 48 9.80 -34.55 39.32
N PHE I 49 8.73 -33.78 39.51
CA PHE I 49 8.63 -32.47 38.87
C PHE I 49 8.54 -31.31 39.85
N TRP I 50 8.92 -31.51 41.11
CA TRP I 50 9.05 -30.41 42.07
C TRP I 50 10.49 -30.39 42.59
N PRO I 51 11.31 -29.44 42.16
CA PRO I 51 12.71 -29.42 42.60
C PRO I 51 12.85 -28.95 44.05
N GLY I 52 13.97 -29.32 44.64
CA GLY I 52 14.36 -28.83 45.94
C GLY I 52 15.07 -27.50 45.83
N ALA I 53 15.63 -27.06 46.96
CA ALA I 53 16.43 -25.84 46.98
C ALA I 53 17.70 -25.96 46.16
N GLU I 54 18.06 -27.17 45.78
CA GLU I 54 19.28 -27.46 45.04
C GLU I 54 19.06 -27.75 43.56
N GLY I 55 17.81 -27.91 43.12
CA GLY I 55 17.51 -28.05 41.70
C GLY I 55 17.59 -29.48 41.20
N TRP I 56 17.79 -29.60 39.90
CA TRP I 56 17.95 -30.89 39.24
C TRP I 56 19.43 -31.24 39.08
N VAL I 57 20.02 -31.86 40.10
CA VAL I 57 21.36 -32.41 39.92
C VAL I 57 21.35 -33.88 40.36
N MET J 1 -19.67 -26.98 39.93
CA MET J 1 -20.40 -28.21 39.67
C MET J 1 -20.00 -29.28 40.68
N THR J 2 -20.94 -30.15 41.01
CA THR J 2 -20.75 -31.18 42.02
C THR J 2 -21.53 -32.42 41.59
N PHE J 3 -21.22 -33.57 42.18
CA PHE J 3 -21.91 -34.83 41.90
C PHE J 3 -23.42 -34.72 42.08
N SER J 4 -23.91 -33.72 42.80
CA SER J 4 -25.34 -33.57 43.06
C SER J 4 -26.00 -32.42 42.32
N THR J 5 -25.22 -31.52 41.70
CA THR J 5 -25.79 -30.35 41.01
C THR J 5 -26.25 -30.71 39.60
N HIS J 6 -27.22 -31.62 39.51
CA HIS J 6 -27.69 -32.09 38.20
C HIS J 6 -28.46 -31.02 37.45
N LYS J 7 -28.88 -29.96 38.11
CA LYS J 7 -29.71 -28.93 37.49
C LYS J 7 -28.91 -27.88 36.74
N VAL J 8 -27.58 -28.01 36.72
CA VAL J 8 -26.74 -27.09 35.94
C VAL J 8 -27.07 -27.20 34.45
N TRP J 9 -27.59 -28.34 34.03
CA TRP J 9 -27.95 -28.58 32.64
C TRP J 9 -29.31 -28.01 32.26
N LEU J 10 -30.04 -27.45 33.23
CA LEU J 10 -31.21 -26.64 32.95
C LEU J 10 -30.83 -25.18 32.66
N MET J 11 -29.56 -24.85 32.76
CA MET J 11 -29.00 -23.52 32.52
C MET J 11 -27.90 -23.53 31.47
N PHE J 12 -27.11 -24.59 31.41
CA PHE J 12 -26.09 -24.76 30.39
C PHE J 12 -26.52 -25.84 29.41
N ASP J 13 -26.47 -25.52 28.13
CA ASP J 13 -26.79 -26.50 27.10
C ASP J 13 -25.78 -27.65 27.15
N PRO J 14 -26.22 -28.89 27.34
CA PRO J 14 -25.25 -29.99 27.43
C PRO J 14 -24.36 -30.14 26.20
N ARG J 15 -24.91 -30.01 25.01
CA ARG J 15 -24.14 -30.17 23.77
C ARG J 15 -23.07 -29.11 23.69
N SER J 16 -23.43 -27.83 23.77
CA SER J 16 -22.46 -26.74 23.61
C SER J 16 -21.44 -26.76 24.74
N THR J 17 -21.87 -27.05 25.97
CA THR J 17 -20.95 -27.14 27.08
C THR J 17 -19.95 -28.28 26.87
N LEU J 18 -20.41 -29.43 26.40
CA LEU J 18 -19.50 -30.54 26.14
C LEU J 18 -18.51 -30.18 25.05
N VAL J 19 -18.96 -29.52 23.98
CA VAL J 19 -18.04 -29.15 22.91
C VAL J 19 -16.99 -28.15 23.42
N ALA J 20 -17.42 -27.13 24.17
CA ALA J 20 -16.47 -26.15 24.70
C ALA J 20 -15.49 -26.79 25.67
N LEU J 21 -15.99 -27.70 26.53
CA LEU J 21 -15.11 -28.38 27.47
C LEU J 21 -14.10 -29.25 26.74
N ALA J 22 -14.53 -29.98 25.71
CA ALA J 22 -13.61 -30.80 24.96
C ALA J 22 -12.54 -29.96 24.29
N ALA J 23 -12.94 -28.83 23.67
CA ALA J 23 -11.96 -27.96 23.05
C ALA J 23 -10.98 -27.41 24.07
N PHE J 24 -11.47 -26.94 25.21
CA PHE J 24 -10.59 -26.37 26.23
C PHE J 24 -9.64 -27.43 26.78
N LEU J 25 -10.14 -28.63 27.04
CA LEU J 25 -9.29 -29.69 27.59
C LEU J 25 -8.23 -30.12 26.60
N VAL J 26 -8.58 -30.24 25.32
CA VAL J 26 -7.58 -30.59 24.31
C VAL J 26 -6.52 -29.49 24.21
N VAL J 27 -6.95 -28.22 24.22
CA VAL J 27 -6.00 -27.12 24.13
C VAL J 27 -5.07 -27.11 25.33
N LEU J 28 -5.62 -27.33 26.53
CA LEU J 28 -4.80 -27.33 27.74
C LEU J 28 -3.84 -28.51 27.75
N ALA J 29 -4.28 -29.69 27.29
CA ALA J 29 -3.39 -30.83 27.20
C ALA J 29 -2.25 -30.57 26.23
N LEU J 30 -2.55 -29.98 25.08
CA LEU J 30 -1.50 -29.61 24.13
C LEU J 30 -0.54 -28.61 24.75
N LEU J 31 -1.08 -27.62 25.47
CA LEU J 31 -0.24 -26.61 26.10
C LEU J 31 0.74 -27.25 27.10
N ILE J 32 0.23 -28.13 27.97
CA ILE J 32 1.10 -28.72 28.98
C ILE J 32 2.10 -29.68 28.35
N HIS J 33 1.68 -30.42 27.33
CA HIS J 33 2.62 -31.30 26.63
C HIS J 33 3.71 -30.51 25.93
N PHE J 34 3.38 -29.37 25.33
CA PHE J 34 4.38 -28.50 24.73
C PHE J 34 5.29 -27.84 25.74
N LEU J 35 4.78 -27.50 26.93
CA LEU J 35 5.61 -27.00 28.01
C LEU J 35 6.54 -28.05 28.58
N CYS J 36 6.14 -29.32 28.57
CA CYS J 36 7.03 -30.42 28.89
C CYS J 36 8.07 -30.67 27.81
N LEU J 37 7.70 -30.54 26.54
CA LEU J 37 8.66 -30.59 25.46
C LEU J 37 9.61 -29.39 25.46
N GLY J 38 9.20 -28.29 26.09
CA GLY J 38 10.00 -27.09 26.13
C GLY J 38 10.86 -26.99 27.37
N HIS J 39 11.18 -28.14 27.96
CA HIS J 39 12.07 -28.19 29.11
C HIS J 39 12.93 -29.44 29.00
N ASP J 40 14.22 -29.28 29.32
CA ASP J 40 15.20 -30.35 29.06
C ASP J 40 14.91 -31.61 29.87
N ARG J 41 14.56 -31.47 31.15
CA ARG J 41 14.33 -32.64 31.98
C ARG J 41 13.05 -33.38 31.61
N PHE J 42 12.02 -32.67 31.14
CA PHE J 42 10.72 -33.28 30.91
C PHE J 42 10.40 -33.51 29.44
N ASN J 43 11.29 -33.13 28.53
CA ASN J 43 11.16 -33.55 27.15
C ASN J 43 11.48 -35.04 27.05
N TRP J 44 10.44 -35.86 26.96
CA TRP J 44 10.59 -37.31 26.93
C TRP J 44 11.07 -37.84 25.59
N LEU J 45 10.92 -37.06 24.52
CA LEU J 45 11.42 -37.46 23.21
C LEU J 45 12.87 -37.08 22.98
N GLU J 46 13.33 -35.98 23.56
CA GLU J 46 14.75 -35.63 23.49
C GLU J 46 15.58 -36.55 24.36
N GLY J 47 15.06 -36.99 25.49
CA GLY J 47 15.75 -37.94 26.35
C GLY J 47 17.05 -37.43 26.92
N ASN J 48 17.04 -36.21 27.45
CA ASN J 48 18.19 -35.72 28.18
C ASN J 48 18.31 -36.46 29.50
N PRO J 49 19.50 -36.46 30.12
CA PRO J 49 19.63 -37.00 31.48
C PRO J 49 18.68 -36.28 32.42
N ALA J 50 18.12 -37.04 33.37
CA ALA J 50 17.14 -36.47 34.29
C ALA J 50 17.75 -35.33 35.11
N ALA J 51 18.99 -35.51 35.55
CA ALA J 51 19.69 -34.47 36.29
C ALA J 51 20.31 -33.48 35.32
N THR J 52 19.79 -32.23 35.28
CA THR J 52 20.07 -31.28 34.17
C THR J 52 20.93 -30.09 34.59
N LYS J 53 21.30 -30.00 35.86
CA LYS J 53 22.09 -28.89 36.37
C LYS J 53 23.37 -29.40 37.02
N SER K 9 -34.59 -36.82 19.49
CA SER K 9 -34.65 -35.55 20.19
C SER K 9 -34.26 -34.39 19.26
N SER K 10 -33.23 -33.64 19.66
CA SER K 10 -32.75 -32.54 18.82
C SER K 10 -32.23 -33.07 17.49
N THR K 11 -31.53 -34.20 17.52
CA THR K 11 -31.05 -34.84 16.31
C THR K 11 -32.17 -35.71 15.73
N GLY K 12 -32.29 -35.70 14.41
CA GLY K 12 -33.38 -36.41 13.76
C GLY K 12 -33.22 -37.91 13.77
N LEU K 13 -32.97 -38.48 14.95
CA LEU K 13 -32.83 -39.91 15.14
C LEU K 13 -33.75 -40.38 16.25
N THR K 14 -34.18 -41.63 16.16
CA THR K 14 -34.96 -42.27 17.22
C THR K 14 -34.02 -43.03 18.15
N GLU K 15 -34.60 -43.54 19.24
CA GLU K 15 -33.81 -44.31 20.20
C GLU K 15 -33.30 -45.61 19.59
N ALA K 16 -34.04 -46.22 18.67
CA ALA K 16 -33.59 -47.42 18.00
C ALA K 16 -32.51 -47.15 16.96
N GLU K 17 -32.64 -46.06 16.20
CA GLU K 17 -31.59 -45.69 15.25
C GLU K 17 -30.31 -45.30 15.96
N ALA K 18 -30.42 -44.53 17.04
CA ALA K 18 -29.24 -44.20 17.83
C ALA K 18 -28.59 -45.43 18.43
N LYS K 19 -29.39 -46.43 18.82
CA LYS K 19 -28.83 -47.68 19.32
C LYS K 19 -27.96 -48.37 18.28
N GLU K 20 -28.44 -48.47 17.04
CA GLU K 20 -27.67 -49.09 15.97
C GLU K 20 -26.42 -48.29 15.63
N PHE K 21 -26.56 -46.96 15.53
CA PHE K 21 -25.39 -46.14 15.24
C PHE K 21 -24.35 -46.24 16.35
N HIS K 22 -24.79 -46.22 17.61
CA HIS K 22 -23.82 -46.33 18.69
C HIS K 22 -23.18 -47.70 18.74
N ALA K 23 -23.92 -48.75 18.39
CA ALA K 23 -23.29 -50.06 18.28
C ALA K 23 -22.16 -50.03 17.24
N VAL K 24 -22.46 -49.54 16.04
CA VAL K 24 -21.47 -49.51 14.98
C VAL K 24 -20.28 -48.64 15.38
N TYR K 25 -20.57 -47.47 15.95
CA TYR K 25 -19.53 -46.58 16.45
C TYR K 25 -18.69 -47.26 17.52
N SER K 26 -19.32 -48.10 18.34
CA SER K 26 -18.60 -48.79 19.41
C SER K 26 -17.60 -49.78 18.85
N GLN K 27 -18.04 -50.66 17.93
CA GLN K 27 -17.03 -51.56 17.35
C GLN K 27 -15.99 -50.81 16.56
N SER K 28 -16.37 -49.75 15.85
CA SER K 28 -15.39 -48.99 15.07
C SER K 28 -14.32 -48.39 15.98
N ALA K 29 -14.74 -47.72 17.05
CA ALA K 29 -13.81 -47.09 17.97
C ALA K 29 -12.97 -48.13 18.71
N ALA K 30 -13.59 -49.25 19.10
CA ALA K 30 -12.83 -50.30 19.77
C ALA K 30 -11.76 -50.89 18.86
N GLY K 31 -12.09 -51.13 17.59
CA GLY K 31 -11.09 -51.61 16.66
C GLY K 31 -9.98 -50.61 16.41
N PHE K 32 -10.35 -49.32 16.29
CA PHE K 32 -9.34 -48.28 16.13
C PHE K 32 -8.40 -48.24 17.33
N LEU K 33 -8.94 -48.32 18.54
CA LEU K 33 -8.11 -48.28 19.74
C LEU K 33 -7.25 -49.53 19.87
N ALA K 34 -7.78 -50.69 19.48
CA ALA K 34 -6.98 -51.92 19.52
C ALA K 34 -5.81 -51.84 18.54
N VAL K 35 -6.07 -51.35 17.32
CA VAL K 35 -5.00 -51.19 16.34
C VAL K 35 -3.98 -50.17 16.84
N CYS K 36 -4.44 -49.09 17.48
CA CYS K 36 -3.55 -48.11 18.05
C CYS K 36 -2.67 -48.68 19.17
N ALA K 37 -3.25 -49.50 20.05
CA ALA K 37 -2.48 -50.17 21.09
C ALA K 37 -1.46 -51.15 20.52
N VAL K 38 -1.82 -51.92 19.50
CA VAL K 38 -0.84 -52.79 18.86
C VAL K 38 0.28 -51.99 18.22
N ALA K 39 -0.06 -50.87 17.57
CA ALA K 39 0.96 -50.00 17.00
C ALA K 39 1.87 -49.42 18.06
N HIS K 40 1.32 -49.06 19.22
CA HIS K 40 2.15 -48.55 20.31
C HIS K 40 3.07 -49.63 20.88
N VAL K 41 2.56 -50.85 21.03
CA VAL K 41 3.43 -51.95 21.47
C VAL K 41 4.56 -52.18 20.47
N LEU K 42 4.25 -52.16 19.17
CA LEU K 42 5.27 -52.29 18.14
C LEU K 42 6.28 -51.15 18.16
N ALA K 43 5.83 -49.92 18.36
CA ALA K 43 6.73 -48.76 18.45
C ALA K 43 7.58 -48.78 19.70
N TRP K 44 7.09 -49.33 20.81
CA TRP K 44 7.94 -49.54 21.96
C TRP K 44 8.96 -50.64 21.73
N MET K 45 8.57 -51.70 21.02
CA MET K 45 9.54 -52.72 20.63
C MET K 45 10.63 -52.12 19.75
N TRP K 46 10.25 -51.23 18.83
CA TRP K 46 11.21 -50.55 17.97
C TRP K 46 12.20 -49.73 18.79
N ARG K 47 11.69 -48.71 19.48
CA ARG K 47 12.52 -47.83 20.31
C ARG K 47 11.70 -47.37 21.49
N PRO K 48 12.04 -47.78 22.73
CA PRO K 48 11.30 -47.32 23.90
C PRO K 48 11.29 -45.80 24.02
N PHE K 49 10.16 -45.23 24.44
CA PHE K 49 9.99 -43.79 24.40
C PHE K 49 9.81 -43.14 25.76
N TRP K 50 10.19 -43.80 26.86
CA TRP K 50 10.30 -43.15 28.15
C TRP K 50 11.73 -43.22 28.62
N PRO K 51 12.44 -42.10 28.70
CA PRO K 51 13.87 -42.15 29.05
C PRO K 51 14.09 -42.56 30.49
N GLY K 52 15.28 -43.11 30.73
CA GLY K 52 15.75 -43.37 32.08
C GLY K 52 16.40 -42.14 32.67
N ALA K 53 16.99 -42.33 33.85
CA ALA K 53 17.66 -41.22 34.52
C ALA K 53 18.85 -40.69 33.75
N GLU K 54 19.50 -41.54 32.94
CA GLU K 54 20.67 -41.12 32.17
C GLU K 54 20.32 -40.67 30.76
N GLY K 55 19.05 -40.70 30.38
CA GLY K 55 18.65 -40.35 29.04
C GLY K 55 18.83 -41.50 28.08
N TRP K 56 18.96 -41.16 26.80
CA TRP K 56 19.18 -42.16 25.76
C TRP K 56 20.66 -42.53 25.71
N VAL K 57 21.06 -43.37 26.65
CA VAL K 57 22.44 -43.83 26.73
C VAL K 57 22.49 -45.35 26.82
N MET L 1 -18.62 -40.96 27.16
CA MET L 1 -19.24 -41.88 26.21
C MET L 1 -18.77 -43.30 26.48
N THR L 2 -19.72 -44.22 26.63
CA THR L 2 -19.44 -45.61 27.00
C THR L 2 -20.21 -46.50 26.00
N PHE L 3 -19.96 -47.81 26.05
CA PHE L 3 -20.66 -48.76 25.20
C PHE L 3 -22.18 -48.71 25.35
N SER L 4 -22.69 -48.25 26.49
CA SER L 4 -24.11 -48.27 26.77
C SER L 4 -24.80 -46.93 26.62
N THR L 5 -24.07 -45.84 26.39
CA THR L 5 -24.67 -44.51 26.27
C THR L 5 -25.05 -44.23 24.81
N HIS L 6 -25.98 -45.04 24.30
CA HIS L 6 -26.37 -44.93 22.91
C HIS L 6 -27.23 -43.71 22.63
N LYS L 7 -27.73 -43.04 23.67
CA LYS L 7 -28.58 -41.87 23.50
C LYS L 7 -27.80 -40.59 23.26
N VAL L 8 -26.46 -40.68 23.16
CA VAL L 8 -25.67 -39.50 22.83
C VAL L 8 -26.02 -38.97 21.46
N TRP L 9 -26.41 -39.86 20.55
CA TRP L 9 -26.70 -39.47 19.17
C TRP L 9 -28.07 -38.84 19.00
N LEU L 10 -28.89 -38.86 20.05
CA LEU L 10 -30.08 -38.02 20.11
C LEU L 10 -29.76 -36.58 20.49
N MET L 11 -28.55 -36.34 20.98
CA MET L 11 -28.09 -35.01 21.38
C MET L 11 -26.98 -34.48 20.48
N PHE L 12 -26.09 -35.34 20.01
CA PHE L 12 -25.06 -34.97 19.04
C PHE L 12 -25.42 -35.54 17.68
N ASP L 13 -25.36 -34.71 16.65
CA ASP L 13 -25.65 -35.17 15.29
C ASP L 13 -24.55 -36.13 14.84
N PRO L 14 -24.89 -37.37 14.48
CA PRO L 14 -23.84 -38.33 14.10
C PRO L 14 -22.94 -37.87 12.97
N ARG L 15 -23.50 -37.26 11.93
CA ARG L 15 -22.71 -36.88 10.75
C ARG L 15 -21.66 -35.82 11.06
N SER L 16 -22.08 -34.71 11.66
CA SER L 16 -21.12 -33.65 12.00
C SER L 16 -20.15 -34.10 13.09
N THR L 17 -20.62 -34.88 14.06
CA THR L 17 -19.73 -35.38 15.09
C THR L 17 -18.65 -36.28 14.51
N LEU L 18 -19.02 -37.20 13.61
CA LEU L 18 -18.03 -38.04 12.96
C LEU L 18 -17.06 -37.24 12.10
N VAL L 19 -17.54 -36.25 11.34
CA VAL L 19 -16.61 -35.46 10.54
C VAL L 19 -15.64 -34.64 11.41
N ALA L 20 -16.13 -34.01 12.48
CA ALA L 20 -15.24 -33.28 13.37
C ALA L 20 -14.26 -34.20 14.07
N LEU L 21 -14.70 -35.39 14.49
CA LEU L 21 -13.81 -36.34 15.12
C LEU L 21 -12.74 -36.81 14.14
N ALA L 22 -13.12 -37.05 12.89
CA ALA L 22 -12.14 -37.45 11.88
C ALA L 22 -11.11 -36.36 11.67
N ALA L 23 -11.56 -35.09 11.58
CA ALA L 23 -10.61 -33.99 11.42
C ALA L 23 -9.67 -33.90 12.61
N PHE L 24 -10.21 -33.99 13.82
CA PHE L 24 -9.38 -33.89 15.02
C PHE L 24 -8.37 -35.03 15.08
N LEU L 25 -8.81 -36.26 14.79
CA LEU L 25 -7.91 -37.40 14.82
C LEU L 25 -6.83 -37.32 13.76
N VAL L 26 -7.16 -36.86 12.55
CA VAL L 26 -6.14 -36.69 11.52
C VAL L 26 -5.12 -35.64 11.94
N VAL L 27 -5.59 -34.50 12.47
CA VAL L 27 -4.66 -33.47 12.90
C VAL L 27 -3.77 -33.97 14.04
N LEU L 28 -4.35 -34.68 15.01
CA LEU L 28 -3.57 -35.21 16.12
C LEU L 28 -2.53 -36.22 15.63
N ALA L 29 -2.93 -37.12 14.73
CA ALA L 29 -2.00 -38.11 14.19
C ALA L 29 -0.85 -37.44 13.45
N LEU L 30 -1.17 -36.45 12.62
CA LEU L 30 -0.14 -35.72 11.89
C LEU L 30 0.80 -35.01 12.84
N LEU L 31 0.25 -34.36 13.88
CA LEU L 31 1.07 -33.64 14.83
C LEU L 31 2.02 -34.57 15.57
N ILE L 32 1.52 -35.73 16.01
CA ILE L 32 2.37 -36.66 16.74
C ILE L 32 3.44 -37.26 15.83
N HIS L 33 3.07 -37.61 14.59
CA HIS L 33 4.05 -38.14 13.65
C HIS L 33 5.14 -37.12 13.36
N PHE L 34 4.76 -35.85 13.17
CA PHE L 34 5.74 -34.80 12.95
C PHE L 34 6.60 -34.53 14.17
N LEU L 35 6.04 -34.62 15.38
CA LEU L 35 6.84 -34.50 16.59
C LEU L 35 7.86 -35.63 16.70
N CYS L 36 7.47 -36.84 16.34
CA CYS L 36 8.42 -37.95 16.30
C CYS L 36 9.51 -37.71 15.27
N LEU L 37 9.12 -37.24 14.08
CA LEU L 37 10.10 -36.94 13.04
C LEU L 37 11.03 -35.79 13.44
N GLY L 38 10.57 -34.92 14.33
CA GLY L 38 11.32 -33.77 14.77
C GLY L 38 12.33 -34.05 15.87
N HIS L 39 12.49 -35.30 16.27
CA HIS L 39 13.46 -35.69 17.27
C HIS L 39 14.41 -36.73 16.68
N ASP L 40 15.66 -36.70 17.15
CA ASP L 40 16.69 -37.58 16.59
C ASP L 40 16.38 -39.05 16.81
N ARG L 41 15.93 -39.42 18.01
CA ARG L 41 15.72 -40.82 18.35
C ARG L 41 14.48 -41.42 17.70
N PHE L 42 13.54 -40.61 17.23
CA PHE L 42 12.28 -41.13 16.74
C PHE L 42 12.00 -40.81 15.28
N ASN L 43 12.89 -40.09 14.61
CA ASN L 43 12.82 -39.97 13.16
C ASN L 43 13.23 -41.30 12.54
N TRP L 44 12.25 -42.11 12.16
CA TRP L 44 12.53 -43.42 11.58
C TRP L 44 13.01 -43.33 10.15
N LEU L 45 12.78 -42.21 9.47
CA LEU L 45 13.27 -42.02 8.11
C LEU L 45 14.69 -41.49 8.07
N GLU L 46 15.10 -40.70 9.06
CA GLU L 46 16.48 -40.27 9.17
C GLU L 46 17.40 -41.37 9.69
N GLY L 47 16.88 -42.25 10.52
CA GLY L 47 17.63 -43.42 10.98
C GLY L 47 18.88 -43.11 11.75
N ASN L 48 18.79 -42.20 12.71
CA ASN L 48 19.89 -41.98 13.63
C ASN L 48 20.03 -43.17 14.57
N PRO L 49 21.20 -43.35 15.17
CA PRO L 49 21.33 -44.39 16.20
C PRO L 49 20.36 -44.14 17.35
N ALA L 50 19.82 -45.23 17.89
CA ALA L 50 18.84 -45.10 18.97
C ALA L 50 19.47 -44.44 20.19
N ALA L 51 20.73 -44.77 20.49
CA ALA L 51 21.43 -44.20 21.63
C ALA L 51 21.84 -42.77 21.30
N THR L 52 21.01 -41.78 21.68
CA THR L 52 21.10 -40.40 21.12
C THR L 52 21.78 -39.42 22.06
N LYS L 53 21.59 -39.59 23.37
CA LYS L 53 22.25 -38.80 24.41
C LYS L 53 21.81 -37.33 24.34
N SER M 9 -32.92 -41.94 3.75
CA SER M 9 -32.89 -41.14 4.98
C SER M 9 -32.39 -39.72 4.69
N SER M 10 -31.34 -39.32 5.39
CA SER M 10 -30.76 -37.99 5.17
C SER M 10 -30.28 -37.84 3.72
N THR M 11 -29.55 -38.84 3.23
CA THR M 11 -29.19 -38.89 1.83
C THR M 11 -30.33 -39.50 1.04
N GLY M 12 -30.61 -38.93 -0.14
CA GLY M 12 -31.73 -39.41 -0.93
C GLY M 12 -31.46 -40.75 -1.59
N LEU M 13 -31.35 -41.80 -0.77
CA LEU M 13 -31.11 -43.14 -1.26
C LEU M 13 -32.01 -44.13 -0.53
N THR M 14 -32.12 -45.32 -1.11
CA THR M 14 -32.81 -46.45 -0.53
C THR M 14 -31.77 -47.47 -0.07
N GLU M 15 -32.16 -48.32 0.89
CA GLU M 15 -31.26 -49.37 1.35
C GLU M 15 -30.81 -50.29 0.21
N ALA M 16 -31.64 -50.43 -0.83
CA ALA M 16 -31.20 -51.18 -2.00
C ALA M 16 -30.09 -50.47 -2.75
N GLU M 17 -30.23 -49.15 -2.97
CA GLU M 17 -29.16 -48.39 -3.58
C GLU M 17 -27.93 -48.35 -2.69
N ALA M 18 -28.13 -48.14 -1.38
CA ALA M 18 -27.02 -48.06 -0.45
C ALA M 18 -26.25 -49.37 -0.41
N LYS M 19 -26.94 -50.51 -0.43
CA LYS M 19 -26.26 -51.79 -0.39
C LYS M 19 -25.38 -52.01 -1.61
N GLU M 20 -25.88 -51.69 -2.81
CA GLU M 20 -25.09 -51.83 -4.02
C GLU M 20 -23.90 -50.88 -4.03
N PHE M 21 -24.12 -49.63 -3.66
CA PHE M 21 -23.01 -48.68 -3.61
C PHE M 21 -21.96 -49.12 -2.60
N HIS M 22 -22.39 -49.63 -1.45
CA HIS M 22 -21.42 -50.07 -0.46
C HIS M 22 -20.68 -51.32 -0.92
N ALA M 23 -21.35 -52.22 -1.65
CA ALA M 23 -20.63 -53.35 -2.20
C ALA M 23 -19.52 -52.89 -3.15
N VAL M 24 -19.85 -51.98 -4.06
CA VAL M 24 -18.83 -51.49 -4.98
C VAL M 24 -17.73 -50.72 -4.25
N TYR M 25 -18.10 -49.87 -3.30
CA TYR M 25 -17.14 -49.11 -2.51
C TYR M 25 -16.23 -50.01 -1.70
N SER M 26 -16.78 -51.07 -1.09
CA SER M 26 -15.98 -52.02 -0.33
C SER M 26 -15.01 -52.76 -1.24
N GLN M 27 -15.46 -53.20 -2.41
CA GLN M 27 -14.53 -53.84 -3.34
C GLN M 27 -13.40 -52.90 -3.75
N SER M 28 -13.75 -51.66 -4.07
CA SER M 28 -12.74 -50.70 -4.50
C SER M 28 -11.75 -50.37 -3.38
N ALA M 29 -12.25 -50.17 -2.16
CA ALA M 29 -11.38 -49.87 -1.03
C ALA M 29 -10.48 -51.05 -0.71
N ALA M 30 -11.03 -52.27 -0.73
CA ALA M 30 -10.20 -53.45 -0.47
C ALA M 30 -9.12 -53.60 -1.52
N GLY M 31 -9.45 -53.38 -2.79
CA GLY M 31 -8.44 -53.43 -3.83
C GLY M 31 -7.37 -52.36 -3.67
N PHE M 32 -7.79 -51.15 -3.28
CA PHE M 32 -6.84 -50.07 -3.05
C PHE M 32 -5.88 -50.42 -1.90
N LEU M 33 -6.42 -50.98 -0.81
CA LEU M 33 -5.55 -51.37 0.30
C LEU M 33 -4.66 -52.54 -0.06
N ALA M 34 -5.14 -53.48 -0.89
CA ALA M 34 -4.29 -54.58 -1.32
C ALA M 34 -3.13 -54.08 -2.16
N VAL M 35 -3.40 -53.17 -3.10
CA VAL M 35 -2.34 -52.60 -3.92
C VAL M 35 -1.38 -51.80 -3.05
N CYS M 36 -1.89 -51.07 -2.06
CA CYS M 36 -1.02 -50.35 -1.14
C CYS M 36 -0.13 -51.28 -0.33
N ALA M 37 -0.66 -52.41 0.13
CA ALA M 37 0.14 -53.39 0.85
C ALA M 37 1.23 -53.99 -0.02
N VAL M 38 0.89 -54.31 -1.28
CA VAL M 38 1.90 -54.83 -2.20
C VAL M 38 2.98 -53.77 -2.45
N ALA M 39 2.59 -52.51 -2.65
CA ALA M 39 3.55 -51.45 -2.85
C ALA M 39 4.43 -51.26 -1.61
N HIS M 40 3.88 -51.44 -0.42
CA HIS M 40 4.67 -51.33 0.80
C HIS M 40 5.64 -52.48 0.97
N VAL M 41 5.24 -53.69 0.62
CA VAL M 41 6.19 -54.80 0.61
C VAL M 41 7.30 -54.55 -0.39
N LEU M 42 6.96 -54.02 -1.57
CA LEU M 42 7.96 -53.69 -2.57
C LEU M 42 8.93 -52.62 -2.07
N ALA M 43 8.41 -51.58 -1.42
CA ALA M 43 9.25 -50.52 -0.87
C ALA M 43 10.11 -51.00 0.28
N TRP M 44 9.62 -51.94 1.08
CA TRP M 44 10.46 -52.52 2.12
C TRP M 44 11.57 -53.37 1.53
N MET M 45 11.28 -54.13 0.47
CA MET M 45 12.33 -54.89 -0.19
C MET M 45 13.35 -53.97 -0.85
N TRP M 46 12.91 -52.81 -1.34
CA TRP M 46 13.84 -51.80 -1.84
C TRP M 46 14.75 -51.33 -0.73
N ARG M 47 14.17 -50.72 0.30
CA ARG M 47 14.92 -50.21 1.45
C ARG M 47 14.07 -50.33 2.70
N PRO M 48 14.44 -51.14 3.68
CA PRO M 48 13.67 -51.21 4.93
C PRO M 48 13.61 -49.84 5.59
N PHE M 49 12.48 -49.56 6.23
CA PHE M 49 12.22 -48.22 6.75
C PHE M 49 11.98 -48.19 8.26
N TRP M 50 12.42 -49.20 9.00
CA TRP M 50 12.45 -49.14 10.46
C TRP M 50 13.88 -49.41 10.91
N PRO M 51 14.59 -48.43 11.45
CA PRO M 51 16.00 -48.63 11.78
C PRO M 51 16.18 -49.53 12.99
N GLY M 52 17.39 -50.07 13.11
CA GLY M 52 17.82 -50.73 14.32
C GLY M 52 18.38 -49.75 15.32
N ALA M 53 18.94 -50.30 16.40
CA ALA M 53 19.56 -49.45 17.40
C ALA M 53 20.79 -48.72 16.86
N GLU M 54 21.36 -49.21 15.75
CA GLU M 54 22.55 -48.64 15.15
C GLU M 54 22.26 -47.64 14.05
N GLY M 55 21.00 -47.45 13.67
CA GLY M 55 20.65 -46.54 12.61
C GLY M 55 20.83 -47.15 11.23
N TRP M 56 20.93 -46.27 10.23
CA TRP M 56 21.18 -46.69 8.85
C TRP M 56 22.69 -46.80 8.64
N VAL M 57 23.21 -48.02 8.82
CA VAL M 57 24.63 -48.25 8.62
C VAL M 57 24.84 -49.45 7.70
N MET N 1 -16.82 -47.85 9.49
CA MET N 1 -17.28 -48.50 8.28
C MET N 1 -16.67 -49.89 8.16
N THR N 2 -17.50 -50.86 7.79
CA THR N 2 -17.09 -52.26 7.69
C THR N 2 -17.69 -52.82 6.41
N PHE N 3 -17.30 -54.03 6.01
CA PHE N 3 -17.80 -54.65 4.79
C PHE N 3 -19.32 -54.80 4.76
N SER N 4 -19.98 -54.89 5.92
CA SER N 4 -21.41 -55.17 5.99
C SER N 4 -22.22 -53.99 6.50
N THR N 5 -21.60 -52.84 6.68
CA THR N 5 -22.30 -51.63 7.13
C THR N 5 -22.64 -50.77 5.93
N HIS N 6 -23.66 -51.20 5.18
CA HIS N 6 -24.01 -50.55 3.92
C HIS N 6 -24.85 -49.30 4.11
N LYS N 7 -25.34 -49.04 5.31
CA LYS N 7 -26.18 -47.88 5.56
C LYS N 7 -25.39 -46.62 5.88
N VAL N 8 -24.10 -46.58 5.54
CA VAL N 8 -23.33 -45.35 5.64
C VAL N 8 -23.96 -44.30 4.75
N TRP N 9 -24.35 -44.69 3.54
CA TRP N 9 -24.78 -43.80 2.48
C TRP N 9 -26.23 -43.36 2.65
N LEU N 10 -26.88 -43.77 3.75
CA LEU N 10 -28.12 -43.17 4.19
C LEU N 10 -27.88 -42.00 5.13
N MET N 11 -26.61 -41.74 5.45
CA MET N 11 -26.23 -40.65 6.35
C MET N 11 -25.19 -39.75 5.68
N PHE N 12 -24.36 -40.34 4.82
CA PHE N 12 -23.31 -39.61 4.12
C PHE N 12 -23.56 -39.67 2.63
N ASP N 13 -23.45 -38.52 1.96
CA ASP N 13 -23.67 -38.47 0.52
C ASP N 13 -22.58 -39.26 -0.20
N PRO N 14 -22.92 -40.28 -0.98
CA PRO N 14 -21.88 -41.08 -1.65
C PRO N 14 -20.97 -40.28 -2.55
N ARG N 15 -21.49 -39.33 -3.32
CA ARG N 15 -20.67 -38.55 -4.24
C ARG N 15 -19.77 -37.54 -3.53
N SER N 16 -20.30 -36.79 -2.56
CA SER N 16 -19.49 -35.87 -1.79
C SER N 16 -18.44 -36.59 -0.96
N THR N 17 -18.81 -37.72 -0.34
CA THR N 17 -17.85 -38.50 0.40
C THR N 17 -16.74 -39.03 -0.50
N LEU N 18 -17.08 -39.51 -1.70
CA LEU N 18 -16.05 -39.96 -2.63
C LEU N 18 -15.12 -38.84 -3.07
N VAL N 19 -15.66 -37.66 -3.38
CA VAL N 19 -14.81 -36.55 -3.78
C VAL N 19 -13.89 -36.12 -2.63
N ALA N 20 -14.43 -36.00 -1.41
CA ALA N 20 -13.61 -35.64 -0.26
C ALA N 20 -12.54 -36.70 0.02
N LEU N 21 -12.89 -37.99 -0.08
CA LEU N 21 -11.93 -39.05 0.13
C LEU N 21 -10.83 -39.02 -0.93
N ALA N 22 -11.19 -38.78 -2.19
CA ALA N 22 -10.18 -38.67 -3.24
C ALA N 22 -9.23 -37.50 -2.97
N ALA N 23 -9.77 -36.35 -2.58
CA ALA N 23 -8.91 -35.21 -2.26
C ALA N 23 -7.98 -35.52 -1.09
N PHE N 24 -8.53 -36.10 -0.01
CA PHE N 24 -7.72 -36.40 1.16
C PHE N 24 -6.64 -37.43 0.83
N LEU N 25 -6.99 -38.47 0.08
CA LEU N 25 -6.03 -39.50 -0.27
C LEU N 25 -4.93 -38.98 -1.18
N VAL N 26 -5.28 -38.14 -2.16
CA VAL N 26 -4.25 -37.56 -3.02
C VAL N 26 -3.32 -36.66 -2.23
N VAL N 27 -3.87 -35.82 -1.34
CA VAL N 27 -3.03 -34.94 -0.54
C VAL N 27 -2.12 -35.75 0.39
N LEU N 28 -2.66 -36.81 1.01
CA LEU N 28 -1.86 -37.63 1.89
C LEU N 28 -0.76 -38.38 1.14
N ALA N 29 -1.07 -38.89 -0.05
CA ALA N 29 -0.04 -39.53 -0.86
C ALA N 29 1.06 -38.54 -1.24
N LEU N 30 0.68 -37.31 -1.62
CA LEU N 30 1.67 -36.30 -1.92
C LEU N 30 2.53 -35.99 -0.70
N LEU N 31 1.91 -35.89 0.47
CA LEU N 31 2.64 -35.63 1.71
C LEU N 31 3.64 -36.73 2.04
N ILE N 32 3.23 -37.99 1.93
CA ILE N 32 4.14 -39.08 2.26
C ILE N 32 5.25 -39.21 1.22
N HIS N 33 4.93 -38.98 -0.06
CA HIS N 33 5.97 -38.98 -1.07
C HIS N 33 6.98 -37.86 -0.83
N PHE N 34 6.51 -36.68 -0.42
CA PHE N 34 7.42 -35.60 -0.03
C PHE N 34 8.26 -35.99 1.18
N LEU N 35 7.66 -36.69 2.15
CA LEU N 35 8.42 -37.17 3.29
C LEU N 35 9.56 -38.09 2.87
N CYS N 36 9.27 -39.01 1.95
CA CYS N 36 10.31 -39.89 1.42
C CYS N 36 11.37 -39.12 0.63
N LEU N 37 10.95 -38.15 -0.19
CA LEU N 37 11.91 -37.37 -0.97
C LEU N 37 12.80 -36.51 -0.08
N GLY N 38 12.29 -36.05 1.04
CA GLY N 38 13.00 -35.16 1.93
C GLY N 38 13.99 -35.83 2.86
N HIS N 39 14.11 -37.15 2.79
CA HIS N 39 15.07 -37.90 3.58
C HIS N 39 16.04 -38.61 2.65
N ASP N 40 17.32 -38.60 3.01
CA ASP N 40 18.37 -39.05 2.10
C ASP N 40 18.24 -40.51 1.72
N ARG N 41 17.90 -41.37 2.69
CA ARG N 41 17.81 -42.80 2.42
C ARG N 41 16.67 -43.14 1.48
N PHE N 42 15.54 -42.43 1.56
CA PHE N 42 14.35 -42.80 0.82
C PHE N 42 14.07 -41.88 -0.35
N ASN N 43 15.00 -41.00 -0.71
CA ASN N 43 14.88 -40.23 -1.94
C ASN N 43 15.36 -41.11 -3.08
N TRP N 44 14.41 -41.68 -3.83
CA TRP N 44 14.72 -42.62 -4.89
C TRP N 44 15.21 -41.95 -6.16
N LEU N 45 14.99 -40.64 -6.32
CA LEU N 45 15.47 -39.91 -7.48
C LEU N 45 16.86 -39.31 -7.26
N GLU N 46 17.25 -39.05 -6.01
CA GLU N 46 18.62 -38.64 -5.73
C GLU N 46 19.58 -39.81 -5.62
N GLY N 47 19.09 -40.99 -5.26
CA GLY N 47 19.89 -42.19 -5.29
C GLY N 47 21.12 -42.15 -4.40
N ASN N 48 20.95 -41.76 -3.17
CA ASN N 48 22.02 -41.86 -2.19
C ASN N 48 22.18 -43.32 -1.76
N PRO N 49 23.35 -43.68 -1.23
CA PRO N 49 23.50 -45.02 -0.67
C PRO N 49 22.51 -45.25 0.46
N ALA N 50 22.02 -46.50 0.54
CA ALA N 50 21.07 -46.83 1.59
C ALA N 50 21.68 -46.65 2.97
N ALA N 51 22.98 -46.91 3.10
CA ALA N 51 23.66 -46.69 4.36
C ALA N 51 23.98 -45.21 4.55
N THR N 52 23.29 -44.54 5.50
CA THR N 52 23.16 -43.07 5.53
C THR N 52 23.67 -42.44 6.81
N LYS N 53 23.46 -43.08 7.96
CA LYS N 53 24.05 -42.68 9.23
C LYS N 53 23.51 -41.33 9.70
N SER O 9 -30.05 -41.40 -12.54
CA SER O 9 -30.42 -40.91 -11.22
C SER O 9 -30.17 -39.41 -11.10
N SER O 10 -29.08 -39.04 -10.42
CA SER O 10 -28.74 -37.63 -10.28
C SER O 10 -28.43 -37.01 -11.64
N THR O 11 -27.72 -37.75 -12.49
CA THR O 11 -27.42 -37.32 -13.84
C THR O 11 -28.52 -37.80 -14.78
N GLY O 12 -28.76 -37.04 -15.85
CA GLY O 12 -29.84 -37.38 -16.76
C GLY O 12 -29.65 -38.70 -17.48
N LEU O 13 -28.43 -39.24 -17.47
CA LEU O 13 -28.16 -40.51 -18.11
C LEU O 13 -29.04 -41.61 -17.54
N THR O 14 -29.60 -42.43 -18.44
CA THR O 14 -30.65 -43.36 -18.04
C THR O 14 -30.19 -44.81 -18.08
N GLU O 15 -28.94 -45.06 -17.68
CA GLU O 15 -28.38 -46.39 -17.52
C GLU O 15 -28.17 -47.09 -18.86
N ALA O 16 -28.68 -46.48 -19.94
CA ALA O 16 -28.37 -46.96 -21.27
C ALA O 16 -27.31 -46.07 -21.92
N GLU O 17 -27.44 -44.76 -21.73
CA GLU O 17 -26.36 -43.85 -22.09
C GLU O 17 -25.18 -44.01 -21.15
N ALA O 18 -25.44 -44.36 -19.89
CA ALA O 18 -24.36 -44.56 -18.93
C ALA O 18 -23.47 -45.74 -19.31
N LYS O 19 -24.07 -46.86 -19.70
CA LYS O 19 -23.28 -48.01 -20.13
C LYS O 19 -22.50 -47.71 -21.40
N GLU O 20 -23.11 -47.00 -22.34
CA GLU O 20 -22.43 -46.64 -23.58
C GLU O 20 -21.27 -45.70 -23.32
N PHE O 21 -21.42 -44.74 -22.41
CA PHE O 21 -20.31 -43.86 -22.05
C PHE O 21 -19.23 -44.62 -21.28
N HIS O 22 -19.64 -45.55 -20.42
CA HIS O 22 -18.64 -46.30 -19.66
C HIS O 22 -17.83 -47.22 -20.55
N ALA O 23 -18.42 -47.74 -21.63
CA ALA O 23 -17.65 -48.58 -22.55
C ALA O 23 -16.48 -47.81 -23.14
N VAL O 24 -16.74 -46.64 -23.72
CA VAL O 24 -15.68 -45.82 -24.29
C VAL O 24 -14.74 -45.25 -23.23
N TYR O 25 -15.26 -44.87 -22.05
CA TYR O 25 -14.40 -44.40 -20.98
C TYR O 25 -13.44 -45.49 -20.52
N SER O 26 -13.95 -46.71 -20.36
CA SER O 26 -13.11 -47.82 -19.95
C SER O 26 -12.07 -48.15 -21.01
N GLN O 27 -12.46 -48.17 -22.28
CA GLN O 27 -11.49 -48.41 -23.33
C GLN O 27 -10.39 -47.34 -23.35
N SER O 28 -10.78 -46.08 -23.24
CA SER O 28 -9.82 -44.99 -23.26
C SER O 28 -8.90 -45.04 -22.05
N ALA O 29 -9.44 -45.32 -20.86
CA ALA O 29 -8.63 -45.39 -19.66
C ALA O 29 -7.67 -46.57 -19.72
N ALA O 30 -8.14 -47.71 -20.20
CA ALA O 30 -7.25 -48.86 -20.35
C ALA O 30 -6.13 -48.58 -21.35
N GLY O 31 -6.46 -47.94 -22.47
CA GLY O 31 -5.44 -47.58 -23.43
C GLY O 31 -4.42 -46.61 -22.86
N PHE O 32 -4.91 -45.60 -22.12
CA PHE O 32 -4.03 -44.62 -21.51
C PHE O 32 -3.09 -45.27 -20.50
N LEU O 33 -3.61 -46.16 -19.66
CA LEU O 33 -2.78 -46.87 -18.70
C LEU O 33 -1.80 -47.84 -19.35
N ALA O 34 -2.21 -48.51 -20.44
CA ALA O 34 -1.28 -49.36 -21.17
C ALA O 34 -0.15 -48.56 -21.80
N VAL O 35 -0.47 -47.40 -22.38
CA VAL O 35 0.58 -46.54 -22.93
C VAL O 35 1.49 -46.04 -21.82
N CYS O 36 0.92 -45.70 -20.67
CA CYS O 36 1.74 -45.26 -19.53
C CYS O 36 2.65 -46.37 -19.03
N ALA O 37 2.16 -47.61 -19.00
CA ALA O 37 2.99 -48.74 -18.62
C ALA O 37 4.14 -48.95 -19.61
N VAL O 38 3.84 -48.86 -20.90
CA VAL O 38 4.89 -48.98 -21.91
C VAL O 38 5.92 -47.86 -21.75
N ALA O 39 5.43 -46.64 -21.50
CA ALA O 39 6.34 -45.50 -21.31
C ALA O 39 7.21 -45.68 -20.08
N HIS O 40 6.67 -46.21 -19.00
CA HIS O 40 7.46 -46.48 -17.81
C HIS O 40 8.48 -47.59 -18.04
N VAL O 41 8.12 -48.62 -18.80
CA VAL O 41 9.09 -49.64 -19.17
C VAL O 41 10.22 -49.04 -19.99
N LEU O 42 9.90 -48.17 -20.96
CA LEU O 42 10.93 -47.52 -21.76
C LEU O 42 11.81 -46.61 -20.91
N ALA O 43 11.22 -45.87 -19.97
CA ALA O 43 11.99 -45.02 -19.07
C ALA O 43 12.90 -45.83 -18.16
N TRP O 44 12.45 -46.99 -17.68
CA TRP O 44 13.32 -47.87 -16.90
C TRP O 44 14.46 -48.41 -17.76
N MET O 45 14.16 -48.76 -19.02
CA MET O 45 15.21 -49.21 -19.92
C MET O 45 16.25 -48.11 -20.15
N TRP O 46 15.79 -46.86 -20.26
CA TRP O 46 16.67 -45.71 -20.38
C TRP O 46 17.54 -45.56 -19.14
N ARG O 47 16.92 -45.31 -17.99
CA ARG O 47 17.62 -45.16 -16.72
C ARG O 47 16.74 -45.71 -15.61
N PRO O 48 17.13 -46.81 -14.97
CA PRO O 48 16.35 -47.34 -13.85
C PRO O 48 16.19 -46.32 -12.74
N PHE O 49 15.01 -46.28 -12.12
CA PHE O 49 14.71 -45.24 -11.15
C PHE O 49 14.54 -45.75 -9.73
N TRP O 50 14.87 -47.02 -9.46
CA TRP O 50 14.91 -47.52 -8.09
C TRP O 50 16.34 -47.82 -7.73
N PRO O 51 16.97 -47.06 -6.84
CA PRO O 51 18.40 -47.24 -6.58
C PRO O 51 18.68 -48.54 -5.83
N GLY O 52 19.93 -48.98 -5.96
CA GLY O 52 20.44 -50.09 -5.18
C GLY O 52 20.90 -49.65 -3.81
N ALA O 53 21.52 -50.59 -3.09
CA ALA O 53 21.99 -50.31 -1.74
C ALA O 53 23.13 -49.29 -1.72
N GLU O 54 23.74 -49.02 -2.87
CA GLU O 54 24.88 -48.11 -2.95
C GLU O 54 24.55 -46.81 -3.68
N GLY O 55 23.35 -46.68 -4.24
CA GLY O 55 22.96 -45.46 -4.92
C GLY O 55 23.23 -45.49 -6.41
N TRP O 56 23.38 -44.31 -7.02
CA TRP O 56 23.70 -44.23 -8.44
C TRP O 56 25.22 -44.23 -8.63
N VAL O 57 25.73 -45.39 -8.99
CA VAL O 57 27.15 -45.55 -9.25
C VAL O 57 27.36 -46.26 -10.59
N MET P 1 -13.74 -47.88 -9.28
CA MET P 1 -14.36 -47.96 -10.60
C MET P 1 -13.81 -49.17 -11.35
N THR P 2 -14.68 -49.92 -12.00
CA THR P 2 -14.27 -51.14 -12.68
C THR P 2 -14.92 -51.14 -14.07
N PHE P 3 -14.53 -52.08 -14.94
CA PHE P 3 -15.14 -52.21 -16.25
C PHE P 3 -16.65 -52.37 -16.18
N SER P 4 -17.17 -53.00 -15.13
CA SER P 4 -18.59 -53.31 -15.03
C SER P 4 -19.40 -52.27 -14.27
N THR P 5 -18.75 -51.35 -13.54
CA THR P 5 -19.47 -50.36 -12.76
C THR P 5 -19.90 -49.19 -13.63
N HIS P 6 -20.73 -49.46 -14.64
CA HIS P 6 -21.12 -48.43 -15.59
C HIS P 6 -22.03 -47.37 -14.98
N LYS P 7 -22.63 -47.63 -13.83
CA LYS P 7 -23.56 -46.69 -13.23
C LYS P 7 -22.87 -45.63 -12.37
N VAL P 8 -21.58 -45.41 -12.56
CA VAL P 8 -20.93 -44.24 -11.93
C VAL P 8 -21.54 -42.97 -12.50
N TRP P 9 -21.86 -42.97 -13.78
CA TRP P 9 -22.29 -41.78 -14.51
C TRP P 9 -23.74 -41.40 -14.24
N LEU P 10 -24.46 -42.20 -13.46
CA LEU P 10 -25.71 -41.76 -12.86
C LEU P 10 -25.49 -40.87 -11.65
N MET P 11 -24.28 -40.83 -11.12
CA MET P 11 -23.93 -40.07 -9.93
C MET P 11 -22.89 -39.00 -10.19
N PHE P 12 -22.05 -39.18 -11.21
CA PHE P 12 -21.11 -38.16 -11.65
C PHE P 12 -21.46 -37.69 -13.06
N ASP P 13 -21.37 -36.39 -13.29
CA ASP P 13 -21.59 -35.83 -14.62
C ASP P 13 -20.46 -36.26 -15.54
N PRO P 14 -20.74 -36.97 -16.64
CA PRO P 14 -19.66 -37.48 -17.49
C PRO P 14 -18.72 -36.43 -18.04
N ARG P 15 -19.21 -35.26 -18.45
CA ARG P 15 -18.35 -34.26 -19.06
C ARG P 15 -17.60 -33.40 -18.04
N SER P 16 -18.23 -33.05 -16.93
CA SER P 16 -17.49 -32.35 -15.87
C SER P 16 -16.44 -33.25 -15.26
N THR P 17 -16.74 -34.54 -15.10
CA THR P 17 -15.75 -35.49 -14.63
C THR P 17 -14.60 -35.62 -15.62
N LEU P 18 -14.90 -35.65 -16.92
CA LEU P 18 -13.84 -35.70 -17.92
C LEU P 18 -12.96 -34.45 -17.87
N VAL P 19 -13.57 -33.27 -17.75
CA VAL P 19 -12.77 -32.05 -17.66
C VAL P 19 -11.91 -32.02 -16.41
N ALA P 20 -12.45 -32.36 -15.25
CA ALA P 20 -11.68 -32.42 -14.02
C ALA P 20 -10.56 -33.46 -14.08
N LEU P 21 -10.85 -34.64 -14.63
CA LEU P 21 -9.83 -35.67 -14.78
C LEU P 21 -8.72 -35.22 -15.72
N ALA P 22 -9.08 -34.57 -16.82
CA ALA P 22 -8.07 -34.08 -17.74
C ALA P 22 -7.19 -33.03 -17.08
N ALA P 23 -7.79 -32.10 -16.33
CA ALA P 23 -7.00 -31.09 -15.64
C ALA P 23 -6.07 -31.73 -14.61
N PHE P 24 -6.59 -32.68 -13.83
CA PHE P 24 -5.77 -33.34 -12.82
C PHE P 24 -4.63 -34.12 -13.47
N LEU P 25 -4.92 -34.84 -14.55
CA LEU P 25 -3.89 -35.64 -15.20
C LEU P 25 -2.81 -34.76 -15.82
N VAL P 26 -3.20 -33.66 -16.46
CA VAL P 26 -2.21 -32.76 -17.04
C VAL P 26 -1.35 -32.12 -15.96
N VAL P 27 -1.97 -31.68 -14.86
CA VAL P 27 -1.20 -31.09 -13.77
C VAL P 27 -0.25 -32.11 -13.16
N LEU P 28 -0.69 -33.34 -12.94
CA LEU P 28 0.17 -34.37 -12.37
C LEU P 28 1.31 -34.72 -13.33
N ALA P 29 1.01 -34.82 -14.62
CA ALA P 29 2.06 -35.12 -15.60
C ALA P 29 3.11 -34.02 -15.64
N LEU P 30 2.66 -32.76 -15.61
CA LEU P 30 3.59 -31.65 -15.57
C LEU P 30 4.43 -31.68 -14.30
N LEU P 31 3.81 -31.99 -13.16
CA LEU P 31 4.55 -32.06 -11.90
C LEU P 31 5.60 -33.16 -11.93
N ILE P 32 5.26 -34.34 -12.45
CA ILE P 32 6.22 -35.43 -12.50
C ILE P 32 7.34 -35.17 -13.50
N HIS P 33 7.03 -34.57 -14.65
CA HIS P 33 8.08 -34.17 -15.58
C HIS P 33 8.99 -33.10 -14.98
N PHE P 34 8.43 -32.13 -14.24
CA PHE P 34 9.25 -31.18 -13.50
C PHE P 34 10.13 -31.85 -12.46
N LEU P 35 9.59 -32.83 -11.74
CA LEU P 35 10.36 -33.57 -10.75
C LEU P 35 11.49 -34.36 -11.38
N CYS P 36 11.28 -34.96 -12.55
CA CYS P 36 12.36 -35.60 -13.28
C CYS P 36 13.39 -34.61 -13.80
N LEU P 37 12.93 -33.45 -14.28
CA LEU P 37 13.86 -32.40 -14.71
C LEU P 37 14.65 -31.80 -13.56
N GLY P 38 14.13 -31.88 -12.34
CA GLY P 38 14.80 -31.34 -11.17
C GLY P 38 15.88 -32.20 -10.57
N HIS P 39 16.10 -33.40 -11.11
CA HIS P 39 17.13 -34.30 -10.62
C HIS P 39 18.15 -34.57 -11.71
N ASP P 40 19.42 -34.69 -11.30
CA ASP P 40 20.52 -34.80 -12.25
C ASP P 40 20.43 -36.04 -13.11
N ARG P 41 20.09 -37.19 -12.54
CA ARG P 41 20.08 -38.44 -13.29
C ARG P 41 18.94 -38.52 -14.29
N PHE P 42 17.77 -37.99 -13.96
CA PHE P 42 16.59 -38.14 -14.79
C PHE P 42 16.26 -36.91 -15.62
N ASN P 43 17.16 -35.94 -15.67
CA ASN P 43 17.01 -34.82 -16.60
C ASN P 43 17.55 -35.23 -17.96
N TRP P 44 16.65 -35.52 -18.90
CA TRP P 44 17.03 -36.01 -20.22
C TRP P 44 17.50 -34.90 -21.15
N LEU P 45 17.22 -33.64 -20.83
CA LEU P 45 17.67 -32.53 -21.66
C LEU P 45 19.04 -32.01 -21.26
N GLU P 46 19.37 -32.07 -19.97
CA GLU P 46 20.72 -31.74 -19.52
C GLU P 46 21.71 -32.85 -19.85
N GLY P 47 21.27 -34.11 -19.82
CA GLY P 47 22.12 -35.22 -20.20
C GLY P 47 23.32 -35.43 -19.32
N ASN P 48 23.13 -35.37 -18.04
CA ASN P 48 24.19 -35.72 -17.11
C ASN P 48 24.42 -37.23 -17.13
N PRO P 49 25.60 -37.69 -16.75
CA PRO P 49 25.83 -39.13 -16.66
C PRO P 49 24.87 -39.79 -15.68
N ALA P 50 24.44 -41.01 -16.02
CA ALA P 50 23.51 -41.73 -15.16
C ALA P 50 24.14 -42.01 -13.80
N ALA P 51 25.41 -42.38 -13.78
CA ALA P 51 26.12 -42.62 -12.53
C ALA P 51 26.35 -41.29 -11.84
N THR P 52 25.60 -41.02 -10.76
CA THR P 52 25.37 -39.65 -10.24
C THR P 52 25.82 -39.45 -8.80
N LYS P 53 25.75 -40.49 -7.98
CA LYS P 53 26.23 -40.48 -6.60
C LYS P 53 25.48 -39.45 -5.76
N SER Q 9 -27.93 -33.75 -27.78
CA SER Q 9 -28.08 -33.88 -26.33
C SER Q 9 -27.77 -32.56 -25.63
N SER Q 10 -26.68 -32.55 -24.86
CA SER Q 10 -26.27 -31.32 -24.18
C SER Q 10 -25.94 -30.22 -25.18
N THR Q 11 -25.22 -30.57 -26.23
CA THR Q 11 -24.94 -29.63 -27.30
C THR Q 11 -26.05 -29.70 -28.35
N GLY Q 12 -26.38 -28.57 -28.95
CA GLY Q 12 -27.47 -28.48 -29.90
C GLY Q 12 -27.29 -29.33 -31.14
N LEU Q 13 -26.09 -29.87 -31.37
CA LEU Q 13 -25.82 -30.67 -32.56
C LEU Q 13 -26.68 -31.92 -32.64
N THR Q 14 -26.92 -32.39 -33.85
CA THR Q 14 -27.62 -33.64 -34.11
C THR Q 14 -26.59 -34.75 -34.31
N GLU Q 15 -27.04 -35.98 -34.13
CA GLU Q 15 -26.16 -37.14 -34.28
C GLU Q 15 -25.52 -37.22 -35.66
N ALA Q 16 -26.13 -36.61 -36.68
CA ALA Q 16 -25.54 -36.52 -38.00
C ALA Q 16 -24.56 -35.37 -38.14
N GLU Q 17 -24.85 -34.22 -37.53
CA GLU Q 17 -23.88 -33.12 -37.50
C GLU Q 17 -22.63 -33.53 -36.75
N ALA Q 18 -22.80 -34.22 -35.63
CA ALA Q 18 -21.67 -34.66 -34.83
C ALA Q 18 -20.81 -35.64 -35.61
N LYS Q 19 -21.42 -36.49 -36.43
CA LYS Q 19 -20.64 -37.46 -37.21
C LYS Q 19 -19.76 -36.75 -38.22
N GLU Q 20 -20.29 -35.76 -38.94
CA GLU Q 20 -19.48 -35.01 -39.90
C GLU Q 20 -18.37 -34.24 -39.21
N PHE Q 21 -18.71 -33.56 -38.10
CA PHE Q 21 -17.69 -32.81 -37.39
C PHE Q 21 -16.61 -33.72 -36.84
N HIS Q 22 -16.98 -34.91 -36.36
CA HIS Q 22 -15.97 -35.83 -35.88
C HIS Q 22 -15.15 -36.42 -37.01
N ALA Q 23 -15.74 -36.59 -38.20
CA ALA Q 23 -14.94 -37.02 -39.34
C ALA Q 23 -13.85 -36.00 -39.65
N VAL Q 24 -14.23 -34.73 -39.77
CA VAL Q 24 -13.21 -33.72 -40.09
C VAL Q 24 -12.24 -33.54 -38.94
N TYR Q 25 -12.73 -33.62 -37.69
CA TYR Q 25 -11.86 -33.50 -36.52
C TYR Q 25 -10.87 -34.66 -36.45
N SER Q 26 -11.32 -35.87 -36.73
CA SER Q 26 -10.45 -37.03 -36.71
C SER Q 26 -9.38 -36.91 -37.78
N GLN Q 27 -9.78 -36.50 -38.98
CA GLN Q 27 -8.79 -36.32 -40.05
C GLN Q 27 -7.75 -35.27 -39.66
N SER Q 28 -8.22 -34.13 -39.11
CA SER Q 28 -7.30 -33.06 -38.74
C SER Q 28 -6.37 -33.49 -37.62
N ALA Q 29 -6.89 -34.17 -36.60
CA ALA Q 29 -6.06 -34.63 -35.50
C ALA Q 29 -5.05 -35.68 -35.94
N ALA Q 30 -5.44 -36.60 -36.81
CA ALA Q 30 -4.50 -37.57 -37.36
C ALA Q 30 -3.42 -36.90 -38.18
N GLY Q 31 -3.77 -35.89 -38.99
CA GLY Q 31 -2.76 -35.16 -39.73
C GLY Q 31 -1.80 -34.42 -38.83
N PHE Q 32 -2.34 -33.77 -37.79
CA PHE Q 32 -1.50 -33.06 -36.84
C PHE Q 32 -0.54 -34.01 -36.14
N LEU Q 33 -1.02 -35.17 -35.70
CA LEU Q 33 -0.18 -36.15 -35.05
C LEU Q 33 0.86 -36.76 -35.99
N ALA Q 34 0.51 -36.98 -37.26
CA ALA Q 34 1.49 -37.47 -38.22
C ALA Q 34 2.60 -36.44 -38.46
N VAL Q 35 2.22 -35.17 -38.60
CA VAL Q 35 3.22 -34.12 -38.77
C VAL Q 35 4.09 -34.03 -37.53
N CYS Q 36 3.50 -34.16 -36.35
CA CYS Q 36 4.29 -34.12 -35.11
C CYS Q 36 5.25 -35.31 -35.02
N ALA Q 37 4.81 -36.50 -35.44
CA ALA Q 37 5.70 -37.65 -35.45
C ALA Q 37 6.87 -37.45 -36.41
N VAL Q 38 6.58 -36.91 -37.61
CA VAL Q 38 7.65 -36.63 -38.56
C VAL Q 38 8.61 -35.59 -38.00
N ALA Q 39 8.07 -34.56 -37.35
CA ALA Q 39 8.90 -33.52 -36.76
C ALA Q 39 9.79 -34.07 -35.65
N HIS Q 40 9.25 -34.98 -34.83
CA HIS Q 40 10.06 -35.59 -33.79
C HIS Q 40 11.13 -36.52 -34.35
N VAL Q 41 10.84 -37.23 -35.43
CA VAL Q 41 11.87 -38.02 -36.10
C VAL Q 41 12.97 -37.13 -36.64
N LEU Q 42 12.60 -36.00 -37.26
CA LEU Q 42 13.61 -35.06 -37.75
C LEU Q 42 14.42 -34.46 -36.61
N ALA Q 43 13.77 -34.14 -35.49
CA ALA Q 43 14.49 -33.60 -34.35
C ALA Q 43 15.46 -34.61 -33.76
N TRP Q 44 15.07 -35.88 -33.71
CA TRP Q 44 16.00 -36.93 -33.30
C TRP Q 44 17.17 -37.05 -34.28
N MET Q 45 16.88 -36.96 -35.59
CA MET Q 45 17.94 -37.02 -36.59
C MET Q 45 18.90 -35.84 -36.45
N TRP Q 46 18.40 -34.69 -36.02
CA TRP Q 46 19.27 -33.53 -35.77
C TRP Q 46 20.13 -33.78 -34.55
N ARG Q 47 19.49 -33.98 -33.40
CA ARG Q 47 20.19 -34.26 -32.14
C ARG Q 47 19.33 -35.20 -31.30
N PRO Q 48 19.79 -36.43 -31.05
CA PRO Q 48 19.03 -37.34 -30.19
C PRO Q 48 18.84 -36.74 -28.80
N PHE Q 49 17.68 -37.02 -28.21
CA PHE Q 49 17.32 -36.40 -26.94
C PHE Q 49 17.11 -37.37 -25.80
N TRP Q 50 17.59 -38.61 -25.92
CA TRP Q 50 17.61 -39.54 -24.79
C TRP Q 50 19.06 -39.88 -24.46
N PRO Q 51 19.60 -39.36 -23.36
CA PRO Q 51 21.03 -39.58 -23.09
C PRO Q 51 21.34 -41.03 -22.82
N GLY Q 52 22.55 -41.44 -23.17
CA GLY Q 52 23.08 -42.73 -22.79
C GLY Q 52 23.55 -42.71 -21.35
N ALA Q 53 24.11 -43.85 -20.93
CA ALA Q 53 24.65 -43.93 -19.58
C ALA Q 53 25.80 -42.97 -19.35
N GLU Q 54 26.47 -42.53 -20.42
CA GLU Q 54 27.57 -41.60 -20.35
C GLU Q 54 27.13 -40.14 -20.45
N GLY Q 55 25.86 -39.88 -20.74
CA GLY Q 55 25.39 -38.51 -20.91
C GLY Q 55 25.68 -37.98 -22.30
N TRP Q 56 25.77 -36.66 -22.43
CA TRP Q 56 26.09 -36.04 -23.71
C TRP Q 56 27.61 -35.87 -23.86
N VAL Q 57 28.32 -36.99 -23.76
CA VAL Q 57 29.78 -36.95 -23.90
C VAL Q 57 30.19 -37.80 -25.09
N MET R 1 -11.70 -40.75 -26.76
CA MET R 1 -12.11 -40.30 -28.09
C MET R 1 -11.28 -41.01 -29.15
N THR R 2 -11.96 -41.71 -30.06
CA THR R 2 -11.31 -42.44 -31.14
C THR R 2 -11.92 -41.99 -32.47
N PHE R 3 -11.56 -42.72 -33.53
CA PHE R 3 -12.09 -42.43 -34.86
C PHE R 3 -13.59 -42.69 -34.98
N SER R 4 -14.15 -43.49 -34.08
CA SER R 4 -15.55 -43.92 -34.18
C SER R 4 -16.47 -43.25 -33.17
N THR R 5 -15.93 -42.66 -32.10
CA THR R 5 -16.75 -42.01 -31.08
C THR R 5 -17.10 -40.60 -31.55
N HIS R 6 -18.05 -40.53 -32.49
CA HIS R 6 -18.46 -39.26 -33.05
C HIS R 6 -19.46 -38.52 -32.17
N LYS R 7 -19.98 -39.18 -31.13
CA LYS R 7 -20.99 -38.58 -30.27
C LYS R 7 -20.38 -37.82 -29.09
N VAL R 8 -19.09 -37.55 -29.12
CA VAL R 8 -18.49 -36.66 -28.13
C VAL R 8 -19.05 -35.26 -28.27
N TRP R 9 -19.33 -34.83 -29.49
CA TRP R 9 -19.80 -33.48 -29.76
C TRP R 9 -21.27 -33.29 -29.41
N LEU R 10 -21.96 -34.37 -29.05
CA LEU R 10 -23.24 -34.28 -28.37
C LEU R 10 -23.08 -34.03 -26.88
N MET R 11 -21.85 -34.03 -26.39
CA MET R 11 -21.51 -33.78 -25.00
C MET R 11 -20.65 -32.53 -24.82
N PHE R 12 -19.63 -32.36 -25.67
CA PHE R 12 -18.80 -31.17 -25.68
C PHE R 12 -19.16 -30.28 -26.85
N ASP R 13 -19.22 -28.97 -26.61
CA ASP R 13 -19.51 -28.03 -27.66
C ASP R 13 -18.32 -27.93 -28.61
N PRO R 14 -18.49 -28.19 -29.90
CA PRO R 14 -17.34 -28.20 -30.82
C PRO R 14 -16.57 -26.89 -30.87
N ARG R 15 -17.26 -25.75 -30.94
CA ARG R 15 -16.56 -24.49 -31.12
C ARG R 15 -15.68 -24.16 -29.92
N SER R 16 -16.24 -24.21 -28.71
CA SER R 16 -15.47 -23.95 -27.51
C SER R 16 -14.42 -25.02 -27.25
N THR R 17 -14.71 -26.28 -27.58
CA THR R 17 -13.71 -27.33 -27.43
C THR R 17 -12.50 -27.08 -28.32
N LEU R 18 -12.72 -26.71 -29.58
CA LEU R 18 -11.60 -26.37 -30.45
C LEU R 18 -10.88 -25.10 -30.00
N VAL R 19 -11.59 -24.09 -29.53
CA VAL R 19 -10.89 -22.90 -29.05
C VAL R 19 -10.00 -23.23 -27.85
N ALA R 20 -10.51 -23.95 -26.85
CA ALA R 20 -9.72 -24.36 -25.71
C ALA R 20 -8.57 -25.28 -26.10
N LEU R 21 -8.81 -26.23 -27.00
CA LEU R 21 -7.77 -27.14 -27.44
C LEU R 21 -6.67 -26.41 -28.21
N ALA R 22 -7.04 -25.45 -29.06
CA ALA R 22 -6.03 -24.65 -29.76
C ALA R 22 -5.21 -23.83 -28.78
N ALA R 23 -5.86 -23.23 -27.78
CA ALA R 23 -5.11 -22.48 -26.77
C ALA R 23 -4.14 -23.39 -26.01
N PHE R 24 -4.61 -24.56 -25.59
CA PHE R 24 -3.76 -25.49 -24.87
C PHE R 24 -2.59 -25.96 -25.74
N LEU R 25 -2.86 -26.28 -27.00
CA LEU R 25 -1.82 -26.76 -27.89
C LEU R 25 -0.78 -25.69 -28.16
N VAL R 26 -1.21 -24.45 -28.38
CA VAL R 26 -0.26 -23.37 -28.62
C VAL R 26 0.58 -23.10 -27.37
N VAL R 27 -0.04 -23.09 -26.19
CA VAL R 27 0.70 -22.86 -24.96
C VAL R 27 1.72 -23.97 -24.73
N LEU R 28 1.30 -25.23 -24.94
CA LEU R 28 2.21 -26.35 -24.77
C LEU R 28 3.35 -26.32 -25.77
N ALA R 29 3.05 -25.97 -27.03
CA ALA R 29 4.10 -25.90 -28.04
C ALA R 29 5.12 -24.81 -27.70
N LEU R 30 4.63 -23.65 -27.27
CA LEU R 30 5.53 -22.58 -26.84
C LEU R 30 6.37 -23.02 -25.66
N LEU R 31 5.76 -23.70 -24.69
CA LEU R 31 6.47 -24.15 -23.50
C LEU R 31 7.57 -25.14 -23.86
N ILE R 32 7.27 -26.10 -24.73
CA ILE R 32 8.28 -27.08 -25.12
C ILE R 32 9.38 -26.48 -25.98
N HIS R 33 9.05 -25.56 -26.90
CA HIS R 33 10.09 -24.89 -27.65
C HIS R 33 11.01 -24.08 -26.75
N PHE R 34 10.46 -23.37 -25.76
CA PHE R 34 11.27 -22.64 -24.80
C PHE R 34 12.06 -23.55 -23.87
N LEU R 35 11.53 -24.72 -23.53
CA LEU R 35 12.27 -25.72 -22.78
C LEU R 35 13.45 -26.26 -23.56
N CYS R 36 13.29 -26.48 -24.87
CA CYS R 36 14.42 -26.85 -25.71
C CYS R 36 15.43 -25.70 -25.81
N LEU R 37 14.94 -24.47 -25.95
CA LEU R 37 15.84 -23.31 -26.02
C LEU R 37 16.59 -23.09 -24.72
N GLY R 38 16.03 -23.55 -23.60
CA GLY R 38 16.66 -23.38 -22.30
C GLY R 38 17.74 -24.37 -21.99
N HIS R 39 18.07 -25.25 -22.93
CA HIS R 39 19.09 -26.26 -22.74
C HIS R 39 20.13 -26.13 -23.85
N ASP R 40 21.40 -26.31 -23.51
CA ASP R 40 22.48 -26.02 -24.44
C ASP R 40 22.43 -26.93 -25.66
N ARG R 41 22.15 -28.21 -25.46
CA ARG R 41 22.16 -29.16 -26.56
C ARG R 41 21.02 -28.97 -27.54
N PHE R 42 19.92 -28.35 -27.12
CA PHE R 42 18.75 -28.25 -27.96
C PHE R 42 18.38 -26.83 -28.35
N ASN R 43 19.13 -25.83 -27.91
CA ASN R 43 18.98 -24.48 -28.43
C ASN R 43 19.58 -24.44 -29.83
N TRP R 44 18.74 -24.52 -30.85
CA TRP R 44 19.21 -24.53 -32.23
C TRP R 44 19.67 -23.16 -32.72
N LEU R 45 19.25 -22.08 -32.05
CA LEU R 45 19.67 -20.75 -32.43
C LEU R 45 21.00 -20.36 -31.81
N GLU R 46 21.28 -20.83 -30.59
CA GLU R 46 22.58 -20.57 -29.98
C GLU R 46 23.67 -21.41 -30.63
N GLY R 47 23.34 -22.63 -31.04
CA GLY R 47 24.28 -23.47 -31.76
C GLY R 47 25.49 -23.90 -30.97
N ASN R 48 25.30 -24.33 -29.73
CA ASN R 48 26.39 -24.94 -28.99
C ASN R 48 26.70 -26.32 -29.59
N PRO R 49 27.92 -26.82 -29.38
CA PRO R 49 28.23 -28.18 -29.82
C PRO R 49 27.28 -29.21 -29.21
N ALA R 50 26.89 -30.21 -30.00
CA ALA R 50 25.94 -31.21 -29.51
C ALA R 50 26.50 -31.96 -28.31
N ALA R 51 27.81 -32.08 -28.22
CA ALA R 51 28.45 -32.71 -27.07
C ALA R 51 28.61 -31.68 -25.97
N THR R 52 27.91 -31.90 -24.83
CA THR R 52 27.61 -30.83 -23.84
C THR R 52 28.01 -31.20 -22.42
N LYS R 53 27.96 -32.49 -22.06
CA LYS R 53 28.46 -32.99 -20.79
C LYS R 53 27.68 -32.40 -19.61
N SER S 9 -25.15 -21.45 -40.05
CA SER S 9 -25.81 -22.05 -38.90
C SER S 9 -25.76 -21.10 -37.71
N SER S 10 -24.75 -21.29 -36.85
CA SER S 10 -24.60 -20.40 -35.69
C SER S 10 -24.35 -18.97 -36.14
N THR S 11 -23.50 -18.78 -37.15
CA THR S 11 -23.27 -17.46 -37.71
C THR S 11 -24.33 -17.13 -38.75
N GLY S 12 -24.46 -15.84 -39.06
CA GLY S 12 -25.47 -15.40 -40.02
C GLY S 12 -25.05 -15.60 -41.46
N LEU S 13 -24.54 -16.79 -41.77
CA LEU S 13 -24.07 -17.11 -43.11
C LEU S 13 -24.80 -18.34 -43.64
N THR S 14 -24.76 -18.51 -44.96
CA THR S 14 -25.33 -19.66 -45.63
C THR S 14 -24.21 -20.51 -46.21
N GLU S 15 -24.56 -21.70 -46.68
CA GLU S 15 -23.55 -22.59 -47.24
C GLU S 15 -22.93 -22.04 -48.52
N ALA S 16 -23.66 -21.21 -49.26
CA ALA S 16 -23.12 -20.58 -50.46
C ALA S 16 -22.20 -19.41 -50.15
N GLU S 17 -22.53 -18.60 -49.13
CA GLU S 17 -21.61 -17.55 -48.69
C GLU S 17 -20.35 -18.16 -48.10
N ALA S 18 -20.51 -19.23 -47.31
CA ALA S 18 -19.36 -19.89 -46.72
C ALA S 18 -18.44 -20.49 -47.76
N LYS S 19 -18.98 -21.00 -48.86
CA LYS S 19 -18.14 -21.54 -49.93
C LYS S 19 -17.24 -20.47 -50.54
N GLU S 20 -17.82 -19.29 -50.83
CA GLU S 20 -17.02 -18.21 -51.40
C GLU S 20 -15.99 -17.68 -50.41
N PHE S 21 -16.39 -17.52 -49.14
CA PHE S 21 -15.43 -17.06 -48.15
C PHE S 21 -14.31 -18.07 -47.97
N HIS S 22 -14.64 -19.37 -47.98
CA HIS S 22 -13.59 -20.37 -47.82
C HIS S 22 -12.69 -20.42 -49.04
N ALA S 23 -13.25 -20.17 -50.23
CA ALA S 23 -12.39 -20.12 -51.42
C ALA S 23 -11.37 -19.01 -51.31
N VAL S 24 -11.80 -17.82 -50.90
CA VAL S 24 -10.88 -16.65 -50.80
C VAL S 24 -9.91 -16.92 -49.65
N TYR S 25 -10.42 -17.44 -48.56
CA TYR S 25 -9.58 -17.71 -47.39
C TYR S 25 -8.52 -18.75 -47.73
N SER S 26 -8.89 -19.80 -48.44
CA SER S 26 -7.96 -20.84 -48.82
C SER S 26 -6.88 -20.31 -49.75
N GLN S 27 -7.29 -19.50 -50.74
CA GLN S 27 -6.29 -18.90 -51.62
C GLN S 27 -5.34 -17.99 -50.85
N SER S 28 -5.88 -17.16 -49.95
CA SER S 28 -5.04 -16.26 -49.18
C SER S 28 -4.08 -17.03 -48.26
N ALA S 29 -4.57 -18.07 -47.60
CA ALA S 29 -3.72 -18.88 -46.73
C ALA S 29 -2.66 -19.62 -47.52
N ALA S 30 -3.01 -20.18 -48.68
CA ALA S 30 -2.01 -20.83 -49.51
C ALA S 30 -0.94 -19.85 -49.98
N GLY S 31 -1.33 -18.64 -50.36
CA GLY S 31 -0.35 -17.63 -50.70
C GLY S 31 0.53 -17.25 -49.52
N PHE S 32 -0.07 -17.13 -48.33
CA PHE S 32 0.69 -16.80 -47.14
C PHE S 32 1.74 -17.86 -46.84
N LEU S 33 1.36 -19.13 -46.86
CA LEU S 33 2.32 -20.20 -46.62
C LEU S 33 3.35 -20.33 -47.75
N ALA S 34 2.97 -20.05 -49.00
CA ALA S 34 3.95 -20.06 -50.07
C ALA S 34 5.01 -18.98 -49.88
N VAL S 35 4.57 -17.77 -49.51
CA VAL S 35 5.51 -16.69 -49.24
C VAL S 35 6.38 -17.02 -48.03
N CYS S 36 5.78 -17.63 -46.99
CA CYS S 36 6.56 -18.01 -45.82
C CYS S 36 7.59 -19.08 -46.15
N ALA S 37 7.24 -20.06 -46.99
CA ALA S 37 8.20 -21.07 -47.40
C ALA S 37 9.34 -20.45 -48.21
N VAL S 38 9.02 -19.53 -49.12
CA VAL S 38 10.09 -18.86 -49.88
C VAL S 38 10.98 -18.06 -48.94
N ALA S 39 10.38 -17.34 -47.98
CA ALA S 39 11.15 -16.57 -47.01
C ALA S 39 12.05 -17.45 -46.16
N HIS S 40 11.57 -18.63 -45.77
CA HIS S 40 12.38 -19.56 -44.99
C HIS S 40 13.52 -20.14 -45.81
N VAL S 41 13.29 -20.45 -47.09
CA VAL S 41 14.38 -20.87 -47.95
C VAL S 41 15.42 -19.77 -48.08
N LEU S 42 14.97 -18.52 -48.26
CA LEU S 42 15.89 -17.39 -48.34
C LEU S 42 16.68 -17.21 -47.04
N ALA S 43 16.03 -17.36 -45.89
CA ALA S 43 16.69 -17.24 -44.61
C ALA S 43 17.71 -18.35 -44.39
N TRP S 44 17.41 -19.57 -44.83
CA TRP S 44 18.39 -20.65 -44.78
C TRP S 44 19.57 -20.36 -45.72
N MET S 45 19.30 -19.79 -46.89
CA MET S 45 20.39 -19.40 -47.78
C MET S 45 21.21 -18.26 -47.22
N TRP S 46 20.65 -17.46 -46.32
CA TRP S 46 21.41 -16.41 -45.66
C TRP S 46 22.32 -17.02 -44.60
N ARG S 47 21.71 -17.63 -43.58
CA ARG S 47 22.44 -18.37 -42.55
C ARG S 47 21.63 -19.60 -42.18
N PRO S 48 22.15 -20.81 -42.38
CA PRO S 48 21.44 -22.01 -41.95
C PRO S 48 21.13 -22.01 -40.46
N PHE S 49 19.97 -22.52 -40.08
CA PHE S 49 19.50 -22.44 -38.70
C PHE S 49 19.28 -23.79 -38.04
N TRP S 50 19.94 -24.84 -38.51
CA TRP S 50 20.00 -26.10 -37.78
C TRP S 50 21.47 -26.47 -37.54
N PRO S 51 21.96 -26.42 -36.30
CA PRO S 51 23.38 -26.65 -36.06
C PRO S 51 23.78 -28.10 -36.34
N GLY S 52 25.04 -28.28 -36.67
CA GLY S 52 25.63 -29.60 -36.79
C GLY S 52 26.06 -30.11 -35.43
N ALA S 53 26.87 -31.16 -35.42
CA ALA S 53 27.37 -31.72 -34.18
C ALA S 53 28.36 -30.82 -33.48
N GLU S 54 28.97 -29.86 -34.20
CA GLU S 54 29.92 -28.93 -33.63
C GLU S 54 29.33 -27.57 -33.31
N GLY S 55 28.08 -27.32 -33.70
CA GLY S 55 27.47 -26.02 -33.48
C GLY S 55 27.79 -25.01 -34.55
N TRP S 56 27.75 -23.73 -34.19
CA TRP S 56 28.09 -22.65 -35.14
C TRP S 56 29.61 -22.41 -35.09
N VAL S 57 30.34 -23.43 -35.53
CA VAL S 57 31.79 -23.38 -35.52
C VAL S 57 32.33 -23.39 -36.95
N MET T 1 -8.88 -27.76 -40.70
CA MET T 1 -9.41 -27.02 -41.84
C MET T 1 -8.64 -27.35 -43.10
N THR T 2 -9.35 -27.85 -44.11
CA THR T 2 -8.72 -28.26 -45.35
C THR T 2 -9.32 -27.41 -46.48
N PHE T 3 -8.92 -27.63 -47.72
CA PHE T 3 -9.43 -26.87 -48.86
C PHE T 3 -10.93 -27.06 -49.08
N SER T 4 -11.51 -28.14 -48.56
CA SER T 4 -12.90 -28.48 -48.83
C SER T 4 -13.83 -28.25 -47.65
N THR T 5 -13.29 -27.97 -46.46
CA THR T 5 -14.12 -27.79 -45.26
C THR T 5 -14.64 -26.35 -45.18
N HIS T 6 -15.50 -26.01 -46.13
CA HIS T 6 -16.00 -24.64 -46.26
C HIS T 6 -17.08 -24.30 -45.25
N LYS T 7 -17.61 -25.29 -44.53
CA LYS T 7 -18.70 -25.05 -43.58
C LYS T 7 -18.18 -24.71 -42.19
N VAL T 8 -16.86 -24.56 -42.03
CA VAL T 8 -16.32 -24.06 -40.77
C VAL T 8 -16.79 -22.64 -40.49
N TRP T 9 -17.14 -21.89 -41.54
CA TRP T 9 -17.63 -20.53 -41.41
C TRP T 9 -19.10 -20.46 -41.04
N LEU T 10 -19.80 -21.59 -41.03
CA LEU T 10 -21.10 -21.70 -40.39
C LEU T 10 -20.98 -21.92 -38.89
N MET T 11 -19.76 -22.10 -38.38
CA MET T 11 -19.48 -22.31 -36.97
C MET T 11 -18.66 -21.17 -36.37
N PHE T 12 -17.68 -20.67 -37.12
CA PHE T 12 -16.84 -19.56 -36.68
C PHE T 12 -17.19 -18.32 -37.50
N ASP T 13 -17.40 -17.21 -36.82
CA ASP T 13 -17.71 -15.96 -37.50
C ASP T 13 -16.51 -15.52 -38.34
N PRO T 14 -16.66 -15.34 -39.65
CA PRO T 14 -15.51 -14.93 -40.48
C PRO T 14 -14.84 -13.65 -40.02
N ARG T 15 -15.61 -12.65 -39.60
CA ARG T 15 -15.03 -11.38 -39.18
C ARG T 15 -14.12 -11.56 -37.97
N SER T 16 -14.69 -12.04 -36.86
CA SER T 16 -13.93 -12.23 -35.64
C SER T 16 -12.81 -13.24 -35.80
N THR T 17 -13.04 -14.32 -36.55
CA THR T 17 -11.98 -15.29 -36.79
C THR T 17 -10.82 -14.68 -37.57
N LEU T 18 -11.10 -13.88 -38.61
CA LEU T 18 -10.02 -13.21 -39.32
C LEU T 18 -9.29 -12.23 -38.43
N VAL T 19 -10.00 -11.47 -37.61
CA VAL T 19 -9.34 -10.49 -36.74
C VAL T 19 -8.45 -11.20 -35.72
N ALA T 20 -8.97 -12.27 -35.09
CA ALA T 20 -8.19 -13.02 -34.12
C ALA T 20 -7.00 -13.72 -34.76
N LEU T 21 -7.17 -14.29 -35.95
CA LEU T 21 -6.06 -14.93 -36.64
C LEU T 21 -5.00 -13.91 -37.05
N ALA T 22 -5.41 -12.72 -37.49
CA ALA T 22 -4.45 -11.67 -37.79
C ALA T 22 -3.67 -11.24 -36.56
N ALA T 23 -4.37 -11.09 -35.43
CA ALA T 23 -3.67 -10.71 -34.20
C ALA T 23 -2.68 -11.79 -33.77
N PHE T 24 -3.10 -13.06 -33.83
CA PHE T 24 -2.20 -14.15 -33.47
C PHE T 24 -1.00 -14.22 -34.42
N LEU T 25 -1.23 -14.06 -35.72
CA LEU T 25 -0.14 -14.13 -36.68
C LEU T 25 0.84 -12.98 -36.49
N VAL T 26 0.35 -11.77 -36.25
CA VAL T 26 1.23 -10.64 -36.00
C VAL T 26 2.04 -10.85 -34.73
N VAL T 27 1.40 -11.32 -33.66
CA VAL T 27 2.11 -11.56 -32.40
C VAL T 27 3.18 -12.64 -32.59
N LEU T 28 2.84 -13.72 -33.30
CA LEU T 28 3.80 -14.79 -33.53
C LEU T 28 4.96 -14.33 -34.40
N ALA T 29 4.67 -13.54 -35.45
CA ALA T 29 5.73 -13.02 -36.29
C ALA T 29 6.66 -12.10 -35.51
N LEU T 30 6.11 -11.23 -34.68
CA LEU T 30 6.93 -10.37 -33.84
C LEU T 30 7.78 -11.20 -32.88
N LEU T 31 7.18 -12.23 -32.26
CA LEU T 31 7.92 -13.06 -31.33
C LEU T 31 9.07 -13.77 -32.01
N ILE T 32 8.84 -14.34 -33.19
CA ILE T 32 9.92 -15.07 -33.87
C ILE T 32 11.00 -14.11 -34.35
N HIS T 33 10.62 -12.94 -34.88
CA HIS T 33 11.62 -11.96 -35.25
C HIS T 33 12.46 -11.52 -34.06
N PHE T 34 11.82 -11.32 -32.91
CA PHE T 34 12.55 -10.91 -31.71
C PHE T 34 13.43 -12.02 -31.14
N LEU T 35 13.01 -13.28 -31.21
CA LEU T 35 13.90 -14.37 -30.84
C LEU T 35 15.08 -14.50 -31.78
N CYS T 36 14.89 -14.24 -33.08
CA CYS T 36 16.03 -14.20 -33.99
C CYS T 36 16.96 -13.04 -33.67
N LEU T 37 16.39 -11.88 -33.32
CA LEU T 37 17.19 -10.73 -32.90
C LEU T 37 17.92 -10.99 -31.59
N GLY T 38 17.38 -11.84 -30.73
CA GLY T 38 17.95 -12.14 -29.44
C GLY T 38 19.06 -13.16 -29.45
N HIS T 39 19.47 -13.62 -30.62
CA HIS T 39 20.58 -14.54 -30.78
C HIS T 39 21.63 -13.91 -31.67
N ASP T 40 22.90 -14.17 -31.34
CA ASP T 40 24.00 -13.49 -32.03
C ASP T 40 24.05 -13.86 -33.51
N ARG T 41 23.84 -15.13 -33.84
CA ARG T 41 23.96 -15.58 -35.21
C ARG T 41 22.82 -15.11 -36.10
N PHE T 42 21.65 -14.85 -35.55
CA PHE T 42 20.49 -14.51 -36.34
C PHE T 42 20.03 -13.08 -36.16
N ASN T 43 20.73 -12.28 -35.37
CA ASN T 43 20.52 -10.85 -35.34
C ASN T 43 21.14 -10.24 -36.60
N TRP T 44 20.29 -9.96 -37.59
CA TRP T 44 20.75 -9.41 -38.85
C TRP T 44 21.08 -7.93 -38.77
N LEU T 45 20.67 -7.25 -37.70
CA LEU T 45 20.96 -5.84 -37.53
C LEU T 45 22.27 -5.59 -36.81
N GLU T 46 22.67 -6.48 -35.90
CA GLU T 46 23.98 -6.39 -35.25
C GLU T 46 25.10 -6.86 -36.16
N GLY T 47 24.84 -7.84 -37.01
CA GLY T 47 25.83 -8.31 -37.96
C GLY T 47 27.03 -8.98 -37.34
N ASN T 48 26.80 -9.86 -36.38
CA ASN T 48 27.88 -10.66 -35.85
C ASN T 48 28.32 -11.69 -36.88
N PRO T 49 29.55 -12.20 -36.77
CA PRO T 49 29.97 -13.30 -37.66
C PRO T 49 29.08 -14.52 -37.46
N ALA T 50 28.85 -15.24 -38.56
CA ALA T 50 27.95 -16.39 -38.52
C ALA T 50 28.44 -17.46 -37.54
N ALA T 51 29.75 -17.69 -37.51
CA ALA T 51 30.32 -18.65 -36.57
C ALA T 51 30.39 -18.05 -35.18
N THR T 52 29.29 -18.09 -34.44
CA THR T 52 29.24 -17.55 -33.09
C THR T 52 29.84 -18.49 -32.05
N LYS T 53 29.94 -19.77 -32.37
CA LYS T 53 30.52 -20.79 -31.49
C LYS T 53 29.79 -20.87 -30.16
N SER U 9 -24.08 -6.36 -46.88
CA SER U 9 -24.41 -7.27 -45.79
C SER U 9 -24.39 -6.56 -44.45
N SER U 10 -23.49 -6.97 -43.56
CA SER U 10 -23.38 -6.33 -42.26
C SER U 10 -23.01 -4.86 -42.39
N THR U 11 -22.10 -4.55 -43.30
CA THR U 11 -21.77 -3.17 -43.60
C THR U 11 -22.80 -2.60 -44.56
N GLY U 12 -23.27 -1.38 -44.30
CA GLY U 12 -24.29 -0.78 -45.13
C GLY U 12 -23.77 -0.27 -46.46
N LEU U 13 -23.26 -1.20 -47.28
CA LEU U 13 -22.72 -0.87 -48.59
C LEU U 13 -23.32 -1.81 -49.63
N THR U 14 -23.60 -1.26 -50.82
CA THR U 14 -23.99 -2.08 -51.95
C THR U 14 -22.74 -2.70 -52.57
N GLU U 15 -22.93 -3.74 -53.39
CA GLU U 15 -21.80 -4.34 -54.08
C GLU U 15 -21.09 -3.36 -55.00
N ALA U 16 -21.81 -2.39 -55.59
CA ALA U 16 -21.17 -1.38 -56.42
C ALA U 16 -20.32 -0.42 -55.59
N GLU U 17 -20.84 0.03 -54.44
CA GLU U 17 -20.06 0.88 -53.56
C GLU U 17 -18.83 0.14 -53.04
N ALA U 18 -18.99 -1.13 -52.68
CA ALA U 18 -17.86 -1.94 -52.25
C ALA U 18 -16.84 -2.09 -53.37
N LYS U 19 -17.32 -2.29 -54.61
CA LYS U 19 -16.40 -2.42 -55.74
C LYS U 19 -15.61 -1.15 -55.98
N GLU U 20 -16.28 0.01 -55.92
CA GLU U 20 -15.58 1.28 -56.11
C GLU U 20 -14.57 1.56 -54.99
N PHE U 21 -14.99 1.36 -53.75
CA PHE U 21 -14.07 1.54 -52.62
C PHE U 21 -12.91 0.58 -52.70
N HIS U 22 -13.13 -0.66 -53.13
CA HIS U 22 -12.03 -1.60 -53.26
C HIS U 22 -11.10 -1.25 -54.41
N ALA U 23 -11.64 -0.69 -55.50
CA ALA U 23 -10.76 -0.20 -56.55
C ALA U 23 -9.82 0.87 -56.02
N VAL U 24 -10.37 1.86 -55.30
CA VAL U 24 -9.53 2.92 -54.77
C VAL U 24 -8.56 2.37 -53.72
N TYR U 25 -9.04 1.48 -52.86
CA TYR U 25 -8.21 0.88 -51.83
C TYR U 25 -7.06 0.08 -52.43
N SER U 26 -7.35 -0.69 -53.48
CA SER U 26 -6.32 -1.47 -54.15
C SER U 26 -5.28 -0.56 -54.80
N GLN U 27 -5.73 0.50 -55.46
CA GLN U 27 -4.77 1.44 -56.04
C GLN U 27 -3.88 2.07 -54.98
N SER U 28 -4.47 2.51 -53.87
CA SER U 28 -3.68 3.13 -52.81
C SER U 28 -2.72 2.15 -52.15
N ALA U 29 -3.16 0.90 -51.91
CA ALA U 29 -2.27 -0.09 -51.31
C ALA U 29 -1.14 -0.46 -52.26
N ALA U 30 -1.44 -0.57 -53.57
CA ALA U 30 -0.38 -0.84 -54.53
C ALA U 30 0.63 0.30 -54.60
N GLY U 31 0.15 1.55 -54.55
CA GLY U 31 1.07 2.67 -54.51
C GLY U 31 1.92 2.68 -53.25
N PHE U 32 1.29 2.38 -52.11
CA PHE U 32 2.03 2.30 -50.85
C PHE U 32 3.12 1.24 -50.91
N LEU U 33 2.79 0.06 -51.43
CA LEU U 33 3.79 -1.00 -51.54
C LEU U 33 4.87 -0.69 -52.56
N ALA U 34 4.54 -0.03 -53.67
CA ALA U 34 5.56 0.40 -54.61
C ALA U 34 6.52 1.40 -54.00
N VAL U 35 5.99 2.38 -53.26
CA VAL U 35 6.85 3.34 -52.58
C VAL U 35 7.72 2.63 -51.54
N CYS U 36 7.15 1.67 -50.81
CA CYS U 36 7.94 0.92 -49.84
C CYS U 36 9.04 0.09 -50.50
N ALA U 37 8.75 -0.51 -51.65
CA ALA U 37 9.77 -1.26 -52.37
C ALA U 37 10.90 -0.35 -52.84
N VAL U 38 10.55 0.82 -53.36
CA VAL U 38 11.57 1.77 -53.80
C VAL U 38 12.41 2.24 -52.62
N ALA U 39 11.75 2.52 -51.49
CA ALA U 39 12.46 2.94 -50.29
C ALA U 39 13.38 1.85 -49.76
N HIS U 40 12.96 0.59 -49.83
CA HIS U 40 13.81 -0.51 -49.41
C HIS U 40 15.01 -0.69 -50.34
N VAL U 41 14.82 -0.52 -51.64
CA VAL U 41 15.96 -0.55 -52.55
C VAL U 41 16.94 0.58 -52.22
N LEU U 42 16.42 1.78 -51.96
CA LEU U 42 17.26 2.91 -51.59
C LEU U 42 18.02 2.65 -50.30
N ALA U 43 17.35 2.09 -49.30
CA ALA U 43 17.99 1.77 -48.02
C ALA U 43 19.02 0.67 -48.15
N TRP U 44 18.80 -0.30 -49.03
CA TRP U 44 19.82 -1.31 -49.29
C TRP U 44 21.04 -0.69 -49.97
N MET U 45 20.82 0.19 -50.96
CA MET U 45 21.95 0.85 -51.60
C MET U 45 22.71 1.73 -50.63
N TRP U 46 22.01 2.33 -49.67
CA TRP U 46 22.66 3.05 -48.59
C TRP U 46 23.54 2.12 -47.76
N ARG U 47 22.92 1.16 -47.09
CA ARG U 47 23.64 0.17 -46.29
C ARG U 47 22.90 -1.16 -46.40
N PRO U 48 23.55 -2.22 -46.91
CA PRO U 48 22.86 -3.50 -47.09
C PRO U 48 22.34 -4.06 -45.77
N PHE U 49 21.33 -4.93 -45.88
CA PHE U 49 20.52 -5.34 -44.75
C PHE U 49 21.02 -6.61 -44.09
N TRP U 50 21.47 -7.57 -44.90
CA TRP U 50 21.71 -8.94 -44.45
C TRP U 50 23.20 -9.18 -44.35
N PRO U 51 23.73 -9.49 -43.17
CA PRO U 51 25.19 -9.67 -43.05
C PRO U 51 25.67 -10.89 -43.80
N GLY U 52 26.93 -10.85 -44.21
CA GLY U 52 27.60 -12.00 -44.76
C GLY U 52 28.08 -12.91 -43.67
N ALA U 53 28.92 -13.88 -44.06
CA ALA U 53 29.49 -14.82 -43.10
C ALA U 53 30.39 -14.15 -42.07
N GLU U 54 31.06 -13.06 -42.44
CA GLU U 54 31.92 -12.35 -41.51
C GLU U 54 31.21 -11.23 -40.76
N GLY U 55 29.95 -10.96 -41.09
CA GLY U 55 29.20 -9.92 -40.43
C GLY U 55 29.38 -8.56 -41.09
N TRP U 56 29.27 -7.50 -40.31
CA TRP U 56 29.48 -6.14 -40.82
C TRP U 56 30.97 -5.79 -40.77
N VAL U 57 31.71 -6.31 -41.75
CA VAL U 57 33.14 -6.06 -41.83
C VAL U 57 33.49 -5.46 -43.19
N MET V 1 -6.99 -10.81 -49.18
CA MET V 1 -7.53 -9.75 -50.03
C MET V 1 -6.68 -9.57 -51.28
N THR V 2 -7.33 -9.42 -52.43
CA THR V 2 -6.66 -9.22 -53.70
C THR V 2 -7.36 -8.09 -54.45
N PHE V 3 -6.98 -7.90 -55.72
CA PHE V 3 -7.60 -6.88 -56.54
C PHE V 3 -9.05 -7.19 -56.88
N SER V 4 -9.48 -8.44 -56.75
CA SER V 4 -10.82 -8.85 -57.15
C SER V 4 -11.79 -9.03 -55.99
N THR V 5 -11.27 -9.25 -54.77
CA THR V 5 -12.12 -9.53 -53.61
C THR V 5 -12.65 -8.21 -53.06
N HIS V 6 -13.59 -7.61 -53.78
CA HIS V 6 -14.16 -6.33 -53.39
C HIS V 6 -15.28 -6.45 -52.36
N LYS V 7 -15.81 -7.66 -52.14
CA LYS V 7 -16.91 -7.85 -51.21
C LYS V 7 -16.45 -7.93 -49.77
N VAL V 8 -15.15 -7.82 -49.52
CA VAL V 8 -14.64 -7.76 -48.15
C VAL V 8 -15.20 -6.53 -47.42
N TRP V 9 -15.57 -5.49 -48.15
CA TRP V 9 -16.15 -4.29 -47.58
C TRP V 9 -17.64 -4.44 -47.30
N LEU V 10 -18.26 -5.51 -47.80
CA LEU V 10 -19.57 -5.95 -47.32
C LEU V 10 -19.47 -6.71 -46.01
N MET V 11 -18.26 -7.07 -45.60
CA MET V 11 -17.99 -7.81 -44.37
C MET V 11 -17.25 -6.99 -43.33
N PHE V 12 -16.40 -6.06 -43.77
CA PHE V 12 -15.66 -5.18 -42.88
C PHE V 12 -16.02 -3.73 -43.19
N ASP V 13 -16.22 -2.94 -42.14
CA ASP V 13 -16.55 -1.53 -42.32
C ASP V 13 -15.36 -0.78 -42.88
N PRO V 14 -15.49 -0.12 -44.04
CA PRO V 14 -14.31 0.54 -44.64
C PRO V 14 -13.67 1.60 -43.75
N ARG V 15 -14.46 2.41 -43.05
CA ARG V 15 -13.90 3.47 -42.23
C ARG V 15 -13.13 2.92 -41.03
N SER V 16 -13.74 1.99 -40.29
CA SER V 16 -13.06 1.38 -39.15
C SER V 16 -11.84 0.59 -39.58
N THR V 17 -11.96 -0.17 -40.67
CA THR V 17 -10.82 -0.94 -41.17
C THR V 17 -9.68 -0.02 -41.59
N LEU V 18 -9.97 1.07 -42.29
CA LEU V 18 -8.92 2.01 -42.66
C LEU V 18 -8.28 2.66 -41.44
N VAL V 19 -9.07 3.04 -40.44
CA VAL V 19 -8.48 3.66 -39.25
C VAL V 19 -7.59 2.68 -38.51
N ALA V 20 -8.05 1.43 -38.33
CA ALA V 20 -7.24 0.42 -37.66
C ALA V 20 -5.97 0.12 -38.46
N LEU V 21 -6.08 0.02 -39.78
CA LEU V 21 -4.91 -0.23 -40.62
C LEU V 21 -3.92 0.91 -40.51
N ALA V 22 -4.41 2.15 -40.53
CA ALA V 22 -3.51 3.30 -40.41
C ALA V 22 -2.79 3.30 -39.07
N ALA V 23 -3.51 3.01 -37.99
CA ALA V 23 -2.87 2.94 -36.69
C ALA V 23 -1.82 1.82 -36.63
N PHE V 24 -2.16 0.64 -37.15
CA PHE V 24 -1.21 -0.47 -37.14
C PHE V 24 0.03 -0.16 -37.97
N LEU V 25 -0.16 0.43 -39.15
CA LEU V 25 0.96 0.78 -40.01
C LEU V 25 1.84 1.87 -39.40
N VAL V 26 1.25 2.89 -38.77
CA VAL V 26 2.05 3.90 -38.12
C VAL V 26 2.86 3.32 -36.97
N VAL V 27 2.22 2.48 -36.14
CA VAL V 27 2.95 1.89 -35.02
C VAL V 27 4.06 0.97 -35.53
N LEU V 28 3.79 0.18 -36.57
CA LEU V 28 4.81 -0.69 -37.13
C LEU V 28 5.96 0.11 -37.72
N ALA V 29 5.66 1.17 -38.46
CA ALA V 29 6.70 2.01 -39.04
C ALA V 29 7.56 2.64 -37.97
N LEU V 30 6.93 3.14 -36.90
CA LEU V 30 7.68 3.70 -35.78
C LEU V 30 8.57 2.65 -35.13
N LEU V 31 8.03 1.44 -34.94
CA LEU V 31 8.80 0.37 -34.31
C LEU V 31 10.01 -0.01 -35.16
N ILE V 32 9.84 -0.11 -36.47
CA ILE V 32 10.97 -0.48 -37.32
C ILE V 32 11.99 0.65 -37.41
N HIS V 33 11.53 1.91 -37.48
CA HIS V 33 12.47 3.03 -37.46
C HIS V 33 13.26 3.06 -36.16
N PHE V 34 12.61 2.79 -35.03
CA PHE V 34 13.31 2.76 -33.75
C PHE V 34 14.26 1.58 -33.61
N LEU V 35 13.90 0.42 -34.18
CA LEU V 35 14.85 -0.69 -34.24
C LEU V 35 16.07 -0.35 -35.08
N CYS V 36 15.87 0.34 -36.21
CA CYS V 36 17.01 0.77 -37.01
C CYS V 36 17.86 1.78 -36.26
N LEU V 37 17.22 2.73 -35.56
CA LEU V 37 17.94 3.71 -34.76
C LEU V 37 18.66 3.08 -33.57
N GLY V 38 18.19 1.94 -33.08
CA GLY V 38 18.78 1.31 -31.92
C GLY V 38 20.01 0.48 -32.21
N HIS V 39 20.38 0.39 -33.48
CA HIS V 39 21.55 -0.37 -33.91
C HIS V 39 22.56 0.56 -34.55
N ASP V 40 23.85 0.30 -34.29
CA ASP V 40 24.91 1.23 -34.69
C ASP V 40 24.98 1.41 -36.20
N ARG V 41 24.86 0.33 -36.96
CA ARG V 41 25.03 0.40 -38.41
C ARG V 41 23.89 1.12 -39.11
N PHE V 42 22.65 0.94 -38.66
CA PHE V 42 21.50 1.48 -39.35
C PHE V 42 20.93 2.74 -38.72
N ASN V 43 21.58 3.28 -37.68
CA ASN V 43 21.21 4.59 -37.17
C ASN V 43 21.80 5.66 -38.08
N TRP V 44 20.96 6.21 -38.96
CA TRP V 44 21.40 7.21 -39.93
C TRP V 44 21.65 8.57 -39.30
N LEU V 45 21.08 8.84 -38.13
CA LEU V 45 21.27 10.10 -37.44
C LEU V 45 22.55 10.12 -36.61
N GLU V 46 22.93 9.00 -36.00
CA GLU V 46 24.18 8.89 -35.27
C GLU V 46 25.39 8.85 -36.19
N GLY V 47 25.24 8.31 -37.40
CA GLY V 47 26.29 8.34 -38.39
C GLY V 47 27.54 7.57 -38.03
N ASN V 48 27.35 6.35 -37.54
CA ASN V 48 28.48 5.46 -37.30
C ASN V 48 28.97 4.90 -38.63
N PRO V 49 30.23 4.44 -38.67
CA PRO V 49 30.70 3.76 -39.88
C PRO V 49 29.88 2.50 -40.16
N ALA V 50 29.68 2.23 -41.45
CA ALA V 50 28.92 1.05 -41.84
C ALA V 50 29.59 -0.23 -41.37
N ALA V 51 30.92 -0.25 -41.37
CA ALA V 51 31.68 -1.42 -40.94
C ALA V 51 31.71 -1.44 -39.43
N THR V 52 30.80 -2.22 -38.80
CA THR V 52 30.45 -2.06 -37.37
C THR V 52 31.06 -3.14 -36.48
N LYS V 53 31.21 -4.36 -37.01
CA LYS V 53 31.84 -5.48 -36.32
C LYS V 53 31.11 -5.84 -35.03
N SER W 9 -23.78 10.29 -47.54
CA SER W 9 -23.91 8.87 -47.27
C SER W 9 -23.73 8.58 -45.79
N SER W 10 -22.62 7.92 -45.45
CA SER W 10 -22.30 7.64 -44.05
C SER W 10 -22.13 8.94 -43.27
N THR W 11 -21.48 9.92 -43.89
CA THR W 11 -21.35 11.24 -43.30
C THR W 11 -22.43 12.16 -43.87
N GLY W 12 -22.87 13.11 -43.06
CA GLY W 12 -23.95 14.00 -43.45
C GLY W 12 -23.55 15.09 -44.43
N LEU W 13 -22.86 14.72 -45.51
CA LEU W 13 -22.48 15.66 -46.55
C LEU W 13 -23.00 15.20 -47.91
N THR W 14 -23.14 16.17 -48.81
CA THR W 14 -23.54 15.94 -50.18
C THR W 14 -22.29 15.85 -51.05
N GLU W 15 -22.43 15.21 -52.21
CA GLU W 15 -21.29 15.06 -53.12
C GLU W 15 -20.70 16.39 -53.54
N ALA W 16 -21.53 17.43 -53.67
CA ALA W 16 -21.02 18.77 -53.98
C ALA W 16 -20.22 19.35 -52.82
N GLU W 17 -20.72 19.21 -51.59
CA GLU W 17 -19.96 19.62 -50.42
C GLU W 17 -18.66 18.84 -50.29
N ALA W 18 -18.70 17.55 -50.58
CA ALA W 18 -17.48 16.74 -50.58
C ALA W 18 -16.50 17.22 -51.63
N LYS W 19 -16.99 17.58 -52.82
CA LYS W 19 -16.09 18.11 -53.86
C LYS W 19 -15.44 19.41 -53.42
N GLU W 20 -16.22 20.32 -52.83
CA GLU W 20 -15.65 21.59 -52.39
C GLU W 20 -14.63 21.38 -51.28
N PHE W 21 -14.97 20.56 -50.29
CA PHE W 21 -14.04 20.29 -49.20
C PHE W 21 -12.78 19.62 -49.71
N HIS W 22 -12.92 18.67 -50.65
CA HIS W 22 -11.75 18.01 -51.18
C HIS W 22 -10.90 18.94 -52.03
N ALA W 23 -11.50 19.89 -52.74
CA ALA W 23 -10.70 20.88 -53.45
C ALA W 23 -9.84 21.68 -52.46
N VAL W 24 -10.47 22.19 -51.39
CA VAL W 24 -9.72 22.96 -50.41
C VAL W 24 -8.66 22.09 -49.73
N TYR W 25 -9.04 20.86 -49.35
CA TYR W 25 -8.15 19.94 -48.66
C TYR W 25 -6.97 19.55 -49.53
N SER W 26 -7.23 19.30 -50.82
CA SER W 26 -6.17 18.93 -51.74
C SER W 26 -5.19 20.07 -51.95
N GLN W 27 -5.70 21.30 -52.14
CA GLN W 27 -4.79 22.43 -52.24
C GLN W 27 -3.96 22.59 -50.98
N SER W 28 -4.59 22.48 -49.81
CA SER W 28 -3.87 22.64 -48.55
C SER W 28 -2.81 21.56 -48.34
N ALA W 29 -3.14 20.30 -48.64
CA ALA W 29 -2.19 19.21 -48.50
C ALA W 29 -1.05 19.32 -49.50
N ALA W 30 -1.35 19.73 -50.74
CA ALA W 30 -0.29 19.94 -51.72
C ALA W 30 0.65 21.06 -51.28
N GLY W 31 0.10 22.14 -50.74
CA GLY W 31 0.95 23.21 -50.23
C GLY W 31 1.80 22.75 -49.04
N PHE W 32 1.19 21.96 -48.14
CA PHE W 32 1.94 21.42 -47.01
C PHE W 32 3.10 20.56 -47.48
N LEU W 33 2.85 19.68 -48.45
CA LEU W 33 3.92 18.82 -48.94
C LEU W 33 4.98 19.60 -49.71
N ALA W 34 4.58 20.64 -50.46
CA ALA W 34 5.56 21.47 -51.13
C ALA W 34 6.47 22.18 -50.13
N VAL W 35 5.88 22.73 -49.07
CA VAL W 35 6.70 23.39 -48.06
C VAL W 35 7.59 22.39 -47.33
N CYS W 36 7.08 21.18 -47.05
CA CYS W 36 7.90 20.15 -46.42
C CYS W 36 9.06 19.73 -47.31
N ALA W 37 8.82 19.59 -48.62
CA ALA W 37 9.89 19.25 -49.54
C ALA W 37 10.93 20.34 -49.64
N VAL W 38 10.51 21.61 -49.68
CA VAL W 38 11.47 22.70 -49.69
C VAL W 38 12.28 22.72 -48.39
N ALA W 39 11.61 22.50 -47.25
CA ALA W 39 12.32 22.45 -45.98
C ALA W 39 13.31 21.31 -45.93
N HIS W 40 12.97 20.15 -46.49
CA HIS W 40 13.89 19.02 -46.55
C HIS W 40 15.07 19.29 -47.48
N VAL W 41 14.85 19.94 -48.61
CA VAL W 41 15.97 20.30 -49.48
C VAL W 41 16.89 21.29 -48.77
N LEU W 42 16.33 22.28 -48.08
CA LEU W 42 17.13 23.22 -47.31
C LEU W 42 17.90 22.53 -46.19
N ALA W 43 17.27 21.60 -45.48
CA ALA W 43 17.95 20.84 -44.44
C ALA W 43 19.06 19.96 -44.98
N TRP W 44 18.87 19.36 -46.16
CA TRP W 44 19.94 18.60 -46.78
C TRP W 44 21.09 19.48 -47.21
N MET W 45 20.81 20.67 -47.73
CA MET W 45 21.88 21.62 -48.03
C MET W 45 22.57 22.12 -46.77
N TRP W 46 21.86 22.16 -45.64
CA TRP W 46 22.50 22.55 -44.38
C TRP W 46 23.45 21.46 -43.91
N ARG W 47 22.93 20.27 -43.64
CA ARG W 47 23.72 19.11 -43.27
C ARG W 47 23.07 17.86 -43.86
N PRO W 48 23.75 17.17 -44.79
CA PRO W 48 23.18 15.94 -45.34
C PRO W 48 22.90 14.90 -44.26
N PHE W 49 21.81 14.16 -44.41
CA PHE W 49 21.36 13.24 -43.38
C PHE W 49 21.32 11.78 -43.79
N TRP W 50 22.08 11.38 -44.81
CA TRP W 50 22.35 9.97 -45.06
C TRP W 50 23.84 9.75 -45.08
N PRO W 51 24.40 8.99 -44.14
CA PRO W 51 25.87 8.89 -44.04
C PRO W 51 26.44 7.98 -45.11
N GLY W 52 27.76 8.07 -45.26
CA GLY W 52 28.52 7.16 -46.10
C GLY W 52 28.96 5.94 -45.32
N ALA W 53 29.85 5.17 -45.94
CA ALA W 53 30.35 3.97 -45.29
C ALA W 53 31.21 4.28 -44.07
N GLU W 54 31.76 5.48 -43.99
CA GLU W 54 32.62 5.89 -42.89
C GLU W 54 31.88 6.76 -41.88
N GLY W 55 30.57 6.90 -41.99
CA GLY W 55 29.82 7.74 -41.07
C GLY W 55 30.03 9.22 -41.35
N TRP W 56 29.85 10.02 -40.31
CA TRP W 56 30.03 11.47 -40.41
C TRP W 56 31.51 11.80 -40.21
N VAL W 57 32.34 11.50 -41.20
CA VAL W 57 33.81 11.69 -41.09
C VAL W 57 34.28 12.06 -42.48
N MET X 1 -6.12 8.06 -50.92
CA MET X 1 -6.67 9.38 -51.18
C MET X 1 -5.86 10.08 -52.26
N THR X 2 -6.55 10.65 -53.25
CA THR X 2 -5.91 11.29 -54.39
C THR X 2 -6.67 12.59 -54.63
N PHE X 3 -6.19 13.39 -55.58
CA PHE X 3 -6.86 14.62 -55.97
C PHE X 3 -8.29 14.39 -56.46
N SER X 4 -8.54 13.27 -57.14
CA SER X 4 -9.83 12.99 -57.74
C SER X 4 -10.76 12.18 -56.83
N THR X 5 -10.30 11.75 -55.67
CA THR X 5 -11.12 10.97 -54.74
C THR X 5 -11.86 11.87 -53.76
N HIS X 6 -12.72 12.76 -54.28
CA HIS X 6 -13.40 13.71 -53.43
C HIS X 6 -14.44 13.07 -52.52
N LYS X 7 -14.85 11.84 -52.79
CA LYS X 7 -15.92 11.20 -52.05
C LYS X 7 -15.44 10.48 -50.79
N VAL X 8 -14.22 10.76 -50.33
CA VAL X 8 -13.79 10.27 -49.01
C VAL X 8 -14.69 10.83 -47.93
N TRP X 9 -15.11 12.09 -48.10
CA TRP X 9 -15.81 12.82 -47.06
C TRP X 9 -17.28 12.43 -46.93
N LEU X 10 -17.76 11.55 -47.80
CA LEU X 10 -19.02 10.85 -47.59
C LEU X 10 -18.83 9.62 -46.72
N MET X 11 -17.59 9.33 -46.32
CA MET X 11 -17.27 8.18 -45.48
C MET X 11 -16.53 8.63 -44.23
N PHE X 12 -15.66 9.63 -44.38
CA PHE X 12 -14.90 10.19 -43.27
C PHE X 12 -15.42 11.58 -42.96
N ASP X 13 -15.68 11.84 -41.68
CA ASP X 13 -16.15 13.17 -41.28
C ASP X 13 -15.01 14.18 -41.50
N PRO X 14 -15.23 15.23 -42.29
CA PRO X 14 -14.15 16.20 -42.52
C PRO X 14 -13.63 16.85 -41.27
N ARG X 15 -14.51 17.23 -40.34
CA ARG X 15 -14.07 17.96 -39.15
C ARG X 15 -13.25 17.09 -38.20
N SER X 16 -13.74 15.90 -37.87
CA SER X 16 -13.00 14.99 -37.02
C SER X 16 -11.72 14.51 -37.66
N THR X 17 -11.74 14.24 -38.97
CA THR X 17 -10.52 13.89 -39.68
C THR X 17 -9.49 15.01 -39.65
N LEU X 18 -9.93 16.27 -39.82
CA LEU X 18 -8.99 17.39 -39.71
C LEU X 18 -8.40 17.53 -38.32
N VAL X 19 -9.22 17.38 -37.27
CA VAL X 19 -8.66 17.45 -35.92
C VAL X 19 -7.66 16.32 -35.67
N ALA X 20 -8.00 15.09 -36.06
CA ALA X 20 -7.09 13.97 -35.88
C ALA X 20 -5.80 14.14 -36.69
N LEU X 21 -5.91 14.63 -37.92
CA LEU X 21 -4.74 14.87 -38.76
C LEU X 21 -3.87 15.97 -38.18
N ALA X 22 -4.46 17.05 -37.67
CA ALA X 22 -3.67 18.11 -37.06
C ALA X 22 -2.92 17.57 -35.84
N ALA X 23 -3.60 16.80 -34.99
CA ALA X 23 -2.93 16.24 -33.82
C ALA X 23 -1.80 15.31 -34.22
N PHE X 24 -2.05 14.41 -35.19
CA PHE X 24 -1.02 13.49 -35.63
C PHE X 24 0.17 14.23 -36.23
N LEU X 25 -0.09 15.25 -37.06
CA LEU X 25 0.98 15.98 -37.71
C LEU X 25 1.81 16.76 -36.71
N VAL X 26 1.19 17.41 -35.72
CA VAL X 26 1.99 18.15 -34.74
C VAL X 26 2.79 17.19 -33.87
N VAL X 27 2.18 16.06 -33.49
CA VAL X 27 2.92 15.10 -32.67
C VAL X 27 4.10 14.51 -33.43
N LEU X 28 3.90 14.19 -34.72
CA LEU X 28 4.98 13.66 -35.54
C LEU X 28 6.08 14.71 -35.75
N ALA X 29 5.69 15.97 -35.98
CA ALA X 29 6.70 17.02 -36.15
C ALA X 29 7.52 17.20 -34.88
N LEU X 30 6.86 17.19 -33.71
CA LEU X 30 7.59 17.27 -32.46
C LEU X 30 8.50 16.07 -32.26
N LEU X 31 8.02 14.88 -32.59
CA LEU X 31 8.84 13.67 -32.47
C LEU X 31 10.10 13.78 -33.31
N ILE X 32 9.95 14.19 -34.58
CA ILE X 32 11.11 14.26 -35.45
C ILE X 32 12.05 15.39 -35.04
N HIS X 33 11.51 16.53 -34.62
CA HIS X 33 12.36 17.63 -34.16
C HIS X 33 13.15 17.22 -32.92
N PHE X 34 12.51 16.50 -31.99
CA PHE X 34 13.21 16.05 -30.80
C PHE X 34 14.25 14.98 -31.15
N LEU X 35 13.95 14.12 -32.12
CA LEU X 35 14.94 13.14 -32.56
C LEU X 35 16.15 13.82 -33.17
N CYS X 36 15.93 14.87 -33.95
CA CYS X 36 17.05 15.64 -34.49
C CYS X 36 17.84 16.33 -33.38
N LEU X 37 17.13 16.91 -32.40
CA LEU X 37 17.79 17.57 -31.29
C LEU X 37 18.59 16.61 -30.42
N GLY X 38 18.20 15.34 -30.38
CA GLY X 38 18.89 14.34 -29.59
C GLY X 38 20.10 13.73 -30.25
N HIS X 39 20.48 14.23 -31.42
CA HIS X 39 21.66 13.74 -32.13
C HIS X 39 22.61 14.90 -32.36
N ASP X 40 23.90 14.64 -32.16
CA ASP X 40 24.92 15.68 -32.14
C ASP X 40 25.08 16.39 -33.49
N ARG X 41 24.85 15.70 -34.60
CA ARG X 41 25.01 16.32 -35.91
C ARG X 41 23.81 17.18 -36.32
N PHE X 42 22.62 16.88 -35.80
CA PHE X 42 21.41 17.58 -36.22
C PHE X 42 20.81 18.44 -35.13
N ASN X 43 21.44 18.55 -33.97
CA ASN X 43 21.04 19.53 -32.97
C ASN X 43 21.52 20.91 -33.42
N TRP X 44 20.66 21.65 -34.10
CA TRP X 44 21.03 22.96 -34.62
C TRP X 44 21.21 24.00 -33.53
N LEU X 45 20.60 23.81 -32.36
CA LEU X 45 20.74 24.73 -31.25
C LEU X 45 22.02 24.50 -30.46
N GLU X 46 22.50 23.26 -30.37
CA GLU X 46 23.78 22.98 -29.75
C GLU X 46 24.94 23.35 -30.67
N GLY X 47 24.77 23.17 -31.98
CA GLY X 47 25.75 23.61 -32.94
C GLY X 47 27.09 22.91 -32.85
N ASN X 48 27.06 21.58 -32.76
CA ASN X 48 28.28 20.82 -32.82
C ASN X 48 28.84 20.86 -34.23
N PRO X 49 30.15 20.59 -34.40
CA PRO X 49 30.69 20.46 -35.75
C PRO X 49 29.97 19.36 -36.52
N ALA X 50 29.78 19.60 -37.81
CA ALA X 50 28.98 18.68 -38.63
C ALA X 50 29.62 17.29 -38.66
N ALA X 51 30.93 17.22 -38.77
CA ALA X 51 31.64 15.96 -38.80
C ALA X 51 31.82 15.43 -37.39
N THR X 52 30.88 14.61 -36.86
CA THR X 52 30.82 14.29 -35.42
C THR X 52 31.56 13.02 -35.04
N LYS X 53 32.16 12.33 -36.00
CA LYS X 53 32.88 11.09 -35.74
C LYS X 53 34.35 11.22 -36.11
N SER Y 9 -34.56 20.82 30.10
CA SER Y 9 -34.32 21.56 28.87
C SER Y 9 -33.77 20.64 27.78
N SER Y 10 -32.52 20.89 27.35
CA SER Y 10 -31.89 20.03 26.37
C SER Y 10 -31.72 18.62 26.92
N THR Y 11 -31.30 18.51 28.16
CA THR Y 11 -31.23 17.21 28.83
C THR Y 11 -32.45 17.03 29.72
N GLY Y 12 -32.91 15.78 29.82
CA GLY Y 12 -34.11 15.48 30.57
C GLY Y 12 -33.94 15.55 32.08
N LEU Y 13 -33.36 16.64 32.57
CA LEU Y 13 -33.16 16.86 33.99
C LEU Y 13 -33.94 18.09 34.45
N THR Y 14 -34.71 17.93 35.52
CA THR Y 14 -35.35 19.07 36.16
C THR Y 14 -34.29 19.95 36.82
N GLU Y 15 -34.59 21.26 36.91
CA GLU Y 15 -33.66 22.20 37.52
C GLU Y 15 -33.23 21.79 38.92
N ALA Y 16 -34.12 21.21 39.72
CA ALA Y 16 -33.75 20.68 41.03
C ALA Y 16 -32.79 19.52 40.93
N GLU Y 17 -33.04 18.59 39.99
CA GLU Y 17 -32.11 17.49 39.76
C GLU Y 17 -30.74 18.00 39.32
N ALA Y 18 -30.72 18.97 38.41
CA ALA Y 18 -29.45 19.54 37.99
C ALA Y 18 -28.73 20.25 39.13
N LYS Y 19 -29.47 20.95 39.99
CA LYS Y 19 -28.86 21.60 41.14
C LYS Y 19 -28.26 20.60 42.12
N GLU Y 20 -28.96 19.51 42.41
CA GLU Y 20 -28.41 18.44 43.24
C GLU Y 20 -27.19 17.79 42.62
N PHE Y 21 -27.25 17.50 41.31
CA PHE Y 21 -26.09 16.92 40.65
C PHE Y 21 -24.90 17.88 40.67
N HIS Y 22 -25.15 19.18 40.47
CA HIS Y 22 -24.07 20.14 40.54
C HIS Y 22 -23.48 20.23 41.94
N ALA Y 23 -24.31 20.16 42.97
CA ALA Y 23 -23.79 20.16 44.33
C ALA Y 23 -22.88 18.97 44.56
N VAL Y 24 -23.32 17.77 44.17
CA VAL Y 24 -22.50 16.58 44.38
C VAL Y 24 -21.24 16.62 43.51
N TYR Y 25 -21.35 17.07 42.27
CA TYR Y 25 -20.21 17.18 41.37
C TYR Y 25 -19.18 18.18 41.89
N SER Y 26 -19.65 19.30 42.41
CA SER Y 26 -18.74 20.30 42.98
C SER Y 26 -18.05 19.74 44.22
N GLN Y 27 -18.78 19.04 45.08
CA GLN Y 27 -18.14 18.42 46.23
C GLN Y 27 -17.07 17.41 45.81
N SER Y 28 -17.39 16.57 44.84
CA SER Y 28 -16.44 15.56 44.38
C SER Y 28 -15.22 16.19 43.72
N ALA Y 29 -15.42 17.23 42.89
CA ALA Y 29 -14.30 17.93 42.28
C ALA Y 29 -13.43 18.62 43.31
N ALA Y 30 -14.04 19.24 44.33
CA ALA Y 30 -13.26 19.86 45.39
C ALA Y 30 -12.43 18.82 46.15
N GLY Y 31 -13.02 17.67 46.43
CA GLY Y 31 -12.27 16.61 47.09
C GLY Y 31 -11.13 16.09 46.23
N PHE Y 32 -11.39 15.89 44.93
CA PHE Y 32 -10.34 15.45 44.02
C PHE Y 32 -9.21 16.45 43.95
N LEU Y 33 -9.53 17.74 43.84
CA LEU Y 33 -8.50 18.77 43.79
C LEU Y 33 -7.74 18.92 45.10
N ALA Y 34 -8.41 18.78 46.24
CA ALA Y 34 -7.71 18.79 47.52
C ALA Y 34 -6.74 17.62 47.64
N VAL Y 35 -7.17 16.42 47.26
CA VAL Y 35 -6.28 15.28 47.29
C VAL Y 35 -5.11 15.48 46.33
N CYS Y 36 -5.36 16.04 45.15
CA CYS Y 36 -4.29 16.32 44.20
C CYS Y 36 -3.31 17.35 44.74
N ALA Y 37 -3.80 18.38 45.43
CA ALA Y 37 -2.93 19.38 46.03
C ALA Y 37 -2.06 18.77 47.12
N VAL Y 38 -2.65 17.94 48.00
CA VAL Y 38 -1.85 17.26 49.00
C VAL Y 38 -0.82 16.32 48.37
N ALA Y 39 -1.20 15.62 47.30
CA ALA Y 39 -0.27 14.75 46.59
C ALA Y 39 0.88 15.54 45.99
N HIS Y 40 0.60 16.70 45.38
CA HIS Y 40 1.65 17.54 44.83
C HIS Y 40 2.56 18.14 45.90
N VAL Y 41 2.00 18.52 47.06
CA VAL Y 41 2.85 18.96 48.15
C VAL Y 41 3.75 17.84 48.64
N LEU Y 42 3.21 16.63 48.77
CA LEU Y 42 4.02 15.49 49.19
C LEU Y 42 5.11 15.18 48.17
N ALA Y 43 4.78 15.25 46.88
CA ALA Y 43 5.78 15.02 45.84
C ALA Y 43 6.85 16.09 45.82
N TRP Y 44 6.49 17.35 46.11
CA TRP Y 44 7.49 18.40 46.23
C TRP Y 44 8.40 18.16 47.42
N MET Y 45 7.83 17.73 48.56
CA MET Y 45 8.65 17.41 49.72
C MET Y 45 9.58 16.25 49.42
N TRP Y 46 9.12 15.26 48.66
CA TRP Y 46 9.96 14.15 48.24
C TRP Y 46 11.13 14.68 47.41
N ARG Y 47 10.83 15.28 46.26
CA ARG Y 47 11.85 15.88 45.41
C ARG Y 47 11.25 17.10 44.73
N PRO Y 48 11.75 18.31 45.00
CA PRO Y 48 11.22 19.51 44.35
C PRO Y 48 11.34 19.41 42.83
N PHE Y 49 10.33 19.89 42.13
CA PHE Y 49 10.28 19.76 40.68
C PHE Y 49 10.42 21.07 39.94
N TRP Y 50 10.74 22.17 40.63
CA TRP Y 50 11.10 23.42 39.97
C TRP Y 50 12.57 23.72 40.25
N PRO Y 51 13.45 23.67 39.26
CA PRO Y 51 14.87 23.86 39.52
C PRO Y 51 15.21 25.31 39.83
N GLY Y 52 16.32 25.48 40.53
CA GLY Y 52 16.85 26.80 40.81
C GLY Y 52 17.69 27.31 39.65
N ALA Y 53 18.45 28.36 39.92
CA ALA Y 53 19.30 28.95 38.90
C ALA Y 53 20.46 28.05 38.50
N GLU Y 54 20.87 27.12 39.37
CA GLU Y 54 21.98 26.24 39.10
C GLU Y 54 21.56 24.87 38.58
N GLY Y 55 20.28 24.54 38.65
CA GLY Y 55 19.81 23.24 38.23
C GLY Y 55 19.63 22.28 39.39
N TRP Y 56 19.72 20.98 39.13
CA TRP Y 56 19.60 19.98 40.18
C TRP Y 56 20.97 19.69 40.82
N VAL Y 57 21.65 20.73 41.27
CA VAL Y 57 22.95 20.59 41.88
C VAL Y 57 22.94 21.16 43.29
N HIS Z 6 -25.95 24.47 39.28
CA HIS Z 6 -25.97 25.14 37.99
C HIS Z 6 -26.88 24.42 37.00
N LYS Z 7 -27.28 25.14 35.96
CA LYS Z 7 -28.10 24.61 34.90
C LYS Z 7 -27.29 23.97 33.79
N VAL Z 8 -25.99 23.74 34.01
CA VAL Z 8 -25.08 23.17 33.02
C VAL Z 8 -25.67 21.86 32.52
N TRP Z 9 -26.29 21.12 33.43
CA TRP Z 9 -26.80 19.79 33.16
C TRP Z 9 -28.19 19.82 32.51
N LEU Z 10 -28.66 21.02 32.21
CA LEU Z 10 -29.92 21.15 31.46
C LEU Z 10 -29.53 21.29 29.99
N MET Z 11 -28.23 21.32 29.68
CA MET Z 11 -27.74 21.46 28.32
C MET Z 11 -26.74 20.37 27.98
N PHE Z 12 -25.92 19.99 28.95
CA PHE Z 12 -24.93 18.94 28.78
C PHE Z 12 -25.32 17.72 29.60
N ASP Z 13 -25.22 16.55 29.00
CA ASP Z 13 -25.65 15.32 29.65
C ASP Z 13 -24.67 14.98 30.78
N PRO Z 14 -25.14 14.88 32.02
CA PRO Z 14 -24.22 14.57 33.13
C PRO Z 14 -23.50 13.25 32.97
N ARG Z 15 -24.19 12.20 32.58
CA ARG Z 15 -23.57 10.88 32.40
C ARG Z 15 -22.41 10.97 31.40
N SER Z 16 -22.67 11.38 30.16
CA SER Z 16 -21.63 11.41 29.14
C SER Z 16 -20.51 12.35 29.51
N THR Z 17 -20.84 13.52 30.09
CA THR Z 17 -19.80 14.44 30.53
C THR Z 17 -18.92 13.80 31.59
N LEU Z 18 -19.51 13.13 32.57
CA LEU Z 18 -18.74 12.44 33.59
C LEU Z 18 -17.87 11.32 33.05
N VAL Z 19 -18.33 10.55 32.07
CA VAL Z 19 -17.58 9.38 31.54
C VAL Z 19 -16.45 9.89 30.65
N ALA Z 20 -16.68 10.95 29.89
CA ALA Z 20 -15.61 11.57 29.13
C ALA Z 20 -14.57 12.24 30.01
N LEU Z 21 -15.00 12.95 31.06
CA LEU Z 21 -14.07 13.55 31.99
C LEU Z 21 -13.25 12.51 32.73
N ALA Z 22 -13.87 11.40 33.14
CA ALA Z 22 -13.12 10.33 33.80
C ALA Z 22 -12.09 9.74 32.87
N ALA Z 23 -12.46 9.49 31.61
CA ALA Z 23 -11.49 8.98 30.64
C ALA Z 23 -10.34 9.96 30.44
N PHE Z 24 -10.66 11.25 30.29
CA PHE Z 24 -9.62 12.25 30.11
C PHE Z 24 -8.69 12.31 31.31
N LEU Z 25 -9.25 12.29 32.51
CA LEU Z 25 -8.43 12.36 33.72
C LEU Z 25 -7.55 11.12 33.88
N VAL Z 26 -8.08 9.94 33.58
CA VAL Z 26 -7.27 8.73 33.67
C VAL Z 26 -6.13 8.77 32.66
N VAL Z 27 -6.43 9.18 31.41
CA VAL Z 27 -5.38 9.26 30.40
C VAL Z 27 -4.33 10.28 30.80
N LEU Z 28 -4.76 11.42 31.31
CA LEU Z 28 -3.83 12.47 31.75
C LEU Z 28 -2.96 11.98 32.90
N ALA Z 29 -3.54 11.28 33.87
CA ALA Z 29 -2.77 10.76 34.99
C ALA Z 29 -1.75 9.74 34.52
N LEU Z 30 -2.14 8.85 33.60
CA LEU Z 30 -1.18 7.89 33.06
C LEU Z 30 -0.06 8.60 32.33
N LEU Z 31 -0.38 9.61 31.52
CA LEU Z 31 0.65 10.31 30.77
C LEU Z 31 1.61 11.06 31.68
N ILE Z 32 1.10 11.71 32.72
CA ILE Z 32 1.99 12.43 33.63
C ILE Z 32 2.84 11.47 34.46
N HIS Z 33 2.27 10.34 34.88
CA HIS Z 33 3.08 9.34 35.58
C HIS Z 33 4.17 8.77 34.67
N PHE Z 34 3.87 8.54 33.40
CA PHE Z 34 4.90 8.14 32.44
C PHE Z 34 5.94 9.22 32.22
N LEU Z 35 5.53 10.49 32.20
CA LEU Z 35 6.45 11.62 32.13
C LEU Z 35 7.40 11.67 33.32
N CYS Z 36 6.90 11.39 34.52
CA CYS Z 36 7.74 11.30 35.71
C CYS Z 36 8.67 10.10 35.69
N LEU Z 37 8.18 8.94 35.22
CA LEU Z 37 9.03 7.75 35.11
C LEU Z 37 10.06 7.88 34.00
N GLY Z 38 9.84 8.79 33.04
CA GLY Z 38 10.76 9.01 31.96
C GLY Z 38 11.91 9.93 32.28
N HIS Z 39 12.00 10.40 33.52
CA HIS Z 39 13.10 11.24 33.97
C HIS Z 39 13.78 10.57 35.15
N ASP Z 40 15.11 10.70 35.20
CA ASP Z 40 15.88 10.05 36.26
C ASP Z 40 15.60 10.65 37.64
N ARG Z 41 15.32 11.96 37.70
CA ARG Z 41 15.09 12.61 38.98
C ARG Z 41 13.76 12.22 39.61
N PHE Z 42 12.74 11.92 38.80
CA PHE Z 42 11.41 11.64 39.32
C PHE Z 42 10.99 10.19 39.14
N ASN Z 43 11.87 9.34 38.63
CA ASN Z 43 11.60 7.90 38.56
C ASN Z 43 11.79 7.33 39.96
N TRP Z 44 10.69 7.25 40.72
CA TRP Z 44 10.73 6.76 42.08
C TRP Z 44 10.95 5.26 42.16
N LEU Z 45 10.74 4.54 41.06
CA LEU Z 45 10.96 3.09 41.02
C LEU Z 45 12.39 2.73 40.68
N GLU Z 46 13.03 3.48 39.77
CA GLU Z 46 14.44 3.26 39.48
C GLU Z 46 15.32 3.72 40.63
N GLY Z 47 14.89 4.74 41.37
CA GLY Z 47 15.58 5.19 42.56
C GLY Z 47 16.98 5.74 42.31
N ASN Z 48 17.12 6.56 41.28
CA ASN Z 48 18.36 7.27 41.07
C ASN Z 48 18.48 8.40 42.07
N PRO Z 49 19.71 8.85 42.35
CA PRO Z 49 19.89 10.03 43.21
C PRO Z 49 19.18 11.25 42.64
N ALA Z 50 18.65 12.09 43.54
CA ALA Z 50 17.91 13.26 43.11
C ALA Z 50 18.78 14.22 42.32
N ALA Z 51 19.93 14.59 42.87
CA ALA Z 51 20.84 15.51 42.21
C ALA Z 51 21.61 14.79 41.10
N SER AA 9 -24.00 27.18 -40.51
CA SER AA 9 -24.79 25.99 -40.79
C SER AA 9 -24.71 25.00 -39.64
N SER AA 10 -23.65 24.18 -39.64
CA SER AA 10 -23.44 23.25 -38.53
C SER AA 10 -23.17 23.99 -37.23
N THR AA 11 -22.36 25.05 -37.29
CA THR AA 11 -22.01 25.80 -36.10
C THR AA 11 -23.09 26.80 -35.70
N GLY AA 12 -24.12 26.96 -36.51
CA GLY AA 12 -25.17 27.92 -36.25
C GLY AA 12 -24.91 29.29 -36.82
N LEU AA 13 -23.75 29.52 -37.44
CA LEU AA 13 -23.43 30.80 -38.03
C LEU AA 13 -24.01 30.89 -39.44
N THR AA 14 -24.28 32.11 -39.87
CA THR AA 14 -24.67 32.40 -41.25
C THR AA 14 -23.41 32.69 -42.05
N GLU AA 15 -23.48 32.41 -43.36
CA GLU AA 15 -22.32 32.65 -44.21
C GLU AA 15 -21.89 34.11 -44.18
N ALA AA 16 -22.84 35.03 -43.99
CA ALA AA 16 -22.49 36.43 -43.79
C ALA AA 16 -21.71 36.63 -42.50
N GLU AA 17 -22.15 36.01 -41.40
CA GLU AA 17 -21.40 36.07 -40.16
C GLU AA 17 -20.05 35.39 -40.28
N ALA AA 18 -19.99 34.23 -40.93
CA ALA AA 18 -18.73 33.52 -41.12
C ALA AA 18 -17.76 34.34 -41.96
N LYS AA 19 -18.24 35.05 -42.98
CA LYS AA 19 -17.35 35.87 -43.80
C LYS AA 19 -16.72 37.00 -43.00
N GLU AA 20 -17.50 37.70 -42.17
CA GLU AA 20 -16.94 38.77 -41.36
C GLU AA 20 -15.99 38.22 -40.30
N PHE AA 21 -16.37 37.11 -39.67
CA PHE AA 21 -15.48 36.49 -38.70
C PHE AA 21 -14.16 36.06 -39.35
N HIS AA 22 -14.23 35.50 -40.55
CA HIS AA 22 -13.00 35.11 -41.24
C HIS AA 22 -12.19 36.31 -41.66
N ALA AA 23 -12.83 37.42 -42.00
CA ALA AA 23 -12.08 38.64 -42.28
C ALA AA 23 -11.27 39.06 -41.06
N VAL AA 24 -11.93 39.13 -39.89
CA VAL AA 24 -11.21 39.52 -38.67
C VAL AA 24 -10.13 38.51 -38.32
N TYR AA 25 -10.45 37.22 -38.41
CA TYR AA 25 -9.49 36.17 -38.07
C TYR AA 25 -8.29 36.21 -39.01
N SER AA 26 -8.53 36.40 -40.30
CA SER AA 26 -7.45 36.47 -41.28
C SER AA 26 -6.54 37.65 -41.02
N GLN AA 27 -7.13 38.82 -40.74
CA GLN AA 27 -6.31 39.98 -40.40
C GLN AA 27 -5.47 39.71 -39.16
N SER AA 28 -6.09 39.14 -38.12
CA SER AA 28 -5.35 38.88 -36.89
C SER AA 28 -4.23 37.87 -37.10
N ALA AA 29 -4.49 36.81 -37.85
CA ALA AA 29 -3.46 35.80 -38.10
C ALA AA 29 -2.33 36.36 -38.95
N ALA AA 30 -2.66 37.16 -39.97
CA ALA AA 30 -1.61 37.77 -40.78
C ALA AA 30 -0.75 38.73 -39.96
N GLY AA 31 -1.37 39.51 -39.08
CA GLY AA 31 -0.60 40.37 -38.20
C GLY AA 31 0.28 39.59 -37.25
N PHE AA 32 -0.26 38.51 -36.68
CA PHE AA 32 0.52 37.67 -35.78
C PHE AA 32 1.73 37.06 -36.49
N LEU AA 33 1.52 36.58 -37.72
CA LEU AA 33 2.62 36.03 -38.50
C LEU AA 33 3.63 37.09 -38.91
N ALA AA 34 3.20 38.30 -39.24
CA ALA AA 34 4.14 39.37 -39.55
C ALA AA 34 4.98 39.73 -38.34
N VAL AA 35 4.36 39.81 -37.15
CA VAL AA 35 5.12 40.08 -35.94
C VAL AA 35 6.10 38.95 -35.66
N CYS AA 36 5.69 37.70 -35.88
CA CYS AA 36 6.60 36.58 -35.70
C CYS AA 36 7.77 36.61 -36.68
N ALA AA 37 7.52 36.99 -37.94
CA ALA AA 37 8.61 37.12 -38.90
C ALA AA 37 9.59 38.23 -38.51
N VAL AA 38 9.07 39.36 -38.04
CA VAL AA 38 9.95 40.43 -37.59
C VAL AA 38 10.76 39.99 -36.37
N ALA AA 39 10.12 39.28 -35.43
CA ALA AA 39 10.83 38.79 -34.26
C ALA AA 39 11.90 37.78 -34.65
N HIS AA 40 11.64 36.95 -35.65
CA HIS AA 40 12.63 35.99 -36.12
C HIS AA 40 13.80 36.68 -36.82
N VAL AA 41 13.54 37.72 -37.60
CA VAL AA 41 14.63 38.49 -38.20
C VAL AA 41 15.48 39.13 -37.10
N LEU AA 42 14.83 39.69 -36.08
CA LEU AA 42 15.57 40.28 -34.95
C LEU AA 42 16.39 39.24 -34.22
N ALA AA 43 15.84 38.04 -33.99
CA ALA AA 43 16.57 36.98 -33.32
C ALA AA 43 17.74 36.47 -34.15
N TRP AA 44 17.60 36.40 -35.48
CA TRP AA 44 18.72 36.05 -36.32
C TRP AA 44 19.81 37.11 -36.29
N MET AA 45 19.42 38.39 -36.27
CA MET AA 45 20.43 39.45 -36.15
C MET AA 45 21.14 39.36 -34.80
N TRP AA 46 20.41 39.02 -33.74
CA TRP AA 46 21.02 38.81 -32.43
C TRP AA 46 22.03 37.69 -32.47
N ARG AA 47 21.58 36.49 -32.81
CA ARG AA 47 22.45 35.32 -32.94
C ARG AA 47 21.90 34.41 -34.02
N PRO AA 48 22.62 34.21 -35.13
CA PRO AA 48 22.15 33.27 -36.15
C PRO AA 48 21.99 31.87 -35.55
N PHE AA 49 20.96 31.17 -36.00
CA PHE AA 49 20.58 29.91 -35.39
C PHE AA 49 20.66 28.71 -36.33
N TRP AA 50 21.46 28.79 -37.39
CA TRP AA 50 21.80 27.61 -38.18
C TRP AA 50 23.31 27.45 -38.22
N PRO AA 51 23.87 26.38 -37.66
CA PRO AA 51 25.32 26.26 -37.61
C PRO AA 51 25.92 25.97 -38.97
N GLY AA 52 27.19 26.29 -39.11
CA GLY AA 52 27.97 25.89 -40.26
C GLY AA 52 28.55 24.50 -40.07
N ALA AA 53 29.45 24.14 -40.98
CA ALA AA 53 30.09 22.82 -40.91
C ALA AA 53 30.97 22.65 -39.69
N GLU AA 54 31.36 23.75 -39.04
CA GLU AA 54 32.23 23.70 -37.88
C GLU AA 54 31.53 23.98 -36.56
N GLY AA 55 30.27 24.41 -36.59
CA GLY AA 55 29.51 24.68 -35.40
C GLY AA 55 29.57 26.14 -34.98
N TRP AA 56 29.29 26.37 -33.70
CA TRP AA 56 29.36 27.70 -33.13
C TRP AA 56 30.80 27.96 -32.66
N VAL AA 57 31.65 28.34 -33.60
CA VAL AA 57 33.05 28.58 -33.27
C VAL AA 57 33.31 30.08 -33.23
N MET BA 1 -6.14 26.14 -45.23
CA MET BA 1 -6.96 27.26 -44.81
C MET BA 1 -6.35 28.57 -45.28
N THR BA 2 -7.06 29.25 -46.17
CA THR BA 2 -6.55 30.42 -46.89
C THR BA 2 -7.43 31.61 -46.52
N PHE BA 3 -7.09 32.79 -47.04
CA PHE BA 3 -7.87 34.00 -46.82
C PHE BA 3 -9.29 33.90 -47.34
N SER BA 4 -9.54 33.11 -48.38
CA SER BA 4 -10.83 33.06 -49.04
C SER BA 4 -11.71 31.92 -48.56
N THR BA 5 -11.24 31.11 -47.60
CA THR BA 5 -12.00 29.96 -47.12
C THR BA 5 -12.74 30.38 -45.85
N HIS BA 6 -13.71 31.26 -46.02
CA HIS BA 6 -14.46 31.79 -44.88
C HIS BA 6 -15.52 30.83 -44.37
N LYS BA 7 -15.87 29.82 -45.15
CA LYS BA 7 -16.92 28.88 -44.78
C LYS BA 7 -16.43 27.78 -43.86
N VAL BA 8 -15.15 27.80 -43.46
CA VAL BA 8 -14.65 26.87 -42.46
C VAL BA 8 -15.38 27.07 -41.14
N TRP BA 9 -15.85 28.29 -40.88
CA TRP BA 9 -16.57 28.59 -39.65
C TRP BA 9 -18.02 28.13 -39.68
N LEU BA 10 -18.51 27.66 -40.82
CA LEU BA 10 -19.76 26.93 -40.88
C LEU BA 10 -19.58 25.47 -40.50
N MET BA 11 -18.35 25.00 -40.41
CA MET BA 11 -18.03 23.63 -40.01
C MET BA 11 -17.29 23.58 -38.67
N PHE BA 12 -16.31 24.45 -38.48
CA PHE BA 12 -15.60 24.53 -37.21
C PHE BA 12 -16.18 25.67 -36.37
N ASP BA 13 -16.48 25.36 -35.11
CA ASP BA 13 -17.04 26.35 -34.22
C ASP BA 13 -15.97 27.37 -33.86
N PRO BA 14 -16.19 28.66 -34.12
CA PRO BA 14 -15.15 29.67 -33.85
C PRO BA 14 -14.66 29.68 -32.40
N ARG BA 15 -15.57 29.48 -31.45
CA ARG BA 15 -15.21 29.56 -30.04
C ARG BA 15 -14.25 28.45 -29.64
N SER BA 16 -14.65 27.19 -29.89
CA SER BA 16 -13.83 26.04 -29.56
C SER BA 16 -12.52 26.06 -30.33
N THR BA 17 -12.62 26.39 -31.63
CA THR BA 17 -11.42 26.43 -32.47
C THR BA 17 -10.42 27.46 -31.97
N LEU BA 18 -10.89 28.66 -31.62
CA LEU BA 18 -9.97 29.68 -31.11
C LEU BA 18 -9.45 29.37 -29.71
N VAL BA 19 -10.24 28.74 -28.85
CA VAL BA 19 -9.73 28.33 -27.56
C VAL BA 19 -8.60 27.33 -27.74
N ALA BA 20 -8.82 26.32 -28.59
CA ALA BA 20 -7.77 25.32 -28.84
C ALA BA 20 -6.55 25.95 -29.48
N LEU BA 21 -6.76 26.85 -30.45
CA LEU BA 21 -5.64 27.47 -31.14
C LEU BA 21 -4.83 28.37 -30.20
N ALA BA 22 -5.49 29.15 -29.36
CA ALA BA 22 -4.78 30.00 -28.41
C ALA BA 22 -3.98 29.16 -27.44
N ALA BA 23 -4.59 28.08 -26.91
CA ALA BA 23 -3.86 27.20 -26.02
C ALA BA 23 -2.65 26.59 -26.70
N PHE BA 24 -2.83 26.08 -27.92
CA PHE BA 24 -1.72 25.44 -28.62
C PHE BA 24 -0.60 26.42 -28.93
N LEU BA 25 -0.96 27.62 -29.39
CA LEU BA 25 0.06 28.61 -29.72
C LEU BA 25 0.83 29.05 -28.49
N VAL BA 26 0.14 29.28 -27.37
CA VAL BA 26 0.82 29.69 -26.15
C VAL BA 26 1.77 28.58 -25.68
N VAL BA 27 1.30 27.33 -25.71
CA VAL BA 27 2.14 26.25 -25.21
C VAL BA 27 3.33 26.02 -26.13
N LEU BA 28 3.12 26.14 -27.45
CA LEU BA 28 4.22 26.01 -28.40
C LEU BA 28 5.25 27.11 -28.19
N ALA BA 29 4.80 28.34 -27.97
CA ALA BA 29 5.71 29.45 -27.71
C ALA BA 29 6.52 29.18 -26.44
N LEU BA 30 5.85 28.68 -25.39
CA LEU BA 30 6.55 28.35 -24.16
C LEU BA 30 7.62 27.28 -24.41
N LEU BA 31 7.26 26.24 -25.18
CA LEU BA 31 8.21 25.18 -25.46
C LEU BA 31 9.42 25.69 -26.23
N ILE BA 32 9.19 26.50 -27.27
CA ILE BA 32 10.29 27.01 -28.07
C ILE BA 32 11.17 27.95 -27.28
N HIS BA 33 10.58 28.76 -26.39
CA HIS BA 33 11.40 29.61 -25.52
C HIS BA 33 12.22 28.79 -24.52
N PHE BA 34 11.63 27.74 -23.95
CA PHE BA 34 12.37 26.85 -23.06
C PHE BA 34 13.50 26.12 -23.76
N LEU BA 35 13.30 25.73 -25.02
CA LEU BA 35 14.37 25.14 -25.82
C LEU BA 35 15.54 26.09 -26.02
N CYS BA 36 15.28 27.36 -26.30
CA CYS BA 36 16.35 28.35 -26.38
C CYS BA 36 17.02 28.55 -25.03
N LEU BA 37 16.23 28.56 -23.95
CA LEU BA 37 16.80 28.69 -22.62
C LEU BA 37 17.66 27.51 -22.22
N GLY BA 38 17.38 26.33 -22.76
CA GLY BA 38 18.14 25.14 -22.42
C GLY BA 38 19.42 24.93 -23.18
N HIS BA 39 19.78 25.85 -24.07
CA HIS BA 39 20.99 25.76 -24.87
C HIS BA 39 21.89 26.95 -24.57
N ASP BA 40 23.21 26.70 -24.59
CA ASP BA 40 24.17 27.70 -24.15
C ASP BA 40 24.16 28.94 -25.03
N ARG BA 41 24.10 28.76 -26.35
CA ARG BA 41 24.18 29.89 -27.27
C ARG BA 41 22.94 30.75 -27.26
N PHE BA 42 21.76 30.17 -27.04
CA PHE BA 42 20.51 30.89 -27.19
C PHE BA 42 19.83 31.22 -25.86
N ASN BA 43 20.42 30.85 -24.73
CA ASN BA 43 19.94 31.35 -23.44
C ASN BA 43 20.36 32.80 -23.29
N TRP BA 44 19.45 33.73 -23.56
CA TRP BA 44 19.74 35.14 -23.50
C TRP BA 44 19.83 35.67 -22.08
N LEU BA 45 19.23 34.99 -21.11
CA LEU BA 45 19.32 35.41 -19.72
C LEU BA 45 20.61 34.99 -19.05
N GLU BA 46 21.16 33.84 -19.42
CA GLU BA 46 22.47 33.41 -18.93
C GLU BA 46 23.60 34.16 -19.62
N GLY BA 47 23.41 34.50 -20.90
CA GLY BA 47 24.36 35.33 -21.62
C GLY BA 47 25.75 34.74 -21.77
N ASN BA 48 25.82 33.48 -22.19
CA ASN BA 48 27.10 32.91 -22.55
C ASN BA 48 27.59 33.53 -23.86
N PRO BA 49 28.89 33.45 -24.14
CA PRO BA 49 29.39 33.91 -25.44
C PRO BA 49 28.75 33.14 -26.57
N ALA BA 50 28.56 33.83 -27.69
CA ALA BA 50 27.86 33.23 -28.82
C ALA BA 50 28.60 31.99 -29.35
N ALA BA 51 29.92 32.04 -29.37
CA ALA BA 51 30.73 30.91 -29.82
C ALA BA 51 30.84 29.92 -28.67
N THR BA 52 30.02 28.87 -28.71
CA THR BA 52 30.00 27.86 -27.67
C THR BA 52 30.68 26.56 -28.06
N LYS BA 53 30.96 26.37 -29.35
CA LYS BA 53 31.60 25.15 -29.87
C LYS BA 53 30.76 23.92 -29.56
N SER CA 9 -32.27 31.59 18.18
CA SER CA 9 -32.37 31.96 16.77
C SER CA 9 -32.00 30.78 15.88
N SER CA 10 -30.84 30.89 15.21
CA SER CA 10 -30.35 29.78 14.39
C SER CA 10 -29.97 28.58 15.24
N THR CA 11 -29.75 28.78 16.53
CA THR CA 11 -29.46 27.71 17.48
C THR CA 11 -30.72 27.08 18.07
N GLY CA 12 -31.78 27.87 18.22
CA GLY CA 12 -32.98 27.42 18.90
C GLY CA 12 -32.96 27.63 20.40
N LEU CA 13 -31.85 28.08 20.95
CA LEU CA 13 -31.75 28.36 22.37
C LEU CA 13 -32.45 29.69 22.66
N THR CA 14 -33.19 29.74 23.76
CA THR CA 14 -33.89 30.96 24.13
C THR CA 14 -32.88 32.05 24.47
N GLU CA 15 -33.25 33.30 24.14
CA GLU CA 15 -32.39 34.45 24.38
C GLU CA 15 -32.08 34.66 25.86
N ALA CA 16 -32.91 34.14 26.77
CA ALA CA 16 -32.63 34.18 28.20
C ALA CA 16 -31.77 33.02 28.67
N GLU CA 17 -32.00 31.81 28.14
CA GLU CA 17 -31.12 30.69 28.43
C GLU CA 17 -29.72 30.96 27.90
N ALA CA 18 -29.61 31.57 26.72
CA ALA CA 18 -28.32 32.00 26.21
C ALA CA 18 -27.67 33.02 27.12
N LYS CA 19 -28.46 33.93 27.70
CA LYS CA 19 -27.90 34.91 28.64
C LYS CA 19 -27.36 34.23 29.89
N GLU CA 20 -28.10 33.27 30.44
CA GLU CA 20 -27.60 32.52 31.59
C GLU CA 20 -26.33 31.75 31.25
N PHE CA 21 -26.32 31.11 30.09
CA PHE CA 21 -25.14 30.35 29.68
C PHE CA 21 -23.94 31.25 29.49
N HIS CA 22 -24.14 32.42 28.89
CA HIS CA 22 -23.03 33.34 28.74
C HIS CA 22 -22.56 33.88 30.08
N ALA CA 23 -23.45 34.11 31.04
CA ALA CA 23 -23.00 34.53 32.36
C ALA CA 23 -22.09 33.47 32.98
N VAL CA 24 -22.53 32.22 32.99
CA VAL CA 24 -21.73 31.16 33.60
C VAL CA 24 -20.41 30.95 32.84
N TYR CA 25 -20.47 30.98 31.51
CA TYR CA 25 -19.27 30.81 30.71
C TYR CA 25 -18.30 31.97 30.92
N SER CA 26 -18.83 33.18 31.09
CA SER CA 26 -17.98 34.34 31.36
C SER CA 26 -17.28 34.20 32.70
N GLN CA 27 -18.00 33.76 33.73
CA GLN CA 27 -17.34 33.53 35.02
C GLN CA 27 -16.26 32.45 34.90
N SER CA 28 -16.56 31.36 34.19
CA SER CA 28 -15.58 30.30 34.01
C SER CA 28 -14.34 30.80 33.27
N ALA CA 29 -14.53 31.55 32.19
CA ALA CA 29 -13.42 32.08 31.41
C ALA CA 29 -12.60 33.09 32.19
N ALA CA 30 -13.26 33.97 32.96
CA ALA CA 30 -12.54 34.91 33.81
C ALA CA 30 -11.73 34.20 34.89
N GLY CA 31 -12.27 33.16 35.51
CA GLY CA 31 -11.49 32.39 36.47
C GLY CA 31 -10.29 31.72 35.80
N PHE CA 32 -10.51 31.15 34.60
CA PHE CA 32 -9.43 30.51 33.87
C PHE CA 32 -8.32 31.51 33.56
N LEU CA 33 -8.69 32.70 33.09
CA LEU CA 33 -7.69 33.72 32.77
C LEU CA 33 -6.98 34.24 34.01
N ALA CA 34 -7.69 34.36 35.14
CA ALA CA 34 -7.02 34.75 36.37
C ALA CA 34 -6.00 33.71 36.81
N VAL CA 35 -6.37 32.43 36.73
CA VAL CA 35 -5.43 31.36 37.07
C VAL CA 35 -4.24 31.38 36.12
N CYS CA 36 -4.48 31.63 34.82
CA CYS CA 36 -3.38 31.73 33.86
C CYS CA 36 -2.46 32.90 34.15
N ALA CA 37 -3.02 34.06 34.54
CA ALA CA 37 -2.19 35.20 34.90
C ALA CA 37 -1.35 34.90 36.14
N VAL CA 38 -1.94 34.24 37.14
CA VAL CA 38 -1.16 33.86 38.32
C VAL CA 38 -0.05 32.89 37.95
N ALA CA 39 -0.37 31.92 37.08
CA ALA CA 39 0.63 30.94 36.66
C ALA CA 39 1.77 31.60 35.89
N HIS CA 40 1.44 32.58 35.05
CA HIS CA 40 2.46 33.30 34.31
C HIS CA 40 3.33 34.17 35.21
N VAL CA 41 2.73 34.80 36.22
CA VAL CA 41 3.52 35.54 37.20
C VAL CA 41 4.46 34.60 37.94
N LEU CA 42 3.96 33.44 38.35
CA LEU CA 42 4.82 32.46 39.03
C LEU CA 42 5.94 31.97 38.13
N ALA CA 43 5.65 31.69 36.87
CA ALA CA 43 6.66 31.26 35.91
C ALA CA 43 7.70 32.33 35.63
N TRP CA 44 7.29 33.60 35.62
CA TRP CA 44 8.27 34.68 35.50
C TRP CA 44 9.13 34.81 36.74
N MET CA 45 8.55 34.61 37.93
CA MET CA 45 9.35 34.60 39.15
C MET CA 45 10.28 33.41 39.21
N TRP CA 46 9.95 32.31 38.53
CA TRP CA 46 10.84 31.16 38.46
C TRP CA 46 12.00 31.46 37.52
N ARG CA 47 11.68 31.73 36.25
CA ARG CA 47 12.68 32.08 35.24
C ARG CA 47 12.05 33.05 34.26
N PRO CA 48 12.49 34.30 34.23
CA PRO CA 48 11.97 35.26 33.24
C PRO CA 48 12.23 34.76 31.83
N PHE CA 49 11.26 35.02 30.94
CA PHE CA 49 11.27 34.46 29.61
C PHE CA 49 11.40 35.48 28.50
N TRP CA 50 11.82 36.70 28.80
CA TRP CA 50 12.13 37.69 27.78
C TRP CA 50 13.60 38.08 27.90
N PRO CA 51 14.47 37.60 27.02
CA PRO CA 51 15.91 37.85 27.19
C PRO CA 51 16.26 39.32 27.03
N GLY CA 52 17.35 39.72 27.68
CA GLY CA 52 17.94 41.02 27.46
C GLY CA 52 18.82 40.99 26.23
N ALA CA 53 19.54 42.10 26.03
CA ALA CA 53 20.46 42.19 24.90
C ALA CA 53 21.57 41.17 25.01
N GLU CA 54 22.10 40.95 26.22
CA GLU CA 54 23.15 39.97 26.41
C GLU CA 54 22.64 38.53 26.29
N GLY CA 55 21.33 38.33 26.28
CA GLY CA 55 20.77 36.99 26.20
C GLY CA 55 20.63 36.35 27.57
N TRP CA 56 20.67 35.02 27.63
CA TRP CA 56 20.62 34.31 28.90
C TRP CA 56 22.02 34.24 29.49
N VAL CA 57 22.49 35.40 29.94
CA VAL CA 57 23.80 35.52 30.56
C VAL CA 57 23.70 36.21 31.90
N MET DA 1 -15.91 39.51 21.65
CA MET DA 1 -16.83 38.79 22.52
C MET DA 1 -16.59 39.20 23.98
N THR DA 2 -17.58 39.86 24.56
CA THR DA 2 -17.42 40.49 25.87
C THR DA 2 -18.45 39.86 26.80
N PHE DA 3 -18.52 40.35 28.04
CA PHE DA 3 -19.51 39.87 29.01
C PHE DA 3 -20.94 40.10 28.54
N SER DA 4 -21.18 41.13 27.74
CA SER DA 4 -22.53 41.49 27.31
C SER DA 4 -22.97 40.79 26.03
N THR DA 5 -22.06 40.07 25.36
CA THR DA 5 -22.38 39.41 24.10
C THR DA 5 -22.96 38.03 24.38
N HIS DA 6 -24.11 38.02 25.05
CA HIS DA 6 -24.74 36.78 25.46
C HIS DA 6 -25.49 36.08 24.33
N LYS DA 7 -25.73 36.77 23.21
CA LYS DA 7 -26.45 36.18 22.09
C LYS DA 7 -25.52 35.55 21.07
N VAL DA 8 -24.23 35.39 21.40
CA VAL DA 8 -23.33 34.61 20.56
C VAL DA 8 -23.76 33.15 20.54
N TRP DA 9 -24.42 32.70 21.59
CA TRP DA 9 -24.90 31.31 21.68
C TRP DA 9 -26.16 31.07 20.88
N LEU DA 10 -26.78 32.11 20.33
CA LEU DA 10 -27.84 31.97 19.34
C LEU DA 10 -27.28 31.70 17.95
N MET DA 11 -25.96 31.81 17.77
CA MET DA 11 -25.31 31.57 16.51
C MET DA 11 -24.41 30.35 16.61
N PHE DA 12 -23.65 30.26 17.71
CA PHE DA 12 -22.82 29.10 17.98
C PHE DA 12 -23.47 28.28 19.08
N ASP DA 13 -23.93 27.08 18.74
CA ASP DA 13 -24.58 26.21 19.71
C ASP DA 13 -23.55 25.72 20.73
N PRO DA 14 -23.77 25.94 22.03
CA PRO DA 14 -22.76 25.54 23.02
C PRO DA 14 -22.42 24.06 23.00
N ARG DA 15 -23.40 23.19 22.74
CA ARG DA 15 -23.18 21.75 22.79
C ARG DA 15 -22.25 21.25 21.68
N SER DA 16 -22.27 21.88 20.52
CA SER DA 16 -21.39 21.50 19.42
C SER DA 16 -20.17 22.40 19.32
N THR DA 17 -19.97 23.30 20.28
CA THR DA 17 -18.88 24.27 20.24
C THR DA 17 -17.91 24.15 21.40
N LEU DA 18 -18.41 23.91 22.62
CA LEU DA 18 -17.51 23.86 23.77
C LEU DA 18 -16.56 22.68 23.72
N VAL DA 19 -16.97 21.54 23.15
CA VAL DA 19 -16.06 20.41 23.05
C VAL DA 19 -14.88 20.77 22.14
N ALA DA 20 -15.15 21.42 21.00
CA ALA DA 20 -14.07 21.86 20.14
C ALA DA 20 -13.21 22.92 20.80
N LEU DA 21 -13.82 23.84 21.54
CA LEU DA 21 -13.02 24.86 22.22
C LEU DA 21 -12.13 24.24 23.30
N ALA DA 22 -12.66 23.27 24.05
CA ALA DA 22 -11.85 22.59 25.06
C ALA DA 22 -10.71 21.82 24.41
N ALA DA 23 -10.98 21.14 23.29
CA ALA DA 23 -9.92 20.45 22.58
C ALA DA 23 -8.85 21.43 22.10
N PHE DA 24 -9.27 22.58 21.57
CA PHE DA 24 -8.31 23.59 21.12
C PHE DA 24 -7.46 24.09 22.27
N LEU DA 25 -8.08 24.37 23.42
CA LEU DA 25 -7.33 24.87 24.57
C LEU DA 25 -6.37 23.83 25.11
N VAL DA 26 -6.79 22.57 25.17
CA VAL DA 26 -5.90 21.51 25.64
C VAL DA 26 -4.72 21.34 24.69
N VAL DA 27 -4.97 21.38 23.38
CA VAL DA 27 -3.89 21.24 22.41
C VAL DA 27 -2.94 22.43 22.49
N LEU DA 28 -3.48 23.63 22.68
CA LEU DA 28 -2.62 24.81 22.84
C LEU DA 28 -1.76 24.70 24.10
N ALA DA 29 -2.35 24.22 25.20
CA ALA DA 29 -1.59 24.04 26.43
C ALA DA 29 -0.47 23.03 26.24
N LEU DA 30 -0.77 21.92 25.56
CA LEU DA 30 0.25 20.92 25.28
C LEU DA 30 1.33 21.51 24.38
N LEU DA 31 0.94 22.30 23.38
CA LEU DA 31 1.89 22.93 22.47
C LEU DA 31 2.86 23.81 23.23
N ILE DA 32 2.34 24.67 24.11
CA ILE DA 32 3.21 25.58 24.83
C ILE DA 32 4.07 24.84 25.86
N HIS DA 33 3.50 23.83 26.53
CA HIS DA 33 4.29 23.06 27.49
C HIS DA 33 5.44 22.34 26.78
N PHE DA 34 5.19 21.77 25.61
CA PHE DA 34 6.24 21.11 24.85
C PHE DA 34 7.23 22.10 24.25
N LEU DA 35 6.78 23.29 23.88
CA LEU DA 35 7.70 24.35 23.47
C LEU DA 35 8.65 24.76 24.59
N CYS DA 36 8.15 24.87 25.82
CA CYS DA 36 9.00 25.13 26.97
C CYS DA 36 9.92 23.95 27.28
N LEU DA 37 9.42 22.73 27.13
CA LEU DA 37 10.25 21.53 27.32
C LEU DA 37 11.32 21.38 26.26
N GLY DA 38 11.13 21.95 25.08
CA GLY DA 38 12.08 21.85 24.00
C GLY DA 38 13.23 22.82 24.06
N HIS DA 39 13.29 23.66 25.10
CA HIS DA 39 14.39 24.58 25.31
C HIS DA 39 15.06 24.29 26.64
N ASP DA 40 16.37 24.50 26.68
CA ASP DA 40 17.17 24.14 27.84
C ASP DA 40 16.84 24.94 29.08
N ARG DA 41 16.50 26.22 28.93
CA ARG DA 41 16.24 27.09 30.06
C ARG DA 41 14.89 26.84 30.72
N PHE DA 42 13.91 26.37 29.97
CA PHE DA 42 12.56 26.22 30.49
C PHE DA 42 12.11 24.78 30.63
N ASN DA 43 12.96 23.81 30.33
CA ASN DA 43 12.67 22.41 30.61
C ASN DA 43 12.83 22.19 32.11
N TRP DA 44 11.73 22.32 32.85
CA TRP DA 44 11.78 22.24 34.31
C TRP DA 44 12.07 20.82 34.79
N LEU DA 45 11.75 19.81 34.00
CA LEU DA 45 12.03 18.42 34.36
C LEU DA 45 13.52 18.07 34.23
N GLU DA 46 14.17 18.55 33.17
CA GLU DA 46 15.60 18.33 33.03
C GLU DA 46 16.39 19.15 34.04
N GLY DA 47 15.91 20.34 34.38
CA GLY DA 47 16.56 21.15 35.38
C GLY DA 47 17.94 21.64 35.01
N ASN DA 48 18.08 22.15 33.79
CA ASN DA 48 19.33 22.77 33.37
C ASN DA 48 19.52 24.10 34.08
N PRO DA 49 20.75 24.60 34.17
CA PRO DA 49 20.97 25.91 34.77
C PRO DA 49 20.21 27.01 34.03
N ALA DA 50 19.77 28.01 34.78
CA ALA DA 50 18.98 29.08 34.20
C ALA DA 50 19.77 29.86 33.17
N ALA DA 51 21.05 30.11 33.44
CA ALA DA 51 21.89 30.89 32.54
C ALA DA 51 22.49 29.95 31.48
N THR DA 52 22.02 30.04 30.22
CA THR DA 52 22.26 28.99 29.20
C THR DA 52 23.11 29.47 28.03
N LYS DA 53 23.27 30.78 27.88
CA LYS DA 53 24.03 31.38 26.77
C LYS DA 53 23.49 30.93 25.41
N SER EA 9 -29.94 39.40 3.59
CA SER EA 9 -30.57 38.97 2.36
C SER EA 9 -30.02 37.63 1.89
N SER EA 10 -28.81 37.65 1.33
CA SER EA 10 -28.19 36.43 0.83
C SER EA 10 -27.83 35.47 1.97
N THR EA 11 -27.64 35.99 3.17
CA THR EA 11 -27.29 35.17 4.34
C THR EA 11 -28.47 34.91 5.26
N GLY EA 12 -29.50 35.74 5.20
CA GLY EA 12 -30.67 35.58 6.03
C GLY EA 12 -30.84 36.63 7.12
N LEU EA 13 -29.95 37.62 7.19
CA LEU EA 13 -30.07 38.68 8.17
C LEU EA 13 -30.96 39.80 7.63
N THR EA 14 -31.33 40.73 8.49
CA THR EA 14 -32.32 41.75 8.16
C THR EA 14 -31.84 43.18 8.32
N GLU EA 15 -30.53 43.42 8.27
CA GLU EA 15 -29.92 44.75 8.32
C GLU EA 15 -30.00 45.33 9.73
N ALA EA 16 -30.73 44.66 10.63
CA ALA EA 16 -30.68 44.97 12.05
C ALA EA 16 -29.82 43.99 12.81
N GLU EA 17 -30.02 42.69 12.58
CA GLU EA 17 -29.06 41.69 13.02
C GLU EA 17 -27.68 41.94 12.46
N ALA EA 18 -27.59 42.33 11.18
CA ALA EA 18 -26.32 42.70 10.58
C ALA EA 18 -25.70 43.91 11.24
N LYS EA 19 -26.49 44.92 11.57
CA LYS EA 19 -25.94 46.09 12.25
C LYS EA 19 -25.42 45.75 13.64
N GLU EA 20 -26.16 44.94 14.41
CA GLU EA 20 -25.69 44.54 15.73
C GLU EA 20 -24.44 43.67 15.64
N PHE EA 21 -24.43 42.72 14.69
CA PHE EA 21 -23.25 41.87 14.52
C PHE EA 21 -22.05 42.70 14.10
N HIS EA 22 -22.25 43.68 13.21
CA HIS EA 22 -21.14 44.54 12.84
C HIS EA 22 -20.69 45.42 13.98
N ALA EA 23 -21.59 45.85 14.86
CA ALA EA 23 -21.14 46.60 16.02
C ALA EA 23 -20.22 45.75 16.90
N VAL EA 24 -20.67 44.55 17.27
CA VAL EA 24 -19.83 43.72 18.15
C VAL EA 24 -18.56 43.28 17.42
N TYR EA 25 -18.64 43.01 16.11
CA TYR EA 25 -17.47 42.62 15.34
C TYR EA 25 -16.47 43.76 15.23
N SER EA 26 -16.96 44.98 15.02
CA SER EA 26 -16.08 46.13 14.94
C SER EA 26 -15.37 46.36 16.26
N GLN EA 27 -16.10 46.28 17.38
CA GLN EA 27 -15.43 46.41 18.68
C GLN EA 27 -14.39 45.31 18.89
N SER EA 28 -14.73 44.07 18.57
CA SER EA 28 -13.80 42.97 18.79
C SER EA 28 -12.56 43.12 17.92
N ALA EA 29 -12.74 43.46 16.65
CA ALA EA 29 -11.60 43.61 15.75
C ALA EA 29 -10.73 44.80 16.16
N ALA EA 30 -11.35 45.91 16.55
CA ALA EA 30 -10.58 47.06 17.02
C ALA EA 30 -9.79 46.72 18.28
N GLY EA 31 -10.40 45.99 19.21
CA GLY EA 31 -9.68 45.59 20.40
C GLY EA 31 -8.53 44.65 20.09
N PHE EA 32 -8.76 43.68 19.20
CA PHE EA 32 -7.70 42.77 18.80
C PHE EA 32 -6.56 43.50 18.13
N LEU EA 33 -6.87 44.47 17.26
CA LEU EA 33 -5.83 45.25 16.60
C LEU EA 33 -5.08 46.13 17.58
N ALA EA 34 -5.76 46.71 18.57
CA ALA EA 34 -5.08 47.52 19.58
C ALA EA 34 -4.14 46.66 20.41
N VAL EA 35 -4.59 45.47 20.81
CA VAL EA 35 -3.72 44.56 21.55
C VAL EA 35 -2.52 44.17 20.71
N CYS EA 36 -2.75 43.93 19.41
CA CYS EA 36 -1.65 43.59 18.52
C CYS EA 36 -0.65 44.74 18.40
N ALA EA 37 -1.15 45.97 18.32
CA ALA EA 37 -0.27 47.14 18.24
C ALA EA 37 0.56 47.29 19.50
N VAL EA 38 -0.06 47.10 20.67
CA VAL EA 38 0.64 47.20 21.94
C VAL EA 38 1.71 46.11 22.00
N ALA EA 39 1.36 44.90 21.57
CA ALA EA 39 2.31 43.81 21.56
C ALA EA 39 3.48 44.08 20.62
N HIS EA 40 3.21 44.70 19.48
CA HIS EA 40 4.28 45.05 18.54
C HIS EA 40 5.18 46.14 19.09
N VAL EA 41 4.62 47.14 19.76
CA VAL EA 41 5.46 48.14 20.42
C VAL EA 41 6.33 47.49 21.48
N LEU EA 42 5.77 46.58 22.26
CA LEU EA 42 6.55 45.87 23.28
C LEU EA 42 7.64 45.01 22.68
N ALA EA 43 7.34 44.30 21.60
CA ALA EA 43 8.34 43.47 20.92
C ALA EA 43 9.41 44.29 20.23
N TRP EA 44 9.10 45.50 19.79
CA TRP EA 44 10.14 46.39 19.27
C TRP EA 44 11.01 46.94 20.38
N MET EA 45 10.43 47.28 21.52
CA MET EA 45 11.25 47.71 22.65
C MET EA 45 12.15 46.57 23.15
N TRP EA 46 11.66 45.33 23.06
CA TRP EA 46 12.48 44.18 23.38
C TRP EA 46 13.67 44.08 22.43
N ARG EA 47 13.40 43.88 21.15
CA ARG EA 47 14.45 43.77 20.12
C ARG EA 47 13.92 44.38 18.82
N PRO EA 48 14.53 45.45 18.32
CA PRO EA 48 14.05 46.09 17.09
C PRO EA 48 13.99 45.14 15.90
N PHE EA 49 12.98 45.34 15.04
CA PHE EA 49 12.64 44.41 13.98
C PHE EA 49 13.51 44.51 12.75
N TRP EA 50 13.86 45.73 12.34
CA TRP EA 50 14.41 45.97 11.02
C TRP EA 50 15.90 46.27 11.11
N PRO EA 51 16.75 45.51 10.42
CA PRO EA 51 18.20 45.69 10.59
C PRO EA 51 18.68 47.00 9.98
N GLY EA 52 19.86 47.41 10.41
CA GLY EA 52 20.59 48.49 9.81
C GLY EA 52 21.41 48.03 8.63
N ALA EA 53 22.20 48.95 8.09
CA ALA EA 53 23.05 48.63 6.94
C ALA EA 53 24.06 47.55 7.30
N GLU EA 54 24.61 47.60 8.50
CA GLU EA 54 25.58 46.62 8.95
C GLU EA 54 24.95 45.37 9.54
N GLY EA 55 23.63 45.31 9.64
CA GLY EA 55 22.94 44.14 10.15
C GLY EA 55 22.65 44.20 11.63
N TRP EA 56 22.65 43.04 12.29
CA TRP EA 56 22.42 42.97 13.73
C TRP EA 56 23.71 43.13 14.52
N VAL EA 57 24.35 44.29 14.40
CA VAL EA 57 25.58 44.55 15.13
C VAL EA 57 25.44 45.85 15.92
N MET FA 1 -13.38 46.04 4.98
CA MET FA 1 -14.53 46.62 5.65
C MET FA 1 -14.17 47.92 6.37
N THR FA 2 -15.17 48.52 7.00
CA THR FA 2 -15.00 49.78 7.71
C THR FA 2 -15.99 49.79 8.87
N PHE FA 3 -15.85 50.71 9.82
CA PHE FA 3 -16.77 50.80 10.96
C PHE FA 3 -18.21 51.03 10.52
N SER FA 4 -18.43 51.57 9.33
CA SER FA 4 -19.76 51.91 8.85
C SER FA 4 -20.38 50.84 7.97
N THR FA 5 -19.56 50.06 7.26
CA THR FA 5 -20.07 49.08 6.32
C THR FA 5 -20.64 47.86 7.04
N HIS FA 6 -21.84 48.00 7.61
CA HIS FA 6 -22.47 46.93 8.38
C HIS FA 6 -23.27 45.96 7.53
N LYS FA 7 -23.48 46.26 6.25
CA LYS FA 7 -24.31 45.44 5.38
C LYS FA 7 -23.53 44.30 4.75
N VAL FA 8 -22.25 44.18 5.06
CA VAL FA 8 -21.43 43.08 4.58
C VAL FA 8 -21.96 41.74 5.04
N TRP FA 9 -22.65 41.70 6.18
CA TRP FA 9 -23.20 40.48 6.73
C TRP FA 9 -24.52 40.09 6.10
N LEU FA 10 -25.08 40.94 5.24
CA LEU FA 10 -26.14 40.54 4.33
C LEU FA 10 -25.60 39.81 3.11
N MET FA 11 -24.27 39.76 2.96
CA MET FA 11 -23.62 39.07 1.85
C MET FA 11 -22.68 37.97 2.34
N PHE FA 12 -22.04 38.16 3.49
CA PHE FA 12 -21.14 37.16 4.06
C PHE FA 12 -21.80 36.60 5.31
N ASP FA 13 -21.86 35.28 5.42
CA ASP FA 13 -22.46 34.66 6.59
C ASP FA 13 -21.68 35.02 7.84
N PRO FA 14 -22.33 35.57 8.86
CA PRO FA 14 -21.59 36.02 10.06
C PRO FA 14 -20.87 34.91 10.81
N ARG FA 15 -21.28 33.66 10.66
CA ARG FA 15 -20.69 32.56 11.42
C ARG FA 15 -19.58 31.83 10.67
N SER FA 16 -19.82 31.45 9.41
CA SER FA 16 -18.76 30.85 8.61
C SER FA 16 -17.60 31.80 8.39
N THR FA 17 -17.87 33.09 8.21
CA THR FA 17 -16.83 34.09 8.14
C THR FA 17 -16.01 34.18 9.42
N LEU FA 18 -16.64 34.15 10.59
CA LEU FA 18 -15.89 34.12 11.84
C LEU FA 18 -15.05 32.86 11.99
N VAL FA 19 -15.58 31.70 11.61
CA VAL FA 19 -14.79 30.48 11.67
C VAL FA 19 -13.58 30.54 10.74
N ALA FA 20 -13.78 30.97 9.49
CA ALA FA 20 -12.67 31.12 8.56
C ALA FA 20 -11.65 32.15 9.04
N LEU FA 21 -12.10 33.28 9.58
CA LEU FA 21 -11.19 34.28 10.11
C LEU FA 21 -10.40 33.75 11.30
N ALA FA 22 -11.05 33.01 12.21
CA ALA FA 22 -10.32 32.42 13.33
C ALA FA 22 -9.28 31.41 12.86
N ALA FA 23 -9.63 30.58 11.87
CA ALA FA 23 -8.65 29.64 11.34
C ALA FA 23 -7.47 30.37 10.69
N PHE FA 24 -7.76 31.42 9.90
CA PHE FA 24 -6.69 32.19 9.27
C PHE FA 24 -5.80 32.88 10.31
N LEU FA 25 -6.42 33.46 11.34
CA LEU FA 25 -5.64 34.14 12.37
C LEU FA 25 -4.78 33.17 13.16
N VAL FA 26 -5.31 32.00 13.49
CA VAL FA 26 -4.51 31.00 14.20
C VAL FA 26 -3.34 30.55 13.34
N VAL FA 27 -3.59 30.27 12.05
CA VAL FA 27 -2.51 29.84 11.18
C VAL FA 27 -1.46 30.93 11.03
N LEU FA 28 -1.88 32.19 10.84
CA LEU FA 28 -0.93 33.28 10.70
C LEU FA 28 -0.12 33.48 11.97
N ALA FA 29 -0.77 33.42 13.13
CA ALA FA 29 -0.06 33.59 14.39
C ALA FA 29 0.96 32.47 14.60
N LEU FA 30 0.57 31.22 14.32
CA LEU FA 30 1.52 30.12 14.41
C LEU FA 30 2.68 30.30 13.45
N LEU FA 31 2.41 30.72 12.21
CA LEU FA 31 3.46 30.89 11.23
C LEU FA 31 4.44 31.98 11.66
N ILE FA 32 3.94 33.11 12.16
CA ILE FA 32 4.83 34.20 12.53
C ILE FA 32 5.60 33.86 13.80
N HIS FA 33 4.95 33.21 14.78
CA HIS FA 33 5.68 32.77 15.96
C HIS FA 33 6.76 31.75 15.61
N PHE FA 34 6.48 30.82 14.69
CA PHE FA 34 7.49 29.89 14.21
C PHE FA 34 8.64 30.58 13.47
N LEU FA 35 8.33 31.60 12.67
CA LEU FA 35 9.37 32.38 12.01
C LEU FA 35 10.24 33.13 13.00
N CYS FA 36 9.65 33.65 14.07
CA CYS FA 36 10.43 34.28 15.12
C CYS FA 36 11.28 33.26 15.89
N LEU FA 37 10.73 32.07 16.14
CA LEU FA 37 11.46 31.01 16.83
C LEU FA 37 12.57 30.41 15.98
N GLY FA 38 12.47 30.49 14.66
CA GLY FA 38 13.47 29.92 13.77
C GLY FA 38 14.64 30.82 13.47
N HIS FA 39 14.73 31.98 14.10
CA HIS FA 39 15.84 32.92 13.90
C HIS FA 39 16.50 33.20 15.23
N ASP FA 40 17.83 33.31 15.22
CA ASP FA 40 18.59 33.39 16.46
C ASP FA 40 18.20 34.63 17.27
N ARG FA 41 18.05 35.77 16.60
CA ARG FA 41 17.80 37.02 17.32
C ARG FA 41 16.44 37.04 17.98
N PHE FA 42 15.40 36.55 17.30
CA PHE FA 42 14.03 36.67 17.78
C PHE FA 42 13.50 35.42 18.47
N ASN FA 43 14.32 34.37 18.60
CA ASN FA 43 13.94 33.24 19.44
C ASN FA 43 14.08 33.65 20.90
N TRP FA 44 12.96 33.97 21.53
CA TRP FA 44 12.95 34.46 22.91
C TRP FA 44 13.16 33.35 23.92
N LEU FA 45 13.07 32.09 23.51
CA LEU FA 45 13.27 30.97 24.42
C LEU FA 45 14.70 30.45 24.42
N GLU FA 46 15.41 30.57 23.30
CA GLU FA 46 16.82 30.25 23.27
C GLU FA 46 17.68 31.34 23.90
N GLY FA 47 17.24 32.59 23.82
CA GLY FA 47 17.91 33.69 24.48
C GLY FA 47 19.32 33.95 24.00
N ASN FA 48 19.52 33.92 22.69
CA ASN FA 48 20.79 34.32 22.14
C ASN FA 48 20.97 35.83 22.31
N PRO FA 49 22.21 36.32 22.32
CA PRO FA 49 22.43 37.77 22.35
C PRO FA 49 21.74 38.44 21.17
N ALA FA 50 21.17 39.62 21.42
CA ALA FA 50 20.43 40.33 20.39
C ALA FA 50 21.34 40.67 19.21
N ALA FA 51 22.57 41.05 19.49
CA ALA FA 51 23.54 41.35 18.44
C ALA FA 51 24.08 40.04 17.88
N THR FA 52 23.46 39.49 16.81
CA THR FA 52 23.68 38.10 16.36
C THR FA 52 24.53 38.00 15.09
N LYS FA 53 24.89 39.14 14.50
CA LYS FA 53 25.70 39.20 13.29
C LYS FA 53 25.08 38.39 12.15
N SER GA 9 -27.88 42.38 -13.64
CA SER GA 9 -27.95 41.53 -14.84
C SER GA 9 -27.81 40.06 -14.47
N SER GA 10 -26.68 39.46 -14.84
CA SER GA 10 -26.41 38.06 -14.55
C SER GA 10 -26.37 37.83 -13.04
N THR GA 11 -25.57 38.62 -12.34
CA THR GA 11 -25.56 38.58 -10.88
C THR GA 11 -26.85 39.16 -10.34
N GLY GA 12 -27.34 38.60 -9.24
CA GLY GA 12 -28.60 39.03 -8.67
C GLY GA 12 -28.52 40.37 -7.97
N LEU GA 13 -27.94 41.36 -8.63
CA LEU GA 13 -27.80 42.70 -8.09
C LEU GA 13 -28.53 43.71 -8.95
N THR GA 14 -28.79 44.88 -8.38
CA THR GA 14 -29.36 46.01 -9.08
C THR GA 14 -28.25 46.99 -9.41
N GLU GA 15 -28.48 47.81 -10.44
CA GLU GA 15 -27.49 48.79 -10.84
C GLU GA 15 -27.16 49.77 -9.73
N ALA GA 16 -28.10 50.05 -8.83
CA ALA GA 16 -27.83 50.81 -7.61
C ALA GA 16 -27.08 50.01 -6.57
N GLU GA 17 -27.42 48.73 -6.40
CA GLU GA 17 -26.68 47.86 -5.50
C GLU GA 17 -25.24 47.68 -5.99
N ALA GA 18 -25.06 47.53 -7.30
CA ALA GA 18 -23.72 47.41 -7.86
C ALA GA 18 -22.91 48.68 -7.60
N LYS GA 19 -23.51 49.85 -7.78
CA LYS GA 19 -22.81 51.10 -7.50
C LYS GA 19 -22.46 51.23 -6.02
N GLU GA 20 -23.39 50.85 -5.13
CA GLU GA 20 -23.12 50.89 -3.71
C GLU GA 20 -21.99 49.96 -3.31
N PHE GA 21 -21.93 48.76 -3.89
CA PHE GA 21 -20.83 47.86 -3.59
C PHE GA 21 -19.51 48.38 -4.18
N HIS GA 22 -19.55 48.90 -5.40
CA HIS GA 22 -18.34 49.42 -6.03
C HIS GA 22 -17.78 50.63 -5.31
N ALA GA 23 -18.60 51.44 -4.65
CA ALA GA 23 -18.07 52.55 -3.88
C ALA GA 23 -17.16 52.08 -2.75
N VAL GA 24 -17.66 51.16 -1.91
CA VAL GA 24 -16.84 50.66 -0.80
C VAL GA 24 -15.68 49.82 -1.31
N TYR GA 25 -15.89 49.07 -2.39
CA TYR GA 25 -14.81 48.28 -2.98
C TYR GA 25 -13.69 49.21 -3.46
N SER GA 26 -14.06 50.29 -4.15
CA SER GA 26 -13.07 51.23 -4.65
C SER GA 26 -12.32 51.92 -3.52
N GLN GA 27 -13.06 52.34 -2.48
CA GLN GA 27 -12.40 52.98 -1.34
C GLN GA 27 -11.43 52.02 -0.67
N SER GA 28 -11.85 50.77 -0.46
CA SER GA 28 -10.99 49.77 0.18
C SER GA 28 -9.76 49.47 -0.67
N ALA GA 29 -9.95 49.32 -1.97
CA ALA GA 29 -8.82 49.03 -2.85
C ALA GA 29 -7.84 50.20 -2.91
N ALA GA 30 -8.36 51.43 -2.97
CA ALA GA 30 -7.49 52.60 -2.96
C ALA GA 30 -6.71 52.69 -1.67
N GLY GA 31 -7.36 52.42 -0.53
CA GLY GA 31 -6.65 52.41 0.74
C GLY GA 31 -5.59 51.33 0.80
N PHE GA 32 -5.91 50.13 0.30
CA PHE GA 32 -4.95 49.04 0.29
C PHE GA 32 -3.73 49.37 -0.56
N LEU GA 33 -3.95 49.92 -1.76
CA LEU GA 33 -2.83 50.32 -2.60
C LEU GA 33 -2.04 51.49 -2.02
N ALA GA 34 -2.70 52.45 -1.35
CA ALA GA 34 -1.96 53.51 -0.69
C ALA GA 34 -1.08 52.99 0.45
N VAL GA 35 -1.61 52.08 1.26
CA VAL GA 35 -0.81 51.49 2.32
C VAL GA 35 0.33 50.67 1.73
N CYS GA 36 0.10 49.97 0.63
CA CYS GA 36 1.17 49.23 -0.03
C CYS GA 36 2.24 50.16 -0.58
N ALA GA 37 1.86 51.30 -1.15
CA ALA GA 37 2.84 52.26 -1.64
C ALA GA 37 3.67 52.83 -0.50
N VAL GA 38 3.02 53.14 0.63
CA VAL GA 38 3.75 53.63 1.79
C VAL GA 38 4.71 52.57 2.30
N ALA GA 39 4.25 51.32 2.36
CA ALA GA 39 5.11 50.23 2.82
C ALA GA 39 6.30 50.03 1.89
N HIS GA 40 6.09 50.15 0.58
CA HIS GA 40 7.18 50.02 -0.38
C HIS GA 40 8.18 51.16 -0.29
N VAL GA 41 7.69 52.38 -0.05
CA VAL GA 41 8.61 53.49 0.22
C VAL GA 41 9.43 53.22 1.48
N LEU GA 42 8.78 52.72 2.53
CA LEU GA 42 9.50 52.40 3.76
C LEU GA 42 10.54 51.31 3.54
N ALA GA 43 10.19 50.29 2.78
CA ALA GA 43 11.13 49.21 2.47
C ALA GA 43 12.29 49.67 1.60
N TRP GA 44 12.05 50.58 0.66
CA TRP GA 44 13.15 51.17 -0.10
C TRP GA 44 14.05 51.99 0.80
N MET GA 45 13.47 52.73 1.76
CA MET GA 45 14.28 53.46 2.71
C MET GA 45 15.12 52.50 3.55
N TRP GA 46 14.54 51.38 3.95
CA TRP GA 46 15.24 50.35 4.72
C TRP GA 46 16.40 49.80 3.91
N ARG GA 47 16.11 49.21 2.75
CA ARG GA 47 17.13 48.64 1.88
C ARG GA 47 16.65 48.73 0.44
N PRO GA 48 17.30 49.55 -0.41
CA PRO GA 48 16.93 49.60 -1.83
C PRO GA 48 17.05 48.23 -2.49
N PHE GA 49 16.13 47.92 -3.42
CA PHE GA 49 16.04 46.56 -3.94
C PHE GA 49 16.28 46.45 -5.44
N TRP GA 50 16.85 47.45 -6.09
CA TRP GA 50 17.31 47.30 -7.46
C TRP GA 50 18.82 47.39 -7.49
N PRO GA 51 19.54 46.30 -7.78
CA PRO GA 51 21.01 46.34 -7.72
C PRO GA 51 21.60 47.21 -8.81
N GLY GA 52 22.77 47.77 -8.52
CA GLY GA 52 23.56 48.46 -9.52
C GLY GA 52 24.35 47.48 -10.37
N ALA GA 53 25.16 48.04 -11.26
CA ALA GA 53 25.99 47.22 -12.13
C ALA GA 53 26.97 46.35 -11.36
N GLU GA 54 27.38 46.79 -10.18
CA GLU GA 54 28.31 46.05 -9.35
C GLU GA 54 27.63 45.17 -8.30
N GLY GA 55 26.31 45.20 -8.22
CA GLY GA 55 25.60 44.39 -7.25
C GLY GA 55 25.50 45.07 -5.89
N TRP GA 56 25.25 44.25 -4.87
CA TRP GA 56 25.18 44.73 -3.50
C TRP GA 56 26.59 44.75 -2.91
N VAL GA 57 27.23 45.91 -2.99
CA VAL GA 57 28.55 46.09 -2.42
C VAL GA 57 28.53 47.25 -1.44
N MET HA 1 -10.98 47.60 -14.55
CA MET HA 1 -11.81 48.13 -13.48
C MET HA 1 -11.31 49.51 -13.05
N THR HA 2 -12.23 50.46 -12.93
CA THR HA 2 -11.87 51.83 -12.57
C THR HA 2 -12.84 52.31 -11.50
N PHE HA 3 -12.72 53.56 -11.07
CA PHE HA 3 -13.62 54.14 -10.09
C PHE HA 3 -15.03 54.33 -10.61
N SER HA 4 -15.23 54.29 -11.93
CA SER HA 4 -16.52 54.57 -12.54
C SER HA 4 -17.16 53.35 -13.18
N THR HA 5 -16.51 52.18 -13.12
CA THR HA 5 -17.04 50.94 -13.70
C THR HA 5 -17.73 50.17 -12.58
N HIS HA 6 -18.87 50.69 -12.12
CA HIS HA 6 -19.59 50.06 -11.03
C HIS HA 6 -20.41 48.86 -11.48
N LYS HA 7 -20.68 48.73 -12.78
CA LYS HA 7 -21.47 47.62 -13.29
C LYS HA 7 -20.65 46.37 -13.54
N VAL HA 8 -19.43 46.30 -13.01
CA VAL HA 8 -18.69 45.04 -13.01
C VAL HA 8 -19.44 44.00 -12.20
N TRP HA 9 -20.03 44.42 -11.08
CA TRP HA 9 -20.71 43.54 -10.16
C TRP HA 9 -22.08 43.10 -10.65
N LEU HA 10 -22.54 43.65 -11.77
CA LEU HA 10 -23.67 43.10 -12.51
C LEU HA 10 -23.22 41.97 -13.44
N MET HA 11 -21.92 41.68 -13.47
CA MET HA 11 -21.36 40.64 -14.32
C MET HA 11 -20.57 39.63 -13.48
N PHE HA 12 -19.92 40.11 -12.43
CA PHE HA 12 -19.15 39.27 -11.52
C PHE HA 12 -19.81 39.29 -10.15
N ASP HA 13 -19.95 38.12 -9.54
CA ASP HA 13 -20.54 38.02 -8.22
C ASP HA 13 -19.64 38.74 -7.20
N PRO HA 14 -20.15 39.73 -6.47
CA PRO HA 14 -19.28 40.47 -5.54
C PRO HA 14 -18.64 39.61 -4.45
N ARG HA 15 -19.33 38.57 -3.98
CA ARG HA 15 -18.85 37.79 -2.85
C ARG HA 15 -17.83 36.73 -3.22
N SER HA 16 -18.10 35.94 -4.27
CA SER HA 16 -17.09 35.00 -4.75
C SER HA 16 -15.86 35.71 -5.27
N THR HA 17 -16.03 36.84 -5.97
CA THR HA 17 -14.88 37.63 -6.38
C THR HA 17 -14.09 38.13 -5.18
N LEU HA 18 -14.78 38.59 -4.13
CA LEU HA 18 -14.09 39.07 -2.94
C LEU HA 18 -13.29 37.97 -2.28
N VAL HA 19 -13.87 36.78 -2.12
CA VAL HA 19 -13.15 35.71 -1.45
C VAL HA 19 -11.98 35.21 -2.31
N ALA HA 20 -12.18 35.11 -3.63
CA ALA HA 20 -11.07 34.69 -4.49
C ALA HA 20 -9.95 35.71 -4.48
N LEU HA 21 -10.28 37.00 -4.50
CA LEU HA 21 -9.27 38.04 -4.46
C LEU HA 21 -8.54 38.03 -3.12
N ALA HA 22 -9.26 37.81 -2.02
CA ALA HA 22 -8.61 37.73 -0.72
C ALA HA 22 -7.62 36.57 -0.68
N ALA HA 23 -8.04 35.41 -1.18
CA ALA HA 23 -7.15 34.25 -1.19
C ALA HA 23 -5.91 34.53 -2.04
N PHE HA 24 -6.12 35.10 -3.22
CA PHE HA 24 -5.00 35.39 -4.11
C PHE HA 24 -4.03 36.39 -3.48
N LEU HA 25 -4.56 37.45 -2.89
CA LEU HA 25 -3.70 38.46 -2.28
C LEU HA 25 -2.94 37.91 -1.09
N VAL HA 26 -3.58 37.08 -0.27
CA VAL HA 26 -2.88 36.48 0.87
C VAL HA 26 -1.77 35.56 0.39
N VAL HA 27 -2.05 34.73 -0.62
CA VAL HA 27 -1.04 33.82 -1.13
C VAL HA 27 0.12 34.60 -1.75
N LEU HA 28 -0.19 35.65 -2.51
CA LEU HA 28 0.86 36.45 -3.13
C LEU HA 28 1.72 37.16 -2.08
N ALA HA 29 1.09 37.71 -1.04
CA ALA HA 29 1.84 38.36 0.03
C ALA HA 29 2.75 37.36 0.72
N LEU HA 30 2.25 36.16 0.99
CA LEU HA 30 3.08 35.14 1.61
C LEU HA 30 4.25 34.77 0.72
N LEU HA 31 4.00 34.62 -0.58
CA LEU HA 31 5.07 34.25 -1.50
C LEU HA 31 6.15 35.33 -1.57
N ILE HA 32 5.74 36.60 -1.61
CA ILE HA 32 6.72 37.68 -1.69
C ILE HA 32 7.50 37.81 -0.39
N HIS HA 33 6.83 37.67 0.76
CA HIS HA 33 7.55 37.70 2.03
C HIS HA 33 8.55 36.56 2.12
N PHE HA 34 8.16 35.36 1.68
CA PHE HA 34 9.08 34.23 1.68
C PHE HA 34 10.23 34.40 0.70
N LEU HA 35 9.99 35.04 -0.45
CA LEU HA 35 11.08 35.36 -1.37
C LEU HA 35 12.06 36.33 -0.75
N CYS HA 36 11.55 37.34 -0.03
CA CYS HA 36 12.44 38.27 0.67
C CYS HA 36 13.23 37.55 1.76
N LEU HA 37 12.57 36.66 2.49
CA LEU HA 37 13.24 35.90 3.54
C LEU HA 37 14.27 34.92 2.98
N GLY HA 38 14.08 34.44 1.75
CA GLY HA 38 15.02 33.49 1.19
C GLY HA 38 16.29 34.11 0.63
N HIS HA 39 16.35 35.43 0.54
CA HIS HA 39 17.52 36.12 0.04
C HIS HA 39 18.19 36.87 1.18
N ASP HA 40 19.53 36.93 1.13
CA ASP HA 40 20.30 37.43 2.26
C ASP HA 40 20.01 38.89 2.55
N ARG HA 41 19.97 39.73 1.51
CA ARG HA 41 19.85 41.17 1.72
C ARG HA 41 18.49 41.58 2.27
N PHE HA 42 17.45 40.77 2.09
CA PHE HA 42 16.10 41.16 2.45
C PHE HA 42 15.50 40.32 3.56
N ASN HA 43 16.19 39.31 4.04
CA ASN HA 43 15.77 38.60 5.23
C ASN HA 43 15.98 39.51 6.44
N TRP HA 44 14.92 40.18 6.88
CA TRP HA 44 15.00 41.12 7.98
C TRP HA 44 15.09 40.45 9.34
N LEU HA 45 14.82 39.14 9.41
CA LEU HA 45 14.94 38.41 10.67
C LEU HA 45 16.35 37.88 10.90
N GLU HA 46 17.07 37.52 9.84
CA GLU HA 46 18.48 37.16 9.94
C GLU HA 46 19.40 38.37 10.11
N GLY HA 47 19.02 39.52 9.57
CA GLY HA 47 19.79 40.73 9.75
C GLY HA 47 21.21 40.68 9.21
N ASN HA 48 21.36 40.16 7.98
CA ASN HA 48 22.64 40.22 7.31
C ASN HA 48 22.95 41.67 6.93
N PRO HA 49 24.21 42.02 6.77
CA PRO HA 49 24.56 43.35 6.27
C PRO HA 49 23.93 43.59 4.91
N ALA HA 50 23.51 44.83 4.68
CA ALA HA 50 22.81 45.16 3.43
C ALA HA 50 23.70 44.91 2.23
N ALA HA 51 25.00 45.15 2.38
CA ALA HA 51 25.95 44.91 1.29
C ALA HA 51 26.40 43.46 1.33
N THR HA 52 25.92 42.60 0.41
CA THR HA 52 26.04 41.13 0.54
C THR HA 52 26.94 40.49 -0.51
N LYS HA 53 27.21 41.18 -1.61
CA LYS HA 53 28.11 40.72 -2.66
C LYS HA 53 27.66 39.38 -3.25
N SER IA 9 -26.80 36.24 -30.89
CA SER IA 9 -25.81 36.42 -29.83
C SER IA 9 -25.65 35.16 -29.00
N SER IA 10 -24.51 34.48 -29.15
CA SER IA 10 -24.20 33.33 -28.33
C SER IA 10 -24.14 33.72 -26.86
N THR IA 11 -23.49 34.85 -26.57
CA THR IA 11 -23.52 35.42 -25.23
C THR IA 11 -24.85 36.13 -25.02
N GLY IA 12 -25.32 36.17 -23.78
CA GLY IA 12 -26.53 36.88 -23.46
C GLY IA 12 -26.33 38.38 -23.42
N LEU IA 13 -25.73 38.92 -24.46
CA LEU IA 13 -25.38 40.35 -24.54
C LEU IA 13 -25.95 40.96 -25.81
N THR IA 14 -26.30 42.24 -25.73
CA THR IA 14 -26.70 42.99 -26.90
C THR IA 14 -25.46 43.64 -27.53
N GLU IA 15 -25.65 44.34 -28.63
CA GLU IA 15 -24.53 45.04 -29.25
C GLU IA 15 -24.08 46.25 -28.46
N ALA IA 16 -25.01 47.01 -27.88
CA ALA IA 16 -24.63 48.17 -27.07
C ALA IA 16 -23.90 47.77 -25.80
N GLU IA 17 -24.39 46.74 -25.10
CA GLU IA 17 -23.69 46.24 -23.92
C GLU IA 17 -22.32 45.70 -24.27
N ALA IA 18 -22.22 44.94 -25.36
CA ALA IA 18 -20.92 44.46 -25.82
C ALA IA 18 -20.03 45.60 -26.28
N LYS IA 19 -20.60 46.65 -26.88
CA LYS IA 19 -19.80 47.80 -27.27
C LYS IA 19 -19.22 48.51 -26.06
N GLU IA 20 -20.02 48.70 -25.00
CA GLU IA 20 -19.50 49.30 -23.78
C GLU IA 20 -18.45 48.41 -23.11
N PHE IA 21 -18.69 47.10 -23.06
CA PHE IA 21 -17.68 46.21 -22.50
C PHE IA 21 -16.39 46.25 -23.30
N HIS IA 22 -16.49 46.32 -24.64
CA HIS IA 22 -15.28 46.41 -25.43
C HIS IA 22 -14.57 47.73 -25.22
N ALA IA 23 -15.31 48.82 -25.04
CA ALA IA 23 -14.67 50.10 -24.74
C ALA IA 23 -13.86 50.02 -23.46
N VAL IA 24 -14.46 49.52 -22.38
CA VAL IA 24 -13.74 49.45 -21.12
C VAL IA 24 -12.60 48.42 -21.19
N TYR IA 25 -12.82 47.29 -21.87
CA TYR IA 25 -11.78 46.28 -22.02
C TYR IA 25 -10.60 46.81 -22.82
N SER IA 26 -10.87 47.54 -23.90
CA SER IA 26 -9.82 48.11 -24.71
C SER IA 26 -9.02 49.15 -23.93
N GLN IA 27 -9.70 50.03 -23.19
CA GLN IA 27 -8.98 50.99 -22.37
C GLN IA 27 -8.13 50.31 -21.30
N SER IA 28 -8.68 49.30 -20.62
CA SER IA 28 -7.91 48.57 -19.61
C SER IA 28 -6.73 47.84 -20.20
N ALA IA 29 -6.90 47.19 -21.35
CA ALA IA 29 -5.79 46.48 -22.00
C ALA IA 29 -4.72 47.45 -22.47
N ALA IA 30 -5.13 48.59 -23.02
CA ALA IA 30 -4.15 49.60 -23.43
C ALA IA 30 -3.37 50.13 -22.24
N GLY IA 31 -4.05 50.40 -21.12
CA GLY IA 31 -3.35 50.82 -19.92
C GLY IA 31 -2.39 49.77 -19.41
N PHE IA 32 -2.82 48.50 -19.42
CA PHE IA 32 -1.96 47.40 -18.99
C PHE IA 32 -0.72 47.32 -19.86
N LEU IA 33 -0.89 47.38 -21.18
CA LEU IA 33 0.26 47.30 -22.09
C LEU IA 33 1.17 48.52 -21.97
N ALA IA 34 0.61 49.70 -21.73
CA ALA IA 34 1.43 50.88 -21.52
C ALA IA 34 2.28 50.75 -20.26
N VAL IA 35 1.67 50.27 -19.17
CA VAL IA 35 2.43 50.05 -17.94
C VAL IA 35 3.51 48.99 -18.16
N CYS IA 36 3.18 47.94 -18.92
CA CYS IA 36 4.18 46.91 -19.20
C CYS IA 36 5.33 47.46 -20.03
N ALA IA 37 5.04 48.32 -21.00
CA ALA IA 37 6.10 48.93 -21.81
C ALA IA 37 6.98 49.83 -20.97
N VAL IA 38 6.38 50.62 -20.08
CA VAL IA 38 7.18 51.47 -19.19
C VAL IA 38 8.05 50.62 -18.29
N ALA IA 39 7.48 49.55 -17.73
CA ALA IA 39 8.24 48.66 -16.87
C ALA IA 39 9.38 47.97 -17.61
N HIS IA 40 9.17 47.60 -18.87
CA HIS IA 40 10.22 47.01 -19.68
C HIS IA 40 11.32 48.00 -20.03
N VAL IA 41 10.98 49.25 -20.32
CA VAL IA 41 12.02 50.26 -20.53
C VAL IA 41 12.83 50.46 -19.25
N LEU IA 42 12.15 50.51 -18.09
CA LEU IA 42 12.84 50.64 -16.82
C LEU IA 42 13.76 49.45 -16.56
N ALA IA 43 13.28 48.24 -16.84
CA ALA IA 43 14.09 47.04 -16.63
C ALA IA 43 15.27 47.00 -17.58
N TRP IA 44 15.11 47.47 -18.81
CA TRP IA 44 16.24 47.55 -19.73
C TRP IA 44 17.28 48.54 -19.23
N MET IA 45 16.83 49.71 -18.77
CA MET IA 45 17.79 50.68 -18.24
C MET IA 45 18.47 50.16 -16.98
N TRP IA 46 17.79 49.33 -16.21
CA TRP IA 46 18.42 48.66 -15.07
C TRP IA 46 19.52 47.74 -15.56
N ARG IA 47 19.16 46.70 -16.29
CA ARG IA 47 20.12 45.78 -16.90
C ARG IA 47 19.62 45.34 -18.25
N PRO IA 48 20.31 45.67 -19.35
CA PRO IA 48 19.89 45.19 -20.67
C PRO IA 48 19.88 43.68 -20.74
N PHE IA 49 18.93 43.11 -21.47
CA PHE IA 49 18.69 41.68 -21.44
C PHE IA 49 18.87 40.97 -22.77
N TRP IA 50 19.59 41.56 -23.72
CA TRP IA 50 20.02 40.84 -24.92
C TRP IA 50 21.52 40.87 -24.98
N PRO IA 51 22.20 39.75 -24.73
CA PRO IA 51 23.66 39.77 -24.64
C PRO IA 51 24.31 39.95 -26.01
N GLY IA 52 25.55 40.42 -25.99
CA GLY IA 52 26.35 40.52 -27.19
C GLY IA 52 27.03 39.22 -27.53
N ALA IA 53 27.99 39.31 -28.47
CA ALA IA 53 28.71 38.12 -28.89
C ALA IA 53 29.56 37.53 -27.77
N GLU IA 54 30.10 38.35 -26.88
CA GLU IA 54 30.91 37.88 -25.78
C GLU IA 54 30.11 37.54 -24.53
N GLY IA 55 28.82 37.84 -24.52
CA GLY IA 55 27.97 37.55 -23.38
C GLY IA 55 27.86 38.72 -22.44
N TRP IA 56 27.59 38.40 -21.17
CA TRP IA 56 27.53 39.41 -20.11
C TRP IA 56 28.94 39.70 -19.62
N VAL IA 57 29.62 40.58 -20.33
CA VAL IA 57 30.99 40.95 -20.01
C VAL IA 57 31.09 42.44 -19.77
N MET JA 1 -8.33 40.55 -32.25
CA MET JA 1 -9.10 41.49 -31.45
C MET JA 1 -8.46 42.88 -31.52
N THR JA 2 -9.29 43.89 -31.77
CA THR JA 2 -8.79 45.24 -32.05
C THR JA 2 -9.72 46.23 -31.36
N PHE JA 3 -9.39 47.52 -31.37
CA PHE JA 3 -10.21 48.55 -30.75
C PHE JA 3 -11.60 48.66 -31.36
N SER JA 4 -11.81 48.12 -32.56
CA SER JA 4 -13.08 48.24 -33.25
C SER JA 4 -13.87 46.94 -33.33
N THR JA 5 -13.30 45.82 -32.90
CA THR JA 5 -13.98 44.53 -32.98
C THR JA 5 -14.77 44.26 -31.70
N HIS JA 6 -15.79 45.10 -31.46
CA HIS JA 6 -16.55 45.00 -30.23
C HIS JA 6 -17.54 43.84 -30.23
N LYS JA 7 -17.87 43.29 -31.39
CA LYS JA 7 -18.84 42.21 -31.47
C LYS JA 7 -18.25 40.86 -31.13
N VAL JA 8 -16.98 40.81 -30.70
CA VAL JA 8 -16.39 39.56 -30.22
C VAL JA 8 -17.12 39.06 -28.99
N TRP JA 9 -17.69 39.98 -28.21
CA TRP JA 9 -18.38 39.63 -26.97
C TRP JA 9 -19.80 39.13 -27.22
N LEU JA 10 -20.28 39.19 -28.46
CA LEU JA 10 -21.50 38.48 -28.85
C LEU JA 10 -21.25 37.00 -29.07
N MET JA 11 -19.98 36.58 -29.11
CA MET JA 11 -19.62 35.18 -29.29
C MET JA 11 -18.90 34.65 -28.05
N PHE JA 12 -17.87 35.37 -27.62
CA PHE JA 12 -17.05 34.96 -26.49
C PHE JA 12 -17.60 35.60 -25.21
N ASP JA 13 -17.85 34.77 -24.20
CA ASP JA 13 -18.40 35.25 -22.95
C ASP JA 13 -17.41 36.19 -22.28
N PRO JA 14 -17.82 37.43 -21.94
CA PRO JA 14 -16.89 38.33 -21.24
C PRO JA 14 -16.37 37.78 -19.93
N ARG JA 15 -17.20 37.08 -19.16
CA ARG JA 15 -16.80 36.56 -17.87
C ARG JA 15 -15.72 35.49 -17.98
N SER JA 16 -15.94 34.48 -18.83
CA SER JA 16 -14.94 33.44 -19.03
C SER JA 16 -13.66 34.01 -19.61
N THR JA 17 -13.78 34.91 -20.59
CA THR JA 17 -12.59 35.51 -21.19
C THR JA 17 -11.79 36.29 -20.15
N LEU JA 18 -12.47 37.09 -19.32
CA LEU JA 18 -11.76 37.87 -18.31
C LEU JA 18 -11.09 36.96 -17.28
N VAL JA 19 -11.77 35.95 -16.77
CA VAL JA 19 -11.22 35.06 -15.70
C VAL JA 19 -10.10 34.19 -16.27
N ALA JA 20 -10.21 33.71 -17.50
CA ALA JA 20 -9.13 32.95 -18.13
C ALA JA 20 -7.93 33.83 -18.44
N LEU JA 21 -8.17 35.04 -18.95
CA LEU JA 21 -7.08 35.95 -19.24
C LEU JA 21 -6.35 36.37 -17.98
N ALA JA 22 -7.08 36.66 -16.90
CA ALA JA 22 -6.45 37.02 -15.65
C ALA JA 22 -5.59 35.89 -15.12
N ALA JA 23 -6.12 34.66 -15.15
CA ALA JA 23 -5.35 33.52 -14.69
C ALA JA 23 -4.10 33.32 -15.54
N PHE JA 24 -4.24 33.42 -16.87
CA PHE JA 24 -3.08 33.24 -17.74
C PHE JA 24 -2.03 34.32 -17.51
N LEU JA 25 -2.46 35.57 -17.37
CA LEU JA 25 -1.51 36.65 -17.17
C LEU JA 25 -0.80 36.53 -15.83
N VAL JA 26 -1.51 36.14 -14.78
CA VAL JA 26 -0.87 35.93 -13.49
C VAL JA 26 0.15 34.80 -13.57
N VAL JA 27 -0.22 33.69 -14.22
CA VAL JA 27 0.70 32.57 -14.35
C VAL JA 27 1.93 32.96 -15.17
N LEU JA 28 1.73 33.69 -16.27
CA LEU JA 28 2.83 34.13 -17.11
C LEU JA 28 3.75 35.09 -16.36
N ALA JA 29 3.18 36.03 -15.62
CA ALA JA 29 3.99 36.97 -14.85
C ALA JA 29 4.80 36.25 -13.79
N LEU JA 30 4.18 35.29 -13.09
CA LEU JA 30 4.92 34.51 -12.10
C LEU JA 30 6.03 33.72 -12.74
N LEU JA 31 5.77 33.11 -13.89
CA LEU JA 31 6.78 32.31 -14.58
C LEU JA 31 7.96 33.17 -15.01
N ILE JA 32 7.68 34.35 -15.57
CA ILE JA 32 8.78 35.20 -16.02
C ILE JA 32 9.56 35.77 -14.85
N HIS JA 33 8.89 36.14 -13.76
CA HIS JA 33 9.62 36.59 -12.59
C HIS JA 33 10.51 35.49 -12.02
N PHE JA 34 10.00 34.25 -11.95
CA PHE JA 34 10.82 33.12 -11.50
C PHE JA 34 11.98 32.84 -12.44
N LEU JA 35 11.78 32.94 -13.75
CA LEU JA 35 12.86 32.75 -14.70
C LEU JA 35 13.93 33.82 -14.55
N CYS JA 36 13.54 35.07 -14.33
CA CYS JA 36 14.51 36.11 -14.04
C CYS JA 36 15.25 35.84 -12.74
N LEU JA 37 14.53 35.40 -11.71
CA LEU JA 37 15.15 35.06 -10.44
C LEU JA 37 16.10 33.88 -10.56
N GLY JA 38 15.92 33.03 -11.57
CA GLY JA 38 16.74 31.86 -11.76
C GLY JA 38 18.05 32.06 -12.49
N HIS JA 39 18.38 33.29 -12.85
CA HIS JA 39 19.60 33.58 -13.61
C HIS JA 39 20.42 34.63 -12.87
N ASP JA 40 21.74 34.54 -13.05
CA ASP JA 40 22.68 35.35 -12.27
C ASP JA 40 22.50 36.84 -12.46
N ARG JA 41 22.31 37.30 -13.69
CA ARG JA 41 22.26 38.72 -13.98
C ARG JA 41 20.94 39.36 -13.56
N PHE JA 42 19.83 38.66 -13.67
CA PHE JA 42 18.51 39.25 -13.50
C PHE JA 42 17.84 38.91 -12.18
N ASN JA 43 18.51 38.16 -11.32
CA ASN JA 43 18.05 38.00 -9.95
C ASN JA 43 18.32 39.29 -9.18
N TRP JA 44 17.31 40.14 -9.07
CA TRP JA 44 17.45 41.42 -8.38
C TRP JA 44 17.49 41.27 -6.87
N LEU JA 45 16.83 40.25 -6.32
CA LEU JA 45 16.87 40.00 -4.89
C LEU JA 45 18.22 39.45 -4.44
N GLU JA 46 18.98 38.83 -5.35
CA GLU JA 46 20.31 38.34 -5.06
C GLU JA 46 21.39 39.40 -5.27
N GLY JA 47 21.22 40.27 -6.28
CA GLY JA 47 22.12 41.38 -6.49
C GLY JA 47 23.53 41.00 -6.89
N ASN JA 48 23.64 40.05 -7.81
CA ASN JA 48 24.94 39.76 -8.41
C ASN JA 48 25.36 40.92 -9.30
N PRO JA 49 26.66 41.08 -9.54
CA PRO JA 49 27.11 42.05 -10.53
C PRO JA 49 26.51 41.74 -11.90
N ALA JA 50 26.20 42.80 -12.65
CA ALA JA 50 25.55 42.61 -13.94
C ALA JA 50 26.45 41.83 -14.89
N ALA JA 51 27.75 42.09 -14.86
CA ALA JA 51 28.70 41.41 -15.74
C ALA JA 51 29.01 40.04 -15.17
N THR JA 52 28.24 38.99 -15.57
CA THR JA 52 28.25 37.68 -14.86
C THR JA 52 29.22 36.67 -15.47
N LYS JA 53 29.88 37.02 -16.57
CA LYS JA 53 30.80 36.11 -17.24
C LYS JA 53 32.22 36.68 -17.26
FE HEC KA . 53.98 3.26 33.43
CHA HEC KA . 56.60 1.18 32.63
CHB HEC KA . 56.15 5.31 35.13
CHC HEC KA . 51.32 5.05 34.75
CHD HEC KA . 51.75 1.14 31.93
NA HEC KA . 56.00 3.28 33.76
C1A HEC KA . 56.88 2.26 33.44
C2A HEC KA . 58.14 2.53 34.09
C3A HEC KA . 58.01 3.67 34.78
C4A HEC KA . 56.67 4.16 34.59
CMA HEC KA . 59.10 4.37 35.62
CAA HEC KA . 59.40 1.64 33.97
CBA HEC KA . 59.69 0.94 35.29
CGA HEC KA . 60.80 -0.05 35.10
O1A HEC KA . 61.58 -0.29 36.06
O2A HEC KA . 60.94 -0.58 33.96
NB HEC KA . 53.76 4.83 34.79
C1B HEC KA . 54.81 5.63 35.20
C2B HEC KA . 54.26 6.88 35.67
C3B HEC KA . 52.93 6.81 35.58
C4B HEC KA . 52.59 5.51 35.02
CMB HEC KA . 55.11 8.06 36.22
CAB HEC KA . 51.90 7.89 35.97
CBB HEC KA . 52.01 9.12 35.03
NC HEC KA . 51.92 3.15 33.33
C1C HEC KA . 51.01 3.94 34.00
C2C HEC KA . 49.68 3.47 33.69
C3C HEC KA . 49.80 2.32 33.01
C4C HEC KA . 51.21 2.15 32.70
CMC HEC KA . 48.39 3.97 34.39
CAC HEC KA . 48.68 1.39 32.52
CBC HEC KA . 47.75 2.06 31.48
ND HEC KA . 54.14 1.40 32.50
C1D HEC KA . 53.08 0.83 31.80
C2D HEC KA . 53.60 -0.17 30.89
C3D HEC KA . 55.11 -0.15 31.12
C4D HEC KA . 55.35 0.84 32.13
CMD HEC KA . 52.82 -1.07 29.91
CAD HEC KA . 56.15 -1.04 30.40
CBD HEC KA . 56.86 -0.22 29.33
CGD HEC KA . 57.35 -1.16 28.26
O1D HEC KA . 58.15 -0.72 27.40
O2D HEC KA . 56.95 -2.34 28.27
FE HEC LA . 43.57 -1.19 25.56
CHA HEC LA . 41.70 -3.05 27.97
CHB HEC LA . 45.41 0.10 28.27
CHC HEC LA . 44.75 1.42 23.65
CHD HEC LA . 40.94 -1.58 23.36
NA HEC LA . 43.51 -1.39 27.73
C1A HEC LA . 42.76 -2.30 28.44
C2A HEC LA . 43.26 -2.33 29.79
C3A HEC LA . 44.26 -1.48 29.88
C4A HEC LA . 44.45 -0.86 28.59
CMA HEC LA . 45.09 -1.19 31.16
CAA HEC LA . 42.70 -3.22 30.94
CBA HEC LA . 41.61 -2.46 31.67
CGA HEC LA . 40.89 -3.41 32.57
O1A HEC LA . 40.14 -2.97 33.47
O2A HEC LA . 41.07 -4.64 32.39
NB HEC LA . 44.76 0.54 25.94
C1B HEC LA . 45.58 0.70 27.04
C2B HEC LA . 46.67 1.56 26.67
C3B HEC LA . 46.50 1.94 25.39
C4B HEC LA . 45.29 1.30 24.91
CMB HEC LA . 47.82 1.98 27.62
CAB HEC LA . 47.39 2.87 24.55
CBB HEC LA . 48.75 2.22 24.22
NC HEC LA . 42.91 -0.20 23.86
C1C HEC LA . 43.65 0.73 23.17
C2C HEC LA . 43.13 0.81 21.82
C3C HEC LA . 42.02 0.06 21.77
C4C HEC LA . 41.90 -0.64 23.04
CMC HEC LA . 43.58 1.84 20.76
CAC HEC LA . 41.05 -0.14 20.57
CBC HEC LA . 41.73 -0.86 19.38
ND HEC LA . 41.57 -2.11 25.68
C1D HEC LA . 40.77 -2.24 24.55
C2D HEC LA . 39.75 -3.23 24.82
C3D HEC LA . 39.99 -3.69 26.26
C4D HEC LA . 41.12 -2.93 26.73
CMD HEC LA . 38.65 -3.71 23.85
CAD HEC LA . 39.20 -4.72 27.09
CBD HEC LA . 38.26 -3.99 28.04
CGD HEC LA . 38.20 -4.74 29.34
O1D HEC LA . 37.15 -4.67 30.02
O2D HEC LA . 39.20 -5.41 29.69
FE HEC MA . 27.82 -2.13 3.74
CHA HEC MA . 29.23 -4.43 1.56
CHB HEC MA . 24.70 -3.37 2.92
CHC HEC MA . 26.24 0.61 5.18
CHD HEC MA . 30.81 -0.50 4.05
NA HEC MA . 27.10 -3.58 2.42
C1A HEC MA . 27.86 -4.50 1.72
C2A HEC MA . 26.97 -5.53 1.23
C3A HEC MA . 25.74 -5.23 1.61
C4A HEC MA . 25.78 -3.99 2.36
CMA HEC MA . 24.47 -6.03 1.30
CAA HEC MA . 27.35 -6.77 0.40
CBA HEC MA . 27.97 -6.35 -0.92
CGA HEC MA . 28.04 -7.56 -1.81
O1A HEC MA . 27.17 -8.45 -1.66
O2A HEC MA . 28.97 -7.63 -2.66
NB HEC MA . 25.84 -1.45 3.92
C1B HEC MA . 24.73 -2.22 3.66
C2B HEC MA . 23.61 -1.64 4.35
C3B HEC MA . 24.01 -0.53 4.97
C4B HEC MA . 25.43 -0.39 4.71
CMB HEC MA . 22.19 -2.22 4.28
CAB HEC MA . 23.16 0.43 5.81
CBB HEC MA . 22.71 -0.26 7.12
NC HEC MA . 28.40 -0.29 4.45
C1C HEC MA . 27.60 0.68 5.03
C2C HEC MA . 28.44 1.70 5.59
C3C HEC MA . 29.69 1.47 5.18
C4C HEC MA . 29.71 0.16 4.52
CMC HEC MA . 27.89 3.02 6.17
CAC HEC MA . 30.94 2.36 5.44
CBC HEC MA . 31.26 2.61 6.93
ND HEC MA . 29.71 -2.37 2.84
C1D HEC MA . 30.81 -1.69 3.33
C2D HEC MA . 31.99 -2.43 2.99
C3D HEC MA . 31.51 -3.66 2.22
C4D HEC MA . 30.07 -3.53 2.16
CMD HEC MA . 33.46 -2.08 3.32
CAD HEC MA . 32.37 -4.79 1.60
CBD HEC MA . 32.59 -5.88 2.63
CGD HEC MA . 33.33 -7.03 2.00
O1D HEC MA . 33.57 -6.97 0.76
O2D HEC MA . 33.67 -8.00 2.71
FE HEC NA . 37.63 3.45 11.17
CHA HEC NA . 38.24 6.40 9.56
CHB HEC NA . 35.25 2.65 8.78
CHC HEC NA . 36.97 0.46 12.75
CHD HEC NA . 40.08 4.09 13.48
NA HEC NA . 36.89 4.35 9.49
C1A HEC NA . 37.27 5.59 9.02
C2A HEC NA . 36.48 5.88 7.84
C3A HEC NA . 35.66 4.85 7.63
C4A HEC NA . 35.89 3.86 8.66
CMA HEC NA . 34.62 4.71 6.49
CAA HEC NA . 36.57 7.15 6.98
CBA HEC NA . 35.41 8.09 7.32
CGA HEC NA . 35.36 9.17 6.28
O1A HEC NA . 34.51 10.09 6.41
O2A HEC NA . 36.16 9.11 5.31
NB HEC NA . 36.37 1.84 10.81
C1B HEC NA . 35.44 1.75 9.80
C2B HEC NA . 34.69 0.53 9.99
C3B HEC NA . 35.16 -0.08 11.08
C4B HEC NA . 36.23 0.74 11.62
CMB HEC NA . 33.54 0.05 9.08
CAB HEC NA . 34.69 -1.40 11.72
CBB HEC NA . 34.99 -2.61 10.81
NC HEC NA . 38.38 2.46 12.80
C1C HEC NA . 37.96 1.23 13.28
C2C HEC NA . 38.82 0.86 14.38
C3C HEC NA . 39.59 1.92 14.67
C4C HEC NA . 39.39 2.91 13.63
CMC HEC NA . 38.56 -0.36 15.29
CAC HEC NA . 40.63 2.05 15.81
CBC HEC NA . 41.83 1.11 15.60
ND HEC NA . 38.96 5.01 11.48
C1D HEC NA . 39.89 5.05 12.51
C2D HEC NA . 40.65 6.27 12.40
C3D HEC NA . 40.09 7.00 11.18
C4D HEC NA . 39.03 6.15 10.67
CMD HEC NA . 41.80 6.75 13.32
CAD HEC NA . 40.56 8.37 10.66
CBD HEC NA . 41.02 8.28 9.21
CGD HEC NA . 41.54 9.61 8.76
O1D HEC NA . 41.65 9.82 7.53
O2D HEC NA . 41.83 10.46 9.63
MG MG OA . 25.09 10.82 11.36
MG MG PA . 25.65 -9.03 20.09
MG MG QA . 23.14 -14.97 21.12
P PGV RA . 11.59 13.48 18.70
C01 PGV RA . 6.69 12.18 19.29
C02 PGV RA . 8.05 11.86 18.65
C03 PGV RA . 9.05 12.96 19.01
C04 PGV RA . 13.47 14.87 17.55
C05 PGV RA . 13.41 16.22 16.84
C06 PGV RA . 13.58 16.02 15.34
O01 PGV RA . 7.90 11.76 17.25
O02 PGV RA . 8.82 9.67 17.53
O03 PGV RA . 5.79 11.12 18.96
O04 PGV RA . 3.97 12.24 19.85
O05 PGV RA . 14.45 17.07 17.33
O06 PGV RA . 14.74 15.23 15.09
O11 PGV RA . 10.20 12.88 18.17
O12 PGV RA . 12.22 14.19 17.41
O13 PGV RA . 12.49 12.34 19.10
O14 PGV RA . 11.28 14.58 19.69
C1 PGV RA . 8.35 10.48 16.75
C2 PGV RA . 8.24 10.14 15.28
C3 PGV RA . 6.77 10.10 14.88
C4 PGV RA . 6.03 8.99 15.60
C5 PGV RA . 4.52 9.12 15.40
C6 PGV RA . 4.12 8.73 14.00
C7 PGV RA . 3.49 7.33 13.99
C8 PGV RA . 2.20 7.31 14.80
C9 PGV RA . 1.50 5.96 14.69
C10 PGV RA . 2.22 4.89 15.51
C11 PGV RA . 1.52 3.57 15.31
C12 PGV RA . 2.24 2.47 15.06
C13 PGV RA . 1.55 1.14 14.86
C14 PGV RA . 2.06 0.50 13.57
C15 PGV RA . 2.19 -1.01 13.73
C16 PGV RA . 0.85 -1.71 13.58
C17 PGV RA . 0.46 -1.84 12.11
C18 PGV RA . -0.74 -2.75 11.95
C19 PGV RA . 4.36 11.27 19.24
C20 PGV RA . 3.39 10.23 18.76
C21 PGV RA . 1.99 10.62 19.19
C1 8K6 SA . 2.91 13.65 10.71
C2 8K6 SA . 2.55 15.10 10.78
C3 8K6 SA . 3.70 16.00 11.19
C4 8K6 SA . 4.87 15.97 10.25
C5 8K6 SA . 6.05 16.80 10.71
C6 8K6 SA . 5.76 18.28 10.82
C7 8K6 SA . 6.88 19.07 11.45
C8 8K6 SA . 8.21 18.94 10.77
C9 8K6 SA . 9.31 19.74 11.43
C10 8K6 SA . 9.05 21.21 11.47
C11 8K6 SA . 9.70 21.99 10.34
C12 8K6 SA . 11.12 22.39 10.63
C13 8K6 SA . 11.77 23.22 9.54
C14 8K6 SA . 13.09 23.82 9.94
C15 8K6 SA . 13.00 24.74 11.12
C16 8K6 SA . 14.31 25.40 11.51
MG BCL TA . 5.61 5.35 -8.86
CHA BCL TA . 6.07 2.28 -10.02
CHB BCL TA . 4.32 6.32 -11.76
CHC BCL TA . 5.27 8.45 -7.54
CHD BCL TA . 7.20 4.48 -5.82
NA BCL TA . 5.23 4.47 -10.60
C1A BCL TA . 5.35 3.25 -10.87
C2A BCL TA . 4.71 2.88 -12.17
C3A BCL TA . 4.67 4.20 -12.86
C4A BCL TA . 4.76 5.08 -11.68
CMA BCL TA . 5.85 4.40 -13.78
CAA BCL TA . 3.32 2.25 -12.02
CBA BCL TA . 2.44 2.81 -10.91
CGA BCL TA . 1.01 2.48 -11.18
O1A BCL TA . 0.71 1.86 -12.16
O2A BCL TA . -0.03 2.92 -10.27
NB BCL TA . 4.92 7.14 -9.52
C1B BCL TA . 4.40 7.35 -10.74
C2B BCL TA . 3.92 8.69 -11.03
C3B BCL TA . 4.21 9.35 -9.75
C4B BCL TA . 4.80 8.30 -8.90
CMB BCL TA . 3.32 9.11 -12.35
CAB BCL TA . 3.95 10.75 -9.33
OBB BCL TA . 4.27 11.10 -8.25
CBB BCL TA . 3.22 11.68 -10.22
NC BCL TA . 6.07 6.26 -7.12
C1C BCL TA . 5.95 7.56 -6.85
C2C BCL TA . 6.50 7.95 -5.52
C3C BCL TA . 6.41 6.63 -4.83
C4C BCL TA . 6.52 5.74 -6.02
CMC BCL TA . 7.94 8.40 -5.55
CAC BCL TA . 5.13 6.48 -4.02
CBC BCL TA . 3.91 6.08 -4.80
ND BCL TA . 6.48 3.75 -7.96
C1D BCL TA . 7.10 3.45 -6.83
C2D BCL TA . 7.55 2.04 -6.80
C3D BCL TA . 7.12 1.61 -8.13
C4D BCL TA . 6.52 2.63 -8.70
CMD BCL TA . 8.28 1.15 -5.85
CAD BCL TA . 7.10 0.46 -9.05
OBD BCL TA . 7.58 -0.68 -8.80
CBD BCL TA . 6.39 0.86 -10.29
CGD BCL TA . 7.17 0.68 -11.54
O1D BCL TA . 6.73 -0.10 -12.32
O2D BCL TA . 8.36 1.40 -11.91
CED BCL TA . 9.11 0.84 -12.97
C1 BCL TA . -1.42 2.67 -10.44
C2 BCL TA . -1.89 3.60 -11.50
C3 BCL TA . -2.53 3.15 -12.58
C4 BCL TA . -2.80 1.69 -12.73
C5 BCL TA . -2.97 4.11 -13.63
C6 BCL TA . -1.90 4.04 -14.71
C7 BCL TA . -0.70 4.91 -14.38
C8 BCL TA . 0.39 4.67 -15.40
C9 BCL TA . 0.69 3.19 -15.48
C10 BCL TA . 1.63 5.45 -14.98
C11 BCL TA . 2.31 6.13 -16.16
C12 BCL TA . 3.31 7.15 -15.62
C13 BCL TA . 4.13 7.79 -16.71
C14 BCL TA . 5.31 6.94 -17.10
C15 BCL TA . 4.66 9.13 -16.22
C16 BCL TA . 3.84 10.32 -16.67
C17 BCL TA . 3.09 10.05 -17.97
C18 BCL TA . 3.59 10.98 -19.06
C19 BCL TA . 3.70 12.39 -18.51
C20 BCL TA . 2.67 10.93 -20.28
MG BCL UA . 7.67 1.76 0.83
CHA BCL UA . 6.49 4.87 0.03
CHB BCL UA . 4.65 0.50 0.47
CHC BCL UA . 9.08 -1.32 1.14
CHD BCL UA . 10.90 3.11 1.12
NA BCL UA . 5.87 2.53 0.46
C1A BCL UA . 5.55 3.73 0.14
C2A BCL UA . 4.09 3.94 0.02
C3A BCL UA . 3.58 2.67 0.66
C4A BCL UA . 4.76 1.81 0.54
CMA BCL UA . 3.25 2.83 2.13
CAA BCL UA . 3.69 4.12 -1.44
CBA BCL UA . 2.23 4.51 -1.71
CGA BCL UA . 1.94 5.99 -1.86
O1A BCL UA . 2.43 6.79 -1.13
O2A BCL UA . 1.04 6.52 -2.87
NB BCL UA . 7.00 -0.16 0.79
C1B BCL UA . 5.71 -0.50 0.66
C2B BCL UA . 5.40 -1.93 0.67
C3B BCL UA . 6.73 -2.53 0.87
C4B BCL UA . 7.62 -1.34 0.96
CMB BCL UA . 4.03 -2.50 0.49
CAB BCL UA . 7.12 -3.98 0.97
OBB BCL UA . 8.23 -4.29 1.27
CBB BCL UA . 6.16 -5.07 0.67
NC BCL UA . 9.53 1.04 1.12
C1C BCL UA . 9.85 -0.26 1.27
C2C BCL UA . 11.28 -0.45 1.62
C3C BCL UA . 11.86 0.91 1.50
C4C BCL UA . 10.64 1.68 1.23
CMC BCL UA . 11.48 -0.85 3.06
CAC BCL UA . 12.87 1.07 0.38
CBC BCL UA . 14.24 0.61 0.77
ND BCL UA . 8.63 3.54 0.64
C1D BCL UA . 9.87 4.02 0.77
C2D BCL UA . 9.97 5.47 0.48
C3D BCL UA . 8.57 5.74 0.17
C4D BCL UA . 7.89 4.63 0.32
CMD BCL UA . 11.05 6.51 0.42
CAD BCL UA . 7.66 6.84 -0.20
OBD BCL UA . 7.98 8.03 -0.45
CBD BCL UA . 6.29 6.32 -0.35
CGD BCL UA . 5.35 7.18 0.44
O1D BCL UA . 5.06 6.93 1.57
O2D BCL UA . 4.77 8.33 -0.21
CED BCL UA . 4.05 9.39 0.43
C1 BCL UA . 0.82 7.94 -3.00
C2 BCL UA . 0.55 8.24 -4.46
C3 BCL UA . 1.31 9.04 -5.19
C4 BCL UA . 2.52 9.70 -4.59
C5 BCL UA . 1.00 9.25 -6.65
C6 BCL UA . 0.23 10.53 -6.90
C7 BCL UA . -0.54 10.41 -8.19
C8 BCL UA . -0.58 11.71 -8.99
C9 BCL UA . -1.28 12.81 -8.23
C10 BCL UA . -1.30 11.45 -10.30
C11 BCL UA . -0.33 10.90 -11.31
C12 BCL UA . -0.78 11.26 -12.71
C13 BCL UA . 0.12 10.59 -13.72
C14 BCL UA . 1.07 11.58 -14.36
C15 BCL UA . -0.80 9.91 -14.72
C16 BCL UA . -0.45 10.24 -16.15
C17 BCL UA . -1.68 10.11 -17.02
C18 BCL UA . -1.63 8.89 -17.93
C19 BCL UA . -0.21 8.59 -18.37
C20 BCL UA . -2.53 9.06 -19.14
O1D BPH VA . -9.14 10.27 -13.35
CGD BPH VA . -8.59 9.72 -12.42
O2D BPH VA . -8.31 8.43 -12.47
CED BPH VA . -8.65 7.73 -13.70
CBD BPH VA . -8.16 10.36 -11.17
CHA BPH VA . -6.84 9.82 -10.59
C4D BPH VA . -7.19 9.37 -9.32
C3D BPH VA . -8.54 9.46 -8.97
CAD BPH VA . -9.18 10.13 -10.03
OBD BPH VA . -10.36 10.51 -10.13
C2D BPH VA . -8.67 8.96 -7.68
CMD BPH VA . -9.89 8.83 -6.83
C1D BPH VA . -7.35 8.59 -7.30
ND BPH VA . -6.43 8.85 -8.31
CHD BPH VA . -6.91 8.02 -6.08
C4C BPH VA . -5.69 7.45 -5.79
C3C BPH VA . -5.43 6.55 -4.61
CAC BPH VA . -6.02 7.08 -3.26
CBC BPH VA . -5.68 8.52 -2.98
C2C BPH VA . -3.90 6.44 -4.65
CMC BPH VA . -3.35 5.07 -4.26
C1C BPH VA . -3.60 6.78 -6.06
NC BPH VA . -4.63 7.41 -6.67
CHC BPH VA . -2.36 6.57 -6.69
C4B BPH VA . -1.92 6.77 -8.01
C3B BPH VA . -0.60 6.50 -8.59
CAB BPH VA . 0.61 5.96 -7.95
CBB BPH VA . 0.60 5.38 -6.55
OBB BPH VA . 1.72 5.94 -8.50
C2B BPH VA . -0.70 6.89 -9.93
CMB BPH VA . 0.34 6.87 -11.03
C1B BPH VA . -2.01 7.35 -10.14
NB BPH VA . -2.75 7.28 -8.96
CHB BPH VA . -2.55 7.84 -11.34
C4A BPH VA . -3.69 8.58 -11.61
C3A BPH VA . -4.07 9.07 -12.95
CMA BPH VA . -4.40 7.92 -13.90
C2A BPH VA . -5.30 9.95 -12.66
C1A BPH VA . -5.69 9.53 -11.29
NA BPH VA . -4.72 8.72 -10.70
CAA BPH VA . -4.99 11.45 -12.74
CBA BPH VA . -4.70 11.91 -14.15
CGA BPH VA . -4.19 13.30 -14.19
O1A BPH VA . -3.80 13.91 -13.26
O2A BPH VA . -4.21 13.79 -15.38
C1 BPH VA . -3.72 15.15 -15.53
C2 BPH VA . -2.24 14.99 -15.78
C3 BPH VA . -1.73 14.47 -16.86
C4 BPH VA . -2.53 13.94 -18.05
C5 BPH VA . -0.22 14.34 -17.02
C6 BPH VA . 0.60 15.43 -16.36
C7 BPH VA . 2.08 15.18 -16.56
C8 BPH VA . 3.02 16.24 -16.00
C9 BPH VA . 2.72 17.61 -16.63
C10 BPH VA . 4.47 15.82 -16.28
C11 BPH VA . 4.79 14.52 -15.59
C12 BPH VA . 4.99 14.73 -14.09
C13 BPH VA . 5.16 13.44 -13.28
C14 BPH VA . 5.50 13.72 -11.83
C15 BPH VA . 6.30 12.58 -13.86
C16 BPH VA . 6.50 11.24 -13.18
C17 BPH VA . 7.69 10.41 -13.67
C18 BPH VA . 7.94 9.14 -12.86
C19 BPH VA . 7.00 8.07 -13.45
C20 BPH VA . 7.71 9.32 -11.36
C1 8K6 WA . 5.33 22.87 5.05
C2 8K6 WA . 5.97 23.77 4.01
C3 8K6 WA . 7.17 24.53 4.52
C4 8K6 WA . 6.92 25.34 5.76
C5 8K6 WA . 8.00 26.32 6.13
C6 8K6 WA . 9.37 25.70 6.38
C7 8K6 WA . 10.32 26.65 7.07
C8 8K6 WA . 11.70 26.11 7.33
C9 8K6 WA . 12.61 26.06 6.13
C10 8K6 WA . 14.08 25.96 6.48
C11 8K6 WA . 15.01 26.05 5.30
C12 8K6 WA . 16.46 26.26 5.69
C13 8K6 WA . 17.04 25.16 6.55
C14 8K6 WA . 17.22 23.83 5.85
C15 8K6 WA . 18.23 23.87 4.74
C1 8K6 XA . -16.81 13.95 0.12
C2 8K6 XA . -16.95 15.46 0.19
C3 8K6 XA . -16.34 16.19 -0.97
C4 8K6 XA . -16.46 17.69 -0.91
C5 8K6 XA . -15.87 18.41 -2.09
C6 8K6 XA . -14.39 18.19 -2.29
C7 8K6 XA . -13.83 18.80 -3.54
C8 8K6 XA . -12.32 18.79 -3.59
C9 8K6 XA . -11.73 19.44 -4.81
C10 8K6 XA . -10.24 19.73 -4.68
C11 8K6 XA . -9.61 20.36 -5.89
C12 8K6 XA . -8.21 20.85 -5.63
C13 8K6 XA . -7.32 19.83 -4.98
C14 8K6 XA . -6.04 20.39 -4.42
C15 8K6 XA . -5.24 19.39 -3.61
C16 8K6 XA . -4.03 19.98 -2.94
C17 8K6 XA . -3.28 19.00 -2.06
C18 8K6 XA . -2.10 19.62 -1.34
C1 8K6 YA . -4.95 35.03 -25.63
C2 8K6 YA . -4.25 33.92 -24.89
C3 8K6 YA . -5.17 33.07 -24.06
C4 8K6 YA . -4.47 31.96 -23.31
C5 8K6 YA . -5.37 31.15 -22.42
C6 8K6 YA . -4.64 30.15 -21.56
C7 8K6 YA . -5.49 29.46 -20.52
C8 8K6 YA . -4.68 28.72 -19.49
C9 8K6 YA . -3.70 29.58 -18.76
C10 8K6 YA . -2.75 28.84 -17.84
C11 8K6 YA . -3.40 28.27 -16.61
C12 8K6 YA . -4.13 29.28 -15.76
C13 8K6 YA . -4.12 28.96 -14.28
C14 8K6 YA . -4.61 27.57 -13.94
C15 8K6 YA . -4.35 27.17 -12.52
C16 8K6 YA . -4.77 25.75 -12.19
C17 8K6 YA . -4.35 25.30 -10.82
C18 8K6 YA . -4.88 26.15 -9.69
C1 8K6 ZA . 3.04 15.42 -26.54
C2 8K6 ZA . 4.47 15.77 -26.90
C3 8K6 ZA . 5.13 14.76 -27.80
C4 8K6 ZA . 6.51 15.16 -28.23
C5 8K6 ZA . 7.17 14.21 -29.22
C6 8K6 ZA . 7.56 12.88 -28.66
C7 8K6 ZA . 8.51 12.96 -27.48
C8 8K6 ZA . 9.17 11.66 -27.11
C9 8K6 ZA . 10.14 11.15 -28.14
C10 8K6 ZA . 11.41 11.95 -28.24
C11 8K6 ZA . 12.60 11.29 -27.57
C12 8K6 ZA . 13.10 10.05 -28.26
C13 8K6 ZA . 14.14 9.27 -27.49
C14 8K6 ZA . 14.71 8.09 -28.22
C15 8K6 ZA . 15.67 8.44 -29.32
C16 8K6 ZA . 16.13 7.27 -30.15
C17 8K6 ZA . 17.24 7.56 -31.13
C18 8K6 ZA . 18.54 7.96 -30.49
C1B LMT AB . 14.90 9.16 21.66
C2B LMT AB . 16.18 9.10 20.85
C3B LMT AB . 16.48 7.67 20.50
C4B LMT AB . 16.66 6.87 21.78
C5B LMT AB . 15.43 7.02 22.68
C6B LMT AB . 15.70 6.41 24.05
O1B LMT AB . 13.83 8.66 20.86
O2B LMT AB . 16.03 9.87 19.65
O3B LMT AB . 17.68 7.58 19.73
O4' LMT AB . 16.83 5.48 21.45
O5B LMT AB . 15.07 8.40 22.86
O6B LMT AB . 16.41 5.17 23.88
C1' LMT AB . 9.71 8.75 20.92
C2' LMT AB . 10.36 9.83 21.77
C3' LMT AB . 11.84 9.97 21.40
C4' LMT AB . 12.54 8.62 21.46
C5' LMT AB . 11.74 7.56 20.69
C6' LMT AB . 12.37 6.19 20.83
O1' LMT AB . 8.34 8.60 21.28
O2' LMT AB . 9.70 11.07 21.58
O3' LMT AB . 12.43 10.89 22.31
O5' LMT AB . 10.40 7.52 21.15
O6' LMT AB . 12.35 5.80 22.21
C1 LMT AB . 7.73 7.60 20.48
C2 LMT AB . 6.23 7.86 20.35
C3 LMT AB . 5.48 7.47 21.62
C4 LMT AB . 4.43 6.42 21.30
C5 LMT AB . 3.55 6.84 20.13
C6 LMT AB . 2.54 5.77 19.78
C7 LMT AB . 1.61 5.48 20.95
C8 LMT AB . 0.53 4.49 20.57
C9 LMT AB . -0.35 5.05 19.45
C1 8K6 BB . -15.48 7.85 -30.58
C2 8K6 BB . -14.46 8.21 -29.54
C3 8K6 BB . -14.08 7.07 -28.63
C4 8K6 BB . -13.02 7.42 -27.62
C5 8K6 BB . -11.71 7.87 -28.23
C6 8K6 BB . -10.71 8.42 -27.24
C7 8K6 BB . -10.25 7.44 -26.19
C8 8K6 BB . -9.28 8.07 -25.20
C9 8K6 BB . -8.75 7.13 -24.14
C10 8K6 BB . -7.95 7.86 -23.08
C11 8K6 BB . -7.36 6.98 -22.00
C12 8K6 BB . -6.19 6.14 -22.44
C13 8K6 BB . -5.36 5.62 -21.28
C14 8K6 BB . -4.20 4.73 -21.69
C15 8K6 BB . -3.18 4.53 -20.60
C16 8K6 BB . -2.09 3.53 -20.95
C17 8K6 BB . -0.92 3.51 -20.00
C18 8K6 BB . -0.10 4.77 -20.04
C01 PGV CB . -16.97 -8.29 2.77
C02 PGV CB . -17.95 -7.36 3.45
C03 PGV CB . -17.43 -6.96 4.83
O01 PGV CB . -19.19 -8.02 3.58
O02 PGV CB . -20.01 -6.39 2.16
O03 PGV CB . -17.49 -8.56 1.48
O04 PGV CB . -16.28 -6.89 0.54
O11 PGV CB . -16.48 -7.92 5.28
C1 PGV CB . -20.16 -7.48 2.66
C2 PGV CB . -21.40 -8.22 2.28
C3 PGV CB . -22.43 -7.12 2.09
C4 PGV CB . -23.23 -7.30 0.83
C5 PGV CB . -24.34 -6.26 0.85
C6 PGV CB . -25.73 -6.84 0.62
C19 PGV CB . -17.29 -7.56 0.46
C20 PGV CB . -18.27 -7.38 -0.66
C21 PGV CB . -19.18 -6.18 -0.46
C22 PGV CB . -20.25 -6.16 -1.52
C23 PGV CB . -21.47 -5.35 -1.11
C24 PGV CB . -22.42 -5.18 -2.29
C25 PGV CB . -22.28 -3.79 -2.92
C26 PGV CB . -23.42 -3.43 -3.84
FE FE DB . -19.27 -1.82 -5.86
MG BCL EB . 3.08 -9.14 5.96
CHA BCL EB . 2.83 -6.09 7.29
CHB BCL EB . 0.94 -10.33 8.22
CHC BCL EB . 3.19 -12.12 4.36
CHD BCL EB . 5.66 -8.02 3.85
NA BCL EB . 1.99 -8.36 7.42
C1A BCL EB . 1.92 -7.15 7.74
C2A BCL EB . 0.79 -6.85 8.68
C3A BCL EB . 0.60 -8.20 9.27
C4A BCL EB . 1.21 -9.05 8.25
CMA BCL EB . 1.37 -8.31 10.55
CAA BCL EB . -0.39 -6.26 7.93
CBA BCL EB . -1.54 -7.19 7.57
CGA BCL EB . -2.17 -6.61 6.35
O1A BCL EB . -1.44 -6.13 5.52
O2A BCL EB . -3.59 -6.56 6.14
NB BCL EB . 2.21 -10.98 6.24
C1B BCL EB . 1.36 -11.29 7.20
C2B BCL EB . 0.83 -12.66 7.24
C3B BCL EB . 1.49 -13.22 6.07
C4B BCL EB . 2.31 -12.11 5.53
CMB BCL EB . -0.14 -13.21 8.24
CAB BCL EB . 1.36 -14.61 5.53
OBB BCL EB . 1.37 -14.77 4.34
CBB BCL EB . 1.21 -15.76 6.47
NC BCL EB . 4.20 -9.94 4.49
C1C BCL EB . 4.10 -11.21 4.05
C2C BCL EB . 5.18 -11.56 3.09
C3C BCL EB . 6.01 -10.33 3.04
C4C BCL EB . 5.18 -9.40 3.86
CMC BCL EB . 6.04 -12.69 3.61
CAC BCL EB . 6.29 -9.79 1.63
CBC BCL EB . 5.08 -9.49 0.78
ND BCL EB . 4.13 -7.47 5.52
C1D BCL EB . 5.12 -7.05 4.75
C2D BCL EB . 5.46 -5.62 4.95
C3D BCL EB . 4.49 -5.27 5.99
C4D BCL EB . 3.80 -6.36 6.26
CMD BCL EB . 6.43 -4.64 4.39
CAD BCL EB . 4.03 -4.19 6.89
OBD BCL EB . 4.45 -2.99 6.92
CBD BCL EB . 2.92 -4.69 7.74
CGD BCL EB . 3.21 -4.60 9.19
O1D BCL EB . 2.58 -3.88 9.91
O2D BCL EB . 4.22 -5.37 9.83
CED BCL EB . 4.64 -4.95 11.10
C1 BCL EB . -4.33 -7.34 5.20
C2 BCL EB . -5.00 -8.48 5.91
C3 BCL EB . -5.97 -8.43 6.83
C4 BCL EB . -6.57 -7.15 7.31
C5 BCL EB . -6.47 -9.71 7.41
C6 BCL EB . -6.14 -9.89 8.90
C7 BCL EB . -4.65 -9.76 9.26
C8 BCL EB . -4.05 -10.99 9.92
C9 BCL EB . -4.98 -11.53 11.01
C10 BCL EB . -2.67 -10.62 10.45
C11 BCL EB . -2.35 -11.23 11.82
C12 BCL EB . -1.10 -10.64 12.46
C13 BCL EB . -1.44 -9.69 13.61
C14 BCL EB . -1.49 -8.23 13.19
C15 BCL EB . -0.42 -9.85 14.74
C16 BCL EB . -0.97 -9.32 16.04
C17 BCL EB . -1.41 -10.46 16.92
C18 BCL EB . -2.06 -9.99 18.22
C19 BCL EB . -3.21 -9.02 17.93
C20 BCL EB . -1.03 -9.36 19.15
MG BCL FB . 7.82 -4.95 -2.10
CHA BCL FB . 6.58 -7.96 -2.62
CHB BCL FB . 4.97 -3.49 -2.70
CHC BCL FB . 9.49 -2.02 -2.08
CHD BCL FB . 10.79 -6.41 -0.85
NA BCL FB . 6.06 -5.59 -2.70
C1A BCL FB . 5.72 -6.79 -2.92
C2A BCL FB . 4.26 -6.94 -3.22
C3A BCL FB . 3.77 -5.54 -3.18
C4A BCL FB . 5.01 -4.80 -2.85
CMA BCL FB . 3.22 -5.06 -4.48
CAA BCL FB . 3.51 -7.69 -2.16
CBA BCL FB . 2.26 -8.37 -2.66
CGA BCL FB . 1.27 -8.55 -1.54
O1A BCL FB . 0.17 -8.09 -1.61
O2A BCL FB . 1.62 -9.28 -0.35
NB BCL FB . 7.32 -2.99 -2.35
C1B BCL FB . 6.09 -2.56 -2.59
C2B BCL FB . 5.90 -1.12 -2.71
C3B BCL FB . 7.27 -0.66 -2.52
C4B BCL FB . 8.05 -1.90 -2.31
CMB BCL FB . 4.59 -0.43 -2.95
CAB BCL FB . 7.82 0.73 -2.50
OBB BCL FB . 8.99 0.90 -2.36
CBB BCL FB . 6.97 1.94 -2.57
NC BCL FB . 9.69 -4.34 -1.65
C1C BCL FB . 10.17 -3.11 -1.82
C2C BCL FB . 11.64 -3.03 -1.69
C3C BCL FB . 11.93 -4.25 -0.90
C4C BCL FB . 10.68 -5.01 -1.16
CMC BCL FB . 12.32 -3.22 -3.01
CAC BCL FB . 12.15 -4.02 0.59
CBC BCL FB . 13.56 -3.58 0.86
ND BCL FB . 8.67 -6.76 -1.75
C1D BCL FB . 9.78 -7.30 -1.28
C2D BCL FB . 9.76 -8.78 -1.27
C3D BCL FB . 8.45 -8.98 -1.84
C4D BCL FB . 7.89 -7.81 -2.05
CMD BCL FB . 10.67 -9.91 -0.90
CAD BCL FB . 7.48 -10.03 -2.21
OBD BCL FB . 7.65 -11.27 -2.15
CBD BCL FB . 6.33 -9.39 -2.81
CGD BCL FB . 6.55 -9.51 -4.29
O1D BCL FB . 5.71 -9.18 -5.08
O2D BCL FB . 7.77 -9.95 -4.91
CED BCL FB . 7.93 -9.92 -6.32
C1 BCL FB . 0.73 -9.53 0.73
C2 BCL FB . -0.18 -10.68 0.44
C3 BCL FB . 0.08 -11.93 0.84
C4 BCL FB . 1.32 -12.26 1.58
C5 BCL FB . -0.89 -13.02 0.53
C6 BCL FB . -0.95 -13.95 1.72
C7 BCL FB . -2.35 -14.49 1.85
C8 BCL FB . -2.42 -15.71 2.74
C9 BCL FB . -3.16 -16.83 2.05
C10 BCL FB . -3.16 -15.34 4.00
C11 BCL FB . -2.59 -16.03 5.20
C12 BCL FB . -3.32 -15.48 6.41
C13 BCL FB . -3.23 -16.35 7.62
C14 BCL FB . -4.42 -17.25 7.70
C15 BCL FB . -3.22 -15.47 8.84
C16 BCL FB . -2.77 -16.24 10.06
C17 BCL FB . -1.27 -16.42 10.02
C18 BCL FB . -0.70 -16.48 11.42
C19 BCL FB . -0.68 -15.10 12.05
C20 BCL FB . 0.68 -17.10 11.34
O1D BPH GB . -12.04 -15.00 4.26
CGD BPH GB . -11.20 -14.42 3.60
O2D BPH GB . -10.99 -13.12 3.75
CED BPH GB . -11.79 -12.42 4.73
CBD BPH GB . -10.32 -15.03 2.60
CHA BPH GB . -8.88 -14.54 2.66
C4D BPH GB . -8.71 -13.85 1.45
C3D BPH GB . -9.81 -13.83 0.59
CAD BPH GB . -10.79 -14.67 1.16
OBD BPH GB . -11.86 -15.10 0.70
C2D BPH GB . -9.41 -13.11 -0.54
CMD BPH GB . -10.20 -12.77 -1.79
C1D BPH GB . -8.08 -12.73 -0.30
ND BPH GB . -7.64 -13.20 0.93
CHD BPH GB . -7.21 -11.97 -1.13
C4C BPH GB . -6.11 -11.22 -0.76
C3C BPH GB . -5.41 -10.20 -1.64
CAC BPH GB . -5.14 -10.68 -3.09
CBC BPH GB . -6.30 -10.54 -4.03
C2C BPH GB . -4.11 -9.94 -0.87
CMC BPH GB . -3.69 -8.48 -0.85
C1C BPH GB . -4.42 -10.47 0.48
NC BPH GB . -5.46 -11.36 0.45
CHC BPH GB . -3.58 -10.36 1.59
C4B BPH GB . -3.68 -10.89 2.90
C3B BPH GB . -2.72 -10.79 3.98
CAB BPH GB . -1.43 -10.15 3.98
CBB BPH GB . -1.31 -8.70 3.58
OBB BPH GB . -0.39 -10.73 4.30
C2B BPH GB . -3.29 -11.46 5.04
CMB BPH GB . -2.75 -11.64 6.44
C1B BPH GB . -4.53 -11.95 4.62
NB BPH GB . -4.77 -11.60 3.30
CHB BPH GB . -5.43 -12.70 5.39
C4A BPH GB . -6.48 -13.51 5.04
C3A BPH GB . -7.36 -14.20 6.03
CMA BPH GB . -8.14 -13.19 6.87
C2A BPH GB . -8.29 -15.04 5.13
C1A BPH GB . -8.09 -14.41 3.78
NA BPH GB . -7.10 -13.45 3.80
CAA BPH GB . -7.96 -16.53 5.21
CBA BPH GB . -8.20 -17.10 6.61
CGA BPH GB . -7.63 -18.45 6.84
O1A BPH GB . -6.87 -19.00 6.15
O2A BPH GB . -8.06 -18.98 7.96
C1 BPH GB . -7.55 -20.31 8.31
C2 BPH GB . -6.30 -20.03 9.13
C3 BPH GB . -6.27 -20.02 10.44
C4 BPH GB . -5.01 -19.74 11.24
C5 BPH GB . -7.57 -20.31 11.21
C6 BPH GB . -7.88 -19.53 12.51
C7 BPH GB . -7.24 -20.09 13.77
C8 BPH GB . -7.59 -19.33 15.05
C9 BPH GB . -6.94 -20.01 16.27
C10 BPH GB . -9.12 -19.24 15.19
C11 BPH GB . -9.84 -19.18 16.52
C12 BPH GB . -10.38 -20.56 16.95
C13 BPH GB . -11.19 -20.54 18.25
C14 BPH GB . -11.65 -21.93 18.67
C15 BPH GB . -12.42 -19.65 18.05
C16 BPH GB . -13.35 -19.53 19.23
C17 BPH GB . -12.68 -18.94 20.49
C18 BPH GB . -13.57 -18.92 21.72
C19 BPH GB . -14.76 -18.02 21.34
C20 BPH GB . -12.88 -18.39 22.98
C1 MQ8 HB . -16.98 3.11 -11.35
O1 MQ8 HB . -17.03 3.04 -10.13
C2 MQ8 HB . -15.72 3.48 -12.03
C2M MQ8 HB . -14.55 3.82 -11.15
C3 MQ8 HB . -15.65 3.51 -13.41
C4 MQ8 HB . -16.86 3.28 -14.22
O4 MQ8 HB . -16.81 3.38 -15.45
C5 MQ8 HB . -18.14 2.92 -13.55
C6 MQ8 HB . -19.28 2.68 -14.32
C7 MQ8 HB . -20.46 2.34 -13.69
C8 MQ8 HB . -20.52 2.26 -12.30
C9 MQ8 HB . -19.39 2.51 -11.54
C10 MQ8 HB . -18.19 2.84 -12.16
C11 MQ8 HB . -14.35 3.85 -14.11
C12 MQ8 HB . -13.34 2.74 -14.06
C13 MQ8 HB . -12.81 2.06 -15.07
C14 MQ8 HB . -13.27 2.21 -16.49
C15 MQ8 HB . -11.68 1.10 -14.83
C16 MQ8 HB . -10.43 1.48 -15.60
C17 MQ8 HB . -9.19 1.05 -14.89
C18 MQ8 HB . -8.14 1.80 -14.56
C19 MQ8 HB . -6.95 1.28 -13.81
C20 MQ8 HB . -8.08 3.25 -14.94
C21 MQ8 HB . -6.71 3.87 -14.76
C22 MQ8 HB . -6.51 5.05 -15.65
C23 MQ8 HB . -5.68 5.15 -16.69
C24 MQ8 HB . -4.82 4.03 -17.18
C25 MQ8 HB . -5.54 6.44 -17.44
C26 MQ8 HB . -6.84 6.94 -18.03
C27 MQ8 HB . -6.74 8.28 -18.68
C28 MQ8 HB . -6.57 9.47 -18.11
C29 MQ8 HB . -6.45 9.68 -16.63
C30 MQ8 HB . -6.51 10.72 -18.93
C31 MQ8 HB . -6.60 10.48 -20.42
C32 MQ8 HB . -6.96 11.70 -21.19
C33 MQ8 HB . -6.25 12.82 -21.39
C34 MQ8 HB . -4.82 12.97 -20.99
C35 MQ8 HB . -6.89 14.02 -22.01
C36 MQ8 HB . -8.01 14.59 -21.17
C37 MQ8 HB . -8.78 15.66 -21.89
C38 MQ8 HB . -8.90 16.94 -21.56
C39 MQ8 HB . -8.23 17.56 -20.38
C40 MQ8 HB . -9.76 17.88 -22.37
C41 MQ8 HB . -10.52 17.24 -23.52
C42 MQ8 HB . -9.68 16.87 -24.72
C43 MQ8 HB . -9.26 17.67 -25.69
C44 MQ8 HB . -9.68 19.10 -25.76
C45 MQ8 HB . -8.33 17.21 -26.78
C46 MQ8 HB . -8.96 19.95 -26.79
C47 MQ8 HB . -9.25 21.40 -26.58
C48 MQ8 HB . -8.41 22.38 -26.28
C49 MQ8 HB . -8.87 23.73 -25.86
C50 MQ8 HB . -6.92 22.21 -26.35
C1M CRT IB . 1.51 -18.46 24.15
O1 CRT IB . 0.78 -18.38 22.93
C1 CRT IB . -0.66 -18.51 23.00
C2 CRT IB . -0.96 -19.91 23.54
C3 CRT IB . -1.20 -17.43 23.91
C4 CRT IB . -1.23 -18.36 21.59
C5 CRT IB . -0.80 -17.14 20.84
C6 CRT IB . -0.18 -17.13 19.67
C7 CRT IB . 0.38 -16.01 19.02
C8 CRT IB . 0.40 -14.71 19.73
C9 CRT IB . 0.89 -16.07 17.72
C10 CRT IB . 1.40 -15.06 16.93
C11 CRT IB . 1.86 -15.24 15.64
C12 CRT IB . 2.35 -14.31 14.72
C13 CRT IB . 2.51 -12.90 15.13
C14 CRT IB . 2.69 -14.68 13.40
C15 CRT IB . 3.09 -13.89 12.34
C16 CRT IB . 3.44 -14.40 11.10
C17 CRT IB . 3.82 -13.74 9.94
C18 CRT IB . 3.79 -12.26 9.91
C19 CRT IB . 4.22 -14.44 8.79
C20 CRT IB . 4.63 -13.97 7.56
C21 CRT IB . 4.93 -14.78 6.47
C22 CRT IB . 4.98 -16.16 6.47
C23 CRT IB . 4.89 -17.07 5.40
C24 CRT IB . 4.65 -16.54 4.03
C25 CRT IB . 5.02 -18.46 5.57
C26 CRT IB . 4.74 -19.48 4.69
C27 CRT IB . 4.96 -20.82 4.95
C28 CRT IB . 4.56 -21.95 4.22
C29 CRT IB . 3.67 -21.77 3.05
C30 CRT IB . 4.97 -23.25 4.57
C31 CRT IB . 4.56 -24.45 4.05
C32 CRT IB . 4.97 -25.68 4.51
C33 CRT IB . 4.49 -26.95 4.18
C34 CRT IB . 3.41 -27.06 3.17
C35 CRT IB . 4.96 -28.12 4.79
C36 CRT IB . 4.56 -29.36 4.52
C37 CRT IB . 5.01 -30.59 5.25
C38 CRT IB . 6.00 -31.47 4.48
C39 CRT IB . 5.43 -31.85 3.12
C40 CRT IB . 7.33 -30.75 4.35
O2 CRT IB . 6.24 -32.68 5.22
C2M CRT IB . 7.16 -33.60 4.68
P PGV JB . 18.35 -27.51 -8.33
C01 PGV JB . 17.03 -27.81 -12.88
C02 PGV JB . 16.43 -27.51 -11.52
C03 PGV JB . 17.08 -28.38 -10.45
O01 PGV JB . 15.04 -27.80 -11.58
O02 PGV JB . 14.73 -26.43 -9.73
O03 PGV JB . 15.99 -27.62 -13.85
O04 PGV JB . 17.35 -28.10 -15.65
O11 PGV JB . 18.23 -27.74 -9.91
O12 PGV JB . 19.92 -27.73 -8.04
O13 PGV JB . 17.58 -28.61 -7.63
O14 PGV JB . 18.00 -26.07 -8.02
C1 PGV JB . 14.25 -26.90 -10.75
C2 PGV JB . 12.84 -26.57 -11.17
C3 PGV JB . 12.17 -27.79 -11.77
C4 PGV JB . 10.92 -27.38 -12.52
C5 PGV JB . 10.06 -26.45 -11.67
C6 PGV JB . 8.87 -25.92 -12.45
C7 PGV JB . 8.06 -24.95 -11.61
C8 PGV JB . 6.81 -24.51 -12.36
C9 PGV JB . 6.03 -23.45 -11.58
C10 PGV JB . 5.68 -23.95 -10.18
C11 PGV JB . 4.43 -23.28 -9.70
C12 PGV JB . 3.49 -23.98 -9.07
C13 PGV JB . 2.23 -23.33 -8.57
C14 PGV JB . 1.06 -24.26 -8.81
C15 PGV JB . 0.19 -24.40 -7.56
C16 PGV JB . -0.66 -23.15 -7.32
C17 PGV JB . -1.60 -23.37 -6.14
C18 PGV JB . -2.61 -22.25 -6.03
C19 PGV JB . 16.23 -27.85 -15.27
C20 PGV JB . 15.08 -27.80 -16.25
C21 PGV JB . 13.91 -27.02 -15.64
C22 PGV JB . 12.84 -26.77 -16.68
C23 PGV JB . 11.48 -26.49 -16.05
C24 PGV JB . 11.02 -25.06 -16.31
C25 PGV JB . 9.50 -24.95 -16.27
C26 PGV JB . 9.03 -23.52 -16.41
C27 PGV JB . 7.61 -23.42 -16.95
C28 PGV JB . 6.59 -23.79 -15.88
C29 PGV JB . 5.19 -23.34 -16.30
C30 PGV JB . 4.60 -24.25 -17.37
C31 PGV JB . 3.32 -23.66 -17.96
C32 PGV JB . 3.63 -22.44 -18.81
C33 PGV JB . 2.36 -21.84 -19.41
C34 PGV JB . 1.46 -21.27 -18.34
P PGV KB . -17.35 -30.61 -2.95
C01 PGV KB . -13.68 -31.21 -0.68
C02 PGV KB . -13.52 -30.59 -2.07
C03 PGV KB . -14.72 -30.95 -2.92
O01 PGV KB . -12.31 -31.07 -2.67
O02 PGV KB . -12.27 -29.10 -3.86
O03 PGV KB . -12.41 -31.64 -0.19
O04 PGV KB . -12.93 -31.11 1.99
O11 PGV KB . -15.86 -30.23 -2.46
O12 PGV KB . -17.60 -32.05 -2.27
O13 PGV KB . -18.32 -29.63 -2.33
O14 PGV KB . -17.32 -30.79 -4.45
C1 PGV KB . -11.63 -30.04 -3.44
C2 PGV KB . -10.15 -30.14 -3.70
C3 PGV KB . -9.37 -29.73 -2.45
C4 PGV KB . -7.89 -30.08 -2.60
C5 PGV KB . -7.06 -29.50 -1.46
C6 PGV KB . -7.57 -29.94 -0.09
C7 PGV KB . -6.48 -29.74 0.97
C8 PGV KB . -7.09 -29.79 2.38
C9 PGV KB . -6.00 -29.83 3.45
C10 PGV KB . -5.28 -31.17 3.45
C11 PGV KB . -4.31 -31.20 4.61
C12 PGV KB . -4.09 -32.32 5.30
C13 PGV KB . -4.78 -33.61 4.95
C14 PGV KB . -3.76 -34.74 4.94
C19 PGV KB . -12.24 -31.79 1.25
C20 PGV KB . -11.25 -32.78 1.82
C21 PGV KB . -9.84 -32.23 1.68
C22 PGV KB . -8.91 -32.89 2.69
C23 PGV KB . -9.43 -32.66 4.11
C24 PGV KB . -8.49 -33.23 5.17
C25 PGV KB . -9.09 -33.06 6.56
C26 PGV KB . -10.50 -33.66 6.59
C27 PGV KB . -11.35 -33.01 7.67
C28 PGV KB . -12.84 -33.08 7.31
C29 PGV KB . -13.10 -32.44 5.96
C30 PGV KB . -14.57 -32.52 5.59
C31 PGV KB . -14.75 -32.60 4.07
C32 PGV KB . -16.22 -32.67 3.67
C33 PGV KB . -16.86 -31.29 3.67
C34 PGV KB . -18.30 -31.36 3.22
C1 8K6 LB . -15.48 -18.03 -11.13
C2 8K6 LB . -14.58 -17.74 -12.30
C3 8K6 LB . -13.79 -16.47 -12.17
C4 8K6 LB . -13.03 -16.06 -13.42
C5 8K6 LB . -11.86 -16.94 -13.78
C6 8K6 LB . -10.66 -16.77 -12.88
C7 8K6 LB . -9.36 -17.29 -13.46
C8 8K6 LB . -8.13 -16.81 -12.75
C9 8K6 LB . -7.83 -17.50 -11.44
C10 8K6 LB . -6.80 -16.78 -10.59
C11 8K6 LB . -6.16 -17.62 -9.52
C12 8K6 LB . -5.12 -18.59 -10.03
C13 8K6 LB . -4.33 -19.28 -8.95
C14 8K6 LB . -3.18 -20.11 -9.46
C15 8K6 LB . -2.17 -19.32 -10.26
C16 8K6 LB . -1.05 -20.16 -10.86
C17 8K6 LB . -0.10 -19.37 -11.72
C18 8K6 LB . 1.00 -20.20 -12.36
P PGV MB . 13.97 -6.50 -23.51
C01 PGV MB . 11.24 -4.63 -21.79
C02 PGV MB . 12.13 -5.32 -20.75
C03 PGV MB . 12.66 -6.66 -21.24
C04 PGV MB . 14.85 -4.03 -23.84
C05 PGV MB . 14.27 -2.65 -24.04
C06 PGV MB . 15.23 -1.60 -23.48
O01 PGV MB . 11.42 -5.46 -19.52
O02 PGV MB . 12.15 -3.31 -19.12
O03 PGV MB . 10.08 -5.40 -22.09
O04 PGV MB . 8.39 -4.40 -20.90
O05 PGV MB . 13.01 -2.54 -23.36
O06 PGV MB . 16.50 -1.72 -24.13
O11 PGV MB . 12.62 -6.63 -22.66
O12 PGV MB . 13.82 -4.98 -24.03
O13 PGV MB . 13.90 -7.45 -24.68
O14 PGV MB . 15.13 -6.54 -22.55
C1 PGV MB . 11.64 -4.32 -18.66
C2 PGV MB . 11.22 -4.35 -17.21
C3 PGV MB . 10.27 -3.19 -16.95
C4 PGV MB . 8.83 -3.65 -17.09
C5 PGV MB . 7.92 -2.78 -16.24
C6 PGV MB . 6.59 -3.46 -15.95
C7 PGV MB . 5.83 -2.74 -14.86
C8 PGV MB . 5.73 -1.26 -15.13
C9 PGV MB . 4.40 -0.88 -15.77
C10 PGV MB . 4.31 0.65 -15.91
C11 PGV MB . 5.57 1.15 -16.57
C12 PGV MB . 5.51 1.95 -17.63
C13 PGV MB . 4.17 2.37 -18.19
C14 PGV MB . 4.19 3.87 -18.45
C15 PGV MB . 4.34 4.19 -19.94
C16 PGV MB . 5.74 3.93 -20.46
C17 PGV MB . 5.75 2.76 -21.45
C18 PGV MB . 7.11 2.58 -22.08
C19 PGV MB . 8.79 -4.74 -22.00
C20 PGV MB . 7.98 -4.46 -23.24
C21 PGV MB . 6.62 -3.88 -22.85
C22 PGV MB . 6.71 -2.38 -22.54
C23 PGV MB . 5.61 -1.98 -21.57
C24 PGV MB . 4.24 -2.37 -22.07
C25 PGV MB . 3.15 -1.93 -21.11
C26 PGV MB . 3.13 -0.42 -20.94
C27 PGV MB . 1.84 0.05 -20.29
C28 PGV MB . 1.70 -0.46 -18.86
C29 PGV MB . 0.34 -0.12 -18.29
C30 PGV MB . 0.25 -0.44 -16.80
C31 PGV MB . 0.46 -1.92 -16.53
C32 PGV MB . -0.57 -2.43 -15.53
C33 PGV MB . -0.66 -1.51 -14.31
C34 PGV MB . -1.87 -1.83 -13.47
P PGV NB . 19.74 -7.02 -29.39
C01 PGV NB . 16.10 -6.39 -28.40
C02 PGV NB . 16.29 -7.87 -28.05
C03 PGV NB . 17.65 -8.35 -28.52
C04 PGV NB . 21.92 -8.50 -29.19
C05 PGV NB . 22.38 -9.95 -29.22
C06 PGV NB . 22.52 -10.42 -30.65
O01 PGV NB . 15.24 -8.64 -28.62
O02 PGV NB . 15.43 -10.08 -26.84
O03 PGV NB . 14.77 -6.02 -28.04
O04 PGV NB . 15.45 -3.99 -27.18
O05 PGV NB . 21.44 -10.77 -28.53
O06 PGV NB . 23.70 -9.86 -31.24
O11 PGV NB . 18.19 -7.47 -29.50
O12 PGV NB . 20.52 -8.43 -29.46
O13 PGV NB . 19.95 -6.43 -28.02
O14 PGV NB . 20.08 -6.20 -30.61
C1 PGV NB . 14.69 -9.54 -27.64
C2 PGV NB . 13.20 -9.82 -27.62
C3 PGV NB . 12.92 -11.03 -26.73
C4 PGV NB . 11.54 -11.61 -27.01
C5 PGV NB . 10.48 -10.52 -27.14
C6 PGV NB . 9.10 -11.14 -27.29
C7 PGV NB . 8.06 -10.16 -27.81
C8 PGV NB . 6.69 -10.82 -27.83
C9 PGV NB . 5.79 -10.24 -28.91
C10 PGV NB . 5.28 -8.85 -28.54
C11 PGV NB . 4.26 -8.42 -29.56
C12 PGV NB . 3.06 -8.01 -29.18
C13 PGV NB . 2.71 -7.94 -27.71
C14 PGV NB . 1.40 -7.18 -27.53
C15 PGV NB . 0.26 -7.88 -28.25
C16 PGV NB . -1.01 -7.86 -27.41
C17 PGV NB . -1.25 -9.21 -26.74
C18 PGV NB . -1.68 -10.25 -27.76
C19 PGV NB . 14.52 -4.65 -27.60
C20 PGV NB . 13.13 -4.07 -27.68
C21 PGV NB . 12.08 -5.12 -27.35
C22 PGV NB . 10.71 -4.49 -27.39
C23 PGV NB . 9.61 -5.51 -27.65
C24 PGV NB . 8.29 -4.81 -27.93
C25 PGV NB . 7.24 -5.79 -28.42
C26 PGV NB . 5.95 -5.05 -28.80
C27 PGV NB . 6.21 -4.05 -29.92
C28 PGV NB . 5.09 -3.01 -29.98
C29 PGV NB . 3.74 -3.66 -30.25
C30 PGV NB . 3.64 -4.15 -31.69
C31 PGV NB . 3.92 -3.02 -32.66
C32 PGV NB . 3.81 -3.50 -34.11
C33 PGV NB . 2.37 -3.85 -34.44
C34 PGV NB . 1.48 -2.64 -34.26
C1 8K6 OB . -7.17 -4.79 -31.48
C2 8K6 OB . -7.79 -6.15 -31.23
C3 8K6 OB . -6.78 -7.20 -30.84
C4 8K6 OB . -7.37 -8.56 -30.52
C5 8K6 OB . -8.15 -9.18 -31.65
C6 8K6 OB . -8.35 -10.66 -31.50
C7 8K6 OB . -9.30 -11.09 -30.40
C8 8K6 OB . -10.75 -11.09 -30.79
C9 8K6 OB . -11.65 -11.79 -29.80
C10 8K6 OB . -13.09 -11.94 -30.25
C11 8K6 OB . -13.94 -12.76 -29.29
C12 8K6 OB . -15.37 -12.91 -29.71
C13 8K6 OB . -15.57 -13.54 -31.07
C14 8K6 OB . -17.00 -13.89 -31.42
C15 8K6 OB . -17.94 -12.71 -31.59
C16 8K6 OB . -18.66 -12.28 -30.34
C17 8K6 OB . -19.64 -11.15 -30.53
C1 8K6 PB . -17.56 -15.78 -24.20
C2 8K6 PB . -17.23 -14.36 -23.79
C3 8K6 PB . -15.75 -14.08 -23.72
C4 8K6 PB . -15.00 -14.28 -25.01
C5 8K6 PB . -13.53 -13.96 -24.92
C6 8K6 PB . -13.22 -12.55 -24.47
C7 8K6 PB . -11.76 -12.26 -24.26
C8 8K6 PB . -10.92 -12.36 -25.51
C9 8K6 PB . -9.50 -11.90 -25.33
C10 8K6 PB . -8.67 -11.88 -26.58
C11 8K6 PB . -7.36 -11.15 -26.44
C12 8K6 PB . -6.56 -11.04 -27.72
C13 8K6 PB . -5.38 -10.10 -27.64
C14 8K6 PB . -5.76 -8.68 -27.29
C15 8K6 PB . -4.60 -7.72 -27.23
C16 8K6 PB . -4.99 -6.31 -26.84
C17 8K6 PB . -3.84 -5.35 -26.75
C18 8K6 PB . -4.25 -3.97 -26.28
C1 8K6 QB . -19.17 -17.58 -13.10
C2 8K6 QB . -18.49 -17.14 -14.37
C3 8K6 QB . -18.48 -15.64 -14.57
C4 8K6 QB . -17.89 -15.21 -15.89
C5 8K6 QB . -16.41 -15.48 -16.04
C6 8K6 QB . -15.91 -15.29 -17.45
C7 8K6 QB . -14.41 -15.31 -17.58
C8 8K6 QB . -13.72 -14.13 -16.93
C9 8K6 QB . -12.23 -14.08 -17.15
C10 8K6 QB . -11.82 -13.97 -18.60
C11 8K6 QB . -10.32 -13.87 -18.79
C12 8K6 QB . -9.88 -13.82 -20.23
C13 8K6 QB . -8.38 -13.79 -20.41
C14 8K6 QB . -7.90 -13.86 -21.83
C15 8K6 QB . -6.40 -13.91 -21.98
C16 8K6 QB . -5.91 -14.05 -23.39
C17 8K6 QB . -4.42 -14.15 -23.50
C18 8K6 QB . -3.92 -14.31 -24.92
C1 8K6 RB . -10.33 3.98 -24.57
C2 8K6 RB . -10.49 2.51 -24.24
C3 8K6 RB . -9.58 2.03 -23.14
C4 8K6 RB . -8.11 2.24 -23.42
C5 8K6 RB . -7.20 1.33 -22.63
C6 8K6 RB . -7.16 1.60 -21.15
C7 8K6 RB . -6.35 0.59 -20.38
C8 8K6 RB . -6.04 0.97 -18.95
C9 8K6 RB . -5.32 -0.11 -18.18
C10 8K6 RB . -4.83 0.30 -16.82
C11 8K6 RB . -4.37 -0.86 -15.96
C12 8K6 RB . -5.48 -1.83 -15.64
C13 8K6 RB . -5.05 -3.08 -14.91
C14 8K6 RB . -6.21 -4.02 -14.66
C15 8K6 RB . -5.82 -5.36 -14.09
MG MG SB . 21.78 -22.71 -19.43
MG BCL TB . -0.08 1.16 44.28
CHA BCL TB . -2.71 -0.78 43.34
CHB BCL TB . -2.08 3.80 44.52
CHC BCL TB . 2.63 2.98 45.09
CHD BCL TB . 2.08 -1.55 43.76
NA BCL TB . -2.03 1.48 43.99
C1A BCL TB . -2.95 0.62 43.74
C2A BCL TB . -4.32 1.22 43.74
C3A BCL TB . -4.01 2.68 43.59
C4A BCL TB . -2.61 2.68 44.04
CMA BCL TB . -4.16 3.11 42.14
CAA BCL TB . -5.09 1.01 45.03
CBA BCL TB . -6.48 0.49 44.70
CGA BCL TB . -7.42 1.48 44.10
O1A BCL TB . -7.80 1.34 42.95
O2A BCL TB . -7.93 2.58 44.88
NB BCL TB . 0.26 3.12 44.73
C1B BCL TB . -0.68 4.06 44.79
C2B BCL TB . -0.24 5.42 45.13
C3B BCL TB . 1.21 5.18 45.31
C4B BCL TB . 1.39 3.73 45.05
CMB BCL TB . -1.14 6.61 45.24
CAB BCL TB . 2.31 6.14 45.66
OBB BCL TB . 3.46 5.80 45.56
CBB BCL TB . 2.02 7.52 46.13
NC BCL TB . 1.89 0.81 44.48
C1C BCL TB . 2.81 1.69 44.87
C2C BCL TB . 4.18 1.11 45.02
C3C BCL TB . 3.98 -0.27 44.50
C4C BCL TB . 2.53 -0.28 44.27
CMC BCL TB . 5.24 1.81 44.20
CAC BCL TB . 4.27 -1.41 45.47
CBC BCL TB . 5.69 -1.90 45.36
ND BCL TB . -0.15 -0.77 43.67
C1D BCL TB . 0.69 -1.76 43.53
C2D BCL TB . 0.08 -3.00 43.05
C3D BCL TB . -1.32 -2.58 43.01
C4D BCL TB . -1.36 -1.31 43.38
CMD BCL TB . 0.68 -4.30 42.71
CAD BCL TB . -2.67 -3.01 42.65
OBD BCL TB . -2.98 -4.18 42.28
CBD BCL TB . -3.64 -1.90 42.95
CGD BCL TB . -4.68 -1.67 41.89
O1D BCL TB . -4.44 -1.21 40.82
O2D BCL TB . -6.03 -2.03 42.21
CED BCL TB . -7.02 -1.98 41.19
C1 BCL TB . -7.96 3.95 44.44
C2 BCL TB . -6.74 4.60 45.01
C3 BCL TB . -6.71 5.21 46.20
C4 BCL TB . -7.94 5.33 47.05
C5 BCL TB . -5.42 5.79 46.68
C6 BCL TB . -4.95 4.96 47.87
C7 BCL TB . -4.39 3.59 47.49
C8 BCL TB . -3.22 3.17 48.34
C9 BCL TB . -3.73 2.70 49.67
C10 BCL TB . -2.31 4.37 48.51
C11 BCL TB . -0.85 3.98 48.59
C12 BCL TB . -0.07 5.08 49.27
C13 BCL TB . 1.20 4.52 49.83
C14 BCL TB . 2.08 4.08 48.69
C15 BCL TB . 0.92 3.31 50.70
C16 BCL TB . 1.25 3.47 52.17
C17 BCL TB . 2.72 3.32 52.45
C18 BCL TB . 2.94 3.82 53.88
C19 BCL TB . 4.15 4.74 53.98
C20 BCL TB . 3.06 2.64 54.83
C1M CRT UB . -29.97 -3.95 44.99
O1 CRT UB . -29.61 -4.98 45.90
C1 CRT UB . -28.98 -6.16 45.35
C2 CRT UB . -28.91 -7.18 46.48
C3 CRT UB . -29.85 -6.65 44.20
C4 CRT UB . -27.57 -5.84 44.85
C5 CRT UB . -26.98 -6.80 43.88
C6 CRT UB . -25.74 -6.85 43.43
C7 CRT UB . -24.54 -6.64 44.14
C8 CRT UB . -24.43 -7.17 45.52
C9 CRT UB . -23.45 -5.91 43.63
C10 CRT UB . -22.18 -5.77 44.15
C11 CRT UB . -21.24 -4.83 43.79
C12 CRT UB . -19.89 -4.75 44.12
C13 CRT UB . -19.24 -5.95 44.71
C14 CRT UB . -19.12 -3.60 43.93
C15 CRT UB . -17.79 -3.37 44.20
C16 CRT UB . -17.16 -2.17 43.99
C17 CRT UB . -15.81 -1.81 44.12
C18 CRT UB . -14.84 -2.82 44.62
C19 CRT UB . -15.35 -0.53 43.80
C20 CRT UB . -14.05 -0.04 43.76
C21 CRT UB . -13.63 1.15 43.21
C22 CRT UB . -12.37 1.68 43.03
C23 CRT UB . -11.99 2.77 42.21
C24 CRT UB . -13.05 3.54 41.53
C25 CRT UB . -10.66 3.12 42.00
C26 CRT UB . -10.13 4.00 41.07
C27 CRT UB . -8.79 4.24 40.91
C28 CRT UB . -8.12 5.00 39.94
C29 CRT UB . -8.92 5.79 38.97
C30 CRT UB . -6.73 5.03 39.85
C31 CRT UB . -5.91 5.53 38.86
C32 CRT UB . -4.55 5.36 38.89
C33 CRT UB . -3.57 5.74 37.97
C34 CRT UB . -3.98 6.45 36.73
C35 CRT UB . -2.20 5.47 38.17
C36 CRT UB . -1.18 5.75 37.39
C37 CRT UB . 0.25 5.51 37.76
C38 CRT UB . 1.07 4.64 36.80
C39 CRT UB . 2.52 4.60 37.24
C40 CRT UB . 0.47 3.25 36.71
O2 CRT UB . 1.03 5.24 35.49
C2M CRT UB . 1.76 4.62 34.44
MG BCL VB . -0.52 -8.17 44.38
CHA BCL VB . -3.05 -6.06 45.00
CHB BCL VB . -2.56 -10.37 43.01
CHC BCL VB . 2.16 -10.10 43.78
CHD BCL VB . 1.70 -5.94 46.00
NA BCL VB . -2.49 -8.26 44.07
C1A BCL VB . -3.35 -7.34 44.30
C2A BCL VB . -4.70 -7.71 43.82
C3A BCL VB . -4.59 -9.17 43.53
C4A BCL VB . -3.12 -9.31 43.56
CMA BCL VB . -5.28 -10.04 44.57
CAA BCL VB . -5.07 -7.01 42.54
CBA BCL VB . -6.29 -6.13 42.75
CGA BCL VB . -7.46 -6.68 42.02
O1A BCL VB . -8.01 -7.68 42.42
O2A BCL VB . -7.93 -6.01 40.83
NB BCL VB . -0.21 -9.99 43.53
C1B BCL VB . -1.16 -10.75 42.99
C2B BCL VB . -0.72 -12.02 42.39
C3B BCL VB . 0.73 -11.95 42.63
C4B BCL VB . 0.90 -10.66 43.33
CMB BCL VB . -1.60 -13.02 41.74
CAB BCL VB . 1.80 -12.89 42.27
OBB BCL VB . 2.86 -12.81 42.78
CBB BCL VB . 1.60 -13.89 41.18
NC BCL VB . 1.45 -8.10 44.81
C1C BCL VB . 2.35 -9.02 44.52
C2C BCL VB . 3.72 -8.73 44.99
C3C BCL VB . 3.58 -7.33 45.45
C4C BCL VB . 2.12 -7.16 45.38
CMC BCL VB . 4.15 -9.59 46.15
CAC BCL VB . 4.21 -6.29 44.53
CBC BCL VB . 5.42 -5.68 45.16
ND BCL VB . -0.52 -6.39 45.35
C1D BCL VB . 0.33 -5.56 45.93
C2D BCL VB . -0.28 -4.32 46.44
C3D BCL VB . -1.65 -4.58 46.04
C4D BCL VB . -1.71 -5.75 45.42
CMD BCL VB . 0.20 -3.12 47.14
CAD BCL VB . -3.00 -4.01 46.09
OBD BCL VB . -3.26 -2.88 46.60
CBD BCL VB . -3.94 -4.94 45.42
CGD BCL VB . -4.99 -5.39 46.38
O1D BCL VB . -4.72 -5.69 47.51
O2D BCL VB . -6.37 -5.46 46.01
CED BCL VB . -7.26 -6.23 46.79
C1 BCL VB . -9.25 -6.17 40.32
C2 BCL VB . -10.28 -5.90 41.38
C3 BCL VB . -11.56 -6.16 41.17
C4 BCL VB . -12.00 -6.74 39.86
C5 BCL VB . -12.56 -5.89 42.26
C6 BCL VB . -13.84 -6.60 41.90
C7 BCL VB . -15.06 -5.72 42.13
C8 BCL VB . -15.66 -5.21 40.84
C9 BCL VB . -15.39 -3.73 40.64
C10 BCL VB . -17.16 -5.48 40.86
C11 BCL VB . -17.42 -6.91 40.44
C12 BCL VB . -18.81 -7.35 40.84
C13 BCL VB . -19.61 -7.95 39.67
C14 BCL VB . -20.27 -9.24 40.12
C15 BCL VB . -18.70 -8.14 38.46
C16 BCL VB . -19.04 -9.40 37.68
C17 BCL VB . -18.18 -9.48 36.42
C18 BCL VB . -18.41 -10.78 35.67
C19 BCL VB . -17.29 -11.77 35.95
C20 BCL VB . -18.55 -10.54 34.16
MG BCL WB . -15.77 8.30 46.57
CHA BCL WB . -14.84 11.18 48.05
CHB BCL WB . -14.69 9.38 43.61
CHC BCL WB . -16.67 5.32 45.18
CHD BCL WB . -16.61 6.94 49.71
NA BCL WB . -14.95 9.99 45.91
C1A BCL WB . -14.69 11.06 46.57
C2A BCL WB . -14.14 12.16 45.70
C3A BCL WB . -13.84 11.44 44.41
C4A BCL WB . -14.54 10.17 44.65
CMA BCL WB . -14.39 12.09 43.15
CAA BCL WB . -12.87 12.81 46.21
CBA BCL WB . -11.62 12.42 45.45
CGA BCL WB . -10.76 11.53 46.30
O1A BCL WB . -11.02 11.38 47.49
O2A BCL WB . -9.64 10.85 45.70
NB BCL WB . -15.67 7.46 44.71
C1B BCL WB . -15.23 8.04 43.58
C2B BCL WB . -15.29 7.25 42.33
C3B BCL WB . -15.91 6.01 42.84
C4B BCL WB . -16.10 6.28 44.26
CMB BCL WB . -14.83 7.66 40.97
CAB BCL WB . -16.29 4.75 42.15
OBB BCL WB . -16.18 3.69 42.73
CBB BCL WB . -16.84 4.83 40.75
NC BCL WB . -16.47 6.55 47.25
C1C BCL WB . -16.87 5.52 46.48
C2C BCL WB . -17.56 4.47 47.26
C3C BCL WB . -17.00 4.75 48.61
C4C BCL WB . -16.65 6.18 48.46
CMC BCL WB . -19.06 4.69 47.23
CAC BCL WB . -15.73 3.98 48.87
CBC BCL WB . -15.58 3.68 50.33
ND BCL WB . -15.74 8.80 48.54
C1D BCL WB . -16.10 8.29 49.72
C2D BCL WB . -15.87 9.22 50.86
C3D BCL WB . -15.36 10.37 50.13
C4D BCL WB . -15.33 10.06 48.84
CMD BCL WB . -16.04 9.22 52.36
CAD BCL WB . -14.86 11.74 50.33
OBD BCL WB . -14.75 12.35 51.44
CBD BCL WB . -14.51 12.30 48.99
CGD BCL WB . -15.28 13.56 48.75
O1D BCL WB . -16.38 13.57 48.20
O2D BCL WB . -14.72 14.82 49.17
CED BCL WB . -15.54 15.94 49.50
C1 BCL WB . -9.50 10.76 44.29
C2 BCL WB . -10.29 9.60 43.74
C3 BCL WB . -9.75 8.62 43.01
C4 BCL WB . -8.29 8.62 42.69
C5 BCL WB . -10.63 7.51 42.51
C6 BCL WB . -11.60 7.09 43.62
C7 BCL WB . -10.93 6.12 44.58
C8 BCL WB . -11.83 5.77 45.74
C9 BCL WB . -12.98 4.90 45.29
C10 BCL WB . -12.34 7.04 46.36
C11 BCL WB . -12.48 6.84 47.87
C12 BCL WB . -11.70 7.91 48.59
C13 BCL WB . -12.25 8.12 49.98
C14 BCL WB . -11.37 9.10 50.75
C15 BCL WB . -12.36 6.79 50.69
C16 BCL WB . -12.64 6.98 52.18
C17 BCL WB . -13.64 5.95 52.70
C18 BCL WB . -13.47 5.78 54.21
C19 BCL WB . -14.36 4.69 54.76
C20 BCL WB . -13.72 7.11 54.94
C1M CRT XB . -30.10 -22.74 41.19
O1 CRT XB . -29.72 -24.06 41.54
C1 CRT XB . -29.13 -24.87 40.51
C2 CRT XB . -28.98 -26.27 41.08
C3 CRT XB . -30.05 -24.84 39.30
C4 CRT XB . -27.75 -24.31 40.14
C5 CRT XB . -27.16 -24.81 38.84
C6 CRT XB . -25.92 -24.62 38.40
C7 CRT XB . -24.73 -24.61 39.15
C8 CRT XB . -24.54 -25.61 40.23
C9 CRT XB . -23.71 -23.66 38.95
C10 CRT XB . -22.43 -23.65 39.49
C11 CRT XB . -21.58 -22.57 39.57
C12 CRT XB . -20.23 -22.53 39.93
C13 CRT XB . -19.46 -23.80 39.91
C14 CRT XB . -19.57 -21.36 40.34
C15 CRT XB . -18.26 -21.18 40.71
C16 CRT XB . -17.72 -19.99 41.11
C17 CRT XB . -16.40 -19.67 41.44
C18 CRT XB . -15.39 -20.76 41.48
C19 CRT XB . -16.01 -18.36 41.72
C20 CRT XB . -14.73 -17.85 41.95
C21 CRT XB . -14.36 -16.53 42.00
C22 CRT XB . -13.12 -15.94 42.08
C23 CRT XB . -12.78 -14.60 41.85
C24 CRT XB . -13.88 -13.62 41.61
C25 CRT XB . -11.46 -14.13 41.80
C26 CRT XB . -11.00 -12.91 41.38
C27 CRT XB . -9.66 -12.56 41.34
C28 CRT XB . -9.06 -11.41 40.80
C29 CRT XB . -9.92 -10.35 40.22
C30 CRT XB . -7.68 -11.24 40.78
C31 CRT XB . -6.90 -10.31 40.14
C32 CRT XB . -5.52 -10.42 40.19
C33 CRT XB . -4.53 -9.68 39.54
C34 CRT XB . -4.92 -8.51 38.72
C35 CRT XB . -3.18 -10.03 39.64
C36 CRT XB . -2.12 -9.49 39.05
C37 CRT XB . -0.72 -9.91 39.35
C38 CRT XB . 0.12 -10.36 38.14
C39 CRT XB . 1.54 -10.63 38.59
C40 CRT XB . -0.51 -11.59 37.50
O2 CRT XB . 0.13 -9.31 37.16
C2M CRT XB . 0.87 -9.50 35.97
MG BCL YB . -0.87 -16.38 43.40
CHA BCL YB . -3.28 -17.83 41.49
CHB BCL YB . -3.05 -14.24 44.63
CHC BCL YB . 1.70 -14.93 45.03
CHD BCL YB . 1.53 -18.51 41.93
NA BCL YB . -2.83 -16.07 43.14
C1A BCL YB . -3.66 -16.76 42.45
C2A BCL YB . -5.06 -16.32 42.66
C3A BCL YB . -4.88 -14.95 43.23
C4A BCL YB . -3.49 -15.07 43.70
CMA BCL YB . -5.09 -13.86 42.20
CAA BCL YB . -5.77 -17.13 43.69
CBA BCL YB . -7.17 -17.48 43.23
CGA BCL YB . -8.15 -16.34 43.19
O1A BCL YB . -8.66 -16.04 42.14
O2A BCL YB . -8.49 -15.62 44.39
NB BCL YB . -0.67 -14.78 44.63
C1B BCL YB . -1.67 -14.02 45.08
C2B BCL YB . -1.34 -12.91 45.97
C3B BCL YB . 0.12 -13.11 46.11
C4B BCL YB . 0.39 -14.30 45.26
CMB BCL YB . -2.34 -11.93 46.53
CAB BCL YB . 1.11 -12.32 46.88
OBB BCL YB . 2.25 -12.70 46.93
CBB BCL YB . 0.78 -11.03 47.55
NC BCL YB . 1.12 -16.70 43.57
C1C BCL YB . 1.96 -16.02 44.34
C2C BCL YB . 3.34 -16.53 44.31
C3C BCL YB . 3.30 -17.62 43.32
C4C BCL YB . 1.86 -17.57 42.97
CMC BCL YB . 4.31 -15.52 43.76
CAC BCL YB . 3.69 -18.98 43.84
CBC BCL YB . 5.16 -19.23 43.64
ND BCL YB . -0.75 -17.85 42.01
C1D BCL YB . 0.17 -18.65 41.53
C2D BCL YB . -0.31 -19.56 40.50
C3D BCL YB . -1.73 -19.23 40.52
C4D BCL YB . -1.91 -18.27 41.42
CMD BCL YB . 0.38 -20.57 39.68
CAD BCL YB . -3.03 -19.54 39.91
OBD BCL YB . -3.21 -20.45 39.05
CBD BCL YB . -4.09 -18.72 40.58
CGD BCL YB . -5.06 -18.08 39.64
O1D BCL YB . -4.83 -17.09 39.01
O2D BCL YB . -6.34 -18.70 39.49
CED BCL YB . -7.46 -17.88 39.24
C1 BCL YB . -8.69 -14.20 44.44
C2 BCL YB . -7.61 -13.68 45.32
C3 BCL YB . -7.75 -13.58 46.65
C4 BCL YB . -9.02 -13.92 47.34
C5 BCL YB . -6.58 -13.10 47.46
C6 BCL YB . -6.02 -14.35 48.13
C7 BCL YB . -5.03 -15.07 47.22
C8 BCL YB . -4.60 -16.51 47.53
C9 BCL YB . -5.80 -17.36 47.98
C10 BCL YB . -3.49 -16.51 48.58
C11 BCL YB . -2.59 -15.29 48.42
C12 BCL YB . -1.11 -15.57 48.57
C13 BCL YB . -0.68 -15.21 49.97
C14 BCL YB . -0.57 -13.71 50.10
C15 BCL YB . 0.64 -15.91 50.25
C16 BCL YB . 0.37 -17.24 50.96
C17 BCL YB . 1.66 -17.90 51.45
C18 BCL YB . 1.78 -17.75 52.95
C19 BCL YB . 2.87 -16.76 53.32
C20 BCL YB . 2.05 -19.10 53.58
MG BCL ZB . -0.57 -24.86 39.54
CHA BCL ZB . -3.26 -23.39 40.88
CHB BCL ZB . -2.42 -26.27 37.18
CHC BCL ZB . 2.23 -26.20 38.28
CHD BCL ZB . 1.48 -23.35 42.01
NA BCL ZB . -2.52 -24.89 39.11
C1A BCL ZB . -3.44 -24.26 39.69
C2A BCL ZB . -4.76 -24.47 39.03
C3A BCL ZB . -4.53 -25.60 38.11
C4A BCL ZB . -3.05 -25.61 38.13
CMA BCL ZB . -5.13 -26.91 38.60
CAA BCL ZB . -5.14 -23.31 38.17
CBA BCL ZB . -6.34 -22.57 38.74
CGA BCL ZB . -7.52 -22.79 37.86
O1A BCL ZB . -7.87 -23.92 37.65
O2A BCL ZB . -8.23 -21.67 37.28
NB BCL ZB . -0.12 -26.07 37.95
C1B BCL ZB . -1.00 -26.56 37.08
C2B BCL ZB . -0.48 -27.39 36.00
C3B BCL ZB . 0.94 -27.37 36.33
C4B BCL ZB . 1.03 -26.53 37.54
CMB BCL ZB . -1.26 -28.02 34.90
CAB BCL ZB . 2.07 -28.00 35.63
OBB BCL ZB . 3.09 -28.15 36.22
CBB BCL ZB . 1.99 -28.37 34.19
NC BCL ZB . 1.38 -24.87 40.04
C1C BCL ZB . 2.33 -25.55 39.41
C2C BCL ZB . 3.67 -25.44 40.04
C3C BCL ZB . 3.44 -24.37 41.03
C4C BCL ZB . 1.99 -24.24 40.98
CMC BCL ZB . 4.11 -26.70 40.73
CAC BCL ZB . 4.01 -23.04 40.60
CBC BCL ZB . 5.09 -22.53 41.53
ND BCL ZB . -0.69 -23.63 41.14
C1D BCL ZB . 0.08 -23.06 42.07
C2D BCL ZB . -0.64 -22.20 43.03
C3D BCL ZB . -1.99 -22.38 42.50
C4D BCL ZB . -1.94 -23.18 41.45
CMD BCL ZB . -0.29 -21.34 44.20
CAD BCL ZB . -3.38 -21.99 42.70
OBD BCL ZB . -3.75 -21.21 43.62
CBD BCL ZB . -4.26 -22.62 41.69
CGD BCL ZB . -5.32 -23.46 42.31
O1D BCL ZB . -5.10 -24.24 43.19
O2D BCL ZB . -6.68 -23.38 41.89
CED BCL ZB . -7.60 -24.37 42.30
C1 BCL ZB . -9.45 -21.88 36.60
C2 BCL ZB . -10.62 -21.88 37.55
C3 BCL ZB . -11.83 -22.17 37.09
C4 BCL ZB . -12.04 -22.47 35.66
C5 BCL ZB . -13.01 -22.19 38.03
C6 BCL ZB . -14.26 -22.64 37.26
C7 BCL ZB . -15.53 -22.06 37.86
C8 BCL ZB . -16.29 -21.19 36.86
C9 BCL ZB . -16.34 -19.75 37.32
C10 BCL ZB . -17.69 -21.71 36.70
C11 BCL ZB . -17.82 -22.61 35.49
C12 BCL ZB . -18.65 -23.83 35.87
C13 BCL ZB . -19.79 -24.04 34.90
C14 BCL ZB . -20.98 -24.60 35.65
C15 BCL ZB . -19.37 -25.00 33.80
C16 BCL ZB . -19.68 -24.48 32.41
C17 BCL ZB . -18.47 -23.78 31.83
C18 BCL ZB . -18.20 -24.20 30.39
C19 BCL ZB . -17.38 -25.48 30.34
C20 BCL ZB . -17.49 -23.09 29.64
MG BCL AC . -16.92 -11.47 47.89
CHA BCL AC . -16.04 -9.30 50.34
CHB BCL AC . -15.74 -9.37 45.58
CHC BCL AC . -17.72 -13.74 45.50
CHD BCL AC . -17.68 -13.92 50.30
NA BCL AC . -16.10 -9.65 47.92
C1A BCL AC . -15.91 -8.87 48.93
C2A BCL AC . -15.54 -7.47 48.50
C3A BCL AC . -15.08 -7.66 47.09
C4A BCL AC . -15.67 -9.00 46.83
CMA BCL AC . -15.62 -6.62 46.12
CAA BCL AC . -14.41 -6.82 49.27
CBA BCL AC . -13.06 -6.90 48.60
CGA BCL AC . -12.16 -7.73 49.45
O1A BCL AC . -12.38 -7.95 50.62
O2A BCL AC . -10.98 -8.29 48.82
NB BCL AC . -16.74 -11.59 45.86
C1B BCL AC . -16.25 -10.62 45.06
C2B BCL AC . -16.23 -10.86 43.61
C3B BCL AC . -16.84 -12.20 43.58
C4B BCL AC . -17.10 -12.52 45.01
CMB BCL AC . -15.71 -9.93 42.56
CAB BCL AC . -17.12 -13.04 42.39
OBB BCL AC . -17.03 -14.23 42.52
CBB BCL AC . -17.50 -12.41 41.09
NC BCL AC . -17.65 -13.34 47.87
C1C BCL AC . -17.97 -14.04 46.77
C2C BCL AC . -18.66 -15.33 47.04
C3C BCL AC . -18.48 -15.45 48.51
C4C BCL AC . -17.88 -14.14 48.87
CMC BCL AC . -20.12 -15.28 46.70
CAC BCL AC . -17.59 -16.62 48.90
CBC BCL AC . -16.25 -16.64 48.20
ND BCL AC . -16.88 -11.71 49.91
C1D BCL AC . -17.23 -12.64 50.80
C2D BCL AC . -17.03 -12.19 52.21
C3D BCL AC . -16.55 -10.83 51.96
C4D BCL AC . -16.52 -10.63 50.64
CMD BCL AC . -17.19 -12.75 53.60
CAD BCL AC . -16.11 -9.60 52.64
OBD BCL AC . -16.01 -9.44 53.90
CBD BCL AC . -15.77 -8.58 51.62
CGD BCL AC . -16.58 -7.30 51.78
O1D BCL AC . -17.70 -7.17 51.36
O2D BCL AC . -15.97 -6.15 52.43
CED BCL AC . -16.35 -5.82 53.75
C1 BCL AC . -10.41 -7.57 47.75
C2 BCL AC . -10.72 -8.27 46.45
C3 BCL AC . -9.95 -9.25 45.98
C4 BCL AC . -8.74 -9.67 46.75
C5 BCL AC . -10.34 -9.91 44.68
C6 BCL AC . -11.83 -10.21 44.81
C7 BCL AC . -12.17 -11.69 44.55
C8 BCL AC . -12.29 -12.56 45.80
C9 BCL AC . -13.24 -13.71 45.55
C10 BCL AC . -12.74 -11.74 46.98
C11 BCL AC . -13.22 -12.64 48.09
C12 BCL AC . -12.64 -12.12 49.40
C13 BCL AC . -13.39 -12.71 50.56
C14 BCL AC . -12.76 -12.27 51.88
C15 BCL AC . -13.42 -14.22 50.42
C16 BCL AC . -13.82 -14.89 51.72
C17 BCL AC . -14.54 -16.21 51.49
C18 BCL AC . -14.12 -17.21 52.57
C19 BCL AC . -15.10 -18.37 52.65
C20 BCL AC . -13.98 -16.53 53.92
C1M CRT BC . -29.24 -38.05 29.48
O1 CRT BC . -28.46 -39.21 29.27
C1 CRT BC . -27.78 -39.34 28.00
C2 CRT BC . -27.29 -40.77 27.90
C3 CRT BC . -28.79 -39.02 26.91
C4 CRT BC . -26.60 -38.37 27.92
C5 CRT BC . -26.03 -38.19 26.54
C6 CRT BC . -24.87 -38.61 26.07
C7 CRT BC . -23.60 -38.78 26.67
C8 CRT BC . -22.80 -39.96 26.26
C9 CRT BC . -23.01 -37.88 27.56
C10 CRT BC . -21.68 -37.85 27.93
C11 CRT BC . -20.99 -36.96 28.71
C12 CRT BC . -19.60 -36.86 28.89
C13 CRT BC . -18.73 -37.78 28.10
C14 CRT BC . -18.98 -35.97 29.77
C15 CRT BC . -17.64 -35.80 30.05
C16 CRT BC . -17.13 -34.87 30.94
C17 CRT BC . -15.81 -34.60 31.28
C18 CRT BC . -14.73 -35.42 30.69
C19 CRT BC . -15.47 -33.55 32.13
C20 CRT BC . -14.21 -33.11 32.52
C21 CRT BC . -13.89 -31.93 33.16
C22 CRT BC . -12.67 -31.39 33.51
C23 CRT BC . -12.39 -30.07 33.89
C24 CRT BC . -13.53 -29.12 34.05
C25 CRT BC . -11.10 -29.59 34.10
C26 CRT BC . -10.68 -28.28 34.27
C27 CRT BC . -9.38 -27.90 34.46
C28 CRT BC . -8.82 -26.61 34.50
C29 CRT BC . -9.72 -25.44 34.45
C30 CRT BC . -7.44 -26.41 34.61
C31 CRT BC . -6.69 -25.27 34.44
C32 CRT BC . -5.32 -25.33 34.49
C33 CRT BC . -4.35 -24.35 34.22
C34 CRT BC . -4.78 -22.98 33.85
C35 CRT BC . -2.98 -24.65 34.28
C36 CRT BC . -1.95 -23.84 34.04
C37 CRT BC . -0.52 -24.28 34.22
C38 CRT BC . 0.39 -24.07 33.01
C39 CRT BC . 1.82 -24.46 33.37
C40 CRT BC . -0.12 -24.86 31.81
O2 CRT BC . 0.36 -22.67 32.68
C2M CRT BC . 1.20 -22.18 31.66
MG BCL CC . -0.42 -31.89 35.13
CHA BCL CC . -2.74 -32.50 32.71
CHB BCL CC . -2.75 -30.41 36.99
CHC BCL CC . 2.00 -31.13 37.33
CHD BCL CC . 2.11 -32.74 32.88
NA BCL CC . -2.39 -31.61 34.97
C1A BCL CC . -3.17 -32.03 34.04
C2A BCL CC . -4.60 -31.78 34.35
C3A BCL CC . -4.49 -30.70 35.39
C4A BCL CC . -3.11 -30.90 35.83
CMA BCL CC . -4.72 -29.31 34.82
CAA BCL CC . -5.30 -32.99 34.91
CBA BCL CC . -6.64 -33.09 34.20
CGA BCL CC . -7.63 -32.11 34.75
O1A BCL CC . -8.23 -31.40 33.99
O2A BCL CC . -7.88 -32.04 36.18
NB BCL CC . -0.36 -30.88 36.91
C1B BCL CC . -1.40 -30.36 37.55
C2B BCL CC . -1.13 -29.68 38.81
C3B BCL CC . 0.31 -29.89 38.93
C4B BCL CC . 0.67 -30.65 37.70
CMB BCL CC . -2.15 -29.00 39.68
CAB BCL CC . 1.23 -29.47 40.01
OBB BCL CC . 2.37 -29.83 39.98
CBB BCL CC . 0.79 -28.61 41.13
NC BCL CC . 1.58 -32.07 35.18
C1C BCL CC . 2.35 -31.74 36.21
C2C BCL CC . 3.78 -32.10 35.99
C3C BCL CC . 3.79 -32.63 34.61
C4C BCL CC . 2.37 -32.47 34.26
CMC BCL CC . 4.68 -30.89 36.03
CAC BCL CC . 4.17 -34.11 34.47
CBC BCL CC . 5.62 -34.29 34.12
ND BCL CC . -0.22 -32.47 33.20
C1D BCL CC . 0.76 -32.82 32.41
C2D BCL CC . 0.34 -33.20 31.06
C3D BCL CC . -1.11 -33.07 31.21
C4D BCL CC . -1.34 -32.68 32.46
CMD BCL CC . 1.11 -33.61 29.87
CAD BCL CC . -2.38 -33.19 30.51
OBD BCL CC . -2.52 -33.59 29.32
CBD BCL CC . -3.50 -32.90 31.47
CGD BCL CC . -4.52 -31.98 30.91
O1D BCL CC . -4.34 -30.81 30.80
O2D BCL CC . -5.79 -32.54 30.49
CED BCL CC . -6.82 -31.73 29.99
C1 BCL CC . -8.25 -30.84 36.85
C2 BCL CC . -7.28 -30.65 37.98
C3 BCL CC . -7.57 -31.03 39.22
C4 BCL CC . -8.89 -31.64 39.54
C5 BCL CC . -6.57 -30.84 40.32
C6 BCL CC . -5.21 -31.28 39.79
C7 BCL CC . -4.95 -32.75 40.07
C8 BCL CC . -4.31 -33.47 38.89
C9 BCL CC . -4.72 -34.93 38.85
C10 BCL CC . -2.80 -33.34 38.99
C11 BCL CC . -2.20 -33.94 40.25
C12 BCL CC . -1.49 -32.86 41.07
C13 BCL CC . -0.04 -33.19 41.33
C14 BCL CC . 0.70 -33.20 40.02
C15 BCL CC . 0.12 -34.54 41.99
C16 BCL CC . 1.57 -35.00 42.01
C17 BCL CC . 1.68 -36.50 41.85
C18 BCL CC . 2.20 -37.16 43.11
C19 BCL CC . 3.29 -36.33 43.78
C20 BCL CC . 2.69 -38.56 42.82
MG BCL DC . 0.34 -37.60 27.81
CHA BCL DC . -2.42 -37.04 29.61
CHB BCL DC . -1.40 -38.00 25.04
CHC BCL DC . 3.27 -38.10 26.19
CHD BCL DC . 2.30 -37.19 30.75
NA BCL DC . -1.59 -37.60 27.37
C1A BCL DC . -2.54 -37.31 28.15
C2A BCL DC . -3.85 -37.26 27.44
C3A BCL DC . -3.55 -37.90 26.13
C4A BCL DC . -2.08 -37.85 26.16
CMA BCL DC . -4.09 -39.32 26.06
CAA BCL DC . -4.26 -35.85 27.19
CBA BCL DC . -5.46 -35.50 28.03
CGA BCL DC . -6.68 -35.48 27.19
O1A BCL DC . -7.08 -36.52 26.74
O2A BCL DC . -7.35 -34.23 26.92
NB BCL DC . 0.88 -37.99 25.89
C1B BCL DC . 0.04 -38.11 24.87
C2B BCL DC . 0.63 -38.38 23.55
C3B BCL DC . 2.05 -38.41 23.91
C4B BCL DC . 2.08 -38.17 25.35
CMB BCL DC . -0.11 -38.54 22.26
CAB BCL DC . 3.22 -38.62 23.05
OBB BCL DC . 4.23 -38.96 23.58
CBB BCL DC . 3.17 -38.37 21.58
NC BCL DC . 2.30 -37.66 28.30
C1C BCL DC . 3.32 -37.92 27.48
C2C BCL DC . 4.66 -37.90 28.13
C3C BCL DC . 4.33 -37.36 29.47
C4C BCL DC . 2.86 -37.43 29.45
CMC BCL DC . 5.28 -39.26 28.31
CAC BCL DC . 4.69 -35.90 29.66
CBC BCL DC . 5.97 -35.72 30.42
ND BCL DC . 0.14 -37.19 29.79
C1D BCL DC . 0.88 -37.04 30.88
C2D BCL DC . 0.12 -36.74 32.10
C3D BCL DC . -1.23 -36.76 31.53
C4D BCL DC . -1.13 -37.00 30.24
CMD BCL DC . 0.48 -36.50 33.52
CAD BCL DC . -2.65 -36.58 31.88
OBD BCL DC . -3.08 -36.32 33.04
CBD BCL DC . -3.46 -36.78 30.65
CGD BCL DC . -4.40 -37.92 30.79
O1D BCL DC . -4.09 -38.95 31.30
O2D BCL DC . -5.75 -37.85 30.29
CED BCL DC . -6.64 -38.90 30.53
C1 BCL DC . -8.59 -34.15 26.22
C2 BCL DC . -9.69 -34.78 27.04
C3 BCL DC . -10.92 -34.89 26.56
C4 BCL DC . -11.24 -34.38 25.20
C5 BCL DC . -12.00 -35.53 27.38
C6 BCL DC . -13.28 -35.55 26.57
C7 BCL DC . -14.33 -34.81 27.36
C8 BCL DC . -15.45 -34.23 26.54
C9 BCL DC . -16.31 -33.35 27.42
C10 BCL DC . -16.27 -35.36 25.98
C11 BCL DC . -17.36 -34.81 25.08
C12 BCL DC . -18.17 -35.95 24.49
C13 BCL DC . -18.91 -35.46 23.26
C14 BCL DC . -19.38 -36.64 22.43
C15 BCL DC . -17.98 -34.56 22.46
C16 BCL DC . -17.81 -34.98 21.00
C17 BCL DC . -16.78 -34.09 20.34
C18 BCL DC . -16.75 -34.30 18.84
C19 BCL DC . -15.33 -34.27 18.30
C20 BCL DC . -17.58 -33.24 18.13
MG BCL EC . -16.86 -30.05 40.69
CHA BCL EC . -16.10 -29.12 43.85
CHB BCL EC . -15.73 -27.16 39.53
CHC BCL EC . -17.48 -31.12 37.53
CHD BCL EC . -17.53 -33.32 41.79
NA BCL EC . -16.12 -28.39 41.52
C1A BCL EC . -15.94 -28.12 42.77
C2A BCL EC . -15.44 -26.72 43.02
C3A BCL EC . -15.14 -26.23 41.64
C4A BCL EC . -15.70 -27.34 40.83
CMA BCL EC . -15.81 -24.91 41.32
CAA BCL EC . -14.18 -26.64 43.87
CBA BCL EC . -12.97 -26.09 43.14
CGA BCL EC . -11.81 -27.05 43.27
O1A BCL EC . -11.98 -28.18 43.66
O2A BCL EC . -10.47 -26.62 42.94
NB BCL EC . -16.62 -29.28 38.82
C1B BCL EC . -16.16 -28.06 38.51
C2B BCL EC . -16.09 -27.68 37.10
C3B BCL EC . -16.62 -28.89 36.51
C4B BCL EC . -16.91 -29.79 37.63
CMB BCL EC . -15.59 -26.41 36.49
CAB BCL EC . -16.82 -29.19 35.08
OBB BCL EC . -16.48 -30.28 34.70
CBB BCL EC . -17.40 -28.14 34.18
NC BCL EC . -17.42 -31.78 39.83
C1C BCL EC . -17.66 -31.97 38.52
C2C BCL EC . -18.10 -33.34 38.16
C3C BCL EC . -17.95 -34.05 39.45
C4C BCL EC . -17.60 -32.94 40.39
CMC BCL EC . -19.53 -33.36 37.70
CAC BCL EC . -16.88 -35.14 39.44
CBC BCL EC . -15.63 -34.76 38.70
ND BCL EC . -16.82 -31.14 42.40
C1D BCL EC . -17.12 -32.38 42.80
C2D BCL EC . -16.95 -32.58 44.27
C3D BCL EC . -16.53 -31.22 44.65
C4D BCL EC . -16.50 -30.48 43.55
CMD BCL EC . -17.10 -33.67 45.27
CAD BCL EC . -16.15 -30.39 45.80
OBD BCL EC . -16.06 -30.79 47.01
CBD BCL EC . -15.84 -29.02 45.32
CGD BCL EC . -16.68 -27.95 45.98
O1D BCL EC . -17.67 -27.47 45.45
O2D BCL EC . -16.34 -27.43 47.28
CED BCL EC . -17.36 -27.20 48.24
C1 BCL EC . -9.78 -27.15 41.81
C2 BCL EC . -10.70 -27.00 40.64
C3 BCL EC . -10.29 -26.89 39.37
C4 BCL EC . -8.84 -26.92 39.04
C5 BCL EC . -11.32 -26.78 38.28
C6 BCL EC . -11.67 -28.21 37.86
C7 BCL EC . -12.65 -28.85 38.83
C8 BCL EC . -12.55 -30.36 38.86
C9 BCL EC . -12.61 -30.94 37.46
C10 BCL EC . -13.69 -30.91 39.68
C11 BCL EC . -13.30 -32.17 40.41
C12 BCL EC . -12.75 -31.89 41.78
C13 BCL EC . -13.24 -32.93 42.76
C14 BCL EC . -12.82 -32.56 44.17
C15 BCL EC . -12.71 -34.30 42.39
C16 BCL EC . -13.78 -35.39 42.46
C17 BCL EC . -13.62 -36.39 41.31
C18 BCL EC . -13.11 -37.74 41.78
C19 BCL EC . -12.05 -38.32 40.83
C20 BCL EC . -14.25 -38.73 41.93
MG BCL FC . 0.93 -42.16 21.03
CHA BCL FC . -1.33 -41.81 18.50
CHB BCL FC . -1.49 -41.73 23.27
CHC BCL FC . 3.29 -42.17 23.45
CHD BCL FC . 3.53 -42.04 18.68
NA BCL FC . -1.05 -41.90 20.93
C1A BCL FC . -1.80 -41.92 19.90
C2A BCL FC . -3.24 -41.91 20.26
C3A BCL FC . -3.20 -41.31 21.63
C4A BCL FC . -1.82 -41.66 22.00
CMA BCL FC . -3.48 -39.82 21.64
CAA BCL FC . -3.84 -43.27 20.37
CBA BCL FC . -5.11 -43.32 19.57
CGA BCL FC . -6.25 -42.56 20.16
O1A BCL FC . -6.70 -41.62 19.53
O2A BCL FC . -6.82 -42.94 21.43
NB BCL FC . 0.93 -41.94 23.06
C1B BCL FC . -0.15 -41.80 23.84
C2B BCL FC . 0.08 -41.69 25.28
C3B BCL FC . 1.53 -41.82 25.35
C4B BCL FC . 1.93 -41.98 23.93
CMB BCL FC . -0.98 -41.49 26.33
CAB BCL FC . 2.43 -41.78 26.55
OBB BCL FC . 3.58 -42.07 26.44
CBB BCL FC . 1.92 -41.37 27.89
NC BCL FC . 2.93 -42.22 21.08
C1C BCL FC . 3.68 -42.28 22.18
C2C BCL FC . 5.12 -42.45 21.90
C3C BCL FC . 5.19 -42.32 20.43
C4C BCL FC . 3.76 -42.20 20.09
CMC BCL FC . 5.93 -41.37 22.55
CAC BCL FC . 5.75 -43.52 19.71
CBC BCL FC . 7.24 -43.43 19.51
ND BCL FC . 1.18 -41.95 19.03
C1D BCL FC . 2.19 -41.94 18.17
C2D BCL FC . 1.79 -41.78 16.76
C3D BCL FC . 0.34 -41.74 16.92
C4D BCL FC . 0.08 -41.87 18.22
CMD BCL FC . 2.59 -41.68 15.52
CAD BCL FC . -0.93 -41.59 16.21
OBD BCL FC . -1.08 -41.49 14.95
CBD BCL FC . -2.07 -41.72 17.18
CGD BCL FC . -3.16 -40.71 17.03
O1D BCL FC . -3.04 -39.57 17.35
O2D BCL FC . -4.41 -41.15 16.49
CED BCL FC . -5.37 -40.22 16.04
C1 BCL FC . -7.04 -42.08 22.55
C2 BCL FC . -5.94 -42.36 23.53
C3 BCL FC . -6.05 -43.20 24.56
C4 BCL FC . -7.32 -43.92 24.86
C5 BCL FC . -4.84 -43.41 25.43
C6 BCL FC . -4.23 -44.78 25.17
C7 BCL FC . -4.04 -45.17 23.69
C8 BCL FC . -2.62 -45.53 23.33
C9 BCL FC . -2.53 -47.02 23.10
C10 BCL FC . -1.72 -45.09 24.46
C11 BCL FC . -0.34 -45.71 24.49
C12 BCL FC . 0.16 -45.68 25.92
C13 BCL FC . 1.48 -46.39 26.10
C14 BCL FC . 2.52 -45.33 25.95
C15 BCL FC . 1.72 -47.49 25.08
C16 BCL FC . 2.19 -48.80 25.69
C17 BCL FC . 3.67 -49.08 25.44
C18 BCL FC . 4.07 -50.29 26.27
C19 BCL FC . 5.12 -49.95 27.33
C20 BCL FC . 4.55 -51.42 25.36
C1M CRT GC . -27.62 -46.12 12.36
O1 CRT GC . -26.86 -47.20 11.88
C1 CRT GC . -26.14 -47.02 10.64
C2 CRT GC . -25.73 -48.41 10.16
C3 CRT GC . -27.10 -46.36 9.67
C4 CRT GC . -24.89 -46.15 10.83
C5 CRT GC . -24.20 -45.75 9.56
C6 CRT GC . -22.98 -46.08 9.14
C7 CRT GC . -21.79 -46.36 9.84
C8 CRT GC . -20.97 -47.50 9.37
C9 CRT GC . -21.28 -45.63 10.92
C10 CRT GC . -19.97 -45.63 11.36
C11 CRT GC . -19.33 -45.03 12.42
C12 CRT GC . -17.95 -44.96 12.67
C13 CRT GC . -17.02 -45.40 11.61
C14 CRT GC . -17.39 -44.53 13.88
C15 CRT GC . -16.05 -44.45 14.25
C16 CRT GC . -15.60 -44.03 15.48
C17 CRT GC . -14.27 -43.84 15.92
C18 CRT GC . -13.16 -44.28 15.06
C19 CRT GC . -13.98 -43.21 17.14
C20 CRT GC . -12.76 -42.87 17.68
C21 CRT GC . -12.51 -42.07 18.78
C22 CRT GC . -11.33 -41.62 19.32
C23 CRT GC . -11.13 -40.59 20.26
C24 CRT GC . -12.31 -39.93 20.84
C25 CRT GC . -9.86 -40.14 20.65
C26 CRT GC . -9.50 -39.05 21.40
C27 CRT GC . -8.21 -38.71 21.72
C28 CRT GC . -7.72 -37.56 22.35
C29 CRT GC . -8.68 -36.56 22.88
C30 CRT GC . -6.34 -37.34 22.52
C31 CRT GC . -5.66 -36.21 22.90
C32 CRT GC . -4.29 -36.20 22.93
C33 CRT GC . -3.38 -35.15 23.19
C34 CRT GC . -3.92 -33.81 23.50
C35 CRT GC . -2.00 -35.35 23.15
C36 CRT GC . -1.02 -34.49 23.39
C37 CRT GC . 0.43 -34.86 23.37
C38 CRT GC . 1.29 -34.12 22.33
C39 CRT GC . 2.75 -34.52 22.48
C40 CRT GC . 0.78 -34.42 20.92
O2 CRT GC . 1.15 -32.71 22.58
C2M CRT GC . 1.87 -31.80 21.75
MG BCL HC . 2.11 -44.44 12.07
CHA BCL HC . -0.71 -44.68 13.81
CHB BCL HC . 0.48 -43.71 9.30
CHC BCL HC . 5.09 -44.16 10.51
CHD BCL HC . 3.97 -45.25 14.98
NA BCL HC . 0.19 -44.28 11.58
C1A BCL HC . -0.80 -44.34 12.36
C2A BCL HC . -2.08 -44.06 11.65
C3A BCL HC . -1.71 -44.17 10.22
C4A BCL HC . -0.24 -44.06 10.34
CMA BCL HC . -2.16 -45.48 9.59
CAA BCL HC . -2.57 -42.67 11.88
CBA BCL HC . -3.76 -42.60 12.80
CGA BCL HC . -4.97 -42.21 12.05
O1A BCL HC . -5.31 -42.90 11.12
O2A BCL HC . -5.69 -41.02 12.40
NB BCL HC . 2.73 -44.01 10.16
C1B BCL HC . 1.93 -43.71 9.14
C2B BCL HC . 2.59 -43.39 7.86
C3B BCL HC . 3.99 -43.53 8.24
C4B BCL HC . 3.95 -43.89 9.67
CMB BCL HC . 1.94 -43.02 6.57
CAB BCL HC . 5.22 -43.31 7.43
OBB BCL HC . 6.27 -43.67 7.87
CBB BCL HC . 5.20 -42.62 6.13
NC BCL HC . 4.06 -44.65 12.57
C1C BCL HC . 5.10 -44.53 11.76
C2C BCL HC . 6.42 -44.79 12.39
C3C BCL HC . 6.05 -44.80 13.83
C4C BCL HC . 4.58 -44.89 13.72
CMC BCL HC . 7.01 -46.12 12.01
CAC BCL HC . 6.35 -43.51 14.56
CBC BCL HC . 7.39 -43.70 15.64
ND BCL HC . 1.86 -44.89 14.01
C1D BCL HC . 2.56 -45.18 15.10
C2D BCL HC . 1.76 -45.42 16.31
C3D BCL HC . 0.43 -45.20 15.72
C4D BCL HC . 0.57 -44.90 14.45
CMD BCL HC . 2.05 -45.75 17.72
CAD BCL HC . -0.99 -45.17 16.05
OBD BCL HC . -1.47 -45.40 17.20
CBD BCL HC . -1.77 -44.86 14.84
CGD BCL HC . -2.66 -46.01 14.55
O1D BCL HC . -2.32 -47.16 14.72
O2D BCL HC . -3.98 -45.79 14.05
CED BCL HC . -4.84 -46.87 13.79
C1 BCL HC . -6.96 -40.69 11.85
C2 BCL HC . -8.02 -41.70 12.23
C3 BCL HC . -9.19 -41.72 11.58
C4 BCL HC . -9.46 -40.75 10.48
C5 BCL HC . -10.23 -42.74 11.96
C6 BCL HC . -11.57 -42.30 11.36
C7 BCL HC . -12.48 -41.74 12.45
C8 BCL HC . -13.80 -41.24 11.88
C9 BCL HC . -14.68 -40.78 13.02
C10 BCL HC . -14.48 -42.35 11.11
C11 BCL HC . -14.80 -41.91 9.68
C12 BCL HC . -15.99 -42.64 9.09
C13 BCL HC . -17.07 -41.68 8.60
C14 BCL HC . -17.34 -41.83 7.10
C15 BCL HC . -16.68 -40.23 8.96
C16 BCL HC . -16.66 -39.32 7.74
C17 BCL HC . -15.46 -38.39 7.80
C18 BCL HC . -15.16 -37.80 6.42
C19 BCL HC . -14.60 -36.41 6.58
C20 BCL HC . -16.39 -37.80 5.50
MG BCL IC . -15.38 -43.78 26.28
CHA BCL IC . -14.84 -44.32 29.54
CHB BCL IC . -14.47 -40.60 26.59
CHC BCL IC . -16.09 -43.34 22.98
CHD BCL IC . -15.99 -47.23 25.80
NA BCL IC . -14.80 -42.61 27.80
C1A BCL IC . -14.68 -42.94 29.02
C2A BCL IC . -14.29 -41.78 29.91
C3A BCL IC . -14.03 -40.68 28.93
C4A BCL IC . -14.47 -41.33 27.67
CMA BCL IC . -14.81 -39.41 29.19
CAA BCL IC . -13.05 -42.05 30.74
CBA BCL IC . -11.95 -41.04 30.48
CGA BCL IC . -10.66 -41.74 30.23
O1A BCL IC . -10.62 -42.94 30.26
O2A BCL IC . -9.47 -40.96 29.97
NB BCL IC . -15.28 -42.23 24.97
C1B BCL IC . -14.91 -40.97 25.26
C2B BCL IC . -14.92 -39.98 24.18
C3B BCL IC . -15.42 -40.82 23.09
C4B BCL IC . -15.60 -42.16 23.68
CMB BCL IC . -14.53 -38.53 24.25
CAB BCL IC . -15.68 -40.46 21.70
OBB BCL IC . -15.36 -41.25 20.86
CBB BCL IC . -16.32 -39.16 21.38
NC BCL IC . -15.94 -44.96 24.74
C1C BCL IC . -16.24 -44.54 23.49
C2C BCL IC . -16.73 -45.61 22.60
C3C BCL IC . -16.56 -46.83 23.44
C4C BCL IC . -16.12 -46.24 24.74
CMC BCL IC . -18.19 -45.42 22.24
CAC BCL IC . -15.52 -47.79 22.88
CBC BCL IC . -14.15 -47.20 22.73
ND BCL IC . -15.42 -45.51 27.32
C1D BCL IC . -15.68 -46.81 27.13
C2D BCL IC . -15.58 -47.62 28.37
C3D BCL IC . -15.24 -46.55 29.32
C4D BCL IC . -15.18 -45.41 28.66
CMD BCL IC . -15.73 -49.05 28.78
CAD BCL IC . -14.92 -46.30 30.74
OBD BCL IC . -14.89 -47.18 31.67
CBD BCL IC . -14.67 -44.86 30.93
CGD BCL IC . -15.65 -44.28 31.91
O1D BCL IC . -16.48 -43.43 31.62
O2D BCL IC . -15.65 -44.75 33.25
CED BCL IC . -15.83 -43.85 34.33
C1 BCL IC . -8.84 -41.08 28.70
C2 BCL IC . -9.73 -40.44 27.68
C3 BCL IC . -9.25 -39.80 26.61
C4 BCL IC . -7.78 -39.73 26.39
C5 BCL IC . -10.19 -39.20 25.62
C6 BCL IC . -11.17 -40.29 25.21
C7 BCL IC . -10.63 -41.15 24.08
C8 BCL IC . -10.99 -42.62 24.20
C9 BCL IC . -12.02 -43.03 23.16
C10 BCL IC . -11.50 -42.89 25.59
C11 BCL IC . -11.78 -44.36 25.80
C12 BCL IC . -11.22 -44.72 27.14
C13 BCL IC . -11.73 -46.07 27.57
C14 BCL IC . -11.30 -46.40 28.99
C15 BCL IC . -11.23 -47.11 26.58
C16 BCL IC . -12.09 -48.35 26.74
C17 BCL IC . -12.35 -48.99 25.39
C18 BCL IC . -12.13 -50.49 25.49
C19 BCL IC . -12.48 -51.15 24.17
C20 BCL IC . -12.91 -51.08 26.65
C1 8K6 JC . -19.29 -31.08 15.44
C2 8K6 JC . -19.41 -29.87 16.35
C3 8K6 JC . -18.35 -29.78 17.41
C4 8K6 JC . -16.93 -29.58 16.92
C5 8K6 JC . -15.93 -29.41 18.04
C6 8K6 JC . -14.54 -29.03 17.58
C7 8K6 JC . -13.62 -28.63 18.70
C8 8K6 JC . -13.14 -29.76 19.59
C9 8K6 JC . -12.06 -30.61 18.96
C10 8K6 JC . -11.49 -31.66 19.88
C11 8K6 JC . -12.45 -32.76 20.26
C12 8K6 JC . -11.84 -33.84 21.11
C13 8K6 JC . -12.78 -34.98 21.44
C1 8K6 KC . -20.63 -25.82 15.99
C2 8K6 KC . -19.24 -26.21 16.44
C3 8K6 KC . -18.31 -25.03 16.60
C4 8K6 KC . -16.91 -25.39 17.02
C5 8K6 KC . -15.97 -24.21 17.11
C6 8K6 KC . -14.54 -24.56 17.45
C7 8K6 KC . -13.91 -25.57 16.51
C8 8K6 KC . -12.41 -25.45 16.41
C9 8K6 KC . -11.67 -25.59 17.72
C10 8K6 KC . -10.22 -25.18 17.65
C11 8K6 KC . -9.47 -25.30 18.96
C12 8K6 KC . -9.10 -26.72 19.33
C13 8K6 KC . -8.02 -27.33 18.47
C14 8K6 KC . -7.65 -28.73 18.86
C15 8K6 KC . -6.53 -29.34 18.05
C16 8K6 KC . -6.32 -30.80 18.32
C17 8K6 KC . -5.28 -31.52 17.49
C18 8K6 KC . -3.85 -31.22 17.86
MG BCL LC . 3.21 -45.75 3.98
CHA BCL LC . 0.93 -44.60 1.71
CHB BCL LC . 0.74 -46.38 6.11
CHC BCL LC . 5.54 -46.66 6.24
CHD BCL LC . 5.80 -44.59 1.94
NA BCL LC . 1.21 -45.59 3.93
C1A BCL LC . 0.46 -45.25 2.94
C2A BCL LC . -0.98 -45.41 3.25
C3A BCL LC . -0.99 -45.40 4.74
C4A BCL LC . 0.41 -45.80 4.98
CMA BCL LC . -1.34 -44.03 5.31
CAA BCL LC . -1.54 -46.71 2.75
CBA BCL LC . -2.88 -46.51 2.06
CGA BCL LC . -3.99 -46.06 2.95
O1A BCL LC . -4.33 -44.89 2.94
O2A BCL LC . -4.73 -46.99 3.78
NB BCL LC . 3.16 -46.40 5.92
C1B BCL LC . 2.06 -46.63 6.64
C2B BCL LC . 2.23 -47.12 8.02
C3B BCL LC . 3.70 -47.22 8.07
C4B BCL LC . 4.15 -46.77 6.73
CMB BCL LC . 1.14 -47.42 9.00
CAB BCL LC . 4.58 -47.64 9.19
OBB BCL LC . 5.76 -47.56 9.06
CBB BCL LC . 4.02 -48.14 10.48
NC BCL LC . 5.22 -45.74 4.07
C1C BCL LC . 5.96 -46.22 5.06
C2C BCL LC . 7.41 -46.17 4.77
C3C BCL LC . 7.49 -45.49 3.45
C4C BCL LC . 6.04 -45.30 3.19
CMC BCL LC . 8.13 -45.34 5.79
CAC BCL LC . 8.07 -46.30 2.30
CBC BCL LC . 9.56 -46.16 2.17
ND BCL LC . 3.45 -44.78 2.23
C1D BCL LC . 4.46 -44.38 1.47
C2D BCL LC . 4.05 -43.72 0.23
C3D BCL LC . 2.59 -43.84 0.35
C4D BCL LC . 2.34 -44.46 1.49
CMD BCL LC . 4.76 -43.09 -0.90
CAD BCL LC . 1.32 -43.51 -0.30
OBD BCL LC . 1.20 -42.94 -1.43
CBD BCL LC . 0.19 -44.05 0.50
CGD BCL LC . -0.92 -43.05 0.69
O1D BCL LC . -0.81 -42.07 1.37
O2D BCL LC . -2.17 -43.27 0.02
CED BCL LC . -3.23 -42.35 0.20
C1 BCL LC . -5.07 -46.72 5.14
C2 BCL LC . -3.94 -47.21 6.00
C3 BCL LC . -3.97 -48.41 6.59
C4 BCL LC . -5.15 -49.31 6.45
C5 BCL LC . -2.78 -48.86 7.39
C6 BCL LC . -1.96 -49.85 6.58
C7 BCL LC . -1.17 -49.21 5.43
C8 BCL LC . 0.06 -49.97 4.99
C9 BCL LC . -0.34 -51.02 3.97
C10 BCL LC . 0.69 -50.62 6.20
C11 BCL LC . 2.20 -50.54 6.15
C12 BCL LC . 2.78 -51.65 6.99
C13 BCL LC . 4.29 -51.67 6.86
C14 BCL LC . 4.68 -50.25 6.62
C15 BCL LC . 4.77 -52.51 5.68
C16 BCL LC . 5.22 -53.89 6.08
C17 BCL LC . 6.72 -54.03 6.17
C18 BCL LC . 7.04 -55.52 6.32
C19 BCL LC . 8.19 -55.79 7.29
C20 BCL LC . 7.33 -56.12 4.95
C1M CRT MC . -25.56 -48.16 -6.32
O1 CRT MC . -24.73 -48.78 -7.30
C1 CRT MC . -24.06 -47.93 -8.24
C2 CRT MC . -23.31 -48.81 -9.21
C3 CRT MC . -25.12 -47.08 -8.93
C4 CRT MC . -23.08 -47.01 -7.48
C5 CRT MC . -22.54 -45.85 -8.25
C6 CRT MC . -21.26 -45.52 -8.43
C7 CRT MC . -20.11 -46.27 -8.15
C8 CRT MC . -19.89 -47.53 -8.89
C9 CRT MC . -19.18 -45.89 -7.16
C10 CRT MC . -17.90 -46.36 -6.92
C11 CRT MC . -17.18 -46.15 -5.75
C12 CRT MC . -15.81 -46.27 -5.50
C13 CRT MC . -14.89 -46.40 -6.66
C14 CRT MC . -15.26 -46.26 -4.21
C15 CRT MC . -13.93 -46.26 -3.82
C16 CRT MC . -13.51 -46.26 -2.50
C17 CRT MC . -12.21 -46.19 -1.98
C18 CRT MC . -11.06 -46.23 -2.91
C19 CRT MC . -11.95 -46.05 -0.61
C20 CRT MC . -10.74 -45.88 0.05
C21 CRT MC . -10.53 -45.54 1.37
C22 CRT MC . -9.37 -45.26 2.08
C23 CRT MC . -9.24 -44.69 3.35
C24 CRT MC . -10.47 -44.39 4.12
C25 CRT MC . -8.01 -44.38 3.93
C26 CRT MC . -7.75 -43.64 5.06
C27 CRT MC . -6.48 -43.36 5.55
C28 CRT MC . -6.09 -42.51 6.59
C29 CRT MC . -7.13 -41.81 7.37
C30 CRT MC . -4.74 -42.29 6.90
C31 CRT MC . -4.15 -41.39 7.77
C32 CRT MC . -2.78 -41.31 7.87
C33 CRT MC . -1.97 -40.46 8.64
C34 CRT MC . -2.61 -39.43 9.48
C35 CRT MC . -0.58 -40.58 8.62
C36 CRT MC . 0.34 -39.85 9.23
C37 CRT MC . 1.80 -40.18 9.21
C38 CRT MC . 2.73 -39.13 8.60
C39 CRT MC . 4.18 -39.59 8.75
C40 CRT MC . 2.37 -38.86 7.16
O2 CRT MC . 2.58 -37.90 9.34
C2M CRT MC . 3.40 -36.80 9.01
MG BCL NC . 4.56 -44.22 -5.13
CHA BCL NC . 1.74 -45.41 -3.73
CHB BCL NC . 2.84 -42.59 -7.44
CHC BCL NC . 7.50 -43.22 -6.48
CHD BCL NC . 6.46 -46.01 -2.77
NA BCL NC . 2.62 -44.04 -5.57
C1A BCL NC . 1.64 -44.50 -4.91
C2A BCL NC . 0.34 -44.05 -5.48
C3A BCL NC . 0.69 -43.50 -6.81
C4A BCL NC . 2.16 -43.38 -6.63
CMA BCL NC . 0.30 -44.41 -7.96
CAA BCL NC . -0.22 -42.90 -4.69
CBA BCL NC . -1.47 -43.37 -4.00
CGA BCL NC . -2.64 -42.71 -4.64
O1A BCL NC . -2.90 -42.94 -5.79
O2A BCL NC . -3.45 -41.82 -3.87
NB BCL NC . 5.13 -43.09 -6.75
C1B BCL NC . 4.28 -42.45 -7.56
C2B BCL NC . 4.85 -41.63 -8.62
C3B BCL NC . 6.28 -41.81 -8.35
C4B BCL NC . 6.33 -42.71 -7.16
CMB BCL NC . 4.09 -40.86 -9.64
CAB BCL NC . 7.44 -41.22 -9.06
OBB BCL NC . 8.54 -41.51 -8.74
CBB BCL NC . 7.26 -40.18 -10.09
NC BCL NC . 6.52 -44.49 -4.72
C1C BCL NC . 7.54 -44.00 -5.42
C2C BCL NC . 8.86 -44.36 -4.83
C3C BCL NC . 8.49 -44.98 -3.54
C4C BCL NC . 7.04 -45.13 -3.74
CMC BCL NC . 9.59 -45.36 -5.68
CAC BCL NC . 8.66 -44.14 -2.30
CBC BCL NC . 9.87 -44.53 -1.50
ND BCL NC . 4.31 -45.47 -3.56
C1D BCL NC . 5.04 -46.12 -2.68
C2D BCL NC . 4.28 -46.90 -1.70
C3D BCL NC . 2.93 -46.57 -2.17
C4D BCL NC . 3.04 -45.76 -3.21
CMD BCL NC . 4.61 -47.76 -0.54
CAD BCL NC . 1.52 -46.82 -1.92
OBD BCL NC . 1.07 -47.53 -0.98
CBD BCL NC . 0.68 -46.07 -2.90
CGD BCL NC . -0.25 -46.98 -3.66
O1D BCL NC . 0.11 -47.98 -4.22
O2D BCL NC . -1.64 -46.69 -3.76
CED BCL NC . -2.43 -47.43 -4.67
C1 BCL NC . -4.67 -41.33 -4.39
C2 BCL NC . -5.74 -42.36 -4.18
C3 BCL NC . -6.90 -42.18 -4.79
C4 BCL NC . -7.12 -40.98 -5.66
C5 BCL NC . -7.99 -43.20 -4.64
C6 BCL NC . -9.14 -42.70 -5.48
C7 BCL NC . -10.43 -43.40 -5.09
C8 BCL NC . -11.54 -42.40 -4.86
C9 BCL NC . -11.98 -42.42 -3.40
C10 BCL NC . -12.67 -42.75 -5.78
C11 BCL NC . -12.82 -41.70 -6.86
C12 BCL NC . -14.21 -41.12 -6.76
C13 BCL NC . -14.44 -40.00 -7.77
C14 BCL NC . -14.35 -40.53 -9.19
C15 BCL NC . -13.45 -38.88 -7.49
C16 BCL NC . -13.27 -37.99 -8.70
C17 BCL NC . -13.77 -36.57 -8.45
C18 BCL NC . -14.44 -36.01 -9.68
C19 BCL NC . -13.38 -35.71 -10.75
C20 BCL NC . -15.26 -34.77 -9.36
MG BCL OC . -13.32 -50.17 7.85
CHA BCL OC . -12.74 -51.87 10.69
CHB BCL OC . -12.65 -47.30 9.30
CHC BCL OC . -13.86 -48.58 4.87
CHD BCL OC . -13.70 -53.21 6.09
NA BCL OC . -12.83 -49.63 9.70
C1A BCL OC . -12.67 -50.39 10.73
C2A BCL OC . -12.34 -49.60 11.99
C3A BCL OC . -12.16 -48.22 11.46
C4A BCL OC . -12.57 -48.38 10.05
CMA BCL OC . -13.00 -47.20 12.18
CAA BCL OC . -11.06 -49.98 12.70
CBA BCL OC . -9.92 -50.26 11.75
CGA BCL OC . -8.70 -49.45 12.11
O1A BCL OC . -7.65 -49.99 12.28
O2A BCL OC . -8.74 -48.01 12.22
NB BCL OC . -13.25 -48.24 7.18
C1B BCL OC . -12.98 -47.17 7.91
C2B BCL OC . -12.99 -45.84 7.28
C3B BCL OC . -13.37 -46.24 5.93
C4B BCL OC . -13.50 -47.71 5.99
CMB BCL OC . -12.69 -44.51 7.90
CAB BCL OC . -13.58 -45.41 4.73
OBB BCL OC . -13.24 -45.89 3.68
CBB BCL OC . -14.16 -44.04 4.85
NC BCL OC . -13.73 -50.72 5.96
C1C BCL OC . -13.98 -49.88 4.94
C2C BCL OC . -14.42 -50.54 3.68
C3C BCL OC . -14.18 -51.97 4.01
C4C BCL OC . -13.83 -51.91 5.46
CMC BCL OC . -15.89 -50.27 3.45
CAC BCL OC . -13.07 -52.62 3.19
CBC BCL OC . -11.75 -51.89 3.22
ND BCL OC . -13.24 -52.17 8.17
C1D BCL OC . -13.42 -53.32 7.50
C2D BCL OC . -13.28 -54.54 8.35
C3D BCL OC . -12.98 -53.89 9.64
C4D BCL OC . -13.01 -52.57 9.46
CMD BCL OC . -13.34 -56.02 8.17
CAD BCL OC . -12.71 -54.17 11.05
OBD BCL OC . -12.62 -55.33 11.58
CBD BCL OC . -12.53 -52.88 11.78
CGD BCL OC . -13.46 -52.72 12.96
O1D BCL OC . -14.54 -52.19 12.86
O2D BCL OC . -13.05 -53.18 14.26
CED BCL OC . -13.90 -54.03 15.02
C1 BCL OC . -7.73 -47.24 11.60
C2 BCL OC . -8.35 -46.58 10.41
C3 BCL OC . -7.66 -45.90 9.49
C4 BCL OC . -6.18 -45.74 9.57
C5 BCL OC . -8.46 -45.33 8.37
C6 BCL OC . -9.32 -46.48 7.88
C7 BCL OC . -8.99 -46.80 6.43
C8 BCL OC . -9.10 -48.27 6.09
C9 BCL OC . -10.19 -48.46 5.04
C10 BCL OC . -9.37 -49.11 7.32
C11 BCL OC . -9.69 -50.54 6.91
C12 BCL OC . -9.26 -51.50 8.01
C13 BCL OC . -9.56 -52.94 7.65
C14 BCL OC . -8.67 -53.88 8.44
C15 BCL OC . -9.38 -53.16 6.16
C16 BCL OC . -9.21 -54.64 5.84
C17 BCL OC . -9.86 -55.03 4.52
C18 BCL OC . -9.68 -56.52 4.28
C19 BCL OC . -9.98 -56.90 2.83
C20 BCL OC . -10.53 -57.33 5.26
C1M CRT PC . -22.43 -42.02 -24.32
O1 CRT PC . -21.67 -42.39 -25.46
C1 CRT PC . -20.93 -41.38 -26.15
C2 CRT PC . -20.50 -41.97 -27.48
C3 CRT PC . -21.85 -40.17 -26.33
C4 CRT PC . -19.68 -40.97 -25.36
C5 CRT PC . -19.06 -39.66 -25.73
C6 CRT PC . -17.89 -39.17 -25.33
C7 CRT PC . -16.67 -39.84 -25.17
C8 CRT PC . -16.27 -40.83 -26.20
C9 CRT PC . -15.83 -39.67 -24.07
C10 CRT PC . -14.53 -40.11 -23.89
C11 CRT PC . -13.87 -40.23 -22.68
C12 CRT PC . -12.51 -40.47 -22.43
C13 CRT PC . -11.54 -40.23 -23.52
C14 CRT PC . -12.04 -40.94 -21.20
C15 CRT PC . -10.74 -41.16 -20.77
C16 CRT PC . -10.42 -41.59 -19.51
C17 CRT PC . -9.16 -41.72 -18.91
C18 CRT PC . -7.94 -41.50 -19.74
C19 CRT PC . -9.00 -42.03 -17.55
C20 CRT PC . -7.85 -42.08 -16.81
C21 CRT PC . -7.71 -42.12 -15.42
C22 CRT PC . -6.59 -42.06 -14.63
C23 CRT PC . -6.50 -41.84 -13.25
C24 CRT PC . -7.75 -41.74 -12.46
C25 CRT PC . -5.28 -41.68 -12.58
C26 CRT PC . -5.04 -41.28 -11.28
C27 CRT PC . -3.78 -41.17 -10.73
C28 CRT PC . -3.40 -40.72 -9.45
C29 CRT PC . -4.45 -40.38 -8.47
C30 CRT PC . -2.06 -40.58 -9.10
C31 CRT PC . -1.49 -40.03 -7.96
C32 CRT PC . -0.12 -39.95 -7.80
C33 CRT PC . 0.64 -39.38 -6.78
C34 CRT PC . -0.05 -38.74 -5.64
C35 CRT PC . 2.04 -39.39 -6.82
C36 CRT PC . 2.89 -38.85 -5.95
C37 CRT PC . 4.39 -38.97 -6.08
C38 CRT PC . 5.17 -37.65 -6.10
C39 CRT PC . 6.66 -37.94 -6.10
C40 CRT PC . 4.76 -36.83 -7.32
O2 CRT PC . 4.85 -36.89 -4.93
C2M CRT PC . 5.50 -35.65 -4.71
C1 8K6 QC . -1.36 -28.94 3.17
C2 8K6 QC . -0.16 -29.04 2.28
C3 8K6 QC . 0.24 -30.46 1.95
C4 8K6 QC . 1.44 -30.61 1.06
C5 8K6 QC . 1.83 -32.04 0.79
C6 8K6 QC . 3.07 -32.21 -0.05
C7 8K6 QC . 2.96 -31.71 -1.47
C8 8K6 QC . 4.14 -32.07 -2.32
C9 8K6 QC . 4.06 -31.59 -3.76
C10 8K6 QC . 5.24 -32.03 -4.60
C11 8K6 QC . 6.58 -31.62 -4.03
C12 8K6 QC . 7.77 -32.33 -4.64
C13 8K6 QC . 9.07 -32.00 -3.97
C14 8K6 QC . 10.26 -32.78 -4.47
C15 8K6 QC . 11.54 -32.47 -3.73
C16 8K6 QC . 12.70 -33.36 -4.12
C17 8K6 QC . 14.00 -33.02 -3.45
C18 8K6 QC . 13.95 -33.06 -1.94
MG BCL RC . 5.65 -42.37 -13.00
CHA BCL RC . 3.35 -40.68 -14.80
CHB BCL RC . 3.22 -43.86 -11.27
CHC BCL RC . 8.03 -43.91 -11.20
CHD BCL RC . 8.20 -40.48 -14.47
NA BCL RC . 3.65 -42.34 -13.03
C1A BCL RC . 2.90 -41.73 -13.87
C2A BCL RC . 1.47 -42.10 -13.71
C3A BCL RC . 1.43 -42.65 -12.33
C4A BCL RC . 2.87 -42.97 -12.18
CMA BCL RC . 0.94 -41.65 -11.32
CAA BCL RC . 1.03 -43.16 -14.69
CBA BCL RC . -0.20 -42.66 -15.38
CGA BCL RC . -1.44 -42.74 -14.53
O1A BCL RC . -2.07 -41.72 -14.35
O2A BCL RC . -1.90 -43.99 -13.95
NB BCL RC . 5.64 -43.67 -11.43
C1B BCL RC . 4.57 -44.22 -10.86
C2B BCL RC . 4.79 -45.16 -9.75
C3B BCL RC . 6.27 -45.17 -9.72
C4B BCL RC . 6.66 -44.24 -10.81
CMB BCL RC . 3.75 -45.86 -8.96
CAB BCL RC . 7.22 -45.92 -8.86
OBB BCL RC . 8.38 -45.71 -8.98
CBB BCL RC . 6.73 -46.90 -7.85
NC BCL RC . 7.66 -42.31 -12.91
C1C BCL RC . 8.42 -43.03 -12.10
C2C BCL RC . 9.88 -42.80 -12.27
C3C BCL RC . 9.92 -41.76 -13.33
C4C BCL RC . 8.47 -41.56 -13.56
CMC BCL RC . 10.55 -42.22 -11.05
CAC BCL RC . 10.58 -42.17 -14.63
CBC BCL RC . 11.97 -41.55 -14.76
ND BCL RC . 5.88 -40.86 -14.33
C1D BCL RC . 6.86 -40.21 -14.89
C2D BCL RC . 6.43 -39.17 -15.84
C3D BCL RC . 4.98 -39.41 -15.80
C4D BCL RC . 4.76 -40.40 -14.94
CMD BCL RC . 7.16 -38.19 -16.66
CAD BCL RC . 3.70 -38.96 -16.33
OBD BCL RC . 3.55 -38.06 -17.20
CBD BCL RC . 2.60 -39.81 -15.76
CGD BCL RC . 1.42 -39.04 -15.26
O1D BCL RC . 1.40 -38.48 -14.20
O2D BCL RC . 0.26 -38.97 -16.10
CED BCL RC . -0.90 -38.35 -15.61
C1 BCL RC . -2.38 -44.08 -12.61
C2 BCL RC . -1.37 -44.89 -11.86
C3 BCL RC . -1.36 -46.22 -11.86
C4 BCL RC . -2.41 -47.02 -12.57
C5 BCL RC . -0.28 -46.95 -11.12
C6 BCL RC . 0.66 -47.52 -12.18
C7 BCL RC . 1.61 -46.46 -12.73
C8 BCL RC . 2.28 -46.74 -14.07
C9 BCL RC . 1.24 -47.04 -15.16
C10 BCL RC . 3.27 -47.87 -13.89
C11 BCL RC . 4.33 -47.50 -12.88
C12 BCL RC . 4.88 -48.72 -12.14
C13 BCL RC . 6.39 -48.80 -12.24
C14 BCL RC . 6.96 -47.44 -12.53
C15 BCL RC . 6.81 -49.76 -13.35
C16 BCL RC . 8.32 -50.01 -13.29
C17 BCL RC . 8.95 -50.27 -14.64
C18 BCL RC . 9.43 -51.71 -14.72
C19 BCL RC . 10.45 -52.06 -13.65
C20 BCL RC . 10.02 -51.97 -16.10
MG BCL SC . 6.81 -37.83 -21.11
CHA BCL SC . 4.09 -39.57 -20.25
CHB BCL SC . 5.04 -35.75 -22.95
CHC BCL SC . 9.70 -36.22 -21.85
CHD BCL SC . 8.82 -40.19 -19.42
NA BCL SC . 4.88 -37.64 -21.52
C1A BCL SC . 3.92 -38.36 -21.07
C2A BCL SC . 2.59 -37.85 -21.52
C3A BCL SC . 2.94 -36.85 -22.56
C4A BCL SC . 4.39 -36.73 -22.35
CMA BCL SC . 2.63 -37.33 -23.96
CAA BCL SC . 1.80 -37.20 -20.41
CBA BCL SC . 0.35 -37.59 -20.60
CGA BCL SC . -0.53 -36.55 -19.99
O1A BCL SC . -0.28 -35.39 -20.10
O2A BCL SC . -1.73 -36.92 -19.28
NB BCL SC . 7.33 -36.22 -22.26
C1B BCL SC . 6.48 -35.45 -22.92
C2B BCL SC . 7.07 -34.31 -23.63
C3B BCL SC . 8.47 -34.45 -23.30
C4B BCL SC . 8.52 -35.65 -22.44
CMB BCL SC . 6.37 -33.29 -24.47
CAB BCL SC . 9.64 -33.63 -23.71
OBB BCL SC . 10.70 -34.16 -23.80
CBB BCL SC . 9.51 -32.18 -23.97
NC BCL SC . 8.78 -38.14 -20.81
C1C BCL SC . 9.79 -37.38 -21.26
C2C BCL SC . 11.16 -37.88 -20.92
C3C BCL SC . 10.81 -38.97 -19.96
C4C BCL SC . 9.36 -39.06 -20.13
CMC BCL SC . 11.93 -38.44 -22.09
CAC BCL SC . 11.03 -38.61 -18.52
CBC BCL SC . 12.31 -39.17 -17.98
ND BCL SC . 6.65 -39.55 -20.05
C1D BCL SC . 7.41 -40.41 -19.40
C2D BCL SC . 6.69 -41.53 -18.76
C3D BCL SC . 5.34 -41.14 -19.13
C4D BCL SC . 5.40 -40.02 -19.85
CMD BCL SC . 7.06 -42.71 -17.93
CAD BCL SC . 3.93 -41.53 -19.00
OBD BCL SC . 3.55 -42.54 -18.35
CBD BCL SC . 3.08 -40.55 -19.72
CGD BCL SC . 2.31 -41.22 -20.80
O1D BCL SC . 2.79 -42.08 -21.50
O2D BCL SC . 0.93 -40.88 -21.06
CED BCL SC . 0.23 -41.51 -22.10
C1 BCL SC . -2.92 -36.23 -19.60
C2 BCL SC . -3.86 -37.23 -20.22
C3 BCL SC . -5.01 -36.83 -20.76
C4 BCL SC . -5.36 -35.38 -20.77
C5 BCL SC . -5.94 -37.85 -21.36
C6 BCL SC . -7.17 -37.11 -21.83
C7 BCL SC . -8.45 -37.88 -21.52
C8 BCL SC . -9.40 -36.99 -20.72
C9 BCL SC . -9.64 -37.58 -19.35
C10 BCL SC . -10.71 -36.83 -21.49
C11 BCL SC . -10.57 -35.74 -22.54
C12 BCL SC . -11.75 -35.69 -23.50
C13 BCL SC . -12.39 -34.30 -23.49
C14 BCL SC . -12.54 -33.74 -24.91
C15 BCL SC . -11.59 -33.34 -22.62
C16 BCL SC . -11.52 -31.93 -23.19
C17 BCL SC . -11.32 -30.91 -22.06
C18 BCL SC . -11.36 -29.47 -22.55
C19 BCL SC . -12.50 -28.70 -21.90
C20 BCL SC . -11.44 -29.37 -24.07
MG BCL TC . -10.54 -49.03 -11.71
CHA BCL TC . -9.89 -51.65 -9.68
CHB BCL TC . -10.28 -46.89 -9.22
CHC BCL TC . -11.02 -46.47 -13.94
CHD BCL TC . -10.68 -51.19 -14.48
NA BCL TC . -10.12 -49.21 -9.77
C1A BCL TC . -9.93 -50.28 -9.09
C2A BCL TC . -9.66 -50.01 -7.64
C3A BCL TC . -9.51 -48.51 -7.61
C4A BCL TC . -9.98 -48.15 -8.96
CMA BCL TC . -10.37 -47.84 -6.55
CAA BCL TC . -8.41 -50.69 -7.10
CBA BCL TC . -7.30 -49.74 -6.70
CGA BCL TC . -6.22 -49.77 -7.74
O1A BCL TC . -6.27 -50.54 -8.66
O2A BCL TC . -5.11 -48.85 -7.66
NB BCL TC . -10.61 -46.99 -11.62
C1B BCL TC . -10.48 -46.26 -10.50
C2B BCL TC . -10.59 -44.79 -10.62
C3B BCL TC . -10.82 -44.68 -12.06
C4B BCL TC . -10.83 -46.07 -12.55
CMB BCL TC . -10.46 -43.80 -9.51
CAB BCL TC . -11.01 -43.46 -12.88
OBB BCL TC . -10.63 -43.46 -14.02
CBB BCL TC . -11.69 -42.28 -12.28
NC BCL TC . -10.92 -48.85 -13.67
C1C BCL TC . -11.21 -47.71 -14.33
C2C BCL TC . -11.67 -47.90 -15.73
C3C BCL TC . -11.32 -49.33 -15.95
C4C BCL TC . -10.95 -49.77 -14.58
CMC BCL TC . -13.16 -47.68 -15.85
CAC BCL TC . -10.17 -49.55 -16.90
CBC BCL TC . -8.96 -48.70 -16.57
ND BCL TC . -10.32 -50.99 -12.16
C1D BCL TC . -10.41 -51.80 -13.22
C2D BCL TC . -10.20 -53.23 -12.89
C3D BCL TC . -9.99 -53.11 -11.44
C4D BCL TC . -10.09 -51.83 -11.11
CMD BCL TC . -10.15 -54.55 -13.60
CAD BCL TC . -9.70 -53.90 -10.24
OBD BCL TC . -9.55 -55.16 -10.23
CBD BCL TC . -9.64 -52.99 -9.06
CGD BCL TC . -10.62 -53.37 -7.98
O1D BCL TC . -11.78 -52.99 -7.96
O2D BCL TC . -10.19 -54.20 -6.89
CED BCL TC . -10.76 -55.50 -6.72
C1 BCL TC . -5.23 -47.66 -6.90
C2 BCL TC . -5.88 -46.58 -7.72
C3 BCL TC . -5.22 -45.52 -8.16
C4 BCL TC . -3.77 -45.33 -7.86
C5 BCL TC . -5.96 -44.49 -8.97
C6 BCL TC . -6.73 -45.23 -10.04
C7 BCL TC . -5.97 -45.24 -11.35
C8 BCL TC . -6.34 -46.41 -12.25
C9 BCL TC . -7.28 -45.94 -13.35
C10 BCL TC . -6.96 -47.54 -11.44
C11 BCL TC . -7.27 -48.73 -12.32
C12 BCL TC . -6.12 -49.71 -12.31
C13 BCL TC . -6.50 -50.99 -13.03
C14 BCL TC . -5.89 -52.20 -12.32
C15 BCL TC . -6.02 -50.90 -14.47
C16 BCL TC . -6.79 -51.83 -15.40
C17 BCL TC . -6.63 -51.38 -16.85
C18 BCL TC . -5.74 -52.31 -17.65
C19 BCL TC . -4.62 -51.57 -18.36
C20 BCL TC . -6.59 -53.09 -18.66
C1M CRT UC . -19.74 -30.66 -39.41
O1 CRT UC . -19.02 -30.45 -40.62
C1 CRT UC . -18.41 -29.16 -40.83
C2 CRT UC . -17.93 -29.14 -42.27
C3 CRT UC . -19.46 -28.10 -40.55
C4 CRT UC . -17.22 -28.99 -39.88
C5 CRT UC . -16.72 -27.59 -39.69
C6 CRT UC . -15.59 -27.20 -39.11
C7 CRT UC . -14.33 -27.83 -39.17
C8 CRT UC . -13.86 -28.33 -40.48
C9 CRT UC . -13.52 -28.05 -38.05
C10 CRT UC . -12.21 -28.46 -38.00
C11 CRT UC . -11.58 -29.01 -36.90
C12 CRT UC . -10.21 -29.20 -36.65
C13 CRT UC . -9.23 -28.53 -37.54
C14 CRT UC . -9.74 -29.99 -35.59
C15 CRT UC . -8.45 -30.28 -35.22
C16 CRT UC . -8.12 -31.09 -34.15
C17 CRT UC . -6.85 -31.40 -33.63
C18 CRT UC . -5.64 -30.92 -34.35
C19 CRT UC . -6.69 -32.11 -32.44
C20 CRT UC . -5.54 -32.37 -31.73
C21 CRT UC . -5.42 -32.90 -30.46
C22 CRT UC . -4.29 -33.10 -29.68
C23 CRT UC . -4.22 -33.39 -28.31
C24 CRT UC . -5.48 -33.65 -27.57
C25 CRT UC . -3.01 -33.44 -27.61
C26 CRT UC . -2.79 -33.56 -26.26
C27 CRT UC . -1.54 -33.61 -25.68
C28 CRT UC . -1.17 -33.62 -24.32
C29 CRT UC . -2.23 -33.70 -23.30
C30 CRT UC . 0.16 -33.55 -23.93
C31 CRT UC . 0.71 -33.41 -22.68
C32 CRT UC . 2.07 -33.28 -22.49
C33 CRT UC . 2.81 -33.06 -21.33
C34 CRT UC . 2.10 -32.94 -20.03
C35 CRT UC . 4.21 -32.94 -21.36
C36 CRT UC . 5.04 -32.74 -20.34
C37 CRT UC . 6.53 -32.79 -20.47
C38 CRT UC . 7.29 -31.51 -20.11
C39 CRT UC . 8.79 -31.77 -20.15
C40 CRT UC . 6.88 -30.37 -21.03
O2 CRT UC . 6.93 -31.14 -18.76
C2M CRT UC . 7.55 -30.00 -18.20
C1 8K6 VC . 0.88 -27.87 -3.23
C2 8K6 VC . 1.45 -27.02 -4.33
C3 8K6 VC . 2.58 -27.67 -5.08
C4 8K6 VC . 3.19 -26.81 -6.16
C5 8K6 VC . 4.39 -27.45 -6.84
C6 8K6 VC . 5.48 -27.87 -5.90
C7 8K6 VC . 6.72 -28.41 -6.57
C8 8K6 VC . 7.45 -27.39 -7.42
C9 8K6 VC . 8.79 -27.86 -7.93
C10 8K6 VC . 8.72 -29.06 -8.84
C11 8K6 VC . 10.06 -29.62 -9.23
C12 8K6 VC . 10.88 -30.12 -8.06
C13 8K6 VC . 12.13 -30.86 -8.46
C14 8K6 VC . 12.83 -31.53 -7.29
C15 8K6 VC . 13.49 -30.58 -6.33
C16 8K6 VC . 14.98 -30.42 -6.53
C17 8K6 VC . 15.73 -31.72 -6.36
C18 8K6 VC . 17.24 -31.58 -6.43
MG BCL WC . 7.87 -33.48 -27.99
CHA BCL WC . 5.55 -31.34 -29.17
CHB BCL WC . 5.50 -35.58 -27.01
CHC BCL WC . 10.30 -35.46 -26.71
CHD BCL WC . 10.39 -31.11 -28.64
NA BCL WC . 5.88 -33.51 -28.09
C1A BCL WC . 5.12 -32.66 -28.67
C2A BCL WC . 3.70 -33.10 -28.68
C3A BCL WC . 3.69 -34.08 -27.55
C4A BCL WC . 5.12 -34.43 -27.53
CMA BCL WC . 3.23 -33.46 -26.26
CAA BCL WC . 3.30 -33.81 -29.94
CBA BCL WC . 1.94 -33.37 -30.42
CGA BCL WC . 0.80 -33.64 -29.50
O1A BCL WC . 0.34 -32.73 -28.84
O2A BCL WC . 0.19 -34.97 -29.41
NB BCL WC . 7.90 -35.24 -26.97
C1B BCL WC . 6.84 -35.99 -26.67
C2B BCL WC . 7.09 -37.26 -25.95
C3B BCL WC . 8.55 -37.23 -25.86
C4B BCL WC . 8.94 -35.96 -26.53
CMB BCL WC . 6.05 -38.23 -25.48
CAB BCL WC . 9.47 -38.21 -25.23
OBB BCL WC . 10.64 -38.10 -25.39
CBB BCL WC . 8.96 -39.30 -24.34
NC BCL WC . 9.88 -33.38 -27.80
C1C BCL WC . 10.66 -34.34 -27.31
C2C BCL WC . 12.11 -34.03 -27.42
C3C BCL WC . 12.12 -32.65 -27.96
C4C BCL WC . 10.67 -32.43 -28.13
CMC BCL WC . 12.82 -33.98 -26.09
CAC BCL WC . 12.83 -32.53 -29.29
CBC BCL WC . 14.19 -31.92 -29.13
ND BCL WC . 8.07 -31.59 -28.70
C1D BCL WC . 9.04 -30.75 -28.98
C2D BCL WC . 8.60 -29.48 -29.54
C3D BCL WC . 7.15 -29.74 -29.62
C4D BCL WC . 6.95 -30.97 -29.17
CMD BCL WC . 9.33 -28.25 -29.93
CAD BCL WC . 5.85 -29.18 -29.99
OBD BCL WC . 5.66 -28.05 -30.52
CBD BCL WC . 4.78 -30.21 -29.80
CGD BCL WC . 3.57 -29.70 -29.09
O1D BCL WC . 3.53 -29.44 -27.92
O2D BCL WC . 2.38 -29.49 -29.87
CED BCL WC . 1.24 -28.95 -29.25
C1 BCL WC . 0.06 -35.72 -28.20
C2 BCL WC . 1.28 -36.58 -28.11
C3 BCL WC . 1.32 -37.88 -28.41
C4 BCL WC . 0.11 -38.65 -28.85
C5 BCL WC . 2.64 -38.59 -28.31
C6 BCL WC . 3.31 -38.56 -29.69
C7 BCL WC . 4.09 -37.28 -30.01
C8 BCL WC . 5.51 -37.60 -30.44
C9 BCL WC . 5.50 -38.29 -31.79
C10 BCL WC . 6.14 -38.49 -29.41
C11 BCL WC . 7.65 -38.52 -29.42
C12 BCL WC . 8.16 -39.93 -29.61
C13 BCL WC . 9.67 -39.91 -29.66
C14 BCL WC . 10.12 -38.93 -28.64
C15 BCL WC . 10.17 -39.45 -31.01
C16 BCL WC . 10.82 -40.55 -31.84
C17 BCL WC . 12.31 -40.64 -31.61
C18 BCL WC . 12.77 -41.89 -32.35
C19 BCL WC . 13.85 -42.65 -31.61
C20 BCL WC . 13.21 -41.51 -33.75
MG BCL XC . 9.07 -26.54 -34.11
CHA BCL XC . 6.36 -28.47 -33.83
CHB BCL XC . 7.22 -23.97 -35.00
CHC BCL XC . 11.91 -24.69 -34.22
CHD BCL XC . 11.12 -29.24 -33.19
NA BCL XC . 7.13 -26.25 -34.44
C1A BCL XC . 6.17 -27.06 -34.23
C2A BCL XC . 4.83 -26.46 -34.45
C3A BCL XC . 5.17 -25.25 -35.27
C4A BCL XC . 6.61 -25.13 -34.92
CMA BCL XC . 4.94 -25.44 -36.74
CAA BCL XC . 4.20 -26.04 -33.16
CBA BCL XC . 2.96 -26.86 -32.87
CGA BCL XC . 1.73 -26.04 -32.98
O1A BCL XC . 1.60 -25.34 -33.95
O2A BCL XC . 0.70 -26.07 -31.97
NB BCL XC . 9.54 -24.59 -34.54
C1B BCL XC . 8.64 -23.67 -34.88
C2B BCL XC . 9.16 -22.32 -35.12
C3B BCL XC . 10.59 -22.53 -34.89
C4B BCL XC . 10.69 -23.96 -34.54
CMB BCL XC . 8.37 -21.11 -35.50
CAB BCL XC . 11.69 -21.54 -34.96
OBB BCL XC . 12.83 -21.89 -34.97
CBB BCL XC . 11.43 -20.08 -34.96
NC BCL XC . 11.04 -26.86 -33.84
C1C BCL XC . 12.02 -25.97 -33.98
C2C BCL XC . 13.39 -26.50 -33.73
C3C BCL XC . 13.08 -27.85 -33.18
C4C BCL XC . 11.63 -27.93 -33.45
CMC BCL XC . 14.23 -26.58 -34.99
CAC BCL XC . 13.23 -27.98 -31.68
CBC BCL XC . 14.45 -28.78 -31.32
ND BCL XC . 8.93 -28.48 -33.58
C1D BCL XC . 9.72 -29.48 -33.25
C2D BCL XC . 9.00 -30.73 -32.96
C3D BCL XC . 7.63 -30.29 -33.23
C4D BCL XC . 7.69 -29.00 -33.55
CMD BCL XC . 9.43 -32.10 -32.56
CAD BCL XC . 6.22 -30.70 -33.21
OBD BCL XC . 5.79 -31.85 -32.94
CBD BCL XC . 5.38 -29.56 -33.63
CGD BCL XC . 4.67 -29.93 -34.89
O1D BCL XC . 5.19 -30.64 -35.72
O2D BCL XC . 3.35 -29.46 -35.17
CED BCL XC . 2.68 -29.81 -36.35
C1 BCL XC . -0.58 -25.49 -32.19
C2 BCL XC . -1.46 -26.40 -33.02
C3 BCL XC . -2.62 -25.98 -33.52
C4 BCL XC . -3.13 -24.61 -33.28
C5 BCL XC . -3.44 -26.94 -34.35
C6 BCL XC . -4.81 -26.35 -34.60
C7 BCL XC . -5.86 -27.20 -33.90
C8 BCL XC . -7.09 -26.39 -33.54
C9 BCL XC . -7.93 -27.16 -32.54
C10 BCL XC . -7.88 -26.11 -34.80
C11 BCL XC . -8.44 -24.69 -34.77
C12 BCL XC . -9.60 -24.51 -35.74
C13 BCL XC . -10.37 -23.23 -35.48
C14 BCL XC . -10.55 -22.44 -36.77
C15 BCL XC . -9.66 -22.40 -34.40
C16 BCL XC . -9.88 -20.90 -34.57
C17 BCL XC . -10.53 -20.31 -33.33
C18 BCL XC . -10.26 -18.82 -33.20
C19 BCL XC . -9.31 -18.57 -32.03
C20 BCL XC . -11.53 -18.00 -33.06
MG BCL YC . -7.88 -40.65 -29.30
CHA BCL YC . -7.00 -43.75 -28.34
CHB BCL YC . -7.60 -39.53 -26.18
CHC BCL YC . -8.55 -37.54 -30.44
CHD BCL YC . -7.96 -41.72 -32.67
NA BCL YC . -7.41 -41.47 -27.54
C1A BCL YC . -7.11 -42.69 -27.31
C2A BCL YC . -6.77 -42.96 -25.87
C3A BCL YC . -6.78 -41.58 -25.26
C4A BCL YC . -7.30 -40.79 -26.40
CMA BCL YC . -7.67 -41.48 -24.03
CAA BCL YC . -5.41 -43.60 -25.69
CBA BCL YC . -4.53 -42.87 -24.69
CGA BCL YC . -3.21 -42.52 -25.29
O1A BCL YC . -2.94 -42.90 -26.41
O2A BCL YC . -2.26 -41.76 -24.52
NB BCL YC . -8.04 -38.79 -28.47
C1B BCL YC . -7.92 -38.49 -27.16
C2B BCL YC . -8.09 -37.09 -26.76
C3B BCL YC . -8.38 -36.49 -28.07
C4B BCL YC . -8.33 -37.63 -29.01
CMB BCL YC . -7.99 -36.52 -25.38
CAB BCL YC . -8.66 -35.07 -28.41
OBB BCL YC . -8.33 -34.69 -29.50
CBB BCL YC . -9.33 -34.17 -27.43
NC BCL YC . -8.22 -39.81 -31.08
C1C BCL YC . -8.59 -38.55 -31.27
C2C BCL YC . -9.04 -38.25 -32.65
C3C BCL YC . -8.46 -39.40 -33.40
C4C BCL YC . -8.17 -40.33 -32.27
CMC BCL YC . -10.54 -38.23 -32.71
CAC BCL YC . -7.25 -39.01 -34.23
CBC BCL YC . -5.91 -39.07 -33.55
ND BCL YC . -7.53 -42.31 -30.42
C1D BCL YC . -7.60 -42.71 -31.69
C2D BCL YC . -7.27 -44.14 -31.88
C3D BCL YC . -7.02 -44.52 -30.49
C4D BCL YC . -7.21 -43.44 -29.74
CMD BCL YC . -7.14 -45.13 -33.01
CAD BCL YC . -6.65 -45.66 -29.63
OBD BCL YC . -6.40 -46.85 -30.01
CBD BCL YC . -6.63 -45.19 -28.22
CGD BCL YC . -7.62 -45.93 -27.39
O1D BCL YC . -8.76 -45.57 -27.24
O2D BCL YC . -7.23 -47.14 -26.72
CED BCL YC . -8.17 -48.20 -26.55
C1 BCL YC . -1.62 -40.60 -25.06
C2 BCL YC . -2.67 -39.56 -25.27
C3 BCL YC . -2.51 -38.28 -24.93
C4 BCL YC . -1.25 -37.82 -24.29
C5 BCL YC . -3.64 -37.32 -25.20
C6 BCL YC . -4.26 -37.68 -26.55
C7 BCL YC . -3.36 -37.33 -27.73
C8 BCL YC . -3.81 -38.01 -29.00
C9 BCL YC . -4.90 -37.20 -29.69
C10 BCL YC . -4.29 -39.42 -28.68
C11 BCL YC . -4.31 -40.27 -29.92
C12 BCL YC . -3.39 -41.46 -29.76
C13 BCL YC . -3.72 -42.52 -30.80
C14 BCL YC . -3.08 -43.85 -30.42
C15 BCL YC . -3.23 -42.09 -32.16
C16 BCL YC . -3.92 -42.90 -33.25
C17 BCL YC . -3.93 -42.18 -34.60
C18 BCL YC . -3.20 -43.02 -35.63
C19 BCL YC . -2.99 -42.24 -36.93
C20 BCL YC . -3.92 -44.34 -35.87
C1M CRT ZC . -18.43 -13.81 -48.89
O1 CRT ZC . -17.68 -13.33 -49.99
C1 CRT ZC . -16.51 -12.54 -49.73
C2 CRT ZC . -15.94 -12.15 -51.09
C3 CRT ZC . -16.91 -11.32 -48.91
C4 CRT ZC . -15.49 -13.39 -48.94
C5 CRT ZC . -14.34 -12.67 -48.30
C6 CRT ZC . -13.44 -11.89 -48.88
C7 CRT ZC . -12.12 -11.72 -48.42
C8 CRT ZC . -11.29 -10.66 -49.03
C9 CRT ZC . -11.53 -12.55 -47.45
C10 CRT ZC . -10.20 -12.58 -47.06
C11 CRT ZC . -9.58 -13.52 -46.26
C12 CRT ZC . -8.23 -13.63 -45.92
C13 CRT ZC . -7.31 -12.55 -46.31
C14 CRT ZC . -7.71 -14.73 -45.23
C15 CRT ZC . -6.40 -15.00 -44.87
C16 CRT ZC . -5.99 -16.16 -44.24
C17 CRT ZC . -4.72 -16.52 -43.78
C18 CRT ZC . -3.57 -15.63 -44.09
C19 CRT ZC . -4.49 -17.68 -43.04
C20 CRT ZC . -3.34 -18.12 -42.44
C21 CRT ZC . -3.21 -19.11 -41.47
C22 CRT ZC . -2.11 -19.53 -40.76
C23 CRT ZC . -2.09 -20.29 -39.58
C24 CRT ZC . -3.37 -20.80 -39.03
C25 CRT ZC . -0.91 -20.59 -38.88
C26 CRT ZC . -0.74 -21.13 -37.63
C27 CRT ZC . 0.49 -21.35 -37.05
C28 CRT ZC . 0.80 -21.77 -35.75
C29 CRT ZC . -0.29 -22.13 -34.82
C30 CRT ZC . 2.13 -21.84 -35.31
C31 CRT ZC . 2.64 -22.07 -34.05
C32 CRT ZC . 4.01 -22.04 -33.84
C33 CRT ZC . 4.74 -22.16 -32.65
C34 CRT ZC . 4.03 -22.45 -31.39
C35 CRT ZC . 6.14 -22.01 -32.64
C36 CRT ZC . 6.97 -22.04 -31.60
C37 CRT ZC . 8.45 -21.90 -31.73
C38 CRT ZC . 9.07 -20.75 -30.93
C39 CRT ZC . 10.58 -20.74 -31.13
C40 CRT ZC . 8.45 -19.42 -31.34
O2 CRT ZC . 8.80 -20.96 -29.54
C2M CRT ZC . 9.38 -20.09 -28.59
P PGV AD . 20.30 -25.86 -16.68
C01 PGV AD . 15.66 -24.47 -18.25
C02 PGV AD . 17.02 -23.98 -17.77
C03 PGV AD . 17.94 -25.18 -17.57
C04 PGV AD . 21.71 -26.71 -14.64
C05 PGV AD . 21.60 -26.81 -13.12
C06 PGV AD . 22.67 -27.76 -12.60
O01 PGV AD . 16.88 -23.18 -16.60
O02 PGV AD . 16.24 -24.85 -15.10
O03 PGV AD . 14.81 -23.34 -18.46
O04 PGV AD . 13.46 -24.49 -19.91
O05 PGV AD . 20.31 -27.31 -12.77
O06 PGV AD . 22.50 -29.04 -13.20
O11 PGV AD . 19.07 -24.83 -16.77
O12 PGV AD . 20.74 -25.79 -15.14
O13 PGV AD . 21.43 -25.34 -17.52
O14 PGV AD . 19.74 -27.24 -16.91
C1 PGV AD . 16.08 -23.70 -15.50
C2 PGV AD . 15.09 -22.81 -14.82
C3 PGV AD . 14.29 -23.61 -13.80
C4 PGV AD . 13.63 -22.70 -12.77
C5 PGV AD . 12.11 -22.72 -12.85
C6 PGV AD . 11.59 -21.72 -13.90
C7 PGV AD . 10.14 -21.38 -13.60
C8 PGV AD . 9.59 -20.35 -14.60
C9 PGV AD . 8.26 -19.79 -14.13
C10 PGV AD . 7.11 -20.24 -15.03
C11 PGV AD . 5.83 -19.62 -14.54
C12 PGV AD . 4.99 -19.01 -15.37
C13 PGV AD . 5.30 -18.93 -16.85
C14 PGV AD . 4.06 -18.48 -17.60
C15 PGV AD . 4.02 -16.96 -17.72
C16 PGV AD . 2.84 -16.36 -16.96
C17 PGV AD . 1.52 -16.63 -17.68
C18 PGV AD . 0.38 -15.88 -17.02
C19 PGV AD . 13.58 -23.51 -19.23
C20 PGV AD . 12.48 -22.48 -19.15
C21 PGV AD . 11.33 -22.94 -20.04
C22 PGV AD . 10.02 -22.29 -19.62
C23 PGV AD . 9.98 -20.81 -19.98
C24 PGV AD . 8.79 -20.12 -19.33
C25 PGV AD . 7.72 -19.72 -20.33
C26 PGV AD . 7.07 -20.94 -20.98
C27 PGV AD . 5.70 -20.61 -21.56
C28 PGV AD . 5.79 -19.46 -22.55
C29 PGV AD . 4.50 -19.35 -23.36
C30 PGV AD . 3.28 -19.21 -22.46
C31 PGV AD . 1.99 -19.19 -23.28
C32 PGV AD . 1.91 -17.94 -24.15
C33 PGV AD . 1.59 -16.70 -23.34
C34 PGV AD . 0.21 -16.79 -22.72
MG BCL BD . 10.07 -19.84 -39.09
CHA BCL BD . 7.53 -17.54 -39.28
CHB BCL BD . 7.77 -22.27 -38.80
CHC BCL BD . 12.57 -21.97 -38.51
CHD BCL BD . 12.36 -17.22 -38.67
NA BCL BD . 8.05 -19.93 -39.12
C1A BCL BD . 7.24 -18.99 -39.36
C2A BCL BD . 5.85 -19.49 -39.55
C3A BCL BD . 5.89 -20.79 -38.81
C4A BCL BD . 7.34 -21.03 -38.90
CMA BCL BD . 5.36 -20.66 -37.39
CAA BCL BD . 5.52 -19.80 -40.98
CBA BCL BD . 4.19 -19.19 -41.31
CGA BCL BD . 3.04 -19.92 -40.69
O1A BCL BD . 2.37 -19.36 -39.86
O2A BCL BD . 2.71 -21.28 -41.11
NB BCL BD . 10.17 -21.84 -38.68
C1B BCL BD . 9.15 -22.69 -38.63
C2B BCL BD . 9.49 -24.09 -38.34
C3B BCL BD . 10.95 -24.00 -38.26
C4B BCL BD . 11.24 -22.57 -38.50
CMB BCL BD . 8.53 -25.23 -38.20
CAB BCL BD . 11.96 -25.06 -37.99
OBB BCL BD . 13.10 -24.75 -37.77
CBB BCL BD . 11.58 -26.50 -37.97
NC BCL BD . 12.04 -19.68 -38.77
C1C BCL BD . 12.88 -20.69 -38.56
C2C BCL BD . 14.29 -20.27 -38.37
C3C BCL BD . 14.20 -18.79 -38.42
C4C BCL BD . 12.76 -18.62 -38.65
CMC BCL BD . 14.81 -20.72 -37.03
CAC BCL BD . 14.96 -18.11 -39.56
CBC BCL BD . 16.39 -17.83 -39.21
ND BCL BD . 10.05 -17.81 -38.95
C1D BCL BD . 10.97 -16.86 -38.84
C2D BCL BD . 10.42 -15.51 -38.84
C3D BCL BD . 9.00 -15.82 -39.04
C4D BCL BD . 8.89 -17.14 -39.12
CMD BCL BD . 11.05 -14.18 -38.71
CAD BCL BD . 7.65 -15.23 -39.16
OBD BCL BD . 7.39 -13.99 -39.18
CBD BCL BD . 6.66 -16.32 -39.40
CGD BCL BD . 5.43 -16.21 -38.56
O1D BCL BD . 5.41 -16.34 -37.37
O2D BCL BD . 4.20 -15.91 -39.25
CED BCL BD . 3.02 -15.65 -38.53
C1 BCL BD . 2.28 -22.31 -40.21
C2 BCL BD . 3.44 -23.25 -40.09
C3 BCL BD . 3.71 -24.17 -41.02
C4 BCL BD . 2.83 -24.37 -42.21
C5 BCL BD . 4.91 -25.03 -40.85
C6 BCL BD . 5.86 -24.74 -42.02
C7 BCL BD . 6.34 -23.29 -42.07
C8 BCL BD . 7.81 -23.13 -42.46
C9 BCL BD . 7.91 -22.91 -43.94
C10 BCL BD . 8.55 -24.39 -42.06
C11 BCL BD . 10.05 -24.20 -42.11
C12 BCL BD . 10.66 -25.35 -42.86
C13 BCL BD . 12.16 -25.16 -42.86
C14 BCL BD . 12.51 -24.76 -41.46
C15 BCL BD . 12.57 -24.09 -43.84
C16 BCL BD . 13.35 -24.63 -45.03
C17 BCL BD . 14.80 -24.89 -44.68
C18 BCL BD . 15.43 -25.66 -45.83
C19 BCL BD . 16.54 -26.59 -45.38
C20 BCL BD . 15.93 -24.69 -46.90
MG BCL CD . 10.89 -11.07 -41.91
CHA BCL CD . 8.31 -13.11 -42.46
CHB BCL CD . 8.91 -8.42 -41.90
CHC BCL CD . 13.59 -9.19 -41.07
CHD BCL CD . 13.10 -13.83 -41.98
NA BCL CD . 8.93 -10.78 -42.18
C1A BCL CD . 8.04 -11.67 -42.33
C2A BCL CD . 6.66 -11.09 -42.38
C3A BCL CD . 6.92 -9.63 -42.57
C4A BCL CD . 8.36 -9.58 -42.22
CMA BCL CD . 6.68 -9.22 -44.01
CAA BCL CD . 5.91 -11.29 -41.09
CBA BCL CD . 4.71 -12.19 -41.29
CGA BCL CD . 3.46 -11.42 -41.05
O1A BCL CD . 3.30 -10.38 -41.63
O2A BCL CD . 2.44 -11.92 -40.16
NB BCL CD . 11.23 -9.10 -41.53
C1B BCL CD . 10.30 -8.13 -41.57
C2B BCL CD . 10.75 -6.78 -41.25
C3B BCL CD . 12.17 -7.02 -40.99
C4B BCL CD . 12.34 -8.46 -41.21
CMB BCL CD . 9.92 -5.54 -41.20
CAB BCL CD . 13.22 -6.04 -40.64
OBB BCL CD . 14.35 -6.31 -40.88
CBB BCL CD . 12.91 -4.74 -40.00
NC BCL CD . 12.86 -11.38 -41.63
C1C BCL CD . 13.78 -10.46 -41.35
C2C BCL CD . 15.16 -10.97 -41.26
C3C BCL CD . 14.91 -12.44 -41.24
C4C BCL CD . 13.51 -12.49 -41.65
CMC BCL CD . 16.01 -10.58 -42.45
CAC BCL CD . 14.95 -13.10 -39.88
CBC BCL CD . 16.26 -13.76 -39.62
ND BCL CD . 10.88 -13.08 -42.14
C1D BCL CD . 11.71 -14.10 -42.17
C2D BCL CD . 11.07 -15.40 -42.39
C3D BCL CD . 9.68 -14.94 -42.51
C4D BCL CD . 9.65 -13.63 -42.36
CMD BCL CD . 11.55 -16.80 -42.50
CAD BCL CD . 8.30 -15.40 -42.73
OBD BCL CD . 7.96 -16.60 -42.90
CBD BCL CD . 7.39 -14.25 -42.71
CGD BCL CD . 6.65 -14.11 -44.01
O1D BCL CD . 7.18 -14.25 -45.09
O2D BCL CD . 5.25 -13.80 -44.05
CED BCL CD . 4.58 -13.67 -45.29
C1 BCL CD . 1.14 -11.33 -40.09
C2 BCL CD . 0.23 -11.92 -41.13
C3 BCL CD . -0.91 -11.30 -41.47
C4 BCL CD . -1.31 -10.02 -40.82
C5 BCL CD . -1.81 -11.89 -42.52
C6 BCL CD . -3.11 -11.10 -42.53
C7 BCL CD . -4.31 -11.94 -42.96
C8 BCL CD . -5.36 -11.98 -41.85
C9 BCL CD . -5.36 -13.35 -41.19
C10 BCL CD . -6.73 -11.67 -42.43
C11 BCL CD . -6.84 -10.21 -42.82
C12 BCL CD . -8.11 -9.60 -42.26
C13 BCL CD . -8.82 -8.69 -43.28
C14 BCL CD . -8.47 -9.09 -44.70
C15 BCL CD . -8.50 -7.23 -42.98
C16 BCL CD . -9.39 -6.62 -41.91
C17 BCL CD . -8.72 -6.52 -40.54
C18 BCL CD . -8.83 -5.11 -39.96
C19 BCL CD . -7.45 -4.53 -39.61
C20 BCL CD . -9.78 -5.07 -38.77
MG BCL DD . -5.11 -26.89 -42.91
CHA BCL DD . -4.35 -30.17 -43.03
CHB BCL DD . -4.85 -26.87 -39.61
CHC BCL DD . -6.23 -23.68 -42.93
CHD BCL DD . -5.22 -26.79 -46.45
NA BCL DD . -4.70 -28.27 -41.53
C1A BCL DD . -4.44 -29.51 -41.70
C2A BCL DD . -4.19 -30.24 -40.42
C3A BCL DD . -4.31 -29.18 -39.38
C4A BCL DD . -4.65 -28.01 -40.23
CMA BCL DD . -5.41 -29.38 -38.36
CAA BCL DD . -2.82 -30.90 -40.42
CBA BCL DD . -1.88 -30.35 -39.38
CGA BCL DD . -0.61 -29.91 -40.03
O1A BCL DD . -0.37 -30.22 -41.18
O2A BCL DD . 0.34 -29.09 -39.32
NB BCL DD . -5.50 -25.48 -41.51
C1B BCL DD . -5.33 -25.64 -40.18
C2B BCL DD . -5.65 -24.50 -39.32
C3B BCL DD . -6.08 -23.53 -40.32
C4B BCL DD . -5.93 -24.23 -41.62
CMB BCL DD . -5.55 -24.45 -37.82
CAB BCL DD . -6.52 -22.13 -40.13
OBB BCL DD . -6.19 -21.33 -40.96
CBB BCL DD . -7.35 -21.74 -38.94
NC BCL DD . -5.59 -25.54 -44.32
C1C BCL DD . -6.06 -24.29 -44.09
C2C BCL DD . -6.43 -23.53 -45.32
C3C BCL DD . -5.98 -24.45 -46.39
C4C BCL DD . -5.56 -25.64 -45.62
CMC BCL DD . -7.91 -23.28 -45.38
CAC BCL DD . -4.83 -23.89 -47.22
CBC BCL DD . -3.59 -23.57 -46.42
ND BCL DD . -4.88 -28.11 -44.52
C1D BCL DD . -4.91 -28.06 -45.86
C2D BCL DD . -4.63 -29.37 -46.51
C3D BCL DD . -4.40 -30.19 -45.31
C4D BCL DD . -4.55 -29.40 -44.24
CMD BCL DD . -4.53 -29.94 -47.88
CAD BCL DD . -4.08 -31.55 -44.86
OBD BCL DD . -3.86 -32.56 -45.60
CBD BCL DD . -4.04 -31.58 -43.39
CGD BCL DD . -5.05 -32.53 -42.84
O1D BCL DD . -6.24 -32.25 -42.78
O2D BCL DD . -4.65 -33.83 -42.38
CED BCL DD . -5.26 -34.97 -42.96
C1 BCL DD . -0.02 -28.63 -38.02
C2 BCL DD . -0.73 -27.31 -38.11
C3 BCL DD . -0.13 -26.20 -37.69
C4 BCL DD . 1.25 -26.28 -37.13
C5 BCL DD . -0.86 -24.90 -37.78
C6 BCL DD . -1.66 -24.91 -39.08
C7 BCL DD . -1.01 -23.98 -40.09
C8 BCL DD . -1.35 -24.30 -41.54
C9 BCL DD . -2.46 -23.40 -42.03
C10 BCL DD . -1.74 -25.75 -41.68
C11 BCL DD . -1.76 -26.11 -43.15
C12 BCL DD . -0.91 -27.34 -43.36
C13 BCL DD . -1.11 -27.89 -44.75
C14 BCL DD . -0.28 -29.16 -44.96
C15 BCL DD . -0.75 -26.81 -45.74
C16 BCL DD . -0.77 -27.36 -47.17
C17 BCL DD . -1.49 -26.41 -48.11
C18 BCL DD . -0.67 -26.18 -49.36
C19 BCL DD . -0.60 -24.71 -49.71
C20 BCL DD . -1.22 -27.01 -50.52
MG BCL ED . 11.44 -3.07 -43.85
CHA BCL ED . 8.84 -0.96 -43.48
CHB BCL ED . 9.37 -5.50 -44.74
CHC BCL ED . 14.10 -5.18 -43.98
CHD BCL ED . 13.58 -0.69 -42.44
NA BCL ED . 9.47 -3.22 -44.12
C1A BCL ED . 8.61 -2.30 -44.05
C2A BCL ED . 7.24 -2.76 -44.44
C3A BCL ED . 7.38 -4.24 -44.28
C4A BCL ED . 8.85 -4.36 -44.36
CMA BCL ED . 6.82 -4.68 -42.94
CAA BCL ED . 6.89 -2.42 -45.86
CBA BCL ED . 5.48 -1.88 -45.87
CGA BCL ED . 4.45 -2.96 -45.74
O1A BCL ED . 3.67 -2.89 -44.82
O2A BCL ED . 4.35 -4.03 -46.72
NB BCL ED . 11.71 -5.06 -44.26
C1B BCL ED . 10.75 -5.91 -44.64
C2B BCL ED . 11.14 -7.30 -44.93
C3B BCL ED . 12.59 -7.22 -44.69
C4B BCL ED . 12.82 -5.80 -44.31
CMB BCL ED . 10.20 -8.39 -45.33
CAB BCL ED . 13.61 -8.31 -44.80
OBB BCL ED . 14.76 -8.04 -44.74
CBB BCL ED . 13.20 -9.73 -44.96
NC BCL ED . 13.41 -2.96 -43.43
C1C BCL ED . 14.31 -3.93 -43.61
C2C BCL ED . 15.70 -3.48 -43.32
C3C BCL ED . 15.49 -2.13 -42.74
C4C BCL ED . 14.04 -1.97 -42.91
CMC BCL ED . 16.41 -4.37 -42.31
CAC BCL ED . 16.17 -0.98 -43.46
CBC BCL ED . 17.54 -0.68 -42.91
ND BCL ED . 11.35 -1.23 -43.05
C1D BCL ED . 12.20 -0.34 -42.58
C2D BCL ED . 11.56 0.91 -42.15
C3D BCL ED . 10.18 0.62 -42.54
C4D BCL ED . 10.16 -0.59 -43.07
CMD BCL ED . 12.09 2.14 -41.53
CAD BCL ED . 8.82 1.16 -42.56
OBD BCL ED . 8.52 2.33 -42.17
CBD BCL ED . 7.90 0.18 -43.22
CGD BCL ED . 6.66 -0.12 -42.44
O1D BCL ED . 6.67 -0.54 -41.33
O2D BCL ED . 5.39 0.11 -43.09
CED BCL ED . 4.32 0.65 -42.34
C1 BCL ED . 3.93 -5.36 -46.38
C2 BCL ED . 5.16 -6.23 -46.44
C3 BCL ED . 5.53 -6.89 -47.54
C4 BCL ED . 4.71 -6.84 -48.78
C5 BCL ED . 6.81 -7.69 -47.51
C6 BCL ED . 7.89 -7.00 -48.35
C7 BCL ED . 8.17 -5.56 -47.90
C8 BCL ED . 9.46 -4.96 -48.43
C9 BCL ED . 9.12 -3.98 -49.53
C10 BCL ED . 10.39 -6.06 -48.92
C11 BCL ED . 11.82 -5.91 -48.45
C12 BCL ED . 12.72 -6.73 -49.34
C13 BCL ED . 14.18 -6.37 -49.17
C14 BCL ED . 14.44 -6.22 -47.69
C15 BCL ED . 14.52 -5.07 -49.86
C16 BCL ED . 15.27 -5.26 -51.18
C17 BCL ED . 16.74 -5.55 -50.97
C18 BCL ED . 17.37 -5.85 -52.32
C19 BCL ED . 18.55 -6.78 -52.23
C20 BCL ED . 17.77 -4.54 -53.00
C1M CRT FD . -16.58 4.18 -52.91
O1 CRT FD . -15.84 5.20 -53.56
C1 CRT FD . -15.31 6.27 -52.76
C2 CRT FD . -14.75 7.31 -53.72
C3 CRT FD . -16.45 6.83 -51.93
C4 CRT FD . -14.19 5.74 -51.84
C5 CRT FD . -13.92 6.55 -50.62
C6 CRT FD . -12.89 6.39 -49.78
C7 CRT FD . -11.53 6.26 -50.09
C8 CRT FD . -10.99 7.04 -51.22
C9 CRT FD . -10.66 5.41 -49.40
C10 CRT FD . -9.28 5.29 -49.51
C11 CRT FD . -8.53 4.24 -49.02
C12 CRT FD . -7.14 4.14 -48.88
C13 CRT FD . -6.31 5.36 -49.05
C14 CRT FD . -6.50 2.92 -48.59
C15 CRT FD . -5.16 2.65 -48.40
C16 CRT FD . -4.69 1.38 -48.11
C17 CRT FD . -3.38 0.95 -47.81
C18 CRT FD . -2.28 1.93 -47.89
C19 CRT FD . -3.11 -0.37 -47.43
C20 CRT FD . -1.92 -0.94 -47.01
C21 CRT FD . -1.74 -2.18 -46.42
C22 CRT FD . -0.61 -2.81 -45.93
C23 CRT FD . -0.55 -3.94 -45.10
C24 CRT FD . -1.81 -4.62 -44.76
C25 CRT FD . 0.65 -4.44 -44.58
C26 CRT FD . 0.85 -5.38 -43.59
C27 CRT FD . 2.08 -5.75 -43.10
C28 CRT FD . 2.39 -6.56 -42.00
C29 CRT FD . 1.31 -7.26 -41.28
C30 CRT FD . 3.72 -6.71 -41.55
C31 CRT FD . 4.21 -7.32 -40.42
C32 CRT FD . 5.56 -7.29 -40.13
C33 CRT FD . 6.26 -7.77 -39.02
C34 CRT FD . 5.52 -8.49 -37.95
C35 CRT FD . 7.64 -7.59 -38.89
C36 CRT FD . 8.46 -7.97 -37.91
C37 CRT FD . 9.93 -7.71 -37.94
C38 CRT FD . 10.51 -6.90 -36.76
C39 CRT FD . 12.00 -6.68 -36.95
C40 CRT FD . 9.76 -5.58 -36.62
O2 CRT FD . 10.31 -7.65 -35.55
C2M CRT FD . 10.87 -7.16 -34.36
MG BCL GD . 11.71 6.20 -43.35
CHA BCL GD . 9.33 4.35 -44.80
CHB BCL GD . 9.54 8.54 -42.51
CHC BCL GD . 14.28 7.91 -41.93
CHD BCL GD . 14.14 3.83 -44.38
NA BCL GD . 9.76 6.45 -43.62
C1A BCL GD . 8.94 5.62 -44.14
C2A BCL GD . 7.53 6.11 -44.05
C3A BCL GD . 7.66 7.54 -43.66
C4A BCL GD . 9.08 7.54 -43.25
CMA BCL GD . 7.32 8.51 -44.79
CAA BCL GD . 6.76 5.43 -42.95
CBA BCL GD . 5.71 4.48 -43.48
CGA BCL GD . 4.35 4.99 -43.09
O1A BCL GD . 4.06 6.11 -43.38
O2A BCL GD . 3.40 4.16 -42.40
NB BCL GD . 11.92 7.97 -42.37
C1B BCL GD . 10.90 8.80 -42.09
C2B BCL GD . 11.23 10.01 -41.35
C3B BCL GD . 12.67 9.83 -41.17
C4B BCL GD . 12.98 8.54 -41.82
CMB BCL GD . 10.27 11.06 -40.92
CAB BCL GD . 13.62 10.71 -40.46
OBB BCL GD . 14.79 10.62 -40.68
CBB BCL GD . 13.16 11.71 -39.46
NC BCL GD . 13.71 5.98 -43.20
C1C BCL GD . 14.58 6.85 -42.65
C2C BCL GD . 16.01 6.47 -42.82
C3C BCL GD . 15.88 5.03 -43.21
C4C BCL GD . 14.45 4.99 -43.58
CMC BCL GD . 16.72 7.20 -43.92
CAC BCL GD . 16.09 4.02 -42.11
CBC BCL GD . 17.26 3.13 -42.42
ND BCL GD . 11.87 4.45 -44.36
C1D BCL GD . 12.78 3.57 -44.73
C2D BCL GD . 12.25 2.41 -45.47
C3D BCL GD . 10.84 2.78 -45.48
C4D BCL GD . 10.70 3.92 -44.83
CMD BCL GD . 12.84 1.18 -46.08
CAD BCL GD . 9.52 2.34 -45.92
OBD BCL GD . 9.27 1.28 -46.56
CBD BCL GD . 8.50 3.33 -45.50
CGD BCL GD . 7.80 3.83 -46.72
O1D BCL GD . 8.40 4.22 -47.68
O2D BCL GD . 6.37 3.85 -46.80
CED BCL GD . 5.77 4.91 -47.52
C1 BCL GD . 2.06 4.59 -42.19
C2 BCL GD . 1.28 4.41 -43.45
C3 BCL GD . 0.02 4.85 -43.55
C4 BCL GD . -0.62 5.51 -42.38
C5 BCL GD . -0.76 4.68 -44.83
C6 BCL GD . -2.03 5.50 -44.71
C7 BCL GD . -3.20 4.87 -45.46
C8 BCL GD . -4.26 4.37 -44.49
C9 BCL GD . -4.15 2.87 -44.29
C10 BCL GD . -5.64 4.71 -45.01
C11 BCL GD . -5.80 6.20 -45.26
C12 BCL GD . -6.78 6.79 -44.29
C13 BCL GD . -7.83 7.67 -44.97
C14 BCL GD . -7.48 7.98 -46.42
C15 BCL GD . -8.02 8.97 -44.18
C16 BCL GD . -7.95 8.74 -42.69
C17 BCL GD . -6.90 9.62 -42.03
C18 BCL GD . -7.41 10.25 -40.75
C19 BCL GD . -6.34 11.13 -40.13
C20 BCL GD . -7.87 9.19 -39.77
MG BCL HD . -3.41 -8.99 -50.74
CHA BCL HD . -2.31 -11.92 -51.99
CHB BCL HD . -3.11 -10.13 -47.64
CHC BCL HD . -4.57 -6.00 -49.60
CHD BCL HD . -3.20 -7.54 -53.93
NA BCL HD . -2.90 -10.74 -49.93
C1A BCL HD . -2.56 -11.83 -50.53
C2A BCL HD . -2.34 -12.98 -49.58
C3A BCL HD . -2.40 -12.32 -48.23
C4A BCL HD . -2.83 -10.96 -48.62
CMA BCL HD . -3.38 -12.94 -47.26
CAA BCL HD . -1.00 -13.66 -49.75
CBA BCL HD . -0.06 -13.50 -48.57
CGA BCL HD . 1.08 -12.60 -48.95
O1A BCL HD . 1.34 -12.41 -50.11
O2A BCL HD . 1.85 -11.94 -47.92
NB BCL HD . -3.76 -8.16 -48.90
C1B BCL HD . -3.62 -8.78 -47.72
C2B BCL HD . -3.96 -8.03 -46.51
C3B BCL HD . -4.41 -6.77 -47.11
C4B BCL HD . -4.25 -6.97 -48.57
CMB BCL HD . -3.84 -8.50 -45.09
CAB BCL HD . -4.87 -5.55 -46.42
OBB BCL HD . -4.48 -4.49 -46.83
CBB BCL HD . -5.79 -5.65 -45.25
NC BCL HD . -3.90 -7.22 -51.56
C1C BCL HD . -4.44 -6.18 -50.90
C2C BCL HD . -4.88 -5.07 -51.79
C3C BCL HD . -4.31 -5.50 -53.11
C4C BCL HD . -3.78 -6.84 -52.79
CMC BCL HD . -6.39 -4.99 -51.85
CAC BCL HD . -3.20 -4.59 -53.62
CBC BCL HD . -1.97 -4.51 -52.75
ND BCL HD . -2.86 -9.47 -52.62
C1D BCL HD . -2.81 -8.92 -53.83
C2D BCL HD . -2.35 -9.85 -54.90
C3D BCL HD . -2.15 -11.05 -54.09
C4D BCL HD . -2.46 -10.76 -52.83
CMD BCL HD . -2.09 -9.80 -56.37
CAD BCL HD . -1.74 -12.46 -54.18
OBD BCL HD . -1.35 -13.05 -55.25
CBD BCL HD . -1.82 -13.07 -52.83
CGD BCL HD . -2.72 -14.28 -52.76
O1D BCL HD . -3.89 -14.24 -52.47
O2D BCL HD . -2.18 -15.59 -53.03
CED BCL HD . -2.72 -16.40 -54.07
C1 BCL HD . 1.51 -12.12 -46.55
C2 BCL HD . 0.71 -10.93 -46.10
C3 BCL HD . 1.27 -9.92 -45.44
C4 BCL HD . 2.72 -9.92 -45.08
C5 BCL HD . 0.38 -8.75 -45.06
C6 BCL HD . -0.17 -8.15 -46.34
C7 BCL HD . 0.92 -7.50 -47.17
C8 BCL HD . 0.39 -6.96 -48.48
C9 BCL HD . -0.58 -5.83 -48.25
C10 BCL HD . -0.27 -8.09 -49.24
C11 BCL HD . -0.29 -7.75 -50.71
C12 BCL HD . 1.06 -8.08 -51.30
C13 BCL HD . 0.90 -8.72 -52.65
C14 BCL HD . 1.38 -10.16 -52.60
C15 BCL HD . 1.70 -7.92 -53.66
C16 BCL HD . 0.98 -7.85 -54.99
C17 BCL HD . 0.35 -6.47 -55.21
C18 BCL HD . 1.33 -5.54 -55.91
C19 BCL HD . 1.52 -4.26 -55.12
C20 BCL HD . 0.87 -5.21 -57.33
C1 8K6 ID . 3.12 9.52 -29.39
C2 8K6 ID . 4.63 9.41 -29.36
C3 8K6 ID . 5.19 8.42 -30.34
C4 8K6 ID . 6.69 8.31 -30.31
C5 8K6 ID . 7.25 7.82 -28.99
C6 8K6 ID . 8.74 7.98 -28.86
C7 8K6 ID . 9.29 7.58 -27.52
C8 8K6 ID . 9.55 6.10 -27.36
C9 8K6 ID . 10.81 5.63 -28.05
C10 8K6 ID . 11.11 4.16 -27.84
C11 8K6 ID . 12.46 3.73 -28.35
C12 8K6 ID . 13.63 4.47 -27.74
C13 8K6 ID . 14.98 3.89 -28.05
C14 8K6 ID . 15.32 3.83 -29.52
C15 8K6 ID . 16.73 3.39 -29.81
C16 8K6 ID . 17.78 4.28 -29.18
C17 8K6 ID . 19.21 3.89 -29.45
C18 8K6 ID . 20.22 4.83 -28.83
C1 8K6 JD . 3.57 4.51 -29.32
C2 8K6 JD . 4.30 4.86 -30.60
C3 8K6 JD . 4.93 3.67 -31.27
C4 8K6 JD . 5.95 2.94 -30.42
C5 8K6 JD . 6.58 1.75 -31.11
C6 8K6 JD . 7.54 0.98 -30.24
C7 8K6 JD . 8.74 1.77 -29.78
C8 8K6 JD . 9.63 1.02 -28.84
C9 8K6 JD . 10.18 -0.27 -29.40
C10 8K6 JD . 11.19 -0.08 -30.50
C11 8K6 JD . 12.57 0.26 -30.03
C12 8K6 JD . 13.16 -0.75 -29.08
C13 8K6 JD . 14.66 -0.67 -28.96
C14 8K6 JD . 15.40 -0.89 -30.26
C15 8K6 JD . 16.88 -1.10 -30.09
C16 8K6 JD . 17.26 -2.34 -29.34
C17 8K6 JD . 18.74 -2.59 -29.23
C18 8K6 JD . 19.49 -1.49 -28.49
MG BCL KD . 11.70 14.41 -42.55
CHA BCL KD . 8.92 16.07 -41.44
CHB BCL KD . 9.75 12.32 -44.25
CHC BCL KD . 14.46 12.63 -43.31
CHD BCL KD . 13.65 16.23 -40.29
NA BCL KD . 9.72 14.25 -42.86
C1A BCL KD . 8.79 15.03 -42.47
C2A BCL KD . 7.47 14.65 -43.01
C3A BCL KD . 7.69 13.23 -43.41
C4A BCL KD . 9.16 13.23 -43.52
CMA BCL KD . 7.16 12.26 -42.38
CAA BCL KD . 7.09 15.47 -44.21
CBA BCL KD . 5.66 15.94 -44.01
CGA BCL KD . 4.67 14.86 -44.14
O1A BCL KD . 4.03 14.51 -43.17
O2A BCL KD . 4.43 14.22 -45.42
NB BCL KD . 12.06 12.70 -43.60
C1B BCL KD . 11.16 11.97 -44.26
C2B BCL KD . 11.64 10.80 -44.99
C3B BCL KD . 13.09 10.88 -44.71
C4B BCL KD . 13.22 12.11 -43.86
CMB BCL KD . 10.79 9.85 -45.77
CAB BCL KD . 14.20 9.99 -45.14
OBB BCL KD . 15.33 10.30 -44.89
CBB BCL KD . 13.94 8.71 -45.86
NC BCL KD . 13.64 14.47 -42.03
C1C BCL KD . 14.61 13.67 -42.49
C2C BCL KD . 15.97 14.03 -42.00
C3C BCL KD . 15.68 15.13 -41.04
C4C BCL KD . 14.22 15.25 -41.18
CMC BCL KD . 16.70 12.94 -41.24
CAC BCL KD . 16.33 16.44 -41.43
CBC BCL KD . 17.50 16.75 -40.54
ND BCL KD . 11.46 15.83 -41.12
C1D BCL KD . 12.25 16.52 -40.32
C2D BCL KD . 11.54 17.48 -39.46
C3D BCL KD . 10.18 17.28 -39.97
C4D BCL KD . 10.23 16.35 -40.90
CMD BCL KD . 11.99 18.42 -38.41
CAD BCL KD . 8.78 17.70 -39.81
OBD BCL KD . 8.38 18.61 -39.03
CBD BCL KD . 7.92 16.98 -40.79
CGD BCL KD . 6.73 16.40 -40.12
O1D BCL KD . 6.77 15.36 -39.52
O2D BCL KD . 5.48 17.08 -40.16
CED BCL KD . 4.29 16.33 -40.09
C1 BCL KD . 4.14 12.83 -45.55
C2 BCL KD . 5.39 12.15 -46.02
C3 BCL KD . 5.71 12.11 -47.30
C4 BCL KD . 4.81 12.72 -48.34
C5 BCL KD . 6.99 11.45 -47.72
C6 BCL KD . 7.98 12.49 -48.24
C7 BCL KD . 8.13 13.73 -47.34
C8 BCL KD . 9.49 14.39 -47.41
C9 BCL KD . 9.45 15.53 -48.41
C10 BCL KD . 10.50 13.31 -47.77
C11 BCL KD . 11.94 13.71 -47.68
C12 BCL KD . 12.67 13.20 -48.90
C13 BCL KD . 14.16 13.33 -48.71
C14 BCL KD . 14.46 12.66 -47.41
C15 BCL KD . 14.59 14.79 -48.64
C16 BCL KD . 15.41 15.29 -49.82
C17 BCL KD . 16.89 15.01 -49.66
C18 BCL KD . 17.55 15.17 -51.00
C19 BCL KD . 18.73 14.21 -51.19
C20 BCL KD . 17.97 16.62 -51.22
C1M CRT LD . -16.37 22.80 -48.19
O1 CRT LD . -15.83 24.10 -48.36
C1 CRT LD . -15.46 24.83 -47.18
C2 CRT LD . -15.09 26.23 -47.62
C3 CRT LD . -16.65 24.81 -46.24
C4 CRT LD . -14.25 24.14 -46.51
C5 CRT LD . -14.11 24.38 -45.04
C6 CRT LD . -13.06 24.06 -44.29
C7 CRT LD . -11.70 24.18 -44.64
C8 CRT LD . -11.22 25.46 -45.20
C9 CRT LD . -10.78 23.12 -44.53
C10 CRT LD . -9.42 23.13 -44.65
C11 CRT LD . -8.63 22.00 -44.73
C12 CRT LD . -7.23 21.87 -44.61
C13 CRT LD . -6.44 23.04 -44.18
C14 CRT LD . -6.55 20.68 -44.89
C15 CRT LD . -5.21 20.39 -44.77
C16 CRT LD . -4.67 19.15 -45.06
C17 CRT LD . -3.36 18.69 -44.90
C18 CRT LD . -2.31 19.67 -44.52
C19 CRT LD . -3.01 17.35 -45.05
C20 CRT LD . -1.80 16.72 -44.83
C21 CRT LD . -1.54 15.36 -44.76
C22 CRT LD . -0.39 14.68 -44.49
C23 CRT LD . -0.23 13.32 -44.17
C24 CRT LD . -1.43 12.45 -44.19
C25 CRT LD . 1.00 12.76 -43.81
C26 CRT LD . 1.27 11.52 -43.27
C27 CRT LD . 2.52 11.11 -42.87
C28 CRT LD . 2.91 9.96 -42.18
C29 CRT LD . 1.90 8.91 -41.89
C30 CRT LD . 4.21 9.78 -41.72
C31 CRT LD . 4.76 8.80 -40.93
C32 CRT LD . 6.09 8.85 -40.54
C33 CRT LD . 6.83 7.99 -39.71
C34 CRT LD . 6.15 6.83 -39.09
C35 CRT LD . 8.18 8.20 -39.48
C36 CRT LD . 9.02 7.49 -38.73
C37 CRT LD . 10.47 7.83 -38.57
C38 CRT LD . 10.94 8.12 -37.15
C39 CRT LD . 12.45 8.32 -37.12
C40 CRT LD . 10.21 9.34 -36.59
O2 CRT LD . 10.61 6.99 -36.33
C2M CRT LD . 10.97 7.02 -34.96
MG BCL MD . 11.49 22.75 -38.55
CHA BCL MD . 9.21 21.43 -40.62
CHB BCL MD . 9.15 24.38 -36.86
CHC BCL MD . 13.93 23.90 -36.50
CHD BCL MD . 14.03 21.03 -40.31
NA BCL MD . 9.52 22.96 -38.72
C1A BCL MD . 8.76 22.37 -39.55
C2A BCL MD . 7.32 22.71 -39.33
C3A BCL MD . 7.37 23.87 -38.40
C4A BCL MD . 8.77 23.76 -37.96
CMA BCL MD . 7.06 25.18 -39.07
CAA BCL MD . 6.60 21.61 -38.61
CBA BCL MD . 5.58 20.96 -39.51
CGA BCL MD . 4.24 21.23 -38.94
O1A BCL MD . 3.85 22.35 -38.90
O2A BCL MD . 3.45 20.14 -38.42
NB BCL MD . 11.57 23.97 -36.91
C1B BCL MD . 10.50 24.54 -36.34
C2B BCL MD . 10.76 25.36 -35.16
C3B BCL MD . 12.20 25.22 -35.05
C4B BCL MD . 12.59 24.35 -36.16
CMB BCL MD . 9.74 26.10 -34.35
CAB BCL MD . 13.12 25.82 -34.05
OBB BCL MD . 14.27 25.95 -34.37
CBB BCL MD . 12.69 26.24 -32.69
NC BCL MD . 13.48 22.57 -38.42
C1C BCL MD . 14.28 23.16 -37.53
C2C BCL MD . 15.71 22.87 -37.73
C3C BCL MD . 15.67 21.76 -38.71
C4C BCL MD . 14.27 21.83 -39.14
CMC BCL MD . 16.45 24.03 -38.33
CAC BCL MD . 15.89 20.39 -38.11
CBC BCL MD . 17.27 19.90 -38.44
ND BCL MD . 11.73 21.49 -40.13
C1D BCL MD . 12.69 20.84 -40.77
C2D BCL MD . 12.24 20.00 -41.89
C3D BCL MD . 10.81 20.27 -41.78
C4D BCL MD . 10.60 21.11 -40.78
CMD BCL MD . 12.90 19.09 -42.88
CAD BCL MD . 9.50 19.96 -42.39
OBD BCL MD . 9.32 19.18 -43.37
CBD BCL MD . 8.44 20.70 -41.67
CGD BCL MD . 7.71 21.60 -42.61
O1D BCL MD . 8.32 22.34 -43.33
O2D BCL MD . 6.29 21.59 -42.71
CED BCL MD . 5.59 22.74 -43.17
C1 BCL MD . 2.09 20.30 -38.10
C2 BCL MD . 1.30 20.58 -39.35
C3 BCL MD . 0.03 20.98 -39.30
C4 BCL MD . -0.66 21.16 -38.00
C5 BCL MD . -0.72 21.26 -40.56
C6 BCL MD . -2.15 21.58 -40.20
C7 BCL MD . -3.09 20.72 -41.02
C8 BCL MD . -4.40 20.47 -40.31
C9 BCL MD . -5.06 19.22 -40.86
C10 BCL MD . -5.23 21.71 -40.49
C11 BCL MD . -6.66 21.52 -40.05
C12 BCL MD . -7.46 22.73 -40.49
C13 BCL MD . -8.56 23.11 -39.51
C14 BCL MD . -8.62 24.62 -39.40
C15 BCL MD . -8.32 22.44 -38.16
C16 BCL MD . -8.49 23.36 -36.95
C17 BCL MD . -7.75 22.74 -35.78
C18 BCL MD . -8.16 23.37 -34.45
C19 BCL MD . -6.95 23.87 -33.67
C20 BCL MD . -8.93 22.38 -33.61
MG BCL ND . -2.66 10.74 -51.52
CHA BCL ND . -1.32 8.52 -53.69
CHB BCL ND . -2.35 8.53 -49.06
CHC BCL ND . -3.98 13.03 -49.39
CHD BCL ND . -2.56 13.25 -53.99
NA BCL ND . -2.02 8.84 -51.39
C1A BCL ND . -1.61 8.06 -52.32
C2A BCL ND . -1.38 6.65 -51.83
C3A BCL ND . -1.40 6.80 -50.35
C4A BCL ND . -1.96 8.15 -50.25
CMA BCL ND . -2.27 5.77 -49.63
CAA BCL ND . -0.07 6.02 -52.24
CBA BCL ND . 0.92 5.89 -51.09
CGA BCL ND . 2.15 6.66 -51.42
O1A BCL ND . 2.35 7.03 -52.55
O2A BCL ND . 3.09 6.96 -50.36
NB BCL ND . -3.08 10.80 -49.53
C1B BCL ND . -2.92 9.79 -48.67
C2B BCL ND . -3.31 10.01 -47.28
C3B BCL ND . -3.82 11.38 -47.38
C4B BCL ND . -3.63 11.75 -48.79
CMB BCL ND . -3.19 9.03 -46.15
CAB BCL ND . -4.35 12.23 -46.30
OBB BCL ND . -4.10 13.41 -46.34
CBB BCL ND . -5.19 11.64 -45.22
NC BCL ND . -3.20 12.67 -51.65
C1C BCL ND . -3.79 13.37 -50.67
C2C BCL ND . -4.22 14.73 -51.06
C3C BCL ND . -3.60 14.87 -52.40
C4C BCL ND . -3.07 13.48 -52.64
CMC BCL ND . -5.72 14.86 -51.16
CAC BCL ND . -2.51 15.95 -52.41
CBC BCL ND . -1.22 15.60 -51.73
ND BCL ND . -2.05 11.01 -53.45
C1D BCL ND . -2.07 11.95 -54.38
C2D BCL ND . -1.55 11.49 -55.69
C3D BCL ND . -1.26 10.10 -55.35
C4D BCL ND . -1.59 9.89 -54.08
CMD BCL ND . -1.27 12.06 -57.06
CAD BCL ND . -0.73 8.84 -55.91
OBD BCL ND . -0.31 8.68 -57.10
CBD BCL ND . -0.78 7.79 -54.86
CGD BCL ND . -1.65 6.63 -55.26
O1D BCL ND . -2.84 6.59 -55.03
O2D BCL ND . -1.10 5.47 -55.92
CED BCL ND . -1.77 4.94 -57.06
C1 BCL ND . 2.87 6.50 -49.04
C2 BCL ND . 2.05 7.48 -48.24
C3 BCL ND . 2.40 7.95 -47.03
C4 BCL ND . 3.66 7.53 -46.35
C5 BCL ND . 1.53 8.92 -46.32
C6 BCL ND . 0.79 9.75 -47.34
C7 BCL ND . 1.08 11.22 -47.13
C8 BCL ND . 0.99 12.02 -48.42
C9 BCL ND . -0.23 12.93 -48.40
C10 BCL ND . 0.94 11.09 -49.60
C11 BCL ND . 1.13 11.88 -50.86
C12 BCL ND . 1.60 10.96 -51.96
C13 BCL ND . 1.51 11.66 -53.30
C14 BCL ND . 2.62 11.18 -54.22
C15 BCL ND . 1.56 13.16 -53.08
C16 BCL ND . 2.21 13.88 -54.25
C17 BCL ND . 1.17 14.65 -55.04
C18 BCL ND . 1.84 15.76 -55.85
C19 BCL ND . 1.46 17.14 -55.30
C20 BCL ND . 1.51 15.61 -57.32
C1 8K6 OD . -17.38 10.38 -37.20
C2 8K6 OD . -18.19 11.61 -36.88
C3 8K6 OD . -18.34 11.87 -35.41
C4 8K6 OD . -17.04 12.07 -34.68
C5 8K6 OD . -17.20 12.33 -33.19
C6 8K6 OD . -15.90 12.54 -32.45
C7 8K6 OD . -15.14 13.78 -32.87
C8 8K6 OD . -13.82 13.96 -32.16
C9 8K6 OD . -13.07 15.23 -32.50
C10 8K6 OD . -13.69 16.51 -31.99
C11 8K6 OD . -14.69 17.15 -32.93
C12 8K6 OD . -15.41 18.33 -32.33
C13 8K6 OD . -14.53 19.47 -31.89
C14 8K6 OD . -13.67 20.04 -32.98
C15 8K6 OD . -13.01 21.35 -32.64
C16 8K6 OD . -12.16 21.32 -31.39
C17 8K6 OD . -11.00 20.37 -31.45
C18 8K6 OD . -10.12 20.43 -30.22
MG BCL PD . 1.06 17.58 38.30
CHA BCL PD . -1.53 15.44 38.10
CHB BCL PD . -0.96 20.13 37.58
CHC BCL PD . 3.75 19.62 38.42
CHD BCL PD . 3.27 14.89 38.75
NA BCL PD . -0.89 17.78 37.90
C1A BCL PD . -1.79 16.89 37.97
C2A BCL PD . -3.15 17.45 37.78
C3A BCL PD . -2.86 18.72 37.04
C4A BCL PD . -1.47 18.92 37.51
CMA BCL PD . -3.00 18.58 35.54
CAA BCL PD . -3.80 17.84 39.08
CBA BCL PD . -5.24 17.34 39.14
CGA BCL PD . -6.19 18.01 38.19
O1A BCL PD . -6.64 17.38 37.27
O2A BCL PD . -6.66 19.37 38.38
NB BCL PD . 1.38 19.59 38.01
C1B BCL PD . 0.44 20.50 37.74
C2B BCL PD . 0.89 21.90 37.60
C3B BCL PD . 2.32 21.74 37.86
C4B BCL PD . 2.49 20.29 38.10
CMB BCL PD . 0.05 23.11 37.27
CAB BCL PD . 3.41 22.75 37.86
OBB BCL PD . 4.55 22.38 37.90
CBB BCL PD . 3.12 24.20 37.79
NC BCL PD . 3.04 17.35 38.58
C1C BCL PD . 3.94 18.34 38.64
C2C BCL PD . 5.32 17.88 38.95
C3C BCL PD . 5.17 16.42 38.99
C4C BCL PD . 3.71 16.28 38.76
CMC BCL PD . 6.28 18.25 37.84
CAC BCL PD . 5.51 15.75 40.32
CBC BCL PD . 6.91 15.22 40.37
ND BCL PD . 1.04 15.58 38.39
C1D BCL PD . 1.89 14.58 38.61
C2D BCL PD . 1.27 13.25 38.60
C3D BCL PD . -0.13 13.64 38.40
C4D BCL PD . -0.18 14.96 38.32
CMD BCL PD . 1.81 11.89 38.75
CAD BCL PD . -1.49 13.11 38.24
OBD BCL PD . -1.80 11.88 38.31
CBD BCL PD . -2.45 14.24 38.13
CGD BCL PD . -3.44 14.10 37.02
O1D BCL PD . -3.18 14.44 35.91
O2D BCL PD . -4.73 13.55 37.31
CED BCL PD . -5.83 13.94 36.51
C1 BCL PD . -6.46 20.42 37.42
C2 BCL PD . -5.24 21.14 37.91
C3 BCL PD . -5.27 22.27 38.61
C4 BCL PD . -6.54 22.98 38.94
C5 BCL PD . -3.96 22.83 39.05
C6 BCL PD . -3.81 22.53 40.54
C7 BCL PD . -3.57 21.07 40.90
C8 BCL PD . -2.21 20.89 41.54
C9 BCL PD . -2.32 21.20 43.02
C10 BCL PD . -1.24 21.82 40.85
C11 BCL PD . 0.19 21.63 41.30
C12 BCL PD . 0.74 22.92 41.84
C13 BCL PD . 2.14 22.68 42.35
C14 BCL PD . 2.79 21.76 41.37
C15 BCL PD . 2.13 22.06 43.74
C16 BCL PD . 2.68 22.95 44.84
C17 BCL PD . 4.08 22.57 45.29
C18 BCL PD . 4.52 23.51 46.39
C19 BCL PD . 5.75 24.31 46.03
C20 BCL PD . 4.78 22.75 47.69
C1M CRT QD . -28.97 14.63 41.23
O1 CRT QD . -28.32 13.94 42.28
C1 CRT QD . -27.80 12.63 41.98
C2 CRT QD . -27.26 12.04 43.28
C3 CRT QD . -28.94 11.79 41.40
C4 CRT QD . -26.66 12.75 40.95
C5 CRT QD . -26.17 11.47 40.36
C6 CRT QD . -24.91 11.03 40.28
C7 CRT QD . -23.75 11.48 40.94
C8 CRT QD . -23.75 11.55 42.42
C9 CRT QD . -22.60 11.93 40.25
C10 CRT QD . -21.33 12.19 40.75
C11 CRT QD . -20.36 12.94 40.11
C12 CRT QD . -18.99 13.05 40.37
C13 CRT QD . -18.36 12.05 41.27
C14 CRT QD . -18.19 14.07 39.83
C15 CRT QD . -16.82 14.27 39.92
C16 CRT QD . -16.16 15.32 39.30
C17 CRT QD . -14.78 15.57 39.18
C18 CRT QD . -13.83 14.68 39.89
C19 CRT QD . -14.27 16.61 38.40
C20 CRT QD . -12.96 16.93 38.11
C21 CRT QD . -12.44 17.85 37.20
C22 CRT QD . -11.13 18.12 36.83
C23 CRT QD . -10.67 18.89 35.75
C24 CRT QD . -11.66 19.66 34.94
C25 CRT QD . -9.31 18.96 35.39
C26 CRT QD . -8.73 19.47 34.25
C27 CRT QD . -7.38 19.42 33.99
C28 CRT QD . -6.67 19.76 32.81
C29 CRT QD . -7.43 20.29 31.66
C30 CRT QD . -5.28 19.63 32.70
C31 CRT QD . -4.44 19.85 31.63
C32 CRT QD . -3.08 19.70 31.72
C33 CRT QD . -2.07 19.85 30.75
C34 CRT QD . -2.47 20.18 29.36
C35 CRT QD . -0.71 19.70 31.05
C36 CRT QD . 0.34 19.72 30.25
C37 CRT QD . 1.76 19.64 30.73
C38 CRT QD . 2.57 18.42 30.26
C39 CRT QD . 3.94 18.42 30.92
C40 CRT QD . 1.80 17.14 30.54
O2 CRT QD . 2.76 18.54 28.83
C2M CRT QD . 3.54 17.54 28.20
MG BCL RD . 0.54 9.03 41.92
CHA BCL RD . -1.95 11.26 41.63
CHB BCL RD . -1.56 6.51 41.41
CHC BCL RD . 3.19 6.92 42.08
CHD BCL RD . 2.84 11.66 42.43
NA BCL RD . -1.43 8.87 41.65
C1A BCL RD . -2.27 9.82 41.51
C2A BCL RD . -3.65 9.29 41.25
C3A BCL RD . -3.56 7.85 41.63
C4A BCL RD . -2.08 7.71 41.60
CMA BCL RD . -4.17 7.57 42.99
CAA BCL RD . -4.02 9.33 39.80
CBA BCL RD . -5.07 10.38 39.53
CGA BCL RD . -6.33 9.70 39.08
O1A BCL RD . -6.81 8.84 39.77
O2A BCL RD . -6.96 10.09 37.83
NB BCL RD . 0.81 7.00 41.77
C1B BCL RD . -0.16 6.12 41.56
C2B BCL RD . 0.25 4.72 41.47
C3B BCL RD . 1.69 4.82 41.66
C4B BCL RD . 1.91 6.26 41.85
CMB BCL RD . -0.67 3.57 41.22
CAB BCL RD . 2.72 3.74 41.70
OBB BCL RD . 3.81 3.98 42.14
CBB BCL RD . 2.44 2.38 41.17
NC BCL RD . 2.52 9.20 42.24
C1C BCL RD . 3.40 8.19 42.33
C2C BCL RD . 4.77 8.62 42.67
C3C BCL RD . 4.68 10.08 42.46
C4C BCL RD . 3.22 10.26 42.37
CMC BCL RD . 5.15 8.32 44.10
CAC BCL RD . 5.24 10.56 41.15
CBC BCL RD . 6.50 11.35 41.39
ND BCL RD . 0.60 11.05 42.03
C1D BCL RD . 1.47 12.03 42.22
C2D BCL RD . 0.88 13.38 42.19
C3D BCL RD . -0.52 13.03 41.95
C4D BCL RD . -0.59 11.70 41.88
CMD BCL RD . 1.40 14.76 42.34
CAD BCL RD . -1.87 13.58 41.76
OBD BCL RD . -2.17 14.82 41.76
CBD BCL RD . -2.82 12.46 41.56
CGD BCL RD . -3.86 12.48 42.61
O1D BCL RD . -3.59 12.56 43.77
O2D BCL RD . -5.25 12.40 42.28
CED BCL RD . -6.17 11.96 43.26
C1 BCL RD . -8.26 9.67 37.49
C2 BCL RD . -9.28 10.31 38.39
C3 BCL RD . -10.59 10.08 38.27
C4 BCL RD . -11.10 9.17 37.22
C5 BCL RD . -11.55 10.77 39.23
C6 BCL RD . -12.95 10.19 39.06
C7 BCL RD . -13.99 11.28 38.92
C8 BCL RD . -14.89 11.05 37.72
C9 BCL RD . -14.96 12.29 36.82
C10 BCL RD . -16.29 10.66 38.20
C11 BCL RD . -16.89 9.61 37.28
C12 BCL RD . -17.83 8.69 38.06
C13 BCL RD . -18.49 7.65 37.18
C14 BCL RD . -19.21 6.60 38.02
C15 BCL RD . -17.47 6.99 36.27
C16 BCL RD . -17.87 5.58 35.86
C17 BCL RD . -18.07 5.50 34.35
C18 BCL RD . -18.04 4.06 33.85
C19 BCL RD . -16.87 3.88 32.90
C20 BCL RD . -19.36 3.65 33.20
C1M CRT SD . -26.78 26.03 30.67
O1 CRT SD . -26.30 26.00 31.99
C1 CRT SD . -25.87 27.22 32.61
C2 CRT SD . -25.47 26.96 34.04
C3 CRT SD . -27.02 28.21 32.52
C4 CRT SD . -24.66 27.75 31.82
C5 CRT SD . -23.41 26.93 31.86
C6 CRT SD . -22.33 27.26 31.15
C7 CRT SD . -21.06 26.66 31.10
C8 CRT SD . -20.74 25.56 32.05
C9 CRT SD . -20.10 27.06 30.13
C10 CRT SD . -18.72 26.92 30.10
C11 CRT SD . -17.77 26.40 30.96
C12 CRT SD . -16.38 26.61 30.91
C13 CRT SD . -15.51 25.86 31.86
C14 CRT SD . -15.78 27.50 30.01
C15 CRT SD . -14.45 27.84 29.87
C16 CRT SD . -13.89 28.72 28.96
C17 CRT SD . -12.54 29.04 28.79
C18 CRT SD . -11.55 28.40 29.70
C19 CRT SD . -12.05 29.90 27.79
C20 CRT SD . -10.75 30.36 27.62
C21 CRT SD . -10.12 30.95 26.53
C22 CRT SD . -10.60 31.26 25.26
C23 CRT SD . -9.86 31.58 24.11
C24 CRT SD . -10.62 31.90 22.87
C25 CRT SD . -8.45 31.61 24.05
C26 CRT SD . -7.67 31.79 22.92
C27 CRT SD . -6.29 31.81 22.79
C28 CRT SD . -5.55 31.81 21.60
C29 CRT SD . -6.31 31.81 20.33
C30 CRT SD . -4.15 31.81 21.53
C31 CRT SD . -3.36 31.65 20.40
C32 CRT SD . -1.99 31.59 20.28
C33 CRT SD . -1.22 31.29 19.14
C34 CRT SD . -1.93 31.00 17.88
C35 CRT SD . 0.18 31.27 19.13
C36 CRT SD . 0.91 31.48 20.22
C37 CRT SD . 2.41 31.49 20.33
C38 CRT SD . 3.12 30.16 20.04
C39 CRT SD . 4.61 30.29 20.35
C40 CRT SD . 2.48 29.04 20.85
O2 CRT SD . 2.99 29.85 18.65
C2M CRT SD . 3.66 28.70 18.15
P PGV TD . 9.54 9.85 28.22
C01 PGV TD . 5.72 6.81 26.66
C02 PGV TD . 6.36 8.09 27.21
C03 PGV TD . 7.83 7.90 27.56
C04 PGV TD . 11.57 8.54 27.19
C05 PGV TD . 12.95 9.10 27.55
C06 PGV TD . 13.52 8.36 28.74
O01 PGV TD . 5.67 8.52 28.38
O02 PGV TD . 3.72 9.57 27.79
O03 PGV TD . 4.32 7.06 26.59
O04 PGV TD . 3.98 5.63 24.81
O05 PGV TD . 12.81 10.49 27.87
O06 PGV TD . 13.90 7.03 28.36
O11 PGV TD . 8.17 9.02 28.38
O12 PGV TD . 10.70 8.72 28.29
O13 PGV TD . 9.57 10.45 26.84
O14 PGV TD . 9.69 10.73 29.44
C1 PGV TD . 4.88 9.71 28.14
C2 PGV TD . 5.48 11.07 28.34
C3 PGV TD . 4.43 12.05 28.86
C4 PGV TD . 3.60 12.69 27.75
C5 PGV TD . 2.76 13.83 28.31
C6 PGV TD . 1.50 14.06 27.49
C7 PGV TD . 1.80 14.04 26.00
C8 PGV TD . 0.55 14.26 25.17
C9 PGV TD . 0.83 14.01 23.70
C10 PGV TD . -0.31 14.49 22.81
C11 PGV TD . 0.11 14.32 21.37
C12 PGV TD . -0.78 14.26 20.39
C13 PGV TD . -0.30 14.09 18.97
C14 PGV TD . -1.37 13.38 18.15
C15 PGV TD . -2.47 14.36 17.76
C16 PGV TD . -3.47 13.70 16.81
C17 PGV TD . -4.27 12.62 17.52
C18 PGV TD . -5.38 12.10 16.63
C19 PGV TD . 3.47 6.27 25.70
C20 PGV TD . 1.97 6.28 25.90
C21 PGV TD . 1.37 4.95 25.44
C22 PGV TD . 1.79 3.81 26.36
C23 PGV TD . 0.98 2.56 26.08
C24 PGV TD . 1.06 2.15 24.61
C25 PGV TD . 0.17 0.95 24.32
MG BCL UD . 10.88 29.85 -34.39
CHA BCL UD . 8.04 30.76 -32.79
CHB BCL UD . 9.09 28.53 -36.85
CHC BCL UD . 13.79 28.82 -35.78
CHD BCL UD . 12.74 30.77 -31.57
NA BCL UD . 8.93 29.74 -34.82
C1A BCL UD . 7.95 30.23 -34.16
C2A BCL UD . 6.66 30.09 -34.86
C3A BCL UD . 6.96 29.02 -35.84
C4A BCL UD . 8.43 29.08 -35.86
CMA BCL UD . 6.45 27.66 -35.40
CAA BCL UD . 6.22 31.33 -35.57
CBA BCL UD . 4.75 31.59 -35.32
CGA BCL UD . 3.82 30.63 -35.99
O1A BCL UD . 3.02 30.04 -35.30
O2A BCL UD . 3.81 30.43 -37.44
NB BCL UD . 11.39 28.79 -36.06
C1B BCL UD . 10.53 28.35 -36.98
C2B BCL UD . 11.10 27.61 -38.12
C3B BCL UD . 12.53 27.70 -37.80
C4B BCL UD . 12.58 28.45 -36.52
CMB BCL UD . 10.32 27.00 -39.25
CAB BCL UD . 13.69 27.14 -38.56
OBB BCL UD . 14.77 27.11 -38.03
CBB BCL UD . 13.53 26.54 -39.91
NC BCL UD . 12.83 29.92 -33.90
C1C BCL UD . 13.85 29.49 -34.64
C2C BCL UD . 15.18 29.77 -34.03
C3C BCL UD . 14.82 30.35 -32.71
C4C BCL UD . 13.36 30.35 -32.80
CMC BCL UD . 16.00 28.53 -33.79
CAC BCL UD . 15.31 31.78 -32.45
CBC BCL UD . 16.59 31.77 -31.67
ND BCL UD . 10.58 30.58 -32.54
C1D BCL UD . 11.33 30.95 -31.51
C2D BCL UD . 10.57 31.46 -30.37
C3D BCL UD . 9.22 31.38 -30.93
C4D BCL UD . 9.32 30.91 -32.15
CMD BCL UD . 10.97 31.92 -29.04
CAD BCL UD . 7.79 31.62 -30.64
OBD BCL UD . 7.33 32.10 -29.58
CBD BCL UD . 6.99 31.29 -31.86
CGD BCL UD . 5.78 30.45 -31.57
O1D BCL UD . 5.82 29.27 -31.36
O2D BCL UD . 4.50 31.10 -31.55
CED BCL UD . 3.31 30.35 -31.43
C1 BCL UD . 3.87 29.15 -38.10
C2 BCL UD . 5.14 29.28 -38.89
C3 BCL UD . 5.20 29.70 -40.15
C4 BCL UD . 3.98 30.04 -40.95
C5 BCL UD . 6.56 29.85 -40.77
C6 BCL UD . 7.01 31.33 -40.64
C7 BCL UD . 7.20 31.88 -39.22
C8 BCL UD . 8.63 32.31 -38.94
C9 BCL UD . 8.98 33.47 -39.83
C10 BCL UD . 9.57 31.15 -39.22
C11 BCL UD . 11.03 31.55 -39.22
C12 BCL UD . 11.76 31.04 -40.46
C13 BCL UD . 13.22 31.45 -40.43
C14 BCL UD . 13.90 30.55 -39.46
C15 BCL UD . 13.43 32.89 -39.97
C16 BCL UD . 14.22 33.74 -40.98
C17 BCL UD . 15.60 34.14 -40.50
C18 BCL UD . 16.38 34.71 -41.69
C19 BCL UD . 17.51 33.80 -42.14
C20 BCL UD . 16.90 36.10 -41.39
C1M CRT VD . -17.83 38.88 -37.12
O1 CRT VD . -17.18 39.90 -36.39
C1 CRT VD . -16.89 39.63 -35.01
C2 CRT VD . -16.31 40.90 -34.39
C3 CRT VD . -18.21 39.23 -34.34
C4 CRT VD . -15.89 38.48 -34.91
C5 CRT VD . -15.75 37.85 -33.56
C6 CRT VD . -14.64 37.61 -32.87
C7 CRT VD . -13.32 38.03 -33.12
C8 CRT VD . -13.01 39.48 -33.14
C9 CRT VD . -12.28 37.12 -33.39
C10 CRT VD . -10.92 37.33 -33.43
C11 CRT VD . -10.02 36.38 -33.88
C12 CRT VD . -8.62 36.32 -33.74
C13 CRT VD . -7.96 37.30 -32.85
C14 CRT VD . -7.85 35.35 -34.39
C15 CRT VD . -6.49 35.13 -34.34
C16 CRT VD . -5.86 34.12 -35.03
C17 CRT VD . -4.51 33.75 -35.06
C18 CRT VD . -3.52 34.58 -34.33
C19 CRT VD . -4.07 32.60 -35.73
C20 CRT VD . -2.81 32.04 -35.77
C21 CRT VD . -2.45 30.79 -36.25
C22 CRT VD . -1.24 30.12 -36.26
C23 CRT VD . -1.01 28.76 -36.50
C24 CRT VD . -2.15 27.91 -36.90
C25 CRT VD . 0.26 28.18 -36.38
C26 CRT VD . 0.61 26.85 -36.41
C27 CRT VD . 1.89 26.36 -36.27
C28 CRT VD . 2.34 25.05 -36.10
C29 CRT VD . 1.34 23.95 -36.10
C30 CRT VD . 3.68 24.73 -35.92
C31 CRT VD . 4.26 23.57 -35.44
C32 CRT VD . 5.63 23.42 -35.30
C33 CRT VD . 6.35 22.47 -34.56
C34 CRT VD . 5.62 21.35 -33.94
C35 CRT VD . 7.74 22.59 -34.39
C36 CRT VD . 8.48 22.10 -33.39
C37 CRT VD . 9.94 22.36 -33.26
C38 CRT VD . 10.57 21.97 -31.92
C39 CRT VD . 12.09 22.07 -32.02
C40 CRT VD . 10.03 22.85 -30.81
O2 CRT VD . 10.22 20.60 -31.61
C2M CRT VD . 10.75 20.00 -30.44
MG BCL WD . 9.98 35.92 -27.34
CHA BCL WD . 7.76 35.47 -29.81
CHB BCL WD . 7.56 36.49 -25.18
CHC BCL WD . 12.36 36.38 -24.97
CHD BCL WD . 12.63 35.30 -29.59
NA BCL WD . 8.00 36.05 -27.46
C1A BCL WD . 7.26 35.79 -28.46
C2A BCL WD . 5.80 35.87 -28.13
C3A BCL WD . 5.80 36.65 -26.86
C4A BCL WD . 7.21 36.41 -26.45
CMA BCL WD . 5.49 38.12 -27.05
CAA BCL WD . 5.23 34.51 -27.86
CBA BCL WD . 4.35 34.05 -28.99
CGA BCL WD . 2.92 34.03 -28.58
O1A BCL WD . 2.53 34.75 -27.71
O2A BCL WD . 1.99 33.14 -29.22
NB BCL WD . 10.00 36.38 -25.36
C1B BCL WD . 8.90 36.57 -24.61
C2B BCL WD . 9.12 36.86 -23.19
C3B BCL WD . 10.58 36.83 -23.12
C4B BCL WD . 11.00 36.51 -24.49
CMB BCL WD . 8.06 37.10 -22.17
CAB BCL WD . 11.47 37.03 -21.94
OBB BCL WD . 12.64 37.20 -22.08
CBB BCL WD . 10.94 36.93 -20.56
NC BCL WD . 12.00 35.87 -27.26
C1C BCL WD . 12.75 36.12 -26.20
C2C BCL WD . 14.21 36.02 -26.44
C3C BCL WD . 14.25 35.43 -27.80
C4C BCL WD . 12.83 35.56 -28.19
CMC BCL WD . 14.92 37.35 -26.41
CAC BCL WD . 14.60 33.96 -27.89
CBC BCL WD . 16.07 33.75 -28.12
ND BCL WD . 10.30 35.49 -29.29
C1D BCL WD . 11.30 35.24 -30.11
C2D BCL WD . 10.87 34.94 -31.49
C3D BCL WD . 9.42 35.05 -31.31
C4D BCL WD . 9.18 35.34 -30.04
CMD BCL WD . 11.58 34.62 -32.76
CAD BCL WD . 8.14 34.94 -32.02
OBD BCL WD . 8.03 34.67 -33.24
CBD BCL WD . 7.03 35.22 -31.08
CGD BCL WD . 6.22 36.39 -31.53
O1D BCL WD . 6.72 37.44 -31.82
O2D BCL WD . 4.79 36.31 -31.64
CED BCL WD . 3.98 37.47 -31.60
C1 BCL WD . 0.66 32.99 -28.71
C2 BCL WD . -0.28 33.78 -29.58
C3 BCL WD . -1.56 33.86 -29.26
C4 BCL WD . -2.07 33.15 -28.06
C5 BCL WD . -2.51 34.65 -30.11
C6 BCL WD . -3.92 34.47 -29.55
C7 BCL WD . -4.95 34.46 -30.65
C8 BCL WD . -5.98 33.37 -30.42
C9 BCL WD . -5.79 32.22 -31.38
C10 BCL WD . -7.35 33.97 -30.59
C11 BCL WD . -7.82 34.49 -29.26
C12 BCL WD . -8.78 35.65 -29.47
C13 BCL WD . -10.06 35.40 -28.71
C14 BCL WD . -11.07 36.47 -29.06
C15 BCL WD . -9.75 35.39 -27.23
C16 BCL WD . -10.63 34.40 -26.48
C17 BCL WD . -9.99 33.01 -26.42
C18 BCL WD . -9.34 32.75 -25.07
C19 BCL WD . -9.17 31.26 -24.83
C20 BCL WD . -10.14 33.37 -23.93
MG BCL XD . -3.26 29.19 -44.11
CHA BCL XD . -2.01 28.16 -47.07
CHB BCL XD . -2.97 26.14 -42.85
CHC BCL XD . -4.83 30.27 -41.29
CHD BCL XD . -3.53 32.48 -45.35
NA BCL XD . -2.57 27.44 -44.81
C1A BCL XD . -2.16 27.16 -45.97
C2A BCL XD . -1.87 25.69 -46.12
C3A BCL XD . -1.83 25.22 -44.71
C4A BCL XD . -2.50 26.35 -44.05
CMA BCL XD . -2.61 23.93 -44.48
CAA BCL XD . -0.55 25.33 -46.80
CBA BCL XD . 0.53 24.85 -45.84
CGA BCL XD . 1.63 25.84 -45.89
O1A BCL XD . 1.77 26.51 -46.89
O2A BCL XD . 2.53 26.02 -44.77
NB BCL XD . -3.84 28.37 -42.34
C1B BCL XD . -3.62 27.09 -41.98
C2B BCL XD . -4.08 26.67 -40.66
C3B BCL XD . -4.66 27.92 -40.20
C4B BCL XD . -4.42 28.89 -41.28
CMB BCL XD . -3.97 25.30 -40.05
CAB BCL XD . -5.29 28.19 -38.91
OBB BCL XD . -4.96 29.22 -38.38
CBB BCL XD . -6.23 27.23 -38.26
NC BCL XD . -4.03 30.94 -43.45
C1C BCL XD . -4.70 31.10 -42.31
C2C BCL XD . -5.32 32.45 -42.17
C3C BCL XD . -4.74 33.18 -43.32
C4C BCL XD . -4.04 32.08 -44.04
CMC BCL XD . -6.82 32.39 -42.31
CAC BCL XD . -3.76 34.27 -42.91
CBC BCL XD . -2.52 33.82 -42.22
ND BCL XD . -2.90 30.25 -45.79
C1D BCL XD . -3.00 31.50 -46.24
C2D BCL XD . -2.55 31.65 -47.65
C3D BCL XD . -2.16 30.27 -47.92
C4D BCL XD . -2.38 29.54 -46.84
CMD BCL XD . -2.44 32.75 -48.67
CAD BCL XD . -1.62 29.41 -48.98
OBD BCL XD . -1.30 29.80 -50.14
CBD BCL XD . -1.49 28.01 -48.47
CGD BCL XD . -2.21 26.99 -49.32
O1D BCL XD . -3.41 26.84 -49.37
O2D BCL XD . -1.44 26.09 -50.12
CED BCL XD . -1.58 26.16 -51.55
C1 BCL XD . 2.81 24.96 -43.87
C2 BCL XD . 1.97 25.15 -42.63
C3 BCL XD . 2.49 25.49 -41.45
C4 BCL XD . 3.96 25.72 -41.28
C5 BCL XD . 1.54 25.69 -40.30
C6 BCL XD . 0.32 26.40 -40.86
C7 BCL XD . 0.01 27.68 -40.11
C8 BCL XD . 0.18 28.96 -40.91
C9 BCL XD . -0.89 29.96 -40.49
C10 BCL XD . 0.13 28.69 -42.41
C11 BCL XD . -0.18 29.99 -43.14
C12 BCL XD . 1.09 30.62 -43.67
C13 BCL XD . 0.84 31.24 -45.03
C14 BCL XD . 1.45 30.38 -46.13
C15 BCL XD . 1.44 32.64 -45.06
C16 BCL XD . 0.49 33.64 -45.71
C17 BCL XD . 0.05 34.71 -44.72
C18 BCL XD . 0.95 35.94 -44.79
C19 BCL XD . 1.50 36.30 -43.42
C20 BCL XD . 0.21 37.12 -45.39
MG BCL YD . 1.99 31.58 27.89
CHA BCL YD . -0.58 29.38 28.28
CHB BCL YD . 0.00 33.67 26.29
CHC BCL YD . 4.66 33.61 27.44
CHD BCL YD . 4.24 29.17 29.10
NA BCL YD . 0.05 31.59 27.42
C1A BCL YD . -0.85 30.73 27.73
C2A BCL YD . -2.22 31.15 27.33
C3A BCL YD . -1.94 32.24 26.34
C4A BCL YD . -0.53 32.53 26.69
CMA BCL YD . -2.10 31.79 24.90
CAA BCL YD . -3.05 31.73 28.45
CBA BCL YD . -4.48 31.22 28.44
CGA BCL YD . -5.38 31.80 27.38
O1A BCL YD . -5.95 31.04 26.63
O2A BCL YD . -5.62 33.24 27.25
NB BCL YD . 2.32 33.37 26.97
C1B BCL YD . 1.37 34.12 26.39
C2B BCL YD . 1.81 35.40 25.80
C3B BCL YD . 3.24 35.38 26.14
C4B BCL YD . 3.42 34.11 26.87
CMB BCL YD . 0.94 36.38 25.08
CAB BCL YD . 4.29 36.39 25.83
OBB BCL YD . 5.43 36.07 25.94
CBB BCL YD . 3.98 37.77 25.37
NC BCL YD . 3.97 31.49 28.28
C1C BCL YD . 4.85 32.46 28.05
C2C BCL YD . 6.22 32.14 28.55
C3C BCL YD . 6.09 30.74 29.01
C4C BCL YD . 4.64 30.52 28.78
CMC BCL YD . 7.25 32.22 27.44
CAC BCL YD . 6.39 30.52 30.49
CBC BCL YD . 7.77 29.94 30.70
ND BCL YD . 1.98 29.67 28.54
C1D BCL YD . 2.85 28.81 29.04
C2D BCL YD . 2.26 27.50 29.39
C3D BCL YD . 0.86 27.78 29.08
C4D BCL YD . 0.78 29.03 28.64
CMD BCL YD . 2.82 26.24 29.92
CAD BCL YD . -0.48 27.19 29.06
OBD BCL YD . -0.77 26.02 29.46
CBD BCL YD . -1.47 28.23 28.61
CGD BCL YD . -2.41 27.77 27.55
O1D BCL YD . -2.07 27.53 26.43
O2D BCL YD . -3.82 27.63 27.87
CED BCL YD . -4.70 26.99 26.97
C1 BCL YD . -5.61 33.96 26.01
C2 BCL YD . -4.38 34.81 26.11
C3 BCL YD . -4.40 36.13 26.35
C4 BCL YD . -5.69 36.87 26.50
C5 BCL YD . -3.09 36.84 26.47
C6 BCL YD . -2.73 36.79 27.96
C7 BCL YD . -1.83 35.59 28.29
C8 BCL YD . -1.58 35.30 29.75
C9 BCL YD . -2.85 35.41 30.57
C10 BCL YD . -0.52 36.27 30.27
C11 BCL YD . 0.69 36.31 29.34
C12 BCL YD . 1.30 37.70 29.28
C13 BCL YD . 2.73 37.69 29.77
C14 BCL YD . 3.31 36.32 29.63
C15 BCL YD . 2.78 38.12 31.23
C16 BCL YD . 4.21 38.06 31.77
C17 BCL YD . 4.26 37.89 33.28
C18 BCL YD . 4.79 39.14 33.94
C19 BCL YD . 5.99 39.73 33.20
C20 BCL YD . 5.15 38.86 35.39
MG BCL ZD . 1.51 24.19 33.55
CHA BCL ZD . -1.01 26.26 32.79
CHB BCL ZD . -0.55 21.62 33.80
CHC BCL ZD . 4.21 22.25 34.32
CHD BCL ZD . 3.77 26.92 33.47
NA BCL ZD . -0.45 23.95 33.38
C1A BCL ZD . -1.30 24.83 33.01
C2A BCL ZD . -2.65 24.22 32.83
C3A BCL ZD . -2.55 22.97 33.62
C4A BCL ZD . -1.09 22.82 33.64
CMA BCL ZD . -3.15 23.13 35.01
CAA BCL ZD . -2.88 23.87 31.39
CBA BCL ZD . -3.87 24.82 30.77
CGA BCL ZD . -5.12 24.05 30.52
O1A BCL ZD . -5.66 23.50 31.45
O2A BCL ZD . -5.68 23.96 29.19
NB BCL ZD . 1.82 22.23 34.02
C1B BCL ZD . 0.86 21.31 34.05
C2B BCL ZD . 1.28 19.93 34.37
C3B BCL ZD . 2.73 20.11 34.53
C4B BCL ZD . 2.94 21.55 34.28
CMB BCL ZD . 0.39 18.73 34.48
CAB BCL ZD . 3.77 19.10 34.85
OBB BCL ZD . 4.89 19.45 35.10
CBB BCL ZD . 3.46 17.64 34.83
NC BCL ZD . 3.50 24.47 33.79
C1C BCL ZD . 4.39 23.54 34.13
C2C BCL ZD . 5.79 24.06 34.25
C3C BCL ZD . 5.65 25.43 33.71
C4C BCL ZD . 4.18 25.54 33.65
CMC BCL ZD . 6.29 24.12 35.68
CAC BCL ZD . 6.20 25.63 32.31
CBC BCL ZD . 7.54 26.33 32.33
ND BCL ZD . 1.53 26.19 33.23
C1D BCL ZD . 2.38 27.19 33.18
C2D BCL ZD . 1.79 28.50 32.86
C3D BCL ZD . 0.39 28.07 32.70
C4D BCL ZD . 0.35 26.76 32.92
CMD BCL ZD . 2.31 29.89 32.68
CAD BCL ZD . -0.95 28.54 32.39
OBD BCL ZD . -1.23 29.74 32.13
CBD BCL ZD . -1.91 27.41 32.45
CGD BCL ZD . -2.95 27.64 33.49
O1D BCL ZD . -2.65 28.01 34.59
O2D BCL ZD . -4.36 27.48 33.23
CED BCL ZD . -5.26 27.00 34.22
C1 BCL ZD . -6.93 23.33 28.97
C2 BCL ZD . -8.06 24.29 29.19
C3 BCL ZD . -9.32 23.84 29.27
C4 BCL ZD . -9.62 22.38 29.14
C5 BCL ZD . -10.46 24.79 29.48
C6 BCL ZD . -11.53 24.45 28.46
C7 BCL ZD . -12.95 24.66 28.99
C8 BCL ZD . -13.95 24.26 27.91
C9 BCL ZD . -14.16 25.40 26.95
C10 BCL ZD . -15.28 23.84 28.53
C11 BCL ZD . -15.14 22.46 29.15
C12 BCL ZD . -16.48 21.78 29.32
C13 BCL ZD . -17.03 21.25 28.00
C14 BCL ZD . -18.32 20.47 28.26
C15 BCL ZD . -15.95 20.41 27.32
C16 BCL ZD . -16.41 19.04 26.89
C17 BCL ZD . -15.60 17.94 27.60
C18 BCL ZD . -16.28 16.59 27.42
C19 BCL ZD . -15.99 16.03 26.03
C20 BCL ZD . -17.79 16.68 27.68
MG BCL AE . -13.47 38.53 25.09
CHA BCL AE . -12.49 41.70 24.45
CHB BCL AE . -12.15 37.50 22.20
CHC BCL AE . -14.44 35.36 25.85
CHD BCL AE . -14.37 39.44 28.36
NA BCL AE . -12.57 39.42 23.54
C1A BCL AE . -12.33 40.68 23.38
C2A BCL AE . -11.79 40.99 22.01
C3A BCL AE . -11.43 39.63 21.48
C4A BCL AE . -12.10 38.78 22.47
CMA BCL AE . -11.96 39.36 20.08
CAA BCL AE . -10.55 41.87 21.99
CBA BCL AE . -9.29 41.11 21.64
CGA BCL AE . -8.39 40.99 22.83
O1A BCL AE . -8.61 41.60 23.85
O2A BCL AE . -7.24 40.11 22.74
NB BCL AE . -13.30 36.71 24.19
C1B BCL AE . -12.76 36.46 22.99
C2B BCL AE . -12.76 35.08 22.51
C3B BCL AE . -13.46 34.43 23.63
C4B BCL AE . -13.75 35.52 24.59
CMB BCL AE . -12.19 34.56 21.21
CAB BCL AE . -13.80 33.01 23.79
OBB BCL AE . -13.59 32.48 24.85
CBB BCL AE . -14.38 32.27 22.63
NC BCL AE . -14.32 37.61 26.67
C1C BCL AE . -14.70 36.32 26.70
C2C BCL AE . -15.47 35.94 27.92
C3C BCL AE . -15.35 37.20 28.74
C4C BCL AE . -14.62 38.11 27.83
CMC BCL AE . -16.91 35.64 27.60
CAC BCL AE . -14.55 36.97 30.01
CBC BCL AE . -13.18 36.35 29.78
ND BCL AE . -13.46 40.16 26.30
C1D BCL AE . -13.84 40.50 27.53
C2D BCL AE . -13.62 41.95 27.84
C3D BCL AE . -13.06 42.36 26.56
C4D BCL AE . -13.02 41.33 25.74
CMD BCL AE . -13.79 42.89 29.00
CAD BCL AE . -12.55 43.56 25.87
OBD BCL AE . -12.44 44.72 26.38
CBD BCL AE . -12.15 43.17 24.49
CGD BCL AE . -12.83 44.00 23.43
O1D BCL AE . -13.83 43.64 22.82
O2D BCL AE . -12.24 45.27 23.09
CED BCL AE . -13.06 46.43 22.91
C1 BCL AE . -7.03 39.35 21.57
C2 BCL AE . -7.71 38.01 21.69
C3 BCL AE . -7.04 36.91 22.06
C4 BCL AE . -5.58 36.99 22.38
C5 BCL AE . -7.80 35.61 22.18
C6 BCL AE . -9.05 35.92 23.00
C7 BCL AE . -9.10 35.13 24.31
C8 BCL AE . -9.34 35.96 25.56
C9 BCL AE . -10.54 35.43 26.32
C10 BCL AE . -9.53 37.44 25.21
C11 BCL AE . -10.20 38.18 26.36
C12 BCL AE . -9.16 39.07 27.02
C13 BCL AE . -9.83 40.08 27.95
C14 BCL AE . -9.47 41.49 27.53
C15 BCL AE . -9.39 39.81 29.38
C16 BCL AE . -10.43 40.26 30.38
C17 BCL AE . -10.79 39.12 31.32
C18 BCL AE . -10.68 39.53 32.79
C19 BCL AE . -9.87 38.53 33.60
C20 BCL AE . -12.06 39.73 33.37
C1 8K6 BE . -0.70 9.96 23.63
C2 8K6 BE . 0.73 10.18 23.18
C3 8K6 BE . 1.74 9.88 24.26
C4 8K6 BE . 3.17 10.10 23.84
C5 8K6 BE . 3.47 11.51 23.39
C6 8K6 BE . 4.90 11.75 22.98
C7 8K6 BE . 5.91 11.51 24.07
C8 8K6 BE . 7.29 12.01 23.75
C9 8K6 BE . 7.35 13.48 23.43
C10 8K6 BE . 8.34 14.27 24.25
C11 8K6 BE . 8.18 14.10 25.74
C12 8K6 BE . 8.88 15.15 26.57
C13 8K6 BE . 10.33 15.34 26.23
C14 8K6 BE . 11.01 16.41 27.03
C15 8K6 BE . 12.42 16.71 26.59
C16 8K6 BE . 12.54 17.19 25.17
C17 8K6 BE . 13.95 17.47 24.71
C18 8K6 BE . 14.64 18.55 25.50
MG BCL CE . 3.92 41.09 13.18
CHA BCL CE . 1.24 39.31 14.28
CHB BCL CE . 2.01 42.68 10.98
CHC BCL CE . 6.71 42.66 12.09
CHD BCL CE . 6.02 39.11 15.16
NA BCL CE . 1.98 41.06 12.73
C1A BCL CE . 1.04 40.41 13.31
C2A BCL CE . -0.31 40.76 12.80
C3A BCL CE . 0.02 41.41 11.48
C4A BCL CE . 1.44 41.75 11.72
CMA BCL CE . -0.14 40.47 10.31
CAA BCL CE . -1.00 41.75 13.68
CBA BCL CE . -2.49 41.46 13.74
CGA BCL CE . -3.24 41.66 12.46
O1A BCL CE . -3.76 40.69 11.95
O2A BCL CE . -3.36 42.98 11.85
NB BCL CE . 4.32 42.45 11.70
C1B BCL CE . 3.43 43.02 10.90
C2B BCL CE . 3.93 43.99 9.92
C3B BCL CE . 5.37 43.98 10.24
C4B BCL CE . 5.48 43.02 11.37
CMB BCL CE . 3.12 44.74 8.90
CAB BCL CE . 6.48 44.74 9.61
OBB BCL CE . 7.59 44.56 9.99
CBB BCL CE . 6.25 45.71 8.49
NC BCL CE . 5.87 41.08 13.66
C1C BCL CE . 6.81 41.86 13.15
C2C BCL CE . 8.12 41.71 13.83
C3C BCL CE . 7.91 40.55 14.72
C4C BCL CE . 6.49 40.29 14.47
CMC BCL CE . 9.24 41.37 12.88
CAC BCL CE . 8.11 40.76 16.22
CBC BCL CE . 9.47 40.31 16.68
ND BCL CE . 3.80 39.52 14.45
C1D BCL CE . 4.62 38.83 15.22
C2D BCL CE . 3.96 37.77 15.99
C3D BCL CE . 2.58 38.01 15.61
C4D BCL CE . 2.57 39.03 14.76
CMD BCL CE . 4.47 36.75 16.94
CAD BCL CE . 1.20 37.53 15.78
OBD BCL CE . 0.83 36.58 16.54
CBD BCL CE . 0.28 38.40 15.00
CGD BCL CE . -0.66 37.58 14.19
O1D BCL CE . -0.26 36.82 13.36
O2D BCL CE . -2.07 37.69 14.43
CED BCL CE . -2.98 36.90 13.70
C1 BCL CE . -3.52 43.19 10.44
C2 BCL CE . -2.37 44.04 10.01
C3 BCL CE . -2.43 45.38 10.04
C4 BCL CE . -3.67 46.08 10.49
C5 BCL CE . -1.24 46.19 9.63
C6 BCL CE . -0.09 45.78 10.54
C7 BCL CE . -0.23 46.36 11.95
C8 BCL CE . 0.58 45.61 13.01
C9 BCL CE . -0.31 45.27 14.18
C10 BCL CE . 1.74 46.47 13.45
C11 BCL CE . 3.06 46.10 12.80
C12 BCL CE . 3.84 47.35 12.36
C13 BCL CE . 5.17 47.52 13.08
C14 BCL CE . 6.09 46.37 12.76
C15 BCL CE . 5.00 47.55 14.60
C16 BCL CE . 5.43 48.85 15.25
C17 BCL CE . 6.92 48.91 15.51
C18 BCL CE . 7.24 50.32 15.96
C19 BCL CE . 8.56 50.83 15.38
C20 BCL CE . 7.26 50.36 17.48
C1M CRT DE . -26.12 39.99 15.98
O1 CRT DE . -25.91 40.28 17.36
C1 CRT DE . -25.43 39.22 18.20
C2 CRT DE . -25.47 39.74 19.64
C3 CRT DE . -26.35 38.01 18.02
C4 CRT DE . -23.99 38.85 17.82
C5 CRT DE . -23.52 37.49 18.25
C6 CRT DE . -22.28 37.01 18.17
C7 CRT DE . -21.08 37.70 18.44
C8 CRT DE . -21.01 38.57 19.63
C9 CRT DE . -19.95 37.63 17.61
C10 CRT DE . -18.67 38.09 17.85
C11 CRT DE . -17.68 38.28 16.91
C12 CRT DE . -16.31 38.50 17.11
C13 CRT DE . -15.73 38.25 18.45
C14 CRT DE . -15.46 38.97 16.09
C15 CRT DE . -14.10 39.18 16.12
C16 CRT DE . -13.38 39.70 15.05
C17 CRT DE . -12.00 39.88 14.90
C18 CRT DE . -11.11 39.60 16.05
C19 CRT DE . -11.43 40.28 13.69
C20 CRT DE . -10.11 40.37 13.32
C21 CRT DE . -9.58 40.54 12.05
C22 CRT DE . -8.28 40.56 11.59
C23 CRT DE . -7.83 40.49 10.27
C24 CRT DE . -8.82 40.44 9.17
C25 CRT DE . -6.47 40.43 9.94
C26 CRT DE . -5.89 40.22 8.71
C27 CRT DE . -4.53 40.12 8.49
C28 CRT DE . -3.82 39.75 7.33
C29 CRT DE . -4.57 39.55 6.07
C30 CRT DE . -2.44 39.57 7.35
C31 CRT DE . -1.59 39.04 6.40
C32 CRT DE . -0.25 38.88 6.67
C33 CRT DE . 0.77 38.31 5.90
C34 CRT DE . 0.46 37.77 4.56
C35 CRT DE . 2.09 38.27 6.37
C36 CRT DE . 3.17 37.75 5.78
C37 CRT DE . 4.55 37.85 6.35
C38 CRT DE . 5.26 36.51 6.64
C39 CRT DE . 6.68 36.76 7.11
C40 CRT DE . 4.46 35.72 7.67
O2 CRT DE . 5.30 35.74 5.43
C2M CRT DE . 6.00 34.50 5.43
MG BCL EE . 2.88 36.30 21.12
CHA BCL EE . 0.49 37.96 19.51
CHB BCL EE . 0.70 34.10 22.29
CHC BCL EE . 5.47 34.66 22.56
CHD BCL EE . 5.27 38.71 20.10
NA BCL EE . 0.92 36.04 20.95
C1A BCL EE . 0.13 36.73 20.23
C2A BCL EE . -1.23 36.14 20.20
C3A BCL EE . -1.23 35.20 21.36
C4A BCL EE . 0.23 35.10 21.58
CMA BCL EE . -1.95 35.76 22.58
CAA BCL EE . -1.43 35.34 18.94
CBA BCL EE . -2.44 35.99 18.03
CGA BCL EE . -3.74 35.29 18.16
O1A BCL EE . -4.30 35.28 19.23
O2A BCL EE . -4.32 34.65 16.98
NB BCL EE . 3.09 34.63 22.27
C1B BCL EE . 2.09 33.83 22.65
C2B BCL EE . 2.44 32.66 23.45
C3B BCL EE . 3.91 32.82 23.54
C4B BCL EE . 4.16 34.05 22.78
CMB BCL EE . 1.50 31.62 23.98
CAB BCL EE . 4.92 32.00 24.23
OBB BCL EE . 5.98 32.49 24.50
CBB BCL EE . 4.67 30.59 24.56
NC BCL EE . 4.86 36.60 21.35
C1C BCL EE . 5.71 35.83 22.03
C2C BCL EE . 7.11 36.32 22.08
C3C BCL EE . 7.06 37.40 21.07
C4C BCL EE . 5.60 37.53 20.86
CMC BCL EE . 7.47 36.94 23.40
CAC BCL EE . 7.70 37.03 19.75
CBC BCL EE . 9.01 37.75 19.60
ND BCL EE . 3.02 38.01 20.05
C1D BCL EE . 3.92 38.90 19.67
C2D BCL EE . 3.36 39.99 18.84
C3D BCL EE . 1.96 39.56 18.81
C4D BCL EE . 1.86 38.45 19.50
CMD BCL EE . 3.90 41.21 18.19
CAD BCL EE . 0.65 39.92 18.29
OBD BCL EE . 0.40 40.93 17.57
CBD BCL EE . -0.34 38.91 18.72
CGD BCL EE . -1.40 39.59 19.51
O1D BCL EE . -1.11 40.40 20.36
O2D BCL EE . -2.78 39.33 19.27
CED BCL EE . -3.68 39.35 20.36
C1 BCL EE . -5.56 33.97 16.98
C2 BCL EE . -6.64 34.97 17.26
C3 BCL EE . -7.90 34.59 17.42
C4 BCL EE . -8.28 33.15 17.28
C5 BCL EE . -8.95 35.63 17.72
C6 BCL EE . -10.31 35.07 17.36
C7 BCL EE . -10.90 35.83 16.19
C8 BCL EE . -12.18 35.21 15.69
C9 BCL EE . -12.51 35.81 14.34
C10 BCL EE . -13.30 35.45 16.68
C11 BCL EE . -13.77 34.17 17.34
C12 BCL EE . -14.76 33.46 16.46
C13 BCL EE . -15.18 32.15 17.12
C14 BCL EE . -15.27 31.03 16.09
C15 BCL EE . -16.50 32.40 17.82
C16 BCL EE . -16.50 31.84 19.23
C17 BCL EE . -17.10 30.46 19.26
C18 BCL EE . -17.59 30.09 20.65
C19 BCL EE . -18.16 31.31 21.37
C20 BCL EE . -16.46 29.48 21.47
MG BCL FE . -11.31 47.58 7.63
CHA BCL FE . -10.04 50.28 6.02
CHB BCL FE . -10.15 45.57 5.22
CHC BCL FE . -12.34 44.94 9.47
CHD BCL FE . -12.19 49.65 10.35
NA BCL FE . -10.30 47.85 5.91
C1A BCL FE . -9.91 48.95 5.39
C2A BCL FE . -9.19 48.76 4.08
C3A BCL FE . -9.14 47.28 3.93
C4A BCL FE . -9.91 46.86 5.11
CMA BCL FE . -9.79 46.76 2.66
CAA BCL FE . -7.77 49.31 4.11
CBA BCL FE . -6.75 48.24 3.74
CGA BCL FE . -5.53 48.39 4.59
O1A BCL FE . -5.41 49.32 5.34
O2A BCL FE . -4.48 47.40 4.48
NB BCL FE . -11.23 45.55 7.40
C1B BCL FE . -10.72 44.88 6.36
C2B BCL FE . -10.80 43.42 6.40
C3B BCL FE . -11.48 43.22 7.68
C4B BCL FE . -11.70 44.60 8.20
CMB BCL FE . -10.30 42.47 5.36
CAB BCL FE . -11.85 41.95 8.35
OBB BCL FE . -11.85 41.91 9.57
CBB BCL FE . -12.25 40.75 7.54
NC BCL FE . -12.19 47.32 9.41
C1C BCL FE . -12.62 46.15 9.89
C2C BCL FE . -13.43 46.29 11.13
C3C BCL FE . -13.12 47.69 11.54
C4C BCL FE . -12.44 48.20 10.32
CMC BCL FE . -14.90 46.13 10.83
CAC BCL FE . -12.23 47.81 12.77
CBC BCL FE . -10.85 47.20 12.64
ND BCL FE . -11.17 49.52 8.22
C1D BCL FE . -11.55 50.30 9.23
C2D BCL FE . -11.22 51.73 9.06
C3D BCL FE . -10.59 51.66 7.74
C4D BCL FE . -10.62 50.41 7.33
CMD BCL FE . -11.36 53.02 9.82
CAD BCL FE . -9.98 52.49 6.70
OBD BCL FE . -9.78 53.75 6.78
CBD BCL FE . -9.58 51.62 5.57
CGD BCL FE . -10.23 52.04 4.28
O1D BCL FE . -11.26 51.54 3.87
O2D BCL FE . -9.62 53.05 3.45
CED BCL FE . -10.44 53.92 2.69
C1 BCL FE . -3.83 46.87 5.65
C2 BCL FE . -4.65 45.73 6.17
C3 BCL FE . -4.63 44.49 5.66
C4 BCL FE . -3.78 44.14 4.50
C5 BCL FE . -5.51 43.43 6.29
C6 BCL FE . -6.74 44.12 6.85
C7 BCL FE . -6.96 43.77 8.31
C8 BCL FE . -7.32 44.95 9.19
C9 BCL FE . -8.60 44.66 9.94
C10 BCL FE . -7.48 46.21 8.37
C11 BCL FE . -8.01 47.33 9.23
C12 BCL FE . -6.94 48.39 9.31
C13 BCL FE . -7.57 49.72 9.67
C14 BCL FE . -6.76 50.89 9.12
C15 BCL FE . -7.67 49.80 11.18
C16 BCL FE . -8.32 51.10 11.60
C17 BCL FE . -9.30 50.86 12.74
C18 BCL FE . -8.74 51.42 14.03
C19 BCL FE . -8.59 50.32 15.08
C20 BCL FE . -9.61 52.55 14.53
C1 8K6 GE . 2.51 19.69 7.56
C2 8K6 GE . 3.56 20.23 8.51
C3 8K6 GE . 3.97 21.64 8.20
C4 8K6 GE . 5.06 22.17 9.11
C5 8K6 GE . 5.55 23.55 8.75
C6 8K6 GE . 6.73 24.02 9.57
C7 8K6 GE . 6.43 24.25 11.03
C8 8K6 GE . 7.64 24.54 11.88
C9 8K6 GE . 8.46 25.71 11.39
C10 8K6 GE . 9.72 25.95 12.20
C11 8K6 GE . 9.47 26.29 13.65
C12 8K6 GE . 10.73 26.50 14.46
C13 8K6 GE . 11.59 25.26 14.58
C14 8K6 GE . 10.94 24.12 15.31
C15 8K6 GE . 10.59 24.40 16.77
C16 8K6 GE . 11.77 24.47 17.71
C17 8K6 GE . 12.55 25.75 17.76
C18 8K6 GE . 13.77 25.69 18.66
MG BCL HE . 6.50 44.57 -3.70
CHA BCL HE . 3.69 43.39 -2.17
CHB BCL HE . 4.70 45.25 -6.43
CHC BCL HE . 9.39 45.23 -5.29
CHD BCL HE . 8.41 43.26 -1.08
NA BCL HE . 4.56 44.42 -4.20
C1A BCL HE . 3.58 44.09 -3.46
C2A BCL HE . 2.27 44.31 -4.12
C3A BCL HE . 2.66 44.34 -5.57
C4A BCL HE . 4.09 44.68 -5.41
CMA BCL HE . 2.47 43.02 -6.29
CAA BCL HE . 1.63 45.62 -3.74
CBA BCL HE . 0.17 45.34 -3.46
CGA BCL HE . -0.62 45.13 -4.71
O1A BCL HE . -1.33 44.15 -4.83
O2A BCL HE . -0.56 46.12 -5.77
NB BCL HE . 6.98 45.13 -5.61
C1B BCL HE . 6.14 45.39 -6.59
C2B BCL HE . 6.71 45.80 -7.89
C3B BCL HE . 8.15 45.79 -7.55
C4B BCL HE . 8.19 45.39 -6.13
CMB BCL HE . 5.95 46.11 -9.14
CAB BCL HE . 9.32 46.11 -8.41
OBB BCL HE . 10.41 45.99 -7.95
CBB BCL HE . 9.15 46.52 -9.83
NC BCL HE . 8.45 44.45 -3.25
C1C BCL HE . 9.47 44.81 -4.04
C2C BCL HE . 10.79 44.69 -3.37
C3C BCL HE . 10.43 44.18 -2.01
C4C BCL HE . 8.99 44.00 -2.18
CMC BCL HE . 11.76 43.72 -4.00
CAC BCL HE . 10.69 45.13 -0.85
CBC BCL HE . 11.94 44.76 -0.10
ND BCL HE . 6.24 43.51 -1.99
C1D BCL HE . 6.99 43.08 -0.99
C2D BCL HE . 6.27 42.38 0.07
C3D BCL HE . 4.91 42.55 -0.44
C4D BCL HE . 4.98 43.22 -1.58
CMD BCL HE . 6.66 41.71 1.33
CAD BCL HE . 3.52 42.22 -0.16
OBD BCL HE . 3.10 41.63 0.88
CBD BCL HE . 2.65 42.83 -1.22
CGD BCL HE . 1.62 41.91 -1.77
O1D BCL HE . 1.92 40.96 -2.42
O2D BCL HE . 0.24 42.20 -1.52
CED BCL HE . -0.75 41.40 -2.13
C1 BCL HE . -0.77 45.80 -7.15
C2 BCL HE . 0.40 46.37 -7.89
C3 BCL HE . 0.42 47.63 -8.31
C4 BCL HE . -0.75 48.53 -8.07
C5 BCL HE . 1.63 48.17 -9.01
C6 BCL HE . 2.84 48.11 -8.08
C7 BCL HE . 2.59 48.69 -6.68
C8 BCL HE . 3.81 48.74 -5.76
C9 BCL HE . 3.61 49.89 -4.80
C10 BCL HE . 5.05 48.91 -6.60
C11 BCL HE . 6.31 49.25 -5.83
C12 BCL HE . 7.00 50.40 -6.55
C13 BCL HE . 8.48 50.48 -6.25
C14 BCL HE . 9.05 49.09 -6.44
C15 BCL HE . 8.76 50.99 -4.84
C16 BCL HE . 9.16 52.45 -4.75
C17 BCL HE . 10.66 52.64 -4.92
C18 BCL HE . 11.00 54.11 -5.07
C19 BCL HE . 12.39 54.33 -5.67
C20 BCL HE . 10.87 54.82 -3.72
MG BCL IE . 5.15 43.07 5.39
CHA BCL IE . 2.86 44.22 3.25
CHB BCL IE . 2.85 41.46 7.14
CHC BCL IE . 7.61 42.01 7.42
CHD BCL IE . 7.69 44.73 3.53
NA BCL IE . 3.17 42.92 5.29
C1A BCL IE . 2.40 43.37 4.37
C2A BCL IE . 0.99 42.92 4.56
C3A BCL IE . 0.97 42.41 5.95
C4A BCL IE . 2.42 42.26 6.19
CMA BCL IE . 0.32 43.38 6.91
CAA BCL IE . 0.63 41.76 3.65
CBA BCL IE . -0.35 42.21 2.59
CGA BCL IE . -1.67 41.51 2.71
O1A BCL IE . -2.11 41.17 3.77
O2A BCL IE . -2.43 41.23 1.50
NB BCL IE . 5.26 41.91 7.07
C1B BCL IE . 4.22 41.30 7.65
C2B BCL IE . 4.52 40.48 8.81
C3B BCL IE . 5.97 40.63 8.90
C4B BCL IE . 6.29 41.53 7.78
CMB BCL IE . 3.54 39.71 9.63
CAB BCL IE . 6.92 40.07 9.88
OBB BCL IE . 7.88 40.71 10.15
CBB BCL IE . 6.75 38.75 10.53
NC BCL IE . 7.15 43.26 5.47
C1C BCL IE . 7.95 42.78 6.42
C2C BCL IE . 9.39 43.12 6.25
C3C BCL IE . 9.39 43.66 4.87
C4C BCL IE . 7.95 43.85 4.65
CMC BCL IE . 9.88 44.17 7.23
CAC BCL IE . 9.89 42.66 3.85
CBC BCL IE . 11.23 43.10 3.33
ND BCL IE . 5.39 44.22 3.76
C1D BCL IE . 6.34 44.84 3.07
C2D BCL IE . 5.88 45.57 1.88
C3D BCL IE . 4.45 45.28 1.99
C4D BCL IE . 4.26 44.54 3.07
CMD BCL IE . 6.53 46.38 0.83
CAD BCL IE . 3.17 45.52 1.35
OBD BCL IE . 2.99 46.20 0.31
CBD BCL IE . 2.11 44.86 2.13
CGD BCL IE . 1.13 45.87 2.62
O1D BCL IE . 1.47 46.87 3.21
O2D BCL IE . -0.27 45.68 2.36
CED BCL IE . -1.21 46.53 3.00
C1 BCL IE . -3.69 40.61 1.58
C2 BCL IE . -4.76 41.66 1.65
C3 BCL IE . -5.99 41.36 2.06
C4 BCL IE . -6.33 39.95 2.45
C5 BCL IE . -7.04 42.42 2.13
C6 BCL IE . -8.41 41.78 1.99
C7 BCL IE . -8.91 41.97 0.57
C8 BCL IE . -10.22 41.24 0.37
C9 BCL IE . -10.59 41.30 -1.09
C10 BCL IE . -11.28 41.85 1.27
C11 BCL IE . -12.39 40.83 1.51
C12 BCL IE . -13.45 41.43 2.42
C13 BCL IE . -14.31 40.36 3.05
C14 BCL IE . -15.28 41.00 4.03
C15 BCL IE . -13.44 39.32 3.74
C16 BCL IE . -14.19 38.03 3.98
C17 BCL IE . -13.66 36.94 3.04
C18 BCL IE . -13.39 35.65 3.81
C19 BCL IE . -12.21 34.92 3.19
C20 BCL IE . -14.61 34.76 3.88
MG BCL JE . -8.18 49.47 -11.81
CHA BCL JE . -6.72 51.21 -14.31
CHB BCL JE . -7.15 46.60 -13.13
CHC BCL JE . -9.65 47.84 -9.24
CHD BCL JE . -8.92 52.49 -10.12
NA BCL JE . -7.18 48.96 -13.48
C1A BCL JE . -6.72 49.72 -14.40
C2A BCL JE . -6.16 48.93 -15.57
C3A BCL JE . -6.11 47.53 -15.05
C4A BCL JE . -6.87 47.70 -13.78
CMA BCL JE . -6.74 46.50 -15.97
CAA BCL JE . -4.77 49.33 -16.08
CBA BCL JE . -3.64 48.38 -15.73
CGA BCL JE . -2.61 49.08 -14.90
O1A BCL JE . -2.57 50.29 -14.88
O2A BCL JE . -1.64 48.31 -14.12
NB BCL JE . -8.36 47.53 -11.23
C1B BCL JE . -7.90 46.46 -11.91
C2B BCL JE . -8.16 45.13 -11.34
C3B BCL JE . -8.93 45.51 -10.15
C4B BCL JE . -8.99 46.98 -10.21
CMB BCL JE . -7.70 43.81 -11.92
CAB BCL JE . -9.54 44.64 -9.10
OBB BCL JE . -9.50 44.97 -7.94
CBB BCL JE . -10.21 43.37 -9.51
NC BCL JE . -9.08 49.99 -10.10
C1C BCL JE . -9.65 49.15 -9.23
C2C BCL JE . -10.34 49.80 -8.08
C3C BCL JE . -9.97 51.23 -8.29
C4C BCL JE . -9.26 51.17 -9.59
CMC BCL JE . -11.83 49.65 -8.17
CAC BCL JE . -9.10 51.78 -7.16
CBC BCL JE . -7.82 51.05 -6.91
ND BCL JE . -7.91 51.48 -12.02
C1D BCL JE . -8.24 52.60 -11.39
C2D BCL JE . -7.79 53.84 -12.09
C3D BCL JE . -7.19 53.21 -13.27
C4D BCL JE . -7.30 51.89 -13.16
CMD BCL JE . -7.84 55.32 -11.88
CAD BCL JE . -6.51 53.53 -14.52
OBD BCL JE . -6.23 54.72 -14.92
CBD BCL JE . -6.19 52.27 -15.23
CGD BCL JE . -6.82 52.22 -16.59
O1D BCL JE . -8.01 52.04 -16.76
O2D BCL JE . -6.01 52.36 -17.77
CED BCL JE . -6.32 53.35 -18.72
C1 BCL JE . -1.64 46.90 -14.15
C2 BCL JE . -2.55 46.33 -13.07
C3 BCL JE . -2.23 45.28 -12.31
C4 BCL JE . -0.91 44.58 -12.47
C5 BCL JE . -3.20 44.79 -11.27
C6 BCL JE . -4.16 45.92 -10.88
C7 BCL JE . -3.76 46.56 -9.57
C8 BCL JE . -4.59 47.79 -9.24
C9 BCL JE . -5.83 47.38 -8.44
C10 BCL JE . -5.01 48.53 -10.49
C11 BCL JE . -5.24 50.00 -10.19
C12 BCL JE . -3.93 50.70 -10.44
C13 BCL JE . -4.16 52.10 -10.97
C14 BCL JE . -3.32 52.34 -12.21
C15 BCL JE . -3.77 53.06 -9.87
C16 BCL JE . -4.84 54.14 -9.71
C17 BCL JE . -5.64 53.90 -8.44
C18 BCL JE . -5.17 54.81 -7.31
C19 BCL JE . -5.05 54.04 -6.01
C20 BCL JE . -6.09 56.00 -7.17
MG BCL KE . 8.91 40.68 -20.68
CHA BCL KE . 5.99 40.56 -18.95
CHB BCL KE . 7.22 40.28 -23.54
CHC BCL KE . 11.86 40.53 -22.25
CHD BCL KE . 10.68 40.41 -17.65
NA BCL KE . 6.98 40.55 -21.19
C1A BCL KE . 5.96 40.66 -20.43
C2A BCL KE . 4.69 40.71 -21.19
C3A BCL KE . 5.08 40.06 -22.46
C4A BCL KE . 6.54 40.30 -22.42
CMA BCL KE . 4.73 38.59 -22.47
CAA BCL KE . 4.22 42.12 -21.44
CBA BCL KE . 2.75 42.23 -21.08
CGA BCL KE . 1.84 41.44 -21.96
O1A BCL KE . 1.30 40.45 -21.54
O2A BCL KE . 1.57 41.87 -23.33
NB BCL KE . 9.47 40.41 -22.63
C1B BCL KE . 8.67 40.29 -23.68
C2B BCL KE . 9.33 40.12 -24.99
C3B BCL KE . 10.73 40.20 -24.59
C4B BCL KE . 10.70 40.38 -23.13
CMB BCL KE . 8.64 39.95 -26.31
CAB BCL KE . 11.96 40.10 -25.42
OBB BCL KE . 13.03 40.23 -24.88
CBB BCL KE . 11.90 39.81 -26.88
NC BCL KE . 10.83 40.65 -20.12
C1C BCL KE . 11.88 40.64 -20.94
C2C BCL KE . 13.18 40.71 -20.24
C3C BCL KE . 12.81 40.63 -18.80
C4C BCL KE . 11.33 40.59 -18.93
CMC BCL KE . 14.10 39.54 -20.58
CAC BCL KE . 13.23 41.84 -17.97
CBC BCL KE . 14.59 41.62 -17.37
ND BCL KE . 8.55 40.49 -18.70
C1D BCL KE . 9.26 40.44 -17.58
C2D BCL KE . 8.45 40.33 -16.36
C3D BCL KE . 7.11 40.40 -16.96
C4D BCL KE . 7.27 40.50 -18.27
CMD BCL KE . 8.82 40.21 -14.95
CAD BCL KE . 5.68 40.37 -16.67
OBD BCL KE . 5.18 40.31 -15.51
CBD BCL KE . 4.91 40.53 -17.94
CGD BCL KE . 3.87 39.49 -18.14
O1D BCL KE . 4.14 38.32 -18.20
O2D BCL KE . 2.50 39.88 -18.30
CED BCL KE . 1.50 39.15 -17.63
C1 BCL KE . 1.60 40.99 -24.45
C2 BCL KE . 2.94 41.11 -25.09
C3 BCL KE . 3.18 42.07 -25.98
C4 BCL KE . 2.09 43.01 -26.39
C5 BCL KE . 4.55 42.20 -26.57
C6 BCL KE . 5.18 43.53 -26.09
C7 BCL KE . 5.20 43.75 -24.57
C8 BCL KE . 6.56 44.12 -23.99
C9 BCL KE . 6.67 45.62 -23.90
C10 BCL KE . 7.65 43.54 -24.88
C11 BCL KE . 9.04 43.97 -24.47
C12 BCL KE . 9.81 44.39 -25.70
C13 BCL KE . 11.23 44.76 -25.35
C14 BCL KE . 11.85 43.52 -24.80
C15 BCL KE . 11.31 45.85 -24.29
C16 BCL KE . 11.90 47.17 -24.77
C17 BCL KE . 13.32 47.36 -24.30
C18 BCL KE . 13.99 48.46 -25.13
C19 BCL KE . 15.24 47.96 -25.86
C20 BCL KE . 14.33 49.66 -24.25
C1M CRT LE . -20.50 47.06 -20.24
O1 CRT LE . -20.15 48.01 -19.25
C1 CRT LE . -19.78 47.50 -17.95
C2 CRT LE . -19.63 48.70 -17.02
C3 CRT LE . -20.88 46.56 -17.49
C4 CRT LE . -18.45 46.74 -18.04
C5 CRT LE . -18.13 45.86 -16.87
C6 CRT LE . -16.97 45.25 -16.61
C7 CRT LE . -15.65 45.73 -16.75
C8 CRT LE . -15.38 47.17 -16.52
C9 CRT LE . -14.59 44.92 -17.15
C10 CRT LE . -13.24 45.19 -17.16
C11 CRT LE . -12.29 44.50 -17.88
C12 CRT LE . -10.88 44.57 -17.82
C13 CRT LE . -10.26 45.22 -16.63
C14 CRT LE . -10.05 44.07 -18.83
C15 CRT LE . -8.68 44.04 -18.90
C16 CRT LE . -7.99 43.47 -19.96
C17 CRT LE . -6.62 43.26 -20.13
C18 CRT LE . -5.69 43.75 -19.09
C19 CRT LE . -6.10 42.59 -21.24
C20 CRT LE . -4.82 42.18 -21.50
C21 CRT LE . -4.37 41.31 -22.48
C22 CRT LE . -3.10 40.80 -22.72
C23 CRT LE . -2.73 39.74 -23.55
C24 CRT LE . -3.78 39.08 -24.37
C25 CRT LE . -1.43 39.26 -23.64
C26 CRT LE . -0.95 38.10 -24.20
C27 CRT LE . 0.37 37.71 -24.16
C28 CRT LE . 0.95 36.48 -24.49
C29 CRT LE . 0.10 35.41 -25.07
C30 CRT LE . 2.31 36.22 -24.26
C31 CRT LE . 3.01 35.05 -24.33
C32 CRT LE . 4.33 34.96 -23.96
C33 CRT LE . 5.18 33.87 -23.90
C34 CRT LE . 4.69 32.53 -24.32
C35 CRT LE . 6.51 33.97 -23.44
C36 CRT LE . 7.43 33.02 -23.34
C37 CRT LE . 8.83 33.27 -22.88
C38 CRT LE . 9.29 32.47 -21.65
C39 CRT LE . 10.76 32.73 -21.37
C40 CRT LE . 8.42 32.81 -20.45
O2 CRT LE . 9.11 31.06 -21.94
C2M CRT LE . 9.49 30.11 -20.97
C1M CRT ME . -23.67 47.22 -1.53
O1 CRT ME . -23.28 47.93 -0.35
C1 CRT ME . -22.92 47.15 0.79
C2 CRT ME . -22.89 48.11 1.97
C3 CRT ME . -23.97 46.07 0.97
C4 CRT ME . -21.53 46.52 0.60
C5 CRT ME . -21.21 45.36 1.51
C6 CRT ME . -20.04 44.75 1.65
C7 CRT ME . -18.75 45.33 1.70
C8 CRT ME . -18.58 46.60 2.44
C9 CRT ME . -17.63 44.80 1.03
C10 CRT ME . -16.31 45.21 1.11
C11 CRT ME . -15.31 44.93 0.20
C12 CRT ME . -13.93 45.16 0.31
C13 CRT ME . -13.35 45.48 1.64
C14 CRT ME . -13.08 45.16 -0.81
C15 CRT ME . -11.71 45.26 -0.87
C16 CRT ME . -10.98 45.26 -2.05
C17 CRT ME . -9.60 45.23 -2.25
C18 CRT ME . -8.71 45.28 -1.06
C19 CRT ME . -9.03 45.14 -3.53
C20 CRT ME . -7.70 44.98 -3.88
C21 CRT ME . -7.17 44.67 -5.12
C22 CRT ME . -5.89 44.43 -5.54
C23 CRT ME . -5.46 43.86 -6.75
C24 CRT ME . -6.46 43.55 -7.80
C25 CRT ME . -4.11 43.56 -7.02
C26 CRT ME . -3.56 42.81 -8.03
C27 CRT ME . -2.22 42.52 -8.13
C28 CRT ME . -1.54 41.62 -8.97
C29 CRT ME . -2.31 40.90 -10.02
C30 CRT ME . -0.17 41.38 -8.83
C31 CRT ME . 0.63 40.42 -9.42
C32 CRT ME . 1.96 40.33 -9.10
C33 CRT ME . 2.94 39.41 -9.53
C34 CRT ME . 2.57 38.37 -10.50
C35 CRT ME . 4.25 39.46 -9.04
C36 CRT ME . 5.27 38.66 -9.31
C37 CRT ME . 6.65 38.87 -8.78
C38 CRT ME . 7.23 37.71 -7.96
C39 CRT ME . 8.69 38.00 -7.60
C40 CRT ME . 6.39 37.47 -6.72
O2 CRT ME . 7.17 36.53 -8.76
C2M CRT ME . 7.70 35.33 -8.24
MG BCL NE . 7.76 43.05 -11.82
CHA BCL NE . 5.56 43.48 -14.31
CHB BCL NE . 5.35 42.57 -9.62
CHC BCL NE . 10.13 42.58 -9.47
CHD BCL NE . 10.40 43.67 -14.08
NA BCL NE . 5.77 43.04 -11.91
C1A BCL NE . 5.04 43.17 -12.96
C2A BCL NE . 3.60 42.96 -12.65
C3A BCL NE . 3.55 42.93 -11.16
C4A BCL NE . 4.99 42.85 -10.86
CMA BCL NE . 2.90 44.16 -10.56
CAA BCL NE . 3.12 41.62 -13.12
CBA BCL NE . 2.05 41.71 -14.18
CGA BCL NE . 0.78 41.10 -13.68
O1A BCL NE . 0.43 41.32 -12.56
O2A BCL NE . -0.02 40.26 -14.55
NB BCL NE . 7.78 42.65 -9.81
C1B BCL NE . 6.69 42.44 -9.07
C2B BCL NE . 6.91 42.13 -7.65
C3B BCL NE . 8.36 42.12 -7.60
C4B BCL NE . 8.78 42.45 -8.98
CMB BCL NE . 5.87 41.86 -6.64
CAB BCL NE . 9.26 41.87 -6.46
OBB BCL NE . 10.30 42.42 -6.46
CBB BCL NE . 8.92 40.96 -5.32
NC BCL NE . 9.76 43.12 -11.75
C1C BCL NE . 10.51 42.94 -10.67
C2C BCL NE . 11.97 43.09 -10.90
C3C BCL NE . 12.02 43.15 -12.38
C4C BCL NE . 10.59 43.31 -12.70
CMC BCL NE . 12.51 44.36 -10.30
CAC BCL NE . 12.46 41.85 -13.03
CBC BCL NE . 13.74 42.06 -13.77
ND BCL NE . 8.07 43.49 -13.76
C1D BCL NE . 9.08 43.70 -14.59
C2D BCL NE . 8.69 43.97 -15.97
C3D BCL NE . 7.24 43.88 -15.82
C4D BCL NE . 6.98 43.60 -14.55
CMD BCL NE . 9.45 44.27 -17.21
CAD BCL NE . 5.98 43.97 -16.55
OBD BCL NE . 5.87 44.22 -17.78
CBD BCL NE . 4.86 43.72 -15.61
CGD BCL NE . 3.94 44.89 -15.59
O1D BCL NE . 4.35 46.02 -15.48
O2D BCL NE . 2.52 44.71 -15.70
CED BCL NE . 1.66 45.74 -15.30
C1 BCL NE . -1.38 39.98 -14.23
C2 BCL NE . -2.24 41.05 -14.84
C3 BCL NE . -3.52 41.21 -14.52
C4 BCL NE . -4.16 40.29 -13.53
C5 BCL NE . -4.32 42.32 -15.17
C6 BCL NE . -5.80 42.02 -15.05
C7 BCL NE . -6.34 41.45 -16.37
C8 BCL NE . -7.69 40.82 -16.21
C9 BCL NE . -8.25 40.41 -17.56
C10 BCL NE . -8.64 41.79 -15.53
C11 BCL NE . -9.85 41.04 -15.02
C12 BCL NE . -10.74 41.98 -14.24
C13 BCL NE . -11.98 41.25 -13.74
C14 BCL NE . -12.83 42.24 -12.95
C15 BCL NE . -11.56 40.04 -12.91
C16 BCL NE . -12.40 39.82 -11.66
C17 BCL NE . -12.41 38.37 -11.25
C18 BCL NE . -11.04 37.87 -10.78
C19 BCL NE . -10.72 36.52 -11.39
C20 BCL NE . -10.95 37.80 -9.26
MG BCL OE . -5.27 42.99 -30.33
CHA BCL OE . -3.85 43.42 -33.35
CHB BCL OE . -4.78 39.73 -30.49
CHC BCL OE . -6.71 42.68 -27.24
CHD BCL OE . -5.70 46.47 -30.01
NA BCL OE . -4.44 41.75 -31.66
C1A BCL OE . -3.94 42.03 -32.80
C2A BCL OE . -3.36 40.81 -33.49
C3A BCL OE . -3.45 39.75 -32.44
C4A BCL OE . -4.28 40.46 -31.46
CMA BCL OE . -4.14 38.47 -32.87
CAA BCL OE . -1.91 40.96 -33.98
CBA BCL OE . -0.92 39.98 -33.38
CGA BCL OE . 0.17 40.71 -32.65
O1A BCL OE . 0.46 41.84 -32.97
O2A BCL OE . 0.90 40.06 -31.57
NB BCL OE . -5.67 41.47 -29.04
C1B BCL OE . -5.41 40.18 -29.28
C2B BCL OE . -5.78 39.19 -28.27
C3B BCL OE . -6.39 40.09 -27.29
C4B BCL OE . -6.26 41.44 -27.85
CMB BCL OE . -5.56 37.71 -28.35
CAB BCL OE . -6.96 39.71 -25.98
OBB BCL OE . -6.63 40.38 -25.03
CBB BCL OE . -7.90 38.55 -25.87
NC BCL OE . -6.09 44.23 -28.98
C1C BCL OE . -6.71 43.86 -27.85
C2C BCL OE . -7.44 44.97 -27.16
C3C BCL OE . -6.91 46.15 -27.89
C4C BCL OE . -6.18 45.52 -29.01
CMC BCL OE . -8.92 44.88 -27.38
CAC BCL OE . -6.02 47.04 -27.03
CBC BCL OE . -4.80 46.36 -26.46
ND BCL OE . -4.88 44.70 -31.33
C1D BCL OE . -5.09 46.01 -31.21
C2D BCL OE . -4.60 46.79 -32.38
C3D BCL OE . -4.12 45.69 -33.21
C4D BCL OE . -4.31 44.56 -32.56
CMD BCL OE . -4.54 48.23 -32.81
CAD BCL OE . -3.48 45.40 -34.50
OBD BCL OE . -3.14 46.29 -35.37
CBD BCL OE . -3.30 43.94 -34.64
CGD BCL OE . -4.00 43.40 -35.88
O1D BCL OE . -4.88 42.56 -35.86
O2D BCL OE . -3.62 43.91 -37.18
CED BCL OE . -3.09 43.07 -38.17
C1 BCL OE . 0.62 38.71 -31.24
C2 BCL OE . -0.42 38.63 -30.16
C3 BCL OE . -0.14 38.31 -28.89
C4 BCL OE . 1.26 37.98 -28.44
C5 BCL OE . -1.28 38.30 -27.92
C6 BCL OE . -1.95 39.66 -27.94
C7 BCL OE . -1.16 40.68 -27.14
C8 BCL OE . -1.59 42.11 -27.37
C9 BCL OE . -2.84 42.41 -26.58
C10 BCL OE . -1.79 42.34 -28.86
C11 BCL OE . -2.14 43.80 -29.11
C12 BCL OE . -1.01 44.51 -29.81
C13 BCL OE . -1.44 45.90 -30.23
C14 BCL OE . -0.75 46.32 -31.51
C15 BCL OE . -1.16 46.89 -29.10
C16 BCL OE . -2.04 48.13 -29.19
C17 BCL OE . -2.36 48.68 -27.82
C18 BCL OE . -1.59 49.97 -27.51
C19 BCL OE . -1.21 50.06 -26.05
C20 BCL OE . -2.39 51.20 -27.93
C1 8K6 PE . 9.01 30.72 -2.18
C2 8K6 PE . 10.26 30.90 -1.38
C3 8K6 PE . 11.52 30.95 -2.21
C4 8K6 PE . 12.78 31.10 -1.38
C5 8K6 PE . 14.06 31.01 -2.18
C6 8K6 PE . 15.30 30.96 -1.33
C7 8K6 PE . 16.57 30.65 -2.07
C8 8K6 PE . 17.02 31.72 -3.02
C9 8K6 PE . 18.37 32.31 -2.68
C10 8K6 PE . 19.46 31.28 -2.49
C11 8K6 PE . 19.76 30.47 -3.72
C12 8K6 PE . 20.41 31.25 -4.84
C13 8K6 PE . 21.79 31.77 -4.49
C14 8K6 PE . 22.44 32.55 -5.60
C15 8K6 PE . 22.69 31.77 -6.86
C16 8K6 PE . 23.21 32.61 -8.00
C17 8K6 PE . 22.24 33.68 -8.45
C18 8K6 PE . 20.94 33.14 -9.00
C1 8K6 QE . 5.00 30.09 -11.73
C2 8K6 QE . 3.85 29.19 -11.38
C3 8K6 QE . 2.75 29.21 -12.41
C4 8K6 QE . 1.66 28.17 -12.16
C5 8K6 QE . 0.92 28.36 -10.86
C6 8K6 QE . -0.05 27.25 -10.55
C7 8K6 QE . 0.58 25.88 -10.35
C8 8K6 QE . 1.00 25.57 -8.93
C9 8K6 QE . 2.20 26.33 -8.42
C10 8K6 QE . 2.51 26.09 -6.97
C11 8K6 QE . 2.88 24.68 -6.62
C12 8K6 QE . 4.36 24.39 -6.69
C13 8K6 QE . 5.17 25.07 -5.60
C14 8K6 QE . 6.61 24.61 -5.51
C15 8K6 QE . 7.48 25.02 -6.68
C16 8K6 QE . 8.86 24.43 -6.64
C17 8K6 QE . 9.81 24.96 -7.67
C18 8K6 QE . 10.09 26.44 -7.52
#